data_7URO
#
_entry.id   7URO
#
loop_
_entity.id
_entity.type
_entity.pdbx_description
1 polymer 'GEA2 isoform 1'
2 polymer 'ARF1 isoform 1'
#
loop_
_entity_poly.entity_id
_entity_poly.type
_entity_poly.pdbx_seq_one_letter_code
_entity_poly.pdbx_strand_id
1 'polypeptide(L)'
;MSDREFVTVDPVTIIIKECINLSTAMRKYSKFTSQSGVAALLGGGSEIFSNQDDYLAHTFNNLNTNKHNDPFLSGFIQLR
LMLNKLKNLDNIDSLTILQPFLLIVSTSSISGYITSLALDSLQKFFTLNIINESSQNYIGAHRATVNALTHCRFEGSQQL
SDDSVLLKVVFLLRSIVDSPYGDLLSNSIIYDVLQTILSLACNNRRSEVLRNAAQSTMIAVTVKIFSKLKTIEPVNVNQI
YINDESYTNDVLKADTIGTNVESKEEGSQEDPIGMKVNNEEAISEDDGIEEEHIHSEKSTNGAEQLDIVQKTTRSNSRIQ
AYADDNYGLPVVRQYLNLLLSLIAPENELKHSYSTRIFGLELIQTALEISGDRLQLYPRLFTLISDPIFKSILFIIQNTT
KLSLLQATLQLFTTLVVILGNNLQLQIELTLTRIFSILLDDGTANNSSSENKNKPSIIKELLIEQISILWTRSPSFFTST
FINFDCNLDRADVSINFLKALTKLALPESALTTTESVPPICLEGLVSLVDDMFDHMKDIDREEFGRQKNEMEILKKRDRK
TEFIECTNAFNEKPKKGIPMLIEKGFIASDSDKDIAEFLFNNNNRMNKKTIGLLLCHPDKVSLLNEYIRLFDFSGLRVDE
AIRILLTKFRLPGESQQIERIIEAFSSAYCENQDYDPSKISDNAEDDISTVQPDADSVFILSYSIIMLNTDLHNPQVKEH
MSFEDYSGNLKGCCNHKDFPFWYLDRIYCSIRDKEIVMPEEHHGNEKWFEDAWNNLISSTTVITEIKKDTQSVMDKLTPL
ELLNFDRAIFKQVGPSIVSTLFNIYVVASDDHISTRMITSLDKCSYISAFFDFKDLFNDILNSIAKGTTLINSSHDDELS
TLAFEYGPMPLVQIKFEDTNTEIPVSTDAVRFGRSFKGQLNTVVFFRIIRRNKDPKIFSKELWLNIVNIILTLYEDLILS
PDIFPDLQKRLKLSNLPKPSPEISINKSKESKGLLSTFASYLKGDEEPTEEEIKSSKKAMECIKSSNIAASVFGNESNIT
ADLIKTLLDSAKTEKNADNSRYFEAELLFIIELTIALFLFCKEEKELGKFILQKVFQLSHTKGLTKRTVRRMLTYKILLI
SLCADQTEYLSKLINDELLKKGDIFTQKFFATNQGKEFLKRLFSLTESEFYRGFLLGNENFWKFLRKVTAMKEQSESIFE
YLNESIKTDSNILTNENFMWVLGLLDEISSMGAVGNHWEIEYKKLTESGHKIDKENPYKKSIELSLKSIQLTSHLLEDNN
DLRKNEIFAIIQALAHQCINPCKQISEFAVVTLEQTLINKIEIPTNEMESVEELIEGGLLPLLNSSETQEDQKILISSIL
TIISNVYLHYLKLGKTSNETFLKILSIFNKFVEDSDIEKKLQQLILDKKSIEKGNGSSSHGSAHEQTPESNDVEIEATAP
IDDNTDDDNKPKLSDVEKD
;
A,C
2 'polypeptide(L)'
;MGLFASKLFSNLFGNKEMRILMVGLDGAGKTTVLYKLKLGEVITTIPTIGFNVETVQYKNISFTVWDVGGQDRIRSLWRH
YYRNTEGVIFVVDSNDRSRIGEAREVMQRMLNEDELRNAAWLVFANKQDLPEAMSAAEITEKLGLHSIRNRPWFIQATCA
TSGEGLYEGLEWLSNSLKNST
;
B,D
#
# COMPACT_ATOMS: atom_id res chain seq x y z
N PRO A 11 -2.55 -7.45 -22.14
CA PRO A 11 -2.94 -6.10 -21.71
C PRO A 11 -4.36 -5.75 -22.16
N VAL A 12 -4.64 -5.95 -23.45
CA VAL A 12 -6.01 -5.81 -23.95
C VAL A 12 -6.82 -7.08 -23.77
N THR A 13 -6.16 -8.23 -23.59
CA THR A 13 -6.88 -9.48 -23.33
C THR A 13 -7.69 -9.39 -22.05
N ILE A 14 -7.10 -8.82 -20.99
CA ILE A 14 -7.76 -8.75 -19.70
C ILE A 14 -9.02 -7.88 -19.77
N ILE A 15 -9.04 -6.88 -20.65
CA ILE A 15 -10.16 -5.95 -20.71
C ILE A 15 -11.40 -6.68 -21.19
N ILE A 16 -11.38 -7.20 -22.41
CA ILE A 16 -12.54 -7.89 -22.95
C ILE A 16 -12.78 -9.21 -22.24
N LYS A 17 -11.77 -9.76 -21.57
CA LYS A 17 -12.02 -10.84 -20.60
C LYS A 17 -13.01 -10.40 -19.52
N GLU A 18 -12.72 -9.26 -18.88
CA GLU A 18 -13.59 -8.76 -17.83
C GLU A 18 -14.98 -8.43 -18.37
N CYS A 19 -15.04 -7.84 -19.57
CA CYS A 19 -16.36 -7.55 -20.15
C CYS A 19 -17.12 -8.83 -20.49
N ILE A 20 -16.42 -9.87 -20.94
CA ILE A 20 -17.09 -11.16 -21.19
C ILE A 20 -17.70 -11.68 -19.89
N ASN A 21 -16.92 -11.63 -18.80
CA ASN A 21 -17.39 -12.15 -17.52
C ASN A 21 -18.60 -11.37 -17.02
N LEU A 22 -18.53 -10.03 -17.07
CA LEU A 22 -19.64 -9.26 -16.52
C LEU A 22 -20.86 -9.36 -17.42
N SER A 23 -20.67 -9.48 -18.74
CA SER A 23 -21.80 -9.62 -19.64
C SER A 23 -22.52 -10.94 -19.43
N THR A 24 -21.78 -12.05 -19.30
CA THR A 24 -22.47 -13.31 -19.07
C THR A 24 -23.13 -13.33 -17.70
N ALA A 25 -22.52 -12.68 -16.70
CA ALA A 25 -23.18 -12.57 -15.40
C ALA A 25 -24.49 -11.78 -15.50
N MET A 26 -24.48 -10.67 -16.26
CA MET A 26 -25.69 -9.88 -16.44
C MET A 26 -26.76 -10.69 -17.16
N ARG A 27 -26.39 -11.43 -18.20
CA ARG A 27 -27.36 -12.22 -18.94
C ARG A 27 -27.96 -13.32 -18.07
N LYS A 28 -27.12 -13.97 -17.25
CA LYS A 28 -27.65 -14.98 -16.34
C LYS A 28 -28.59 -14.37 -15.31
N TYR A 29 -28.25 -13.20 -14.78
CA TYR A 29 -29.06 -12.62 -13.71
C TYR A 29 -30.38 -12.07 -14.24
N SER A 30 -30.38 -11.49 -15.45
CA SER A 30 -31.58 -10.84 -15.96
C SER A 30 -32.70 -11.83 -16.20
N LYS A 31 -32.39 -13.00 -16.76
CA LYS A 31 -33.40 -14.01 -17.02
C LYS A 31 -33.80 -14.70 -15.73
N PRO A 71 -29.96 -1.54 -21.07
CA PRO A 71 -29.40 -0.21 -21.36
C PRO A 71 -27.88 -0.15 -21.23
N PHE A 72 -27.33 -0.97 -20.33
CA PHE A 72 -25.88 -1.03 -20.15
C PHE A 72 -25.23 -1.99 -21.13
N LEU A 73 -25.94 -3.05 -21.52
CA LEU A 73 -25.34 -4.06 -22.39
C LEU A 73 -25.03 -3.51 -23.77
N SER A 74 -25.78 -2.49 -24.23
CA SER A 74 -25.49 -1.90 -25.54
C SER A 74 -24.12 -1.23 -25.54
N GLY A 75 -23.87 -0.36 -24.57
CA GLY A 75 -22.53 0.22 -24.44
C GLY A 75 -21.48 -0.80 -24.10
N PHE A 76 -21.86 -1.89 -23.44
CA PHE A 76 -20.90 -2.94 -23.11
C PHE A 76 -20.42 -3.66 -24.37
N ILE A 77 -21.36 -4.01 -25.25
CA ILE A 77 -20.99 -4.63 -26.52
C ILE A 77 -20.27 -3.62 -27.40
N GLN A 78 -20.60 -2.32 -27.27
CA GLN A 78 -19.83 -1.30 -27.97
C GLN A 78 -18.38 -1.29 -27.51
N LEU A 79 -18.17 -1.41 -26.20
CA LEU A 79 -16.80 -1.52 -25.65
C LEU A 79 -16.11 -2.76 -26.19
N ARG A 80 -16.82 -3.89 -26.24
CA ARG A 80 -16.26 -5.13 -26.77
C ARG A 80 -15.80 -4.96 -28.22
N LEU A 81 -16.68 -4.42 -29.06
CA LEU A 81 -16.35 -4.27 -30.47
C LEU A 81 -15.26 -3.22 -30.68
N MET A 82 -15.22 -2.18 -29.86
CA MET A 82 -14.23 -1.13 -30.04
C MET A 82 -12.84 -1.61 -29.63
N LEU A 83 -12.76 -2.39 -28.55
CA LEU A 83 -11.48 -2.95 -28.10
C LEU A 83 -11.08 -4.22 -28.83
N ASN A 84 -11.96 -4.82 -29.63
CA ASN A 84 -11.57 -6.02 -30.38
C ASN A 84 -10.47 -5.72 -31.39
N LYS A 85 -10.61 -4.62 -32.13
CA LYS A 85 -9.76 -4.39 -33.30
C LYS A 85 -8.32 -4.09 -32.89
N LEU A 86 -8.13 -3.17 -31.95
CA LEU A 86 -6.81 -2.61 -31.71
C LEU A 86 -5.90 -3.60 -30.99
N LYS A 87 -4.61 -3.32 -31.06
CA LYS A 87 -3.56 -4.15 -30.47
C LYS A 87 -3.19 -3.68 -29.06
N ASN A 88 -2.92 -2.39 -28.91
CA ASN A 88 -2.44 -1.79 -27.66
C ASN A 88 -3.31 -0.60 -27.29
N LEU A 89 -3.42 -0.35 -25.99
CA LEU A 89 -4.27 0.72 -25.48
C LEU A 89 -3.73 2.12 -25.75
N ASP A 90 -2.50 2.26 -26.23
CA ASP A 90 -1.89 3.57 -26.38
C ASP A 90 -2.58 4.45 -27.42
N ASN A 91 -3.32 3.84 -28.36
CA ASN A 91 -3.95 4.64 -29.41
C ASN A 91 -5.08 5.50 -28.86
N ILE A 92 -5.86 4.97 -27.91
CA ILE A 92 -7.16 5.52 -27.53
C ILE A 92 -7.15 5.90 -26.05
N ASP A 93 -8.15 6.70 -25.68
CA ASP A 93 -8.29 7.15 -24.30
C ASP A 93 -8.81 6.02 -23.41
N SER A 94 -8.52 6.14 -22.11
CA SER A 94 -8.86 5.13 -21.13
C SER A 94 -10.10 5.47 -20.30
N LEU A 95 -10.78 6.58 -20.58
CA LEU A 95 -12.04 6.86 -19.89
C LEU A 95 -13.15 5.97 -20.44
N THR A 96 -13.20 5.81 -21.76
CA THR A 96 -14.31 5.08 -22.36
C THR A 96 -14.26 3.59 -22.04
N ILE A 97 -13.06 3.02 -21.86
CA ILE A 97 -12.97 1.60 -21.57
C ILE A 97 -13.51 1.30 -20.18
N LEU A 98 -13.26 2.20 -19.22
CA LEU A 98 -13.83 2.06 -17.89
C LEU A 98 -15.28 2.55 -17.78
N GLN A 99 -15.75 3.32 -18.77
CA GLN A 99 -17.05 3.99 -18.63
C GLN A 99 -18.23 3.06 -18.39
N PRO A 100 -18.37 1.91 -19.08
CA PRO A 100 -19.47 1.01 -18.72
C PRO A 100 -19.40 0.50 -17.29
N PHE A 101 -18.20 0.22 -16.79
CA PHE A 101 -18.06 -0.17 -15.38
C PHE A 101 -18.51 0.96 -14.46
N LEU A 102 -18.15 2.20 -14.80
CA LEU A 102 -18.63 3.35 -14.04
C LEU A 102 -20.14 3.45 -14.06
N LEU A 103 -20.76 3.23 -15.22
CA LEU A 103 -22.21 3.35 -15.30
C LEU A 103 -22.91 2.29 -14.45
N ILE A 104 -22.39 1.06 -14.44
CA ILE A 104 -23.06 0.04 -13.63
C ILE A 104 -22.84 0.32 -12.15
N VAL A 105 -21.62 0.68 -11.74
CA VAL A 105 -21.35 0.83 -10.32
C VAL A 105 -22.00 2.10 -9.76
N SER A 106 -22.18 3.14 -10.60
CA SER A 106 -22.70 4.41 -10.10
C SER A 106 -24.16 4.30 -9.70
N THR A 107 -24.99 3.73 -10.58
CA THR A 107 -26.43 3.71 -10.35
C THR A 107 -26.81 2.61 -9.37
N SER A 108 -27.96 2.80 -8.71
CA SER A 108 -28.40 1.98 -7.60
C SER A 108 -29.50 0.98 -7.95
N SER A 109 -29.90 0.88 -9.21
CA SER A 109 -31.01 0.02 -9.57
C SER A 109 -30.67 -1.46 -9.59
N ILE A 110 -29.40 -1.84 -9.44
CA ILE A 110 -28.91 -3.18 -9.68
C ILE A 110 -28.51 -3.80 -8.34
N SER A 111 -28.71 -5.12 -8.24
CA SER A 111 -28.51 -5.84 -6.99
C SER A 111 -27.01 -5.98 -6.71
N GLY A 112 -26.68 -6.70 -5.63
CA GLY A 112 -25.31 -6.76 -5.16
C GLY A 112 -24.39 -7.64 -5.96
N TYR A 113 -24.93 -8.62 -6.70
CA TYR A 113 -24.09 -9.56 -7.44
C TYR A 113 -23.30 -8.84 -8.52
N ILE A 114 -24.00 -8.07 -9.37
CA ILE A 114 -23.33 -7.48 -10.53
C ILE A 114 -22.39 -6.38 -10.07
N THR A 115 -22.80 -5.58 -9.08
CA THR A 115 -21.93 -4.52 -8.61
C THR A 115 -20.71 -5.08 -7.89
N SER A 116 -20.87 -6.22 -7.20
CA SER A 116 -19.69 -6.87 -6.61
C SER A 116 -18.75 -7.34 -7.70
N LEU A 117 -19.29 -7.91 -8.78
CA LEU A 117 -18.45 -8.36 -9.88
C LEU A 117 -17.73 -7.18 -10.52
N ALA A 118 -18.43 -6.06 -10.70
CA ALA A 118 -17.80 -4.87 -11.27
C ALA A 118 -16.70 -4.33 -10.37
N LEU A 119 -16.95 -4.31 -9.06
CA LEU A 119 -15.94 -3.80 -8.14
C LEU A 119 -14.72 -4.72 -8.11
N ASP A 120 -14.93 -6.03 -8.17
CA ASP A 120 -13.81 -6.95 -8.31
C ASP A 120 -13.08 -6.72 -9.63
N SER A 121 -13.81 -6.36 -10.68
CA SER A 121 -13.17 -6.01 -11.95
C SER A 121 -12.26 -4.80 -11.77
N LEU A 122 -12.74 -3.76 -11.09
CA LEU A 122 -11.92 -2.57 -10.86
C LEU A 122 -10.71 -2.91 -10.00
N GLN A 123 -10.89 -3.81 -9.03
CA GLN A 123 -9.78 -4.26 -8.21
C GLN A 123 -8.73 -4.94 -9.07
N LYS A 124 -9.16 -5.78 -10.01
CA LYS A 124 -8.23 -6.40 -10.95
C LYS A 124 -7.54 -5.35 -11.82
N PHE A 125 -8.30 -4.32 -12.22
CA PHE A 125 -7.75 -3.26 -13.06
C PHE A 125 -6.59 -2.55 -12.36
N PHE A 126 -6.81 -2.09 -11.13
CA PHE A 126 -5.77 -1.37 -10.42
C PHE A 126 -4.72 -2.29 -9.80
N THR A 127 -5.02 -3.58 -9.66
CA THR A 127 -4.01 -4.53 -9.21
C THR A 127 -3.01 -4.83 -10.31
N LEU A 128 -3.50 -5.02 -11.54
CA LEU A 128 -2.62 -5.31 -12.67
C LEU A 128 -1.97 -4.06 -13.25
N ASN A 129 -2.41 -2.86 -12.87
CA ASN A 129 -1.80 -1.61 -13.34
C ASN A 129 -1.92 -1.46 -14.86
N ILE A 130 -3.00 -1.98 -15.44
CA ILE A 130 -3.20 -1.84 -16.87
C ILE A 130 -3.47 -0.38 -17.25
N ILE A 131 -4.12 0.37 -16.38
CA ILE A 131 -4.35 1.81 -16.61
C ILE A 131 -3.09 2.51 -16.11
N ASN A 132 -2.08 2.53 -16.97
CA ASN A 132 -0.79 3.09 -16.62
C ASN A 132 -0.76 4.59 -16.90
N GLU A 133 0.29 5.26 -16.40
CA GLU A 133 0.42 6.69 -16.66
C GLU A 133 0.73 6.98 -18.12
N SER A 134 1.26 6.00 -18.87
CA SER A 134 1.50 6.21 -20.28
C SER A 134 0.20 6.34 -21.06
N SER A 135 -0.87 5.70 -20.58
CA SER A 135 -2.14 5.75 -21.28
C SER A 135 -2.72 7.16 -21.24
N GLN A 136 -3.47 7.50 -22.30
CA GLN A 136 -4.01 8.84 -22.42
C GLN A 136 -5.16 9.04 -21.46
N ASN A 137 -5.19 10.22 -20.83
CA ASN A 137 -6.32 10.65 -20.00
C ASN A 137 -6.51 9.74 -18.78
N TYR A 138 -5.40 9.24 -18.23
CA TYR A 138 -5.49 8.39 -17.05
C TYR A 138 -5.94 9.18 -15.83
N ILE A 139 -5.59 10.46 -15.76
CA ILE A 139 -6.02 11.30 -14.65
C ILE A 139 -7.54 11.41 -14.63
N GLY A 140 -8.14 11.64 -15.80
CA GLY A 140 -9.59 11.72 -15.87
C GLY A 140 -10.25 10.40 -15.53
N ALA A 141 -9.64 9.29 -15.93
CA ALA A 141 -10.21 7.97 -15.62
C ALA A 141 -10.22 7.72 -14.13
N HIS A 142 -9.08 7.97 -13.47
CA HIS A 142 -9.02 7.76 -12.02
C HIS A 142 -9.94 8.72 -11.29
N ARG A 143 -10.02 9.97 -11.75
CA ARG A 143 -10.91 10.94 -11.13
C ARG A 143 -12.36 10.49 -11.23
N ALA A 144 -12.77 10.02 -12.42
CA ALA A 144 -14.13 9.53 -12.60
C ALA A 144 -14.40 8.30 -11.74
N THR A 145 -13.41 7.41 -11.63
CA THR A 145 -13.56 6.21 -10.81
C THR A 145 -13.84 6.57 -9.36
N VAL A 146 -13.02 7.46 -8.79
CA VAL A 146 -13.21 7.78 -7.38
C VAL A 146 -14.43 8.68 -7.19
N ASN A 147 -14.82 9.47 -8.21
CA ASN A 147 -16.04 10.26 -8.08
C ASN A 147 -17.27 9.37 -8.04
N ALA A 148 -17.34 8.38 -8.94
CA ALA A 148 -18.49 7.49 -8.92
C ALA A 148 -18.47 6.56 -7.72
N LEU A 149 -17.28 6.20 -7.24
CA LEU A 149 -17.21 5.14 -6.23
C LEU A 149 -17.72 5.64 -4.88
N THR A 150 -17.64 6.95 -4.62
CA THR A 150 -18.01 7.48 -3.31
C THR A 150 -19.49 7.30 -3.00
N HIS A 151 -20.35 7.19 -4.02
CA HIS A 151 -21.78 7.00 -3.80
C HIS A 151 -22.00 5.54 -3.42
N CYS A 152 -22.13 5.28 -2.12
CA CYS A 152 -22.28 3.92 -1.59
C CYS A 152 -23.74 3.50 -1.76
N ARG A 153 -24.10 3.20 -3.00
CA ARG A 153 -25.45 2.78 -3.37
C ARG A 153 -25.35 1.60 -4.34
N PHE A 154 -26.36 0.75 -4.30
CA PHE A 154 -26.44 -0.40 -5.19
C PHE A 154 -27.85 -0.97 -5.23
N ASP A 162 -24.66 -8.28 0.88
CA ASP A 162 -25.14 -6.93 1.17
C ASP A 162 -24.00 -6.03 1.66
N ASP A 163 -23.23 -6.54 2.63
CA ASP A 163 -22.10 -5.82 3.19
C ASP A 163 -20.78 -6.10 2.47
N SER A 164 -20.76 -7.09 1.56
CA SER A 164 -19.53 -7.40 0.85
C SER A 164 -19.10 -6.27 -0.05
N VAL A 165 -20.06 -5.63 -0.72
CA VAL A 165 -19.71 -4.60 -1.70
C VAL A 165 -19.14 -3.38 -1.01
N LEU A 166 -19.57 -3.09 0.22
CA LEU A 166 -19.01 -1.98 0.98
C LEU A 166 -17.52 -2.19 1.26
N LEU A 167 -17.16 -3.41 1.67
CA LEU A 167 -15.75 -3.69 1.92
C LEU A 167 -14.97 -3.67 0.61
N LYS A 168 -15.58 -4.14 -0.48
CA LYS A 168 -14.89 -4.10 -1.76
C LYS A 168 -14.58 -2.66 -2.18
N VAL A 169 -15.56 -1.76 -2.04
CA VAL A 169 -15.32 -0.37 -2.46
C VAL A 169 -14.31 0.30 -1.54
N VAL A 170 -14.37 0.03 -0.24
CA VAL A 170 -13.45 0.76 0.64
C VAL A 170 -12.04 0.22 0.47
N PHE A 171 -11.89 -1.08 0.19
CA PHE A 171 -10.57 -1.60 -0.17
C PHE A 171 -10.07 -0.96 -1.46
N LEU A 172 -10.96 -0.75 -2.42
CA LEU A 172 -10.55 -0.10 -3.65
C LEU A 172 -10.11 1.35 -3.41
N LEU A 173 -10.82 2.06 -2.54
CA LEU A 173 -10.40 3.42 -2.19
C LEU A 173 -9.04 3.42 -1.51
N ARG A 174 -8.81 2.43 -0.63
CA ARG A 174 -7.49 2.28 -0.01
C ARG A 174 -6.41 2.09 -1.07
N SER A 175 -6.65 1.17 -2.01
CA SER A 175 -5.64 0.86 -3.01
C SER A 175 -5.37 2.04 -3.93
N ILE A 176 -6.40 2.84 -4.22
CA ILE A 176 -6.20 4.01 -5.08
C ILE A 176 -5.48 5.12 -4.33
N VAL A 177 -5.98 5.50 -3.16
CA VAL A 177 -5.42 6.66 -2.47
C VAL A 177 -4.02 6.38 -1.96
N ASP A 178 -3.76 5.15 -1.49
CA ASP A 178 -2.41 4.81 -1.04
C ASP A 178 -1.41 4.83 -2.20
N SER A 179 -1.85 4.43 -3.39
CA SER A 179 -0.96 4.37 -4.53
C SER A 179 -0.52 5.78 -4.94
N PRO A 180 0.61 5.91 -5.65
CA PRO A 180 1.01 7.26 -6.12
C PRO A 180 0.00 7.90 -7.05
N TYR A 181 -0.74 7.09 -7.83
CA TYR A 181 -1.72 7.63 -8.76
C TYR A 181 -2.83 8.37 -8.03
N GLY A 182 -3.12 7.97 -6.77
CA GLY A 182 -4.08 8.68 -5.95
C GLY A 182 -3.67 10.11 -5.62
N ASP A 183 -2.40 10.47 -5.82
CA ASP A 183 -2.03 11.87 -5.67
C ASP A 183 -2.65 12.76 -6.75
N LEU A 184 -3.12 12.19 -7.87
CA LEU A 184 -3.68 12.99 -8.95
C LEU A 184 -5.16 13.35 -8.74
N LEU A 185 -5.81 12.83 -7.72
CA LEU A 185 -7.21 13.18 -7.47
C LEU A 185 -7.32 14.64 -7.05
N SER A 186 -8.50 15.22 -7.28
CA SER A 186 -8.76 16.60 -6.91
C SER A 186 -9.21 16.68 -5.46
N ASN A 187 -9.28 17.91 -4.95
CA ASN A 187 -9.64 18.13 -3.56
C ASN A 187 -11.10 17.77 -3.29
N SER A 188 -11.98 18.04 -4.25
CA SER A 188 -13.40 17.73 -4.05
C SER A 188 -13.62 16.23 -3.99
N ILE A 189 -12.98 15.46 -4.88
CA ILE A 189 -13.19 14.02 -4.90
C ILE A 189 -12.67 13.38 -3.63
N ILE A 190 -11.47 13.76 -3.20
CA ILE A 190 -10.90 13.15 -2.00
C ILE A 190 -11.66 13.59 -0.75
N TYR A 191 -12.20 14.82 -0.74
CA TYR A 191 -13.07 15.21 0.36
C TYR A 191 -14.33 14.36 0.40
N ASP A 192 -14.91 14.07 -0.77
CA ASP A 192 -16.08 13.20 -0.81
C ASP A 192 -15.73 11.79 -0.37
N VAL A 193 -14.52 11.34 -0.70
CA VAL A 193 -14.04 10.03 -0.23
C VAL A 193 -14.03 10.00 1.29
N LEU A 194 -13.42 11.01 1.90
CA LEU A 194 -13.36 11.09 3.35
C LEU A 194 -14.75 11.14 3.95
N GLN A 195 -15.66 11.85 3.29
CA GLN A 195 -17.05 11.91 3.76
C GLN A 195 -17.70 10.52 3.78
N THR A 196 -17.51 9.73 2.72
CA THR A 196 -18.20 8.44 2.68
C THR A 196 -17.57 7.43 3.65
N ILE A 197 -16.24 7.44 3.81
CA ILE A 197 -15.68 6.53 4.82
C ILE A 197 -16.09 6.98 6.22
N LEU A 198 -16.23 8.29 6.45
CA LEU A 198 -16.72 8.75 7.74
C LEU A 198 -18.14 8.28 7.99
N SER A 199 -18.99 8.32 6.95
CA SER A 199 -20.35 7.83 7.07
C SER A 199 -20.37 6.33 7.37
N LEU A 200 -19.46 5.58 6.75
CA LEU A 200 -19.36 4.15 7.04
C LEU A 200 -18.95 3.91 8.48
N ALA A 201 -17.95 4.65 8.96
CA ALA A 201 -17.43 4.42 10.31
C ALA A 201 -18.45 4.84 11.37
N CYS A 202 -19.17 5.93 11.14
CA CYS A 202 -20.08 6.46 12.15
C CYS A 202 -21.26 5.53 12.44
N ASN A 203 -21.64 4.71 11.46
CA ASN A 203 -22.89 3.97 11.55
C ASN A 203 -22.75 2.88 12.61
N ASN A 204 -23.86 2.55 13.26
CA ASN A 204 -23.97 1.47 14.22
C ASN A 204 -24.78 0.29 13.70
N ARG A 205 -25.70 0.52 12.77
CA ARG A 205 -26.50 -0.56 12.20
C ARG A 205 -25.62 -1.58 11.47
N ARG A 206 -24.60 -1.09 10.76
CA ARG A 206 -23.75 -1.96 9.96
C ARG A 206 -22.94 -2.89 10.86
N SER A 207 -22.40 -3.95 10.25
CA SER A 207 -21.61 -4.91 10.99
C SER A 207 -20.34 -4.26 11.54
N GLU A 208 -19.93 -4.73 12.73
CA GLU A 208 -18.80 -4.09 13.41
C GLU A 208 -17.50 -4.35 12.67
N VAL A 209 -17.35 -5.52 12.07
CA VAL A 209 -16.12 -5.86 11.35
C VAL A 209 -15.93 -4.93 10.15
N LEU A 210 -17.02 -4.60 9.46
CA LEU A 210 -16.95 -3.56 8.44
C LEU A 210 -16.56 -2.21 9.04
N ARG A 211 -17.00 -1.95 10.27
CA ARG A 211 -16.59 -0.71 10.92
C ARG A 211 -15.08 -0.68 11.15
N ASN A 212 -14.50 -1.80 11.60
CA ASN A 212 -13.04 -1.83 11.75
C ASN A 212 -12.32 -1.73 10.42
N ALA A 213 -12.90 -2.26 9.34
CA ALA A 213 -12.32 -2.03 8.02
C ALA A 213 -12.29 -0.54 7.70
N ALA A 214 -13.39 0.16 7.99
CA ALA A 214 -13.45 1.60 7.77
C ALA A 214 -12.47 2.33 8.68
N GLN A 215 -12.32 1.88 9.92
CA GLN A 215 -11.41 2.52 10.86
C GLN A 215 -9.98 2.45 10.35
N SER A 216 -9.56 1.25 9.93
CA SER A 216 -8.18 1.07 9.46
C SER A 216 -7.92 1.86 8.18
N THR A 217 -8.84 1.77 7.21
CA THR A 217 -8.58 2.48 5.95
C THR A 217 -8.69 3.99 6.14
N MET A 218 -9.49 4.46 7.10
CA MET A 218 -9.49 5.88 7.41
C MET A 218 -8.15 6.31 7.97
N ILE A 219 -7.56 5.49 8.86
CA ILE A 219 -6.23 5.79 9.38
C ILE A 219 -5.22 5.88 8.24
N ALA A 220 -5.33 4.97 7.28
CA ALA A 220 -4.39 4.96 6.15
C ALA A 220 -4.52 6.22 5.31
N VAL A 221 -5.74 6.60 4.92
CA VAL A 221 -5.88 7.77 4.05
C VAL A 221 -5.52 9.03 4.79
N THR A 222 -5.77 9.09 6.11
CA THR A 222 -5.34 10.25 6.88
C THR A 222 -3.83 10.37 6.87
N VAL A 223 -3.12 9.24 7.00
CA VAL A 223 -1.66 9.28 6.95
C VAL A 223 -1.21 9.77 5.59
N LYS A 224 -1.83 9.28 4.51
CA LYS A 224 -1.43 9.69 3.17
C LYS A 224 -1.73 11.17 2.94
N ILE A 225 -2.85 11.66 3.46
CA ILE A 225 -3.21 13.07 3.26
C ILE A 225 -2.24 13.96 4.03
N PHE A 226 -2.00 13.64 5.30
CA PHE A 226 -1.20 14.51 6.14
C PHE A 226 0.30 14.37 5.88
N SER A 227 0.73 13.36 5.12
CA SER A 227 2.11 13.36 4.64
C SER A 227 2.38 14.45 3.61
N LYS A 228 1.34 15.07 3.04
CA LYS A 228 1.53 16.02 1.94
C LYS A 228 1.93 17.41 2.41
N LEU A 229 2.02 17.66 3.72
CA LEU A 229 2.42 18.99 4.23
C LEU A 229 3.94 19.10 4.31
N LYS A 230 4.58 18.93 3.15
CA LYS A 230 6.03 19.08 3.02
C LYS A 230 6.37 19.70 1.67
N LEU A 329 -4.01 20.95 -0.53
CA LEU A 329 -3.84 21.69 0.72
C LEU A 329 -5.18 22.20 1.27
N PRO A 330 -6.07 22.71 0.41
CA PRO A 330 -7.45 22.93 0.88
C PRO A 330 -8.15 21.66 1.35
N VAL A 331 -7.72 20.49 0.87
CA VAL A 331 -8.24 19.22 1.39
C VAL A 331 -8.02 19.16 2.91
N VAL A 332 -6.80 19.44 3.35
CA VAL A 332 -6.51 19.43 4.77
C VAL A 332 -7.28 20.53 5.48
N ARG A 333 -7.42 21.68 4.82
CA ARG A 333 -8.07 22.84 5.42
C ARG A 333 -9.53 22.56 5.75
N GLN A 334 -10.26 21.93 4.81
CA GLN A 334 -11.64 21.58 5.08
C GLN A 334 -11.76 20.29 5.90
N TYR A 335 -10.77 19.42 5.84
CA TYR A 335 -10.86 18.16 6.57
C TYR A 335 -10.67 18.39 8.05
N LEU A 336 -9.80 19.33 8.43
CA LEU A 336 -9.70 19.71 9.84
C LEU A 336 -11.01 20.29 10.33
N ASN A 337 -11.72 21.04 9.47
CA ASN A 337 -13.04 21.52 9.84
C ASN A 337 -14.02 20.37 10.00
N LEU A 338 -13.88 19.33 9.19
CA LEU A 338 -14.77 18.17 9.34
C LEU A 338 -14.52 17.48 10.68
N LEU A 339 -13.25 17.32 11.04
CA LEU A 339 -12.91 16.82 12.38
C LEU A 339 -13.42 17.74 13.47
N LEU A 340 -13.42 19.06 13.22
CA LEU A 340 -14.02 20.01 14.15
C LEU A 340 -15.50 19.67 14.35
N SER A 341 -16.20 19.40 13.25
CA SER A 341 -17.61 19.06 13.35
C SER A 341 -17.82 17.77 14.12
N LEU A 342 -16.88 16.83 14.01
CA LEU A 342 -16.93 15.65 14.88
C LEU A 342 -16.78 16.02 16.35
N ILE A 343 -15.73 16.77 16.68
CA ILE A 343 -15.32 16.95 18.06
C ILE A 343 -16.02 18.10 18.78
N ALA A 344 -16.79 18.93 18.07
CA ALA A 344 -17.32 20.15 18.67
C ALA A 344 -18.34 19.81 19.75
N PRO A 345 -18.52 20.69 20.75
CA PRO A 345 -19.29 20.30 21.93
C PRO A 345 -20.80 20.32 21.70
N GLU A 346 -21.28 21.29 20.90
CA GLU A 346 -22.72 21.41 20.68
C GLU A 346 -23.28 20.26 19.85
N ASN A 347 -22.45 19.55 19.09
CA ASN A 347 -22.90 18.46 18.24
C ASN A 347 -22.96 17.12 18.96
N GLU A 348 -22.95 17.10 20.30
CA GLU A 348 -23.00 15.83 21.01
C GLU A 348 -24.35 15.14 20.83
N LEU A 349 -25.42 15.91 20.62
CA LEU A 349 -26.72 15.30 20.38
C LEU A 349 -26.75 14.55 19.06
N LYS A 350 -26.20 15.15 17.99
CA LYS A 350 -26.22 14.57 16.66
C LYS A 350 -25.01 13.69 16.36
N HIS A 351 -24.35 13.17 17.39
CA HIS A 351 -23.19 12.29 17.20
C HIS A 351 -23.03 11.45 18.44
N SER A 352 -22.98 10.13 18.26
CA SER A 352 -22.77 9.24 19.40
C SER A 352 -21.32 9.28 19.85
N TYR A 353 -21.07 8.71 21.03
CA TYR A 353 -19.71 8.69 21.57
C TYR A 353 -18.78 7.87 20.69
N SER A 354 -19.28 6.74 20.18
CA SER A 354 -18.46 5.75 19.47
C SER A 354 -17.72 6.36 18.29
N THR A 355 -18.35 7.32 17.61
CA THR A 355 -17.66 8.07 16.57
C THR A 355 -16.74 9.14 17.16
N ARG A 356 -17.03 9.63 18.36
CA ARG A 356 -16.20 10.70 18.93
C ARG A 356 -14.82 10.19 19.34
N ILE A 357 -14.74 8.98 19.93
CA ILE A 357 -13.40 8.44 20.25
C ILE A 357 -12.62 8.24 18.95
N PHE A 358 -13.30 7.78 17.90
CA PHE A 358 -12.64 7.56 16.63
C PHE A 358 -12.16 8.87 16.00
N GLY A 359 -12.94 9.95 16.14
CA GLY A 359 -12.46 11.24 15.68
C GLY A 359 -11.25 11.72 16.46
N LEU A 360 -11.26 11.50 17.77
CA LEU A 360 -10.10 11.83 18.60
C LEU A 360 -8.86 11.09 18.11
N GLU A 361 -8.99 9.79 17.87
CA GLU A 361 -7.85 9.00 17.39
C GLU A 361 -7.41 9.45 16.01
N LEU A 362 -8.35 9.85 15.15
CA LEU A 362 -7.99 10.40 13.84
C LEU A 362 -7.13 11.63 13.97
N ILE A 363 -7.56 12.60 14.76
CA ILE A 363 -6.79 13.84 14.82
C ILE A 363 -5.45 13.59 15.51
N GLN A 364 -5.41 12.68 16.49
CA GLN A 364 -4.14 12.33 17.10
C GLN A 364 -3.19 11.72 16.08
N THR A 365 -3.68 10.77 15.28
CA THR A 365 -2.84 10.12 14.27
C THR A 365 -2.38 11.14 13.24
N ALA A 366 -3.24 12.09 12.90
CA ALA A 366 -2.83 13.17 12.00
C ALA A 366 -1.71 14.00 12.61
N LEU A 367 -1.82 14.29 13.90
CA LEU A 367 -0.84 15.17 14.54
C LEU A 367 0.50 14.50 14.75
N GLU A 368 0.54 13.17 14.92
CA GLU A 368 1.82 12.52 15.15
C GLU A 368 2.73 12.61 13.92
N ILE A 369 2.17 12.47 12.72
CA ILE A 369 3.00 12.33 11.52
C ILE A 369 3.69 13.65 11.20
N SER A 370 2.99 14.77 11.30
CA SER A 370 3.57 16.07 10.99
C SER A 370 2.88 17.10 11.87
N GLY A 371 3.53 17.46 12.99
CA GLY A 371 3.05 18.47 13.90
C GLY A 371 3.91 19.72 13.87
N ASP A 372 5.21 19.54 13.66
CA ASP A 372 6.11 20.70 13.62
C ASP A 372 5.78 21.62 12.45
N ARG A 373 5.50 21.04 11.29
CA ARG A 373 5.22 21.86 10.11
C ARG A 373 3.89 22.57 10.19
N LEU A 374 2.98 22.16 11.08
CA LEU A 374 1.73 22.88 11.25
C LEU A 374 1.94 24.27 11.87
N GLN A 375 3.11 24.52 12.47
CA GLN A 375 3.40 25.85 13.01
C GLN A 375 3.34 26.93 11.94
N LEU A 376 3.81 26.62 10.74
CA LEU A 376 3.96 27.64 9.72
C LEU A 376 2.61 28.03 9.11
N TYR A 377 1.76 27.05 8.84
CA TYR A 377 0.60 27.28 7.99
C TYR A 377 -0.49 28.00 8.77
N PRO A 378 -0.98 29.19 8.32
CA PRO A 378 -1.67 30.09 9.25
C PRO A 378 -3.07 29.63 9.67
N ARG A 379 -3.93 29.29 8.71
CA ARG A 379 -5.30 28.96 9.07
C ARG A 379 -5.37 27.60 9.79
N LEU A 380 -4.47 26.69 9.45
CA LEU A 380 -4.40 25.42 10.18
C LEU A 380 -4.09 25.66 11.65
N PHE A 381 -3.17 26.57 11.94
CA PHE A 381 -2.85 26.84 13.34
C PHE A 381 -3.97 27.62 14.03
N THR A 382 -4.61 28.54 13.29
CA THR A 382 -5.74 29.27 13.85
C THR A 382 -6.89 28.34 14.19
N LEU A 383 -7.05 27.25 13.43
CA LEU A 383 -8.15 26.33 13.63
C LEU A 383 -7.80 25.12 14.49
N ILE A 384 -6.50 24.85 14.74
CA ILE A 384 -6.14 23.85 15.75
C ILE A 384 -6.10 24.51 17.13
N SER A 385 -5.80 25.82 17.18
CA SER A 385 -5.72 26.50 18.46
C SER A 385 -7.11 26.76 19.05
N ASP A 386 -7.94 27.55 18.35
CA ASP A 386 -9.14 28.07 18.99
C ASP A 386 -10.21 27.00 19.20
N PRO A 387 -10.81 26.41 18.15
CA PRO A 387 -12.01 25.59 18.37
C PRO A 387 -11.77 24.26 19.09
N ILE A 388 -10.84 23.45 18.61
CA ILE A 388 -10.82 22.07 19.09
C ILE A 388 -10.12 21.95 20.43
N PHE A 389 -9.25 22.90 20.79
CA PHE A 389 -8.74 22.90 22.15
C PHE A 389 -9.85 23.22 23.13
N LYS A 390 -10.76 24.12 22.75
CA LYS A 390 -11.96 24.36 23.53
C LYS A 390 -12.80 23.10 23.62
N SER A 391 -12.91 22.36 22.52
CA SER A 391 -13.62 21.08 22.55
C SER A 391 -12.94 20.09 23.49
N ILE A 392 -11.61 20.07 23.49
CA ILE A 392 -10.85 19.19 24.36
C ILE A 392 -11.14 19.52 25.82
N LEU A 393 -11.11 20.80 26.17
CA LEU A 393 -11.35 21.19 27.55
C LEU A 393 -12.79 20.90 27.97
N PHE A 394 -13.74 21.16 27.06
CA PHE A 394 -15.15 20.88 27.36
C PHE A 394 -15.37 19.39 27.58
N ILE A 395 -14.76 18.55 26.74
CA ILE A 395 -14.91 17.11 26.91
C ILE A 395 -14.24 16.66 28.20
N ILE A 396 -13.12 17.28 28.57
CA ILE A 396 -12.47 16.96 29.84
C ILE A 396 -13.39 17.34 31.01
N GLN A 397 -14.18 18.39 30.85
CA GLN A 397 -14.99 18.87 31.97
C GLN A 397 -16.14 17.93 32.28
N ASN A 398 -17.07 17.75 31.33
CA ASN A 398 -18.38 17.16 31.57
C ASN A 398 -18.53 15.76 30.97
N THR A 399 -17.46 14.97 30.98
CA THR A 399 -17.48 13.60 30.50
C THR A 399 -17.64 12.63 31.67
N THR A 400 -18.41 11.57 31.44
CA THR A 400 -18.61 10.49 32.40
C THR A 400 -17.99 9.17 31.94
N LYS A 401 -18.24 8.76 30.70
CA LYS A 401 -17.67 7.49 30.23
C LYS A 401 -16.17 7.61 30.08
N LEU A 402 -15.47 6.51 30.38
CA LEU A 402 -14.02 6.54 30.50
C LEU A 402 -13.31 6.50 29.15
N SER A 403 -13.90 5.89 28.13
CA SER A 403 -13.22 5.81 26.83
C SER A 403 -13.08 7.18 26.19
N LEU A 404 -14.12 8.01 26.30
CA LEU A 404 -14.06 9.34 25.70
C LEU A 404 -13.00 10.20 26.40
N LEU A 405 -12.98 10.18 27.73
CA LEU A 405 -11.97 10.93 28.47
C LEU A 405 -10.58 10.37 28.21
N GLN A 406 -10.48 9.04 28.04
CA GLN A 406 -9.21 8.41 27.70
C GLN A 406 -8.66 8.97 26.41
N ALA A 407 -9.46 8.98 25.34
CA ALA A 407 -8.98 9.51 24.07
C ALA A 407 -8.76 11.02 24.12
N THR A 408 -9.58 11.72 24.90
CA THR A 408 -9.41 13.16 25.07
C THR A 408 -8.04 13.49 25.63
N LEU A 409 -7.68 12.85 26.74
CA LEU A 409 -6.34 13.06 27.28
C LEU A 409 -5.28 12.52 26.36
N GLN A 410 -5.60 11.46 25.60
CA GLN A 410 -4.66 10.89 24.64
C GLN A 410 -4.21 11.94 23.63
N LEU A 411 -5.17 12.73 23.13
CA LEU A 411 -4.82 13.77 22.17
C LEU A 411 -4.21 14.98 22.88
N PHE A 412 -4.68 15.29 24.09
CA PHE A 412 -4.23 16.51 24.76
C PHE A 412 -2.76 16.43 25.16
N THR A 413 -2.31 15.28 25.69
CA THR A 413 -0.90 15.19 26.06
C THR A 413 -0.01 15.28 24.82
N THR A 414 -0.48 14.80 23.68
CA THR A 414 0.25 14.99 22.44
C THR A 414 0.32 16.47 22.07
N LEU A 415 -0.78 17.20 22.31
CA LEU A 415 -0.75 18.65 22.10
C LEU A 415 0.31 19.32 22.96
N VAL A 416 0.39 18.94 24.24
CA VAL A 416 1.42 19.50 25.11
C VAL A 416 2.81 19.13 24.62
N VAL A 417 2.99 17.88 24.17
CA VAL A 417 4.32 17.41 23.83
C VAL A 417 4.83 18.09 22.56
N ILE A 418 4.00 18.14 21.52
CA ILE A 418 4.49 18.47 20.18
C ILE A 418 4.45 19.98 19.97
N LEU A 419 3.24 20.57 20.01
CA LEU A 419 3.07 22.01 19.81
C LEU A 419 3.07 22.79 21.11
N GLY A 420 3.82 22.34 22.12
CA GLY A 420 3.79 23.00 23.41
C GLY A 420 4.34 24.42 23.41
N ASN A 421 5.14 24.78 22.41
CA ASN A 421 5.78 26.09 22.42
C ASN A 421 4.76 27.21 22.26
N ASN A 422 3.79 27.06 21.35
CA ASN A 422 2.90 28.15 20.99
C ASN A 422 1.69 28.25 21.90
N LEU A 423 0.92 27.16 22.03
CA LEU A 423 -0.35 27.21 22.76
C LEU A 423 -0.07 27.18 24.27
N GLN A 424 0.41 28.32 24.76
CA GLN A 424 0.76 28.48 26.16
C GLN A 424 -0.42 28.96 26.98
N LEU A 425 -1.23 29.90 26.46
CA LEU A 425 -2.41 30.33 27.19
C LEU A 425 -3.40 29.18 27.35
N GLN A 426 -3.60 28.40 26.29
CA GLN A 426 -4.50 27.25 26.36
C GLN A 426 -3.97 26.21 27.34
N ILE A 427 -2.65 25.99 27.34
CA ILE A 427 -2.05 25.00 28.23
C ILE A 427 -2.23 25.45 29.68
N GLU A 428 -2.02 26.75 29.93
CA GLU A 428 -2.23 27.31 31.26
C GLU A 428 -3.67 27.11 31.72
N LEU A 429 -4.63 27.44 30.84
CA LEU A 429 -6.04 27.35 31.19
C LEU A 429 -6.43 25.91 31.49
N THR A 430 -6.06 24.98 30.61
CA THR A 430 -6.48 23.60 30.82
C THR A 430 -5.80 23.00 32.05
N LEU A 431 -4.52 23.31 32.29
CA LEU A 431 -3.86 22.73 33.46
C LEU A 431 -4.43 23.27 34.75
N THR A 432 -4.58 24.60 34.87
CA THR A 432 -5.13 25.15 36.09
C THR A 432 -6.60 24.79 36.28
N ARG A 433 -7.31 24.41 35.21
CA ARG A 433 -8.66 23.87 35.34
C ARG A 433 -8.66 22.39 35.72
N ILE A 434 -7.68 21.63 35.22
CA ILE A 434 -7.65 20.19 35.50
C ILE A 434 -7.33 19.98 36.97
N PHE A 435 -6.49 20.84 37.56
CA PHE A 435 -6.16 20.68 38.97
C PHE A 435 -7.31 21.09 39.88
N SER A 436 -8.24 21.92 39.39
CA SER A 436 -9.44 22.20 40.19
C SER A 436 -10.28 20.94 40.36
N ILE A 437 -10.43 20.16 39.30
CA ILE A 437 -11.16 18.90 39.39
C ILE A 437 -10.36 17.89 40.21
N LEU A 438 -9.04 17.88 40.02
CA LEU A 438 -8.23 16.80 40.57
C LEU A 438 -8.14 16.86 42.09
N LEU A 439 -8.06 18.05 42.66
CA LEU A 439 -7.87 18.24 44.10
C LEU A 439 -9.17 18.38 44.88
N ASP A 440 -10.33 18.27 44.24
CA ASP A 440 -11.59 18.40 44.96
C ASP A 440 -11.79 17.21 45.90
N PRO A 455 -16.05 11.31 41.57
CA PRO A 455 -15.73 9.94 41.15
C PRO A 455 -14.23 9.68 41.10
N SER A 456 -13.79 8.55 41.66
CA SER A 456 -12.36 8.28 41.79
C SER A 456 -11.76 7.85 40.47
N ILE A 457 -12.51 7.10 39.66
CA ILE A 457 -11.93 6.45 38.49
C ILE A 457 -11.50 7.50 37.46
N ILE A 458 -12.29 8.56 37.28
CA ILE A 458 -11.95 9.57 36.27
C ILE A 458 -10.66 10.28 36.65
N LYS A 459 -10.49 10.64 37.92
CA LYS A 459 -9.28 11.34 38.31
C LYS A 459 -8.08 10.40 38.38
N GLU A 460 -8.30 9.11 38.64
CA GLU A 460 -7.22 8.14 38.53
C GLU A 460 -6.72 8.05 37.09
N LEU A 461 -7.64 7.91 36.14
CA LEU A 461 -7.26 7.85 34.73
C LEU A 461 -6.60 9.15 34.30
N LEU A 462 -7.08 10.28 34.83
CA LEU A 462 -6.50 11.58 34.50
C LEU A 462 -5.05 11.66 34.96
N ILE A 463 -4.77 11.20 36.18
CA ILE A 463 -3.39 11.15 36.66
C ILE A 463 -2.55 10.24 35.76
N GLU A 464 -3.08 9.06 35.45
CA GLU A 464 -2.31 8.07 34.70
C GLU A 464 -1.96 8.57 33.30
N GLN A 465 -2.85 9.37 32.70
CA GLN A 465 -2.66 9.85 31.34
C GLN A 465 -2.00 11.22 31.25
N ILE A 466 -2.05 12.04 32.31
CA ILE A 466 -1.27 13.27 32.36
C ILE A 466 0.16 13.04 32.83
N SER A 467 0.47 11.85 33.37
CA SER A 467 1.85 11.56 33.77
C SER A 467 2.86 11.55 32.63
N ILE A 468 2.41 11.47 31.37
CA ILE A 468 3.35 11.36 30.25
C ILE A 468 4.17 12.63 30.09
N LEU A 469 3.65 13.78 30.54
CA LEU A 469 4.41 15.02 30.41
C LEU A 469 5.69 14.97 31.23
N TRP A 470 5.59 14.60 32.52
CA TRP A 470 6.79 14.58 33.35
C TRP A 470 7.62 13.32 33.11
N THR A 471 7.02 12.18 32.78
CA THR A 471 7.81 11.00 32.47
C THR A 471 8.40 11.03 31.06
N ARG A 472 8.03 12.00 30.22
CA ARG A 472 8.71 12.19 28.94
C ARG A 472 10.19 12.49 29.19
N SER A 473 10.47 13.49 30.01
CA SER A 473 11.81 13.74 30.50
C SER A 473 11.69 14.64 31.72
N PRO A 474 12.70 14.67 32.60
CA PRO A 474 12.69 15.65 33.69
C PRO A 474 12.68 17.10 33.21
N SER A 475 13.29 17.37 32.05
CA SER A 475 13.53 18.74 31.60
C SER A 475 12.25 19.54 31.40
N PHE A 476 11.11 18.87 31.22
CA PHE A 476 9.81 19.55 31.14
C PHE A 476 9.58 20.45 32.34
N PHE A 477 9.92 19.96 33.54
CA PHE A 477 9.75 20.78 34.75
C PHE A 477 10.62 22.02 34.70
N THR A 478 11.79 21.94 34.07
CA THR A 478 12.56 23.16 33.82
C THR A 478 11.94 23.96 32.70
N SER A 479 11.54 23.28 31.62
CA SER A 479 11.11 23.98 30.40
C SER A 479 9.87 24.83 30.65
N THR A 480 8.84 24.23 31.26
CA THR A 480 7.65 24.98 31.63
C THR A 480 7.98 26.14 32.57
N PHE A 481 9.00 25.98 33.43
CA PHE A 481 9.35 27.05 34.34
C PHE A 481 9.87 28.26 33.58
N ILE A 482 10.63 28.04 32.49
CA ILE A 482 11.11 29.17 31.70
C ILE A 482 10.08 29.67 30.71
N ASN A 483 8.87 29.08 30.67
CA ASN A 483 7.83 29.43 29.72
C ASN A 483 6.62 30.09 30.35
N PHE A 484 6.25 29.68 31.56
CA PHE A 484 5.00 30.07 32.20
C PHE A 484 5.21 30.93 33.45
N ASP A 485 5.99 30.43 34.41
CA ASP A 485 6.17 31.16 35.66
C ASP A 485 6.97 32.44 35.44
N CYS A 486 8.01 32.37 34.58
CA CYS A 486 8.90 33.51 34.43
C CYS A 486 8.26 34.63 33.63
N ASN A 487 7.52 34.29 32.57
CA ASN A 487 6.95 35.31 31.70
C ASN A 487 5.85 36.08 32.44
N LEU A 488 5.82 37.40 32.22
CA LEU A 488 4.87 38.26 32.89
C LEU A 488 3.47 38.19 32.29
N ASP A 489 3.32 37.66 31.08
CA ASP A 489 2.01 37.59 30.44
C ASP A 489 1.16 36.42 30.93
N ARG A 490 1.77 35.43 31.60
CA ARG A 490 1.09 34.22 32.05
C ARG A 490 1.33 34.02 33.53
N ALA A 491 0.30 33.51 34.22
CA ALA A 491 0.41 33.25 35.64
C ALA A 491 1.22 31.97 35.88
N ASP A 492 1.66 31.80 37.13
CA ASP A 492 2.49 30.65 37.46
C ASP A 492 1.67 29.37 37.45
N VAL A 493 2.16 28.36 36.73
CA VAL A 493 1.53 27.05 36.64
C VAL A 493 2.44 25.97 37.21
N SER A 494 3.76 26.16 37.11
CA SER A 494 4.70 25.14 37.56
C SER A 494 4.63 24.95 39.07
N ILE A 495 4.57 26.05 39.82
CA ILE A 495 4.48 25.95 41.27
C ILE A 495 3.17 25.30 41.69
N ASN A 496 2.07 25.67 41.03
CA ASN A 496 0.78 25.04 41.32
C ASN A 496 0.82 23.57 40.95
N PHE A 497 1.46 23.23 39.83
CA PHE A 497 1.63 21.83 39.42
C PHE A 497 2.34 21.03 40.50
N LEU A 498 3.47 21.54 40.98
CA LEU A 498 4.25 20.78 41.96
C LEU A 498 3.56 20.72 43.31
N LYS A 499 2.89 21.81 43.71
CA LYS A 499 2.16 21.80 44.98
C LYS A 499 1.02 20.80 44.95
N ALA A 500 0.27 20.77 43.85
CA ALA A 500 -0.81 19.79 43.71
C ALA A 500 -0.26 18.37 43.68
N LEU A 501 0.88 18.17 43.00
CA LEU A 501 1.49 16.84 42.95
C LEU A 501 1.91 16.39 44.33
N THR A 502 2.48 17.29 45.14
CA THR A 502 2.88 16.94 46.49
C THR A 502 1.67 16.64 47.37
N LYS A 503 0.59 17.41 47.22
CA LYS A 503 -0.62 17.16 48.00
C LYS A 503 -1.19 15.79 47.65
N LEU A 504 -1.28 15.48 46.34
CA LEU A 504 -1.89 14.23 45.92
C LEU A 504 -1.13 13.00 46.38
N ALA A 505 0.17 13.12 46.66
CA ALA A 505 0.97 11.96 47.02
C ALA A 505 0.74 11.48 48.45
N LEU A 506 0.18 12.33 49.33
CA LEU A 506 0.02 11.96 50.73
C LEU A 506 -0.94 10.77 50.86
N PRO A 507 -0.84 9.98 51.93
CA PRO A 507 -1.74 8.82 52.05
C PRO A 507 -3.17 9.20 52.38
N GLU A 508 -3.43 10.44 52.80
CA GLU A 508 -4.80 10.92 52.97
C GLU A 508 -5.58 10.79 51.66
N SER A 509 -4.91 11.03 50.53
CA SER A 509 -5.55 10.85 49.22
C SER A 509 -6.02 9.42 49.00
N ALA A 510 -5.45 8.43 49.68
CA ALA A 510 -5.94 7.06 49.58
C ALA A 510 -7.40 6.95 50.02
N LEU A 511 -7.83 7.78 50.98
CA LEU A 511 -9.24 7.80 51.33
C LEU A 511 -10.08 8.32 50.17
N THR A 512 -9.56 9.32 49.44
CA THR A 512 -10.29 9.95 48.35
C THR A 512 -10.01 9.31 46.99
N THR A 513 -8.87 8.65 46.81
CA THR A 513 -8.41 8.11 45.54
C THR A 513 -8.37 6.59 45.62
N THR A 514 -7.99 5.97 44.50
CA THR A 514 -7.69 4.55 44.46
C THR A 514 -6.22 4.35 44.82
N GLU A 515 -5.82 3.09 44.92
CA GLU A 515 -4.44 2.76 45.26
C GLU A 515 -3.46 2.93 44.11
N SER A 516 -3.94 3.17 42.88
CA SER A 516 -3.06 3.37 41.74
C SER A 516 -2.56 4.81 41.60
N VAL A 517 -3.12 5.76 42.35
CA VAL A 517 -2.74 7.17 42.25
C VAL A 517 -1.45 7.51 43.02
N PRO A 518 -1.25 7.09 44.27
CA PRO A 518 -0.05 7.55 45.03
C PRO A 518 1.28 7.19 44.38
N PRO A 519 1.52 5.94 43.96
CA PRO A 519 2.87 5.64 43.46
C PRO A 519 3.18 6.32 42.13
N ILE A 520 2.25 6.30 41.18
CA ILE A 520 2.50 6.98 39.91
C ILE A 520 2.58 8.48 40.12
N CYS A 521 1.82 9.03 41.07
CA CYS A 521 1.91 10.44 41.38
C CYS A 521 3.29 10.80 41.94
N LEU A 522 3.79 9.99 42.87
CA LEU A 522 5.06 10.26 43.53
C LEU A 522 6.25 9.94 42.64
N GLU A 523 6.06 9.14 41.59
CA GLU A 523 7.14 8.91 40.64
C GLU A 523 7.60 10.20 39.97
N GLY A 524 6.69 11.17 39.80
CA GLY A 524 7.10 12.46 39.26
C GLY A 524 8.03 13.22 40.19
N LEU A 525 7.72 13.23 41.49
CA LEU A 525 8.61 13.88 42.46
C LEU A 525 9.95 13.17 42.52
N VAL A 526 9.94 11.84 42.48
CA VAL A 526 11.20 11.10 42.47
C VAL A 526 11.97 11.38 41.19
N SER A 527 11.27 11.61 40.08
CA SER A 527 11.94 11.99 38.84
C SER A 527 12.59 13.36 38.96
N LEU A 528 11.90 14.30 39.62
CA LEU A 528 12.45 15.63 39.80
C LEU A 528 13.72 15.57 40.65
N VAL A 529 13.64 14.90 41.81
CA VAL A 529 14.81 14.85 42.68
C VAL A 529 15.90 13.93 42.15
N ASP A 530 15.55 12.95 41.31
CA ASP A 530 16.58 12.20 40.61
C ASP A 530 17.32 13.08 39.61
N ASP A 531 16.59 13.97 38.94
CA ASP A 531 17.20 15.08 38.26
C ASP A 531 17.72 16.04 39.33
N MET A 532 18.56 17.00 38.92
CA MET A 532 19.22 18.00 39.77
C MET A 532 20.40 17.41 40.55
N PHE A 533 20.59 16.09 40.50
CA PHE A 533 21.80 15.41 40.96
C PHE A 533 22.68 14.99 39.79
N ASP A 534 22.05 14.57 38.69
CA ASP A 534 22.80 14.26 37.48
C ASP A 534 23.48 15.52 36.92
N HIS A 535 22.74 16.63 36.90
CA HIS A 535 23.35 17.91 36.49
C HIS A 535 24.45 18.32 37.44
N MET A 536 24.32 17.98 38.72
CA MET A 536 25.14 18.58 39.77
C MET A 536 26.57 18.03 39.78
N LYS A 537 26.84 16.93 39.05
CA LYS A 537 28.13 16.26 39.09
C LYS A 537 29.25 17.16 38.61
N ASP A 538 29.03 17.85 37.48
CA ASP A 538 30.12 18.57 36.83
C ASP A 538 30.55 19.80 37.61
N ILE A 539 29.60 20.56 38.15
CA ILE A 539 29.87 21.88 38.70
C ILE A 539 30.27 21.75 40.16
N ASP A 540 31.33 22.44 40.54
CA ASP A 540 31.79 22.52 41.92
C ASP A 540 31.24 23.78 42.59
N ARG A 541 31.32 23.80 43.92
CA ARG A 541 30.72 24.89 44.67
C ARG A 541 31.54 26.17 44.58
N GLU A 542 32.86 26.06 44.38
CA GLU A 542 33.68 27.26 44.26
C GLU A 542 33.34 28.05 43.01
N GLU A 543 33.05 27.36 41.91
CA GLU A 543 32.61 28.04 40.70
C GLU A 543 31.27 28.74 40.92
N PHE A 544 30.35 28.07 41.61
CA PHE A 544 29.05 28.66 41.88
C PHE A 544 29.17 29.86 42.79
N GLY A 545 28.46 30.94 42.46
CA GLY A 545 28.49 32.15 43.24
C GLY A 545 29.83 32.84 43.22
N GLU A 550 24.12 36.17 37.32
CA GLU A 550 22.68 36.21 37.06
C GLU A 550 22.44 36.42 35.56
N MET A 551 21.21 36.13 35.12
CA MET A 551 20.80 36.30 33.74
C MET A 551 19.40 36.90 33.72
N GLU A 552 18.89 37.13 32.51
CA GLU A 552 17.68 37.92 32.35
C GLU A 552 16.43 37.19 32.85
N ILE A 553 16.37 35.87 32.72
CA ILE A 553 15.12 35.16 32.99
C ILE A 553 14.82 35.16 34.48
N LEU A 554 15.84 35.01 35.32
CA LEU A 554 15.59 35.08 36.76
C LEU A 554 15.17 36.49 37.17
N LYS A 555 15.73 37.51 36.54
CA LYS A 555 15.27 38.87 36.82
C LYS A 555 13.85 39.09 36.31
N LYS A 556 13.44 38.37 35.27
CA LYS A 556 12.03 38.38 34.89
C LYS A 556 11.18 37.71 35.95
N ARG A 557 11.69 36.63 36.55
CA ARG A 557 11.01 36.07 37.73
C ARG A 557 11.08 37.03 38.91
N ASP A 558 12.16 37.80 39.02
CA ASP A 558 12.14 38.92 39.93
C ASP A 558 11.12 39.93 39.41
N ARG A 559 10.60 40.74 40.33
CA ARG A 559 9.50 41.68 40.19
C ARG A 559 8.13 40.99 40.16
N LYS A 560 8.06 39.65 40.11
CA LYS A 560 6.78 38.96 40.10
C LYS A 560 6.18 38.88 41.49
N THR A 561 7.02 38.66 42.51
CA THR A 561 6.52 38.58 43.87
C THR A 561 5.91 39.92 44.30
N GLU A 562 6.59 41.02 43.98
CA GLU A 562 5.98 42.32 44.24
C GLU A 562 4.83 42.61 43.28
N PHE A 563 4.76 41.96 42.12
CA PHE A 563 3.56 42.07 41.30
C PHE A 563 2.37 41.46 42.04
N ILE A 564 2.57 40.28 42.63
CA ILE A 564 1.50 39.64 43.38
C ILE A 564 1.15 40.48 44.60
N GLU A 565 2.15 41.05 45.26
CA GLU A 565 1.90 41.90 46.42
C GLU A 565 1.13 43.17 46.01
N CYS A 566 1.46 43.75 44.86
CA CYS A 566 0.74 44.91 44.35
C CYS A 566 -0.72 44.56 44.09
N THR A 567 -0.96 43.41 43.45
CA THR A 567 -2.33 43.00 43.19
C THR A 567 -3.09 42.73 44.48
N ASN A 568 -2.43 42.09 45.46
CA ASN A 568 -3.06 41.80 46.74
C ASN A 568 -3.42 43.09 47.48
N ALA A 569 -2.51 44.05 47.51
CA ALA A 569 -2.82 45.34 48.12
C ALA A 569 -3.91 46.05 47.34
N PHE A 570 -3.96 45.88 46.02
CA PHE A 570 -4.95 46.55 45.21
C PHE A 570 -6.35 46.05 45.53
N ASN A 571 -6.56 44.73 45.48
CA ASN A 571 -7.92 44.24 45.76
C ASN A 571 -8.25 44.34 47.24
N GLU A 572 -7.23 44.42 48.11
CA GLU A 572 -7.48 44.74 49.51
C GLU A 572 -8.13 46.12 49.63
N LYS A 573 -7.56 47.11 48.96
CA LYS A 573 -8.15 48.44 48.88
C LYS A 573 -7.48 49.21 47.75
N PRO A 574 -8.15 50.21 47.15
CA PRO A 574 -7.60 50.82 45.93
C PRO A 574 -6.51 51.85 46.18
N LYS A 575 -6.63 52.59 47.30
CA LYS A 575 -5.78 53.75 47.51
C LYS A 575 -4.32 53.38 47.68
N LYS A 576 -4.03 52.31 48.41
CA LYS A 576 -2.65 51.93 48.71
C LYS A 576 -1.97 51.17 47.58
N GLY A 577 -2.73 50.67 46.59
CA GLY A 577 -2.15 49.84 45.56
C GLY A 577 -1.44 50.59 44.46
N ILE A 578 -2.12 51.57 43.86
CA ILE A 578 -1.58 52.27 42.69
C ILE A 578 -0.26 53.01 42.96
N PRO A 579 -0.04 53.72 44.13
CA PRO A 579 1.20 54.53 44.21
C PRO A 579 2.47 53.69 44.25
N MET A 580 2.54 52.70 45.15
CA MET A 580 3.74 51.87 45.25
C MET A 580 3.94 51.07 43.97
N LEU A 581 2.85 50.72 43.28
CA LEU A 581 2.97 50.11 41.97
C LEU A 581 3.65 51.05 40.99
N ILE A 582 3.29 52.34 41.03
CA ILE A 582 3.94 53.31 40.16
C ILE A 582 5.41 53.47 40.52
N GLU A 583 5.73 53.40 41.82
CA GLU A 583 7.14 53.41 42.22
C GLU A 583 7.88 52.19 41.68
N LYS A 584 7.21 51.04 41.63
CA LYS A 584 7.87 49.84 41.12
C LYS A 584 8.21 49.94 39.63
N GLY A 585 7.51 50.80 38.88
CA GLY A 585 7.88 51.11 37.52
C GLY A 585 7.17 50.35 36.43
N PHE A 586 6.16 49.54 36.76
CA PHE A 586 5.37 48.91 35.71
C PHE A 586 4.60 49.95 34.92
N ILE A 587 4.00 50.91 35.59
CA ILE A 587 3.34 52.04 34.94
C ILE A 587 4.38 53.08 34.57
N ALA A 588 4.24 53.68 33.40
CA ALA A 588 5.25 54.62 32.90
C ALA A 588 5.32 55.87 33.76
N SER A 589 4.18 56.42 34.17
CA SER A 589 4.16 57.62 34.98
C SER A 589 2.78 57.79 35.60
N ASP A 590 2.67 58.76 36.50
CA ASP A 590 1.44 58.97 37.28
C ASP A 590 0.32 59.61 36.46
N SER A 591 0.56 59.98 35.21
CA SER A 591 -0.50 60.58 34.40
C SER A 591 -1.62 59.57 34.15
N ASP A 592 -2.79 60.09 33.78
CA ASP A 592 -3.97 59.25 33.61
C ASP A 592 -3.82 58.30 32.43
N LYS A 593 -3.10 58.71 31.39
CA LYS A 593 -2.93 57.89 30.18
C LYS A 593 -2.23 56.59 30.52
N ASP A 594 -1.15 56.65 31.30
CA ASP A 594 -0.36 55.46 31.57
C ASP A 594 -1.10 54.47 32.45
N ILE A 595 -1.76 54.96 33.50
CA ILE A 595 -2.52 54.07 34.38
C ILE A 595 -3.70 53.47 33.64
N ALA A 596 -4.35 54.25 32.78
CA ALA A 596 -5.44 53.71 31.95
C ALA A 596 -4.92 52.62 31.02
N GLU A 597 -3.75 52.84 30.43
CA GLU A 597 -3.14 51.85 29.55
C GLU A 597 -2.86 50.56 30.32
N PHE A 598 -2.32 50.70 31.53
CA PHE A 598 -2.00 49.54 32.35
C PHE A 598 -3.26 48.77 32.74
N LEU A 599 -4.32 49.49 33.11
CA LEU A 599 -5.58 48.82 33.44
C LEU A 599 -6.15 48.08 32.24
N PHE A 600 -6.09 48.69 31.05
CA PHE A 600 -6.69 48.04 29.89
C PHE A 600 -5.92 46.80 29.46
N ASN A 601 -4.58 46.83 29.50
CA ASN A 601 -3.83 45.70 28.95
C ASN A 601 -3.85 44.47 29.83
N ASN A 602 -3.95 44.63 31.15
CA ASN A 602 -3.78 43.52 32.09
C ASN A 602 -4.99 43.35 33.01
N ASN A 603 -6.19 43.32 32.43
CA ASN A 603 -7.39 43.12 33.22
C ASN A 603 -7.47 41.73 33.86
N ASN A 604 -6.75 40.75 33.30
CA ASN A 604 -6.84 39.38 33.80
C ASN A 604 -6.35 39.28 35.24
N ARG A 605 -5.23 39.94 35.57
CA ARG A 605 -4.70 39.85 36.94
C ARG A 605 -5.62 40.53 37.94
N MET A 606 -6.03 41.76 37.66
CA MET A 606 -6.84 42.51 38.60
C MET A 606 -8.24 41.90 38.68
N ASN A 607 -8.72 41.67 39.89
CA ASN A 607 -10.08 41.21 40.07
C ASN A 607 -11.05 42.32 39.64
N LYS A 608 -12.19 41.89 39.08
CA LYS A 608 -13.05 42.84 38.40
C LYS A 608 -13.81 43.76 39.37
N LYS A 609 -14.07 43.28 40.59
CA LYS A 609 -14.82 44.09 41.55
C LYS A 609 -14.04 45.33 41.97
N THR A 610 -12.73 45.18 42.19
CA THR A 610 -11.93 46.33 42.57
C THR A 610 -11.86 47.36 41.46
N ILE A 611 -11.74 46.91 40.20
CA ILE A 611 -11.74 47.84 39.09
C ILE A 611 -13.08 48.56 39.00
N GLY A 612 -14.17 47.82 39.18
CA GLY A 612 -15.49 48.43 39.16
C GLY A 612 -15.66 49.47 40.27
N LEU A 613 -15.12 49.19 41.45
CA LEU A 613 -15.22 50.15 42.54
C LEU A 613 -14.36 51.38 42.29
N LEU A 614 -13.11 51.18 41.85
CA LEU A 614 -12.19 52.30 41.71
C LEU A 614 -12.59 53.21 40.55
N LEU A 615 -13.05 52.62 39.45
CA LEU A 615 -13.18 53.37 38.19
C LEU A 615 -14.18 54.51 38.31
N CYS A 616 -15.32 54.25 38.95
CA CYS A 616 -16.38 55.25 39.12
C CYS A 616 -16.28 55.95 40.48
N HIS A 617 -15.09 56.56 40.73
CA HIS A 617 -14.91 57.39 41.92
C HIS A 617 -15.38 58.82 41.63
N PRO A 618 -15.93 59.57 42.60
CA PRO A 618 -16.30 60.96 42.32
C PRO A 618 -15.14 61.86 41.91
N ASP A 619 -13.94 61.63 42.47
CA ASP A 619 -12.78 62.45 42.15
C ASP A 619 -12.01 61.96 40.93
N LYS A 620 -12.05 60.65 40.66
CA LYS A 620 -11.23 60.04 39.61
C LYS A 620 -11.96 60.00 38.28
N VAL A 621 -12.49 61.15 37.85
CA VAL A 621 -13.23 61.21 36.60
C VAL A 621 -12.28 61.32 35.40
N SER A 622 -11.10 61.92 35.60
CA SER A 622 -10.13 62.04 34.52
C SER A 622 -9.66 60.66 34.06
N LEU A 623 -9.42 59.75 35.00
CA LEU A 623 -9.08 58.39 34.63
C LEU A 623 -10.26 57.72 33.92
N LEU A 624 -11.50 58.07 34.29
CA LEU A 624 -12.67 57.60 33.56
C LEU A 624 -12.61 58.00 32.09
N ASN A 625 -12.39 59.30 31.84
CA ASN A 625 -12.38 59.79 30.46
C ASN A 625 -11.21 59.19 29.68
N GLU A 626 -10.05 59.07 30.32
CA GLU A 626 -8.90 58.50 29.64
C GLU A 626 -9.12 57.01 29.32
N TYR A 627 -9.69 56.26 30.25
CA TYR A 627 -9.80 54.82 30.08
C TYR A 627 -10.91 54.43 29.12
N ILE A 628 -12.03 55.17 29.14
CA ILE A 628 -13.18 54.74 28.35
C ILE A 628 -12.91 54.91 26.87
N ARG A 629 -12.08 55.90 26.49
CA ARG A 629 -11.79 56.13 25.07
C ARG A 629 -10.89 55.07 24.45
N LEU A 630 -10.30 54.17 25.24
CA LEU A 630 -9.35 53.21 24.68
C LEU A 630 -10.04 52.20 23.76
N PHE A 631 -11.29 51.86 24.04
CA PHE A 631 -11.95 50.77 23.32
C PHE A 631 -12.25 51.21 21.89
N ASP A 632 -12.78 50.27 21.09
CA ASP A 632 -13.16 50.50 19.71
C ASP A 632 -14.62 50.09 19.48
N PHE A 633 -15.35 50.95 18.78
CA PHE A 633 -16.76 50.77 18.42
C PHE A 633 -16.90 50.95 16.91
N SER A 634 -15.94 50.42 16.15
CA SER A 634 -15.83 50.71 14.72
C SER A 634 -16.91 49.93 13.97
N GLY A 635 -18.02 50.60 13.68
CA GLY A 635 -19.06 50.01 12.85
C GLY A 635 -19.77 48.83 13.48
N LEU A 636 -20.16 48.95 14.74
CA LEU A 636 -20.90 47.93 15.46
C LEU A 636 -22.12 48.56 16.13
N ARG A 637 -23.15 47.74 16.37
CA ARG A 637 -24.33 48.20 17.08
C ARG A 637 -24.01 48.35 18.56
N VAL A 638 -25.03 48.68 19.35
CA VAL A 638 -24.76 49.09 20.73
C VAL A 638 -24.63 47.87 21.66
N ASP A 639 -25.36 46.79 21.39
CA ASP A 639 -25.37 45.67 22.34
C ASP A 639 -24.01 44.98 22.43
N GLU A 640 -23.40 44.70 21.28
CA GLU A 640 -22.04 44.16 21.30
C GLU A 640 -21.05 45.18 21.85
N ALA A 641 -21.33 46.48 21.69
CA ALA A 641 -20.47 47.49 22.30
C ALA A 641 -20.56 47.42 23.83
N ILE A 642 -21.77 47.22 24.36
CA ILE A 642 -21.94 47.04 25.80
C ILE A 642 -21.20 45.78 26.25
N ARG A 643 -21.26 44.72 25.44
CA ARG A 643 -20.56 43.50 25.80
C ARG A 643 -19.05 43.72 25.83
N ILE A 644 -18.52 44.43 24.84
CA ILE A 644 -17.09 44.74 24.82
C ILE A 644 -16.72 45.66 25.98
N LEU A 645 -17.65 46.51 26.39
CA LEU A 645 -17.38 47.39 27.54
C LEU A 645 -17.30 46.60 28.83
N LEU A 646 -18.36 45.86 29.16
CA LEU A 646 -18.48 45.22 30.46
C LEU A 646 -17.69 43.92 30.57
N THR A 647 -17.17 43.38 29.47
CA THR A 647 -16.34 42.18 29.59
C THR A 647 -15.02 42.47 30.28
N LYS A 648 -14.53 43.71 30.18
CA LYS A 648 -13.22 44.04 30.75
C LYS A 648 -13.28 44.26 32.25
N PHE A 649 -14.41 44.73 32.77
CA PHE A 649 -14.54 45.00 34.20
C PHE A 649 -16.00 44.88 34.61
N ARG A 650 -16.20 44.66 35.90
CA ARG A 650 -17.54 44.51 36.47
C ARG A 650 -18.15 45.87 36.81
N LEU A 651 -19.50 45.94 36.73
CA LEU A 651 -20.27 47.15 37.03
C LEU A 651 -20.69 47.14 38.50
N PRO A 652 -20.84 48.31 39.17
CA PRO A 652 -21.38 48.32 40.54
C PRO A 652 -22.90 48.39 40.54
N GLY A 653 -23.49 48.39 41.74
CA GLY A 653 -24.94 48.36 41.90
C GLY A 653 -25.57 49.69 42.25
N GLU A 654 -24.82 50.55 42.94
CA GLU A 654 -25.34 51.86 43.32
C GLU A 654 -25.57 52.72 42.08
N SER A 655 -26.78 53.28 41.98
CA SER A 655 -27.32 53.71 40.69
C SER A 655 -26.52 54.84 40.05
N GLN A 656 -26.11 55.84 40.86
CA GLN A 656 -25.39 56.99 40.33
C GLN A 656 -24.07 56.59 39.69
N GLN A 657 -23.45 55.52 40.18
CA GLN A 657 -22.18 55.06 39.64
C GLN A 657 -22.34 54.51 38.22
N ILE A 658 -23.34 53.65 38.00
CA ILE A 658 -23.59 53.17 36.64
C ILE A 658 -24.08 54.32 35.77
N GLU A 659 -24.78 55.31 36.34
CA GLU A 659 -25.12 56.50 35.57
C GLU A 659 -23.87 57.18 35.03
N ARG A 660 -22.87 57.37 35.89
CA ARG A 660 -21.62 57.99 35.45
C ARG A 660 -20.91 57.14 34.39
N ILE A 661 -20.90 55.81 34.59
CA ILE A 661 -20.20 54.93 33.66
C ILE A 661 -20.85 54.98 32.28
N ILE A 662 -22.18 54.87 32.23
CA ILE A 662 -22.85 54.90 30.94
C ILE A 662 -22.78 56.30 30.32
N GLU A 663 -22.74 57.35 31.14
CA GLU A 663 -22.56 58.69 30.59
C GLU A 663 -21.21 58.82 29.90
N ALA A 664 -20.15 58.31 30.55
CA ALA A 664 -18.83 58.31 29.92
C ALA A 664 -18.82 57.48 28.64
N PHE A 665 -19.50 56.33 28.67
CA PHE A 665 -19.58 55.47 27.49
C PHE A 665 -20.26 56.24 26.35
N SER A 666 -21.34 56.94 26.66
CA SER A 666 -22.08 57.66 25.63
C SER A 666 -21.27 58.79 25.04
N SER A 667 -20.54 59.53 25.90
CA SER A 667 -19.69 60.61 25.40
C SER A 667 -18.61 60.07 24.47
N ALA A 668 -17.94 58.99 24.89
CA ALA A 668 -16.91 58.41 24.03
C ALA A 668 -17.50 57.81 22.76
N TYR A 669 -18.70 57.24 22.83
CA TYR A 669 -19.29 56.63 21.66
C TYR A 669 -19.68 57.68 20.64
N CYS A 670 -20.29 58.78 21.08
CA CYS A 670 -20.61 59.87 20.17
C CYS A 670 -19.34 60.50 19.61
N GLU A 671 -18.26 60.52 20.39
CA GLU A 671 -16.97 60.97 19.86
C GLU A 671 -16.46 60.01 18.78
N ASN A 672 -16.73 58.71 18.92
CA ASN A 672 -16.10 57.73 18.05
C ASN A 672 -16.73 57.74 16.65
N GLN A 673 -18.01 57.40 16.56
CA GLN A 673 -18.64 57.16 15.26
C GLN A 673 -18.94 58.48 14.55
N ASP A 674 -18.61 58.53 13.26
CA ASP A 674 -19.01 59.66 12.43
C ASP A 674 -20.50 59.59 12.14
N TYR A 675 -21.06 60.74 11.76
CA TYR A 675 -22.50 60.92 11.59
C TYR A 675 -22.83 61.18 10.12
N ASP A 676 -23.93 60.57 9.67
CA ASP A 676 -24.47 60.73 8.32
C ASP A 676 -25.96 61.05 8.44
N PRO A 677 -26.31 62.32 8.69
CA PRO A 677 -27.75 62.65 8.78
C PRO A 677 -28.52 62.44 7.49
N SER A 678 -27.84 62.38 6.34
CA SER A 678 -28.54 62.27 5.06
C SER A 678 -29.28 60.95 4.92
N LYS A 679 -28.69 59.85 5.40
CA LYS A 679 -29.18 58.49 5.17
C LYS A 679 -29.92 57.93 6.37
N ILE A 680 -30.69 58.78 7.07
CA ILE A 680 -31.53 58.29 8.16
C ILE A 680 -32.73 57.57 7.58
N SER A 681 -33.06 56.41 8.16
CA SER A 681 -34.18 55.61 7.68
C SER A 681 -34.59 54.65 8.78
N ASP A 682 -35.79 54.06 8.61
CA ASP A 682 -36.36 53.06 9.51
C ASP A 682 -36.77 51.79 8.78
N ASN A 683 -37.25 51.90 7.54
CA ASN A 683 -37.61 50.71 6.78
C ASN A 683 -36.40 49.86 6.44
N ALA A 684 -35.22 50.48 6.34
CA ALA A 684 -33.99 49.73 6.11
C ALA A 684 -33.72 48.79 7.29
N GLU A 685 -33.36 47.54 6.96
CA GLU A 685 -33.17 46.48 7.94
C GLU A 685 -31.73 45.99 7.89
N ASP A 686 -31.19 45.67 9.07
CA ASP A 686 -29.82 45.16 9.21
C ASP A 686 -28.79 46.14 8.67
N ASP A 687 -29.05 47.44 8.88
CA ASP A 687 -28.14 48.51 8.49
C ASP A 687 -27.53 49.13 9.75
N ILE A 688 -26.21 49.16 9.82
CA ILE A 688 -25.54 49.73 10.98
C ILE A 688 -25.73 51.24 11.01
N SER A 689 -25.58 51.90 9.85
CA SER A 689 -25.59 53.35 9.78
C SER A 689 -26.97 53.97 9.93
N THR A 690 -28.05 53.18 9.90
CA THR A 690 -29.39 53.75 9.91
C THR A 690 -29.71 54.45 11.22
N VAL A 691 -29.06 54.09 12.32
CA VAL A 691 -29.25 54.71 13.63
C VAL A 691 -28.00 55.52 13.95
N GLN A 692 -28.19 56.81 14.20
CA GLN A 692 -27.11 57.75 14.52
C GLN A 692 -27.54 58.58 15.72
N PRO A 693 -27.66 57.96 16.90
CA PRO A 693 -28.31 58.64 18.03
C PRO A 693 -27.39 59.64 18.72
N ASP A 694 -28.03 60.62 19.34
CA ASP A 694 -27.33 61.64 20.12
C ASP A 694 -26.76 60.99 21.39
N ALA A 695 -25.74 61.63 21.98
CA ALA A 695 -25.10 61.10 23.19
C ALA A 695 -26.10 60.87 24.32
N ASP A 696 -27.03 61.82 24.53
CA ASP A 696 -28.06 61.59 25.53
C ASP A 696 -28.99 60.46 25.10
N SER A 697 -29.25 60.35 23.78
CA SER A 697 -30.12 59.28 23.28
C SER A 697 -29.51 57.90 23.53
N VAL A 698 -28.23 57.73 23.18
CA VAL A 698 -27.60 56.43 23.40
C VAL A 698 -27.38 56.19 24.89
N PHE A 699 -27.22 57.25 25.69
CA PHE A 699 -27.18 57.10 27.13
C PHE A 699 -28.48 56.50 27.65
N ILE A 700 -29.61 57.04 27.18
CA ILE A 700 -30.92 56.54 27.58
C ILE A 700 -31.08 55.10 27.11
N LEU A 701 -30.67 54.81 25.88
CA LEU A 701 -30.84 53.45 25.34
C LEU A 701 -30.00 52.45 26.11
N SER A 702 -28.75 52.78 26.42
CA SER A 702 -27.88 51.87 27.15
C SER A 702 -28.41 51.63 28.56
N TYR A 703 -28.94 52.67 29.20
CA TYR A 703 -29.61 52.46 30.47
C TYR A 703 -30.82 51.55 30.30
N SER A 704 -31.47 51.62 29.13
CA SER A 704 -32.58 50.71 28.84
C SER A 704 -32.12 49.26 28.70
N ILE A 705 -30.93 49.03 28.15
CA ILE A 705 -30.45 47.65 28.04
C ILE A 705 -30.08 47.12 29.42
N ILE A 706 -29.47 47.97 30.26
CA ILE A 706 -29.20 47.56 31.64
C ILE A 706 -30.51 47.25 32.36
N MET A 707 -31.53 48.07 32.10
CA MET A 707 -32.86 47.85 32.65
C MET A 707 -33.41 46.50 32.20
N LEU A 708 -33.26 46.18 30.92
CA LEU A 708 -33.82 44.95 30.38
C LEU A 708 -33.14 43.73 30.99
N ASN A 709 -31.81 43.79 31.11
CA ASN A 709 -31.06 42.73 31.78
C ASN A 709 -31.58 42.51 33.20
N THR A 710 -31.63 43.59 33.98
CA THR A 710 -32.02 43.50 35.38
C THR A 710 -33.44 43.00 35.54
N ASP A 711 -34.36 43.48 34.71
CA ASP A 711 -35.75 43.09 34.84
C ASP A 711 -35.97 41.65 34.41
N LEU A 712 -35.43 41.26 33.25
CA LEU A 712 -35.79 39.96 32.71
C LEU A 712 -35.07 38.87 33.46
N HIS A 713 -33.73 38.89 33.44
CA HIS A 713 -32.96 37.68 33.71
C HIS A 713 -32.19 37.73 35.03
N ASN A 714 -32.45 38.71 35.89
CA ASN A 714 -32.00 38.62 37.27
C ASN A 714 -32.75 37.48 37.96
N PRO A 715 -32.07 36.62 38.74
CA PRO A 715 -32.80 35.47 39.29
C PRO A 715 -33.79 35.83 40.38
N GLN A 716 -33.71 37.02 40.96
CA GLN A 716 -34.54 37.34 42.12
C GLN A 716 -35.95 37.76 41.72
N VAL A 717 -36.06 38.71 40.78
CA VAL A 717 -37.36 39.29 40.48
C VAL A 717 -38.23 38.25 39.80
N LYS A 718 -39.47 38.10 40.30
CA LYS A 718 -40.39 37.14 39.72
C LYS A 718 -40.91 37.62 38.37
N GLU A 719 -41.17 38.93 38.25
CA GLU A 719 -41.72 39.47 37.02
C GLU A 719 -40.69 39.44 35.90
N HIS A 720 -41.19 39.34 34.67
CA HIS A 720 -40.39 39.44 33.46
C HIS A 720 -41.09 40.37 32.49
N MET A 721 -40.30 41.10 31.72
CA MET A 721 -40.84 42.14 30.85
C MET A 721 -41.31 41.56 29.52
N SER A 722 -42.17 42.32 28.85
CA SER A 722 -42.67 42.03 27.52
C SER A 722 -42.07 42.99 26.51
N PHE A 723 -42.06 42.57 25.24
CA PHE A 723 -41.44 43.39 24.20
C PHE A 723 -42.24 44.67 23.96
N GLU A 724 -43.56 44.59 23.99
CA GLU A 724 -44.39 45.74 23.62
C GLU A 724 -44.23 46.88 24.62
N ASP A 725 -44.36 46.58 25.92
CA ASP A 725 -44.23 47.63 26.93
C ASP A 725 -42.80 48.15 26.98
N TYR A 726 -41.81 47.28 26.77
CA TYR A 726 -40.43 47.74 26.75
C TYR A 726 -40.18 48.69 25.59
N SER A 727 -40.73 48.38 24.41
CA SER A 727 -40.59 49.28 23.27
C SER A 727 -41.30 50.60 23.53
N GLY A 728 -42.50 50.54 24.13
CA GLY A 728 -43.23 51.75 24.45
C GLY A 728 -42.58 52.60 25.52
N ASN A 729 -41.71 52.00 26.34
CA ASN A 729 -41.04 52.76 27.40
C ASN A 729 -40.16 53.86 26.83
N LEU A 730 -39.49 53.61 25.70
CA LEU A 730 -38.66 54.59 25.02
C LEU A 730 -39.48 55.52 24.13
N LYS A 731 -40.41 56.27 24.72
CA LYS A 731 -41.16 57.29 23.98
C LYS A 731 -40.34 58.56 23.94
N GLY A 732 -39.85 58.94 22.76
CA GLY A 732 -39.22 60.24 22.58
C GLY A 732 -37.84 60.35 23.18
N CYS A 733 -36.87 59.61 22.62
CA CYS A 733 -35.48 59.62 23.07
C CYS A 733 -34.51 59.83 21.90
N CYS A 734 -34.93 60.57 20.87
CA CYS A 734 -33.98 61.07 19.88
C CYS A 734 -34.63 62.33 19.28
N ASN A 735 -34.17 63.50 19.75
CA ASN A 735 -34.80 64.81 19.54
C ASN A 735 -36.32 64.74 19.61
N HIS A 736 -36.81 64.08 20.67
CA HIS A 736 -38.23 63.82 20.89
C HIS A 736 -38.84 63.06 19.72
N LYS A 737 -38.34 61.83 19.52
CA LYS A 737 -38.89 60.92 18.53
C LYS A 737 -38.64 59.49 19.00
N ASP A 738 -39.40 58.56 18.41
CA ASP A 738 -39.32 57.15 18.77
C ASP A 738 -38.22 56.46 17.95
N PHE A 739 -37.88 55.24 18.37
CA PHE A 739 -36.84 54.43 17.80
C PHE A 739 -37.42 53.44 16.80
N PRO A 740 -36.59 52.81 15.95
CA PRO A 740 -37.13 51.79 15.05
C PRO A 740 -37.62 50.57 15.81
N PHE A 741 -38.67 49.95 15.27
CA PHE A 741 -39.19 48.72 15.86
C PHE A 741 -38.14 47.60 15.75
N TRP A 742 -37.52 47.47 14.58
CA TRP A 742 -36.59 46.36 14.36
C TRP A 742 -35.35 46.49 15.24
N TYR A 743 -34.90 47.72 15.52
CA TYR A 743 -33.70 47.92 16.32
C TYR A 743 -33.89 47.36 17.73
N LEU A 744 -34.92 47.85 18.43
CA LEU A 744 -35.21 47.35 19.76
C LEU A 744 -35.62 45.89 19.73
N ASP A 745 -36.19 45.41 18.62
CA ASP A 745 -36.47 43.98 18.51
C ASP A 745 -35.19 43.15 18.56
N ARG A 746 -34.17 43.57 17.81
CA ARG A 746 -32.90 42.82 17.86
C ARG A 746 -32.22 42.97 19.21
N ILE A 747 -32.34 44.14 19.86
CA ILE A 747 -31.79 44.28 21.21
C ILE A 747 -32.48 43.32 22.17
N TYR A 748 -33.81 43.24 22.10
CA TYR A 748 -34.55 42.32 22.96
C TYR A 748 -34.15 40.88 22.70
N CYS A 749 -34.01 40.50 21.43
CA CYS A 749 -33.60 39.14 21.11
C CYS A 749 -32.21 38.82 21.65
N SER A 750 -31.28 39.78 21.53
CA SER A 750 -29.92 39.53 21.99
C SER A 750 -29.85 39.39 23.51
N ILE A 751 -30.53 40.27 24.25
CA ILE A 751 -30.52 40.13 25.71
C ILE A 751 -31.30 38.90 26.14
N ARG A 752 -32.37 38.54 25.42
CA ARG A 752 -33.14 37.36 25.80
C ARG A 752 -32.32 36.09 25.61
N ASP A 753 -31.52 36.02 24.56
CA ASP A 753 -30.73 34.81 24.31
C ASP A 753 -29.60 34.65 25.32
N LYS A 754 -29.03 35.76 25.81
CA LYS A 754 -27.77 35.73 26.56
C LYS A 754 -27.74 36.81 27.63
N GLU A 755 -27.11 36.48 28.76
CA GLU A 755 -26.72 37.48 29.74
C GLU A 755 -25.58 38.34 29.20
N ILE A 756 -25.30 39.41 29.94
CA ILE A 756 -24.08 40.19 29.82
C ILE A 756 -23.33 39.97 31.13
N VAL A 757 -22.30 39.14 31.07
CA VAL A 757 -21.61 38.68 32.29
C VAL A 757 -20.21 38.24 31.91
N MET A 758 -19.25 38.61 32.75
CA MET A 758 -17.90 38.09 32.59
C MET A 758 -17.93 36.58 32.88
N PRO A 759 -17.37 35.73 32.03
CA PRO A 759 -17.38 34.29 32.35
C PRO A 759 -16.41 33.87 33.45
N GLU A 760 -15.61 34.80 34.00
CA GLU A 760 -14.58 34.44 34.97
C GLU A 760 -15.23 33.89 36.24
N GLU A 761 -15.98 34.72 36.97
CA GLU A 761 -16.60 34.24 38.20
C GLU A 761 -17.69 33.23 37.90
N HIS A 762 -18.59 33.56 36.97
CA HIS A 762 -19.67 32.65 36.58
C HIS A 762 -19.03 31.53 35.79
N HIS A 763 -18.61 30.50 36.52
CA HIS A 763 -17.78 29.42 35.99
C HIS A 763 -18.41 28.08 36.34
N GLY A 764 -18.37 27.16 35.37
CA GLY A 764 -18.83 25.80 35.56
C GLY A 764 -20.17 25.48 34.93
N ASN A 765 -20.94 26.48 34.50
CA ASN A 765 -22.23 26.21 33.90
C ASN A 765 -22.06 25.57 32.52
N GLU A 766 -23.11 24.89 32.08
CA GLU A 766 -23.06 24.15 30.83
C GLU A 766 -22.91 25.09 29.63
N LYS A 767 -23.75 26.13 29.56
CA LYS A 767 -23.89 26.95 28.37
C LYS A 767 -23.00 28.19 28.39
N TRP A 768 -21.84 28.14 29.08
CA TRP A 768 -20.99 29.31 29.27
C TRP A 768 -19.51 29.07 29.06
N PHE A 769 -19.10 27.88 28.62
CA PHE A 769 -17.68 27.69 28.34
C PHE A 769 -17.24 28.47 27.11
N GLU A 770 -18.12 28.55 26.09
CA GLU A 770 -17.75 29.13 24.81
C GLU A 770 -17.30 30.58 24.95
N ASP A 771 -18.12 31.40 25.62
CA ASP A 771 -17.72 32.79 25.87
C ASP A 771 -16.48 32.83 26.73
N ALA A 772 -16.37 31.91 27.70
CA ALA A 772 -15.19 31.87 28.55
C ALA A 772 -13.94 31.55 27.74
N TRP A 773 -14.09 30.85 26.62
CA TRP A 773 -12.94 30.64 25.74
C TRP A 773 -12.63 31.91 24.96
N ASN A 774 -13.68 32.61 24.49
CA ASN A 774 -13.47 33.70 23.54
C ASN A 774 -12.71 34.87 24.16
N ASN A 775 -12.77 35.02 25.48
CA ASN A 775 -11.97 36.05 26.12
C ASN A 775 -10.49 35.75 26.02
N LEU A 776 -10.09 34.49 26.15
CA LEU A 776 -8.67 34.16 26.15
C LEU A 776 -8.05 34.34 24.77
N ILE A 777 -8.70 33.81 23.73
CA ILE A 777 -8.11 33.82 22.40
C ILE A 777 -8.02 35.24 21.84
N SER A 778 -8.82 36.18 22.35
CA SER A 778 -8.67 37.57 21.92
C SER A 778 -7.31 38.14 22.33
N SER A 779 -6.72 37.63 23.42
CA SER A 779 -5.43 38.14 23.86
C SER A 779 -4.33 37.82 22.87
N THR A 780 -4.25 36.56 22.43
CA THR A 780 -3.23 36.15 21.47
C THR A 780 -3.64 36.53 20.05
N PRO A 799 25.46 24.94 31.42
CA PRO A 799 25.33 24.33 32.74
C PRO A 799 25.25 25.37 33.86
N LEU A 800 26.16 26.36 33.85
CA LEU A 800 26.11 27.40 34.86
C LEU A 800 24.83 28.23 34.72
N GLU A 801 24.34 28.42 33.50
CA GLU A 801 23.04 29.03 33.31
C GLU A 801 21.95 28.17 33.95
N LEU A 802 22.10 26.85 33.86
CA LEU A 802 21.26 25.96 34.64
C LEU A 802 21.65 26.07 36.11
N LEU A 803 20.80 25.49 36.96
CA LEU A 803 20.85 25.56 38.43
C LEU A 803 20.43 26.91 38.99
N ASN A 804 20.08 27.88 38.14
CA ASN A 804 19.51 29.17 38.58
C ASN A 804 18.00 29.18 38.52
N PHE A 805 17.42 28.55 37.49
CA PHE A 805 15.98 28.27 37.51
C PHE A 805 15.65 27.31 38.64
N ASP A 806 16.51 26.33 38.86
CA ASP A 806 16.26 25.33 39.88
C ASP A 806 16.50 25.88 41.28
N ARG A 807 17.35 26.90 41.40
CA ARG A 807 17.41 27.65 42.65
C ARG A 807 16.04 28.21 43.01
N ALA A 808 15.38 28.82 42.05
CA ALA A 808 14.04 29.37 42.29
C ALA A 808 13.04 28.27 42.60
N ILE A 809 13.12 27.15 41.88
CA ILE A 809 12.17 26.06 42.10
C ILE A 809 12.31 25.51 43.51
N PHE A 810 13.54 25.17 43.92
CA PHE A 810 13.73 24.61 45.25
C PHE A 810 13.50 25.64 46.34
N LYS A 811 13.71 26.92 46.06
CA LYS A 811 13.36 27.95 47.03
C LYS A 811 11.85 28.01 47.23
N GLN A 812 11.08 27.86 46.16
CA GLN A 812 9.63 28.06 46.25
C GLN A 812 8.93 26.87 46.88
N VAL A 813 9.16 25.66 46.37
CA VAL A 813 8.39 24.47 46.72
C VAL A 813 9.23 23.53 47.59
N GLY A 814 10.15 24.09 48.37
CA GLY A 814 11.07 23.30 49.15
C GLY A 814 10.42 22.46 50.24
N PRO A 815 9.86 23.09 51.27
CA PRO A 815 9.36 22.31 52.42
C PRO A 815 8.22 21.36 52.11
N SER A 816 7.46 21.62 51.04
CA SER A 816 6.31 20.77 50.74
C SER A 816 6.73 19.36 50.38
N ILE A 817 7.76 19.22 49.54
CA ILE A 817 8.19 17.88 49.12
C ILE A 817 8.75 17.13 50.32
N VAL A 818 9.50 17.80 51.18
CA VAL A 818 10.07 17.14 52.36
C VAL A 818 8.98 16.68 53.30
N SER A 819 7.98 17.54 53.56
CA SER A 819 6.88 17.16 54.43
C SER A 819 6.09 15.99 53.84
N THR A 820 5.89 16.01 52.52
CA THR A 820 5.21 14.89 51.86
C THR A 820 5.99 13.60 52.01
N LEU A 821 7.32 13.67 51.79
CA LEU A 821 8.15 12.48 51.88
C LEU A 821 8.12 11.89 53.29
N PHE A 822 8.24 12.74 54.31
CA PHE A 822 8.23 12.22 55.67
C PHE A 822 6.86 11.71 56.08
N ASN A 823 5.79 12.39 55.65
CA ASN A 823 4.44 11.96 55.99
C ASN A 823 4.14 10.58 55.42
N ILE A 824 4.54 10.33 54.17
CA ILE A 824 4.30 9.01 53.60
C ILE A 824 5.32 8.00 54.13
N TYR A 825 6.52 8.45 54.51
CA TYR A 825 7.54 7.52 54.98
C TYR A 825 7.18 6.96 56.35
N VAL A 826 6.52 7.75 57.20
CA VAL A 826 6.20 7.30 58.55
C VAL A 826 5.24 6.10 58.49
N VAL A 827 4.22 6.19 57.64
CA VAL A 827 3.21 5.13 57.61
C VAL A 827 3.68 3.92 56.80
N ALA A 828 4.56 4.12 55.82
CA ALA A 828 4.97 3.02 54.96
C ALA A 828 5.80 2.01 55.73
N SER A 829 5.80 0.76 55.23
CA SER A 829 6.52 -0.34 55.86
C SER A 829 7.27 -1.24 54.88
N ASP A 830 7.21 -0.98 53.57
CA ASP A 830 7.91 -1.82 52.61
C ASP A 830 9.39 -1.48 52.58
N ASP A 831 10.22 -2.53 52.47
CA ASP A 831 11.67 -2.33 52.41
C ASP A 831 12.07 -1.53 51.18
N HIS A 832 11.60 -1.95 50.00
CA HIS A 832 12.04 -1.34 48.75
C HIS A 832 11.59 0.11 48.63
N ILE A 833 10.33 0.38 48.96
CA ILE A 833 9.84 1.75 48.86
C ILE A 833 10.53 2.64 49.89
N SER A 834 10.84 2.08 51.07
CA SER A 834 11.50 2.87 52.11
C SER A 834 12.91 3.24 51.69
N THR A 835 13.69 2.27 51.18
CA THR A 835 15.06 2.61 50.78
C THR A 835 15.09 3.50 49.55
N ARG A 836 14.13 3.34 48.62
CA ARG A 836 14.03 4.26 47.50
C ARG A 836 13.74 5.68 47.99
N MET A 837 12.81 5.80 48.94
CA MET A 837 12.46 7.11 49.48
C MET A 837 13.64 7.75 50.18
N ILE A 838 14.40 6.94 50.92
CA ILE A 838 15.53 7.49 51.67
C ILE A 838 16.68 7.86 50.73
N THR A 839 16.86 7.13 49.63
CA THR A 839 17.86 7.54 48.64
C THR A 839 17.48 8.86 47.99
N SER A 840 16.19 9.02 47.64
CA SER A 840 15.75 10.30 47.09
C SER A 840 15.90 11.41 48.12
N LEU A 841 15.65 11.11 49.40
CA LEU A 841 15.84 12.10 50.44
C LEU A 841 17.30 12.47 50.60
N ASP A 842 18.20 11.50 50.42
CA ASP A 842 19.63 11.80 50.45
C ASP A 842 19.99 12.76 49.32
N LYS A 843 19.45 12.51 48.12
CA LYS A 843 19.70 13.43 47.01
C LYS A 843 19.15 14.82 47.30
N CYS A 844 17.95 14.89 47.89
CA CYS A 844 17.37 16.18 48.24
C CYS A 844 18.20 16.90 49.29
N SER A 845 18.72 16.16 50.28
CA SER A 845 19.52 16.77 51.33
C SER A 845 20.84 17.28 50.77
N TYR A 846 21.44 16.55 49.83
CA TYR A 846 22.65 17.07 49.18
C TYR A 846 22.35 18.32 48.38
N ILE A 847 21.18 18.35 47.72
CA ILE A 847 20.77 19.54 46.97
C ILE A 847 20.64 20.73 47.92
N SER A 848 20.04 20.50 49.09
CA SER A 848 19.93 21.56 50.08
C SER A 848 21.30 21.99 50.57
N ALA A 849 22.22 21.04 50.75
CA ALA A 849 23.55 21.35 51.25
C ALA A 849 24.33 22.20 50.26
N PHE A 850 24.10 22.01 48.97
CA PHE A 850 24.93 22.70 47.98
C PHE A 850 24.64 24.19 47.94
N PHE A 851 23.36 24.57 47.93
CA PHE A 851 22.96 25.96 47.72
C PHE A 851 22.97 26.79 49.01
N ASP A 852 23.55 26.28 50.10
CA ASP A 852 23.56 26.98 51.40
C ASP A 852 22.14 27.26 51.88
N PHE A 853 21.22 26.31 51.65
CA PHE A 853 19.88 26.38 52.20
C PHE A 853 19.94 25.82 53.62
N LYS A 854 20.32 26.71 54.55
CA LYS A 854 20.38 26.33 55.96
C LYS A 854 19.01 25.88 56.47
N ASP A 855 18.00 26.71 56.25
CA ASP A 855 16.63 26.26 56.40
C ASP A 855 16.37 25.15 55.39
N LEU A 856 15.58 24.18 55.84
CA LEU A 856 15.21 22.93 55.16
C LEU A 856 16.31 21.88 55.14
N PHE A 857 17.59 22.27 55.25
CA PHE A 857 18.62 21.27 55.45
C PHE A 857 18.68 20.86 56.90
N ASN A 858 18.66 21.85 57.80
CA ASN A 858 18.51 21.54 59.21
C ASN A 858 17.19 20.84 59.48
N ASP A 859 16.14 21.18 58.73
CA ASP A 859 14.84 20.53 58.91
C ASP A 859 14.91 19.06 58.51
N ILE A 860 15.53 18.76 57.37
CA ILE A 860 15.64 17.37 56.92
C ILE A 860 16.46 16.56 57.92
N LEU A 861 17.60 17.10 58.35
CA LEU A 861 18.45 16.32 59.24
C LEU A 861 17.83 16.17 60.63
N ASN A 862 17.11 17.20 61.11
CA ASN A 862 16.44 17.07 62.40
C ASN A 862 15.29 16.06 62.33
N SER A 863 14.54 16.05 61.22
CA SER A 863 13.48 15.07 61.08
C SER A 863 14.04 13.66 60.99
N ILE A 864 15.18 13.49 60.31
CA ILE A 864 15.84 12.19 60.28
C ILE A 864 16.26 11.78 61.68
N ALA A 865 16.85 12.72 62.42
CA ALA A 865 17.34 12.41 63.76
C ALA A 865 16.18 12.10 64.72
N LYS A 866 15.01 12.68 64.47
CA LYS A 866 13.84 12.28 65.23
C LYS A 866 13.37 10.89 64.81
N GLY A 867 13.49 10.56 63.53
CA GLY A 867 13.03 9.28 63.04
C GLY A 867 13.95 8.11 63.31
N THR A 868 15.22 8.37 63.61
CA THR A 868 16.17 7.28 63.81
C THR A 868 15.91 6.51 65.11
N THR A 869 15.15 7.07 66.05
CA THR A 869 14.80 6.41 67.31
C THR A 869 16.06 6.19 68.17
N LEU A 870 16.83 7.27 68.35
CA LEU A 870 17.92 7.32 69.32
C LEU A 870 17.85 8.50 70.27
N ILE A 871 17.04 9.52 69.97
CA ILE A 871 16.87 10.69 70.82
C ILE A 871 15.55 10.50 71.57
N ASN A 872 15.65 10.23 72.86
CA ASN A 872 14.46 10.07 73.69
C ASN A 872 13.68 11.37 73.79
N PRO A 888 11.34 -0.72 81.46
CA PRO A 888 12.76 -0.59 81.77
C PRO A 888 13.51 -1.91 81.61
N MET A 889 14.80 -1.82 81.30
CA MET A 889 15.65 -3.00 81.14
C MET A 889 17.09 -2.56 81.34
N PRO A 890 17.66 -2.68 82.55
CA PRO A 890 19.09 -2.39 82.71
C PRO A 890 19.95 -3.29 81.83
N LEU A 891 21.00 -2.69 81.27
CA LEU A 891 21.74 -3.35 80.20
C LEU A 891 22.64 -4.45 80.76
N VAL A 892 23.10 -5.31 79.85
CA VAL A 892 23.77 -6.55 80.24
C VAL A 892 24.58 -7.03 79.04
N GLN A 893 25.65 -7.78 79.32
CA GLN A 893 26.41 -8.43 78.27
C GLN A 893 25.53 -9.42 77.52
N ILE A 903 28.42 -8.91 74.01
CA ILE A 903 27.84 -7.88 73.15
C ILE A 903 26.68 -7.25 73.93
N PRO A 904 26.62 -5.92 74.04
CA PRO A 904 25.66 -5.32 74.98
C PRO A 904 24.23 -5.43 74.47
N VAL A 905 23.31 -5.32 75.42
CA VAL A 905 21.87 -5.36 75.14
C VAL A 905 21.22 -4.26 75.97
N SER A 906 20.27 -3.56 75.38
CA SER A 906 19.61 -2.44 76.04
C SER A 906 18.25 -2.22 75.42
N THR A 907 17.45 -1.39 76.09
CA THR A 907 16.17 -0.97 75.52
C THR A 907 16.38 -0.22 74.22
N ASP A 908 17.35 0.71 74.20
CA ASP A 908 17.63 1.45 72.98
C ASP A 908 18.22 0.53 71.91
N ALA A 909 19.15 -0.34 72.31
CA ALA A 909 19.76 -1.25 71.34
C ALA A 909 18.74 -2.23 70.77
N VAL A 910 17.86 -2.76 71.62
CA VAL A 910 16.85 -3.71 71.14
C VAL A 910 15.85 -3.01 70.25
N ARG A 911 15.38 -1.83 70.66
CA ARG A 911 14.45 -1.06 69.82
C ARG A 911 15.09 -0.70 68.49
N PHE A 912 16.40 -0.47 68.47
CA PHE A 912 17.10 -0.18 67.24
C PHE A 912 17.13 -1.44 66.35
N GLY A 913 17.71 -2.51 66.86
CA GLY A 913 17.98 -3.67 66.02
C GLY A 913 16.72 -4.38 65.55
N ARG A 914 15.72 -4.49 66.41
CA ARG A 914 14.48 -5.14 66.01
C ARG A 914 13.77 -4.34 64.92
N SER A 915 13.78 -3.02 65.02
CA SER A 915 13.16 -2.18 64.01
C SER A 915 14.06 -2.09 62.79
N PHE A 916 13.48 -2.36 61.61
CA PHE A 916 14.24 -2.30 60.36
C PHE A 916 14.49 -0.86 59.92
N LYS A 917 13.61 0.08 60.30
CA LYS A 917 13.70 1.44 59.78
C LYS A 917 14.97 2.14 60.26
N GLY A 918 15.32 1.96 61.53
CA GLY A 918 16.44 2.69 62.10
C GLY A 918 17.78 2.33 61.51
N GLN A 919 17.95 1.05 61.12
CA GLN A 919 19.21 0.63 60.53
C GLN A 919 19.50 1.37 59.23
N LEU A 920 18.47 1.53 58.40
CA LEU A 920 18.63 2.27 57.15
C LEU A 920 18.54 3.78 57.37
N ASN A 921 18.03 4.24 58.51
CA ASN A 921 18.03 5.67 58.80
C ASN A 921 19.42 6.15 59.23
N THR A 922 20.07 5.39 60.12
CA THR A 922 21.35 5.82 60.65
C THR A 922 22.42 5.85 59.57
N VAL A 923 22.39 4.89 58.65
CA VAL A 923 23.44 4.79 57.64
C VAL A 923 23.43 6.01 56.73
N VAL A 924 22.25 6.45 56.29
CA VAL A 924 22.18 7.68 55.50
C VAL A 924 22.50 8.89 56.37
N PHE A 925 22.07 8.88 57.63
CA PHE A 925 22.26 10.06 58.47
C PHE A 925 23.74 10.33 58.74
N PHE A 926 24.57 9.28 58.76
CA PHE A 926 26.01 9.44 58.91
C PHE A 926 26.77 9.35 57.59
N ARG A 927 26.10 8.97 56.49
CA ARG A 927 26.69 9.17 55.17
C ARG A 927 26.65 10.65 54.78
N ILE A 928 25.56 11.33 55.09
CA ILE A 928 25.44 12.74 54.73
C ILE A 928 26.43 13.60 55.51
N ILE A 929 26.84 13.16 56.70
CA ILE A 929 27.79 13.93 57.50
C ILE A 929 29.14 13.98 56.79
N ARG A 930 29.53 12.88 56.14
CA ARG A 930 30.83 12.83 55.48
C ARG A 930 30.91 13.83 54.34
N ARG A 931 29.91 13.84 53.46
CA ARG A 931 29.99 14.67 52.26
C ARG A 931 29.74 16.15 52.52
N ASN A 932 29.35 16.54 53.74
CA ASN A 932 29.15 17.95 54.02
C ASN A 932 30.48 18.69 53.96
N LYS A 933 30.51 19.77 53.18
CA LYS A 933 31.70 20.58 52.98
C LYS A 933 31.70 21.81 53.89
N ASP A 934 30.67 22.63 53.80
CA ASP A 934 30.62 23.87 54.58
C ASP A 934 30.23 23.57 56.02
N PRO A 935 30.99 24.05 57.04
CA PRO A 935 30.59 23.75 58.42
C PRO A 935 29.45 24.63 58.91
N LYS A 936 29.41 25.88 58.45
CA LYS A 936 28.48 26.86 59.01
C LYS A 936 27.02 26.57 58.70
N ILE A 937 26.73 25.67 57.76
CA ILE A 937 25.33 25.36 57.43
C ILE A 937 24.64 24.68 58.60
N PHE A 938 25.37 23.96 59.43
CA PHE A 938 24.75 23.27 60.56
C PHE A 938 24.30 24.28 61.60
N SER A 939 23.13 24.03 62.19
CA SER A 939 22.53 24.90 63.20
C SER A 939 22.72 24.32 64.59
N LYS A 940 22.30 25.07 65.59
CA LYS A 940 22.47 24.66 66.98
C LYS A 940 21.66 23.42 67.29
N GLU A 941 20.42 23.34 66.77
CA GLU A 941 19.57 22.18 67.04
C GLU A 941 20.17 20.91 66.47
N LEU A 942 20.74 21.00 65.27
CA LEU A 942 21.35 19.83 64.66
C LEU A 942 22.56 19.36 65.46
N TRP A 943 23.36 20.31 65.98
CA TRP A 943 24.49 19.92 66.81
C TRP A 943 24.03 19.29 68.11
N LEU A 944 22.93 19.80 68.69
CA LEU A 944 22.37 19.17 69.88
C LEU A 944 21.94 17.73 69.57
N ASN A 945 21.30 17.53 68.42
CA ASN A 945 20.84 16.19 68.05
C ASN A 945 22.00 15.25 67.82
N ILE A 946 23.05 15.71 67.12
CA ILE A 946 24.15 14.81 66.80
C ILE A 946 24.98 14.50 68.05
N VAL A 947 25.16 15.49 68.94
CA VAL A 947 25.93 15.21 70.16
C VAL A 947 25.14 14.24 71.04
N ASN A 948 23.82 14.44 71.14
CA ASN A 948 23.01 13.51 71.92
C ASN A 948 23.01 12.12 71.28
N ILE A 949 23.08 12.05 69.96
CA ILE A 949 23.08 10.75 69.30
C ILE A 949 24.37 9.99 69.61
N ILE A 950 25.52 10.68 69.53
CA ILE A 950 26.77 9.99 69.78
C ILE A 950 26.86 9.59 71.26
N LEU A 951 26.39 10.45 72.17
CA LEU A 951 26.41 10.07 73.58
C LEU A 951 25.46 8.92 73.87
N THR A 952 24.27 8.92 73.27
CA THR A 952 23.33 7.83 73.48
C THR A 952 23.85 6.54 72.87
N LEU A 953 24.61 6.63 71.77
CA LEU A 953 25.24 5.45 71.22
C LEU A 953 26.32 4.94 72.16
N TYR A 954 27.06 5.87 72.79
CA TYR A 954 28.11 5.47 73.72
C TYR A 954 27.50 4.77 74.94
N GLU A 955 26.31 5.23 75.37
CA GLU A 955 25.67 4.74 76.60
C GLU A 955 25.53 3.24 76.66
N ASP A 956 25.24 2.59 75.54
CA ASP A 956 25.00 1.16 75.49
C ASP A 956 26.26 0.35 75.22
N LEU A 957 27.43 0.95 75.41
CA LEU A 957 28.71 0.28 75.12
C LEU A 957 28.79 -0.19 73.67
N ILE A 958 28.26 0.63 72.76
CA ILE A 958 28.35 0.32 71.33
C ILE A 958 29.74 0.69 70.81
N LEU A 959 30.07 1.98 70.88
CA LEU A 959 31.25 2.53 70.24
C LEU A 959 32.43 2.55 71.20
N SER A 960 33.59 2.16 70.70
CA SER A 960 34.80 2.30 71.49
C SER A 960 35.11 3.79 71.66
N PRO A 961 35.41 4.27 72.88
CA PRO A 961 35.79 5.69 73.00
C PRO A 961 37.06 6.08 72.27
N ASP A 962 37.92 5.12 71.91
CA ASP A 962 39.23 5.46 71.37
C ASP A 962 39.10 5.91 69.91
N ILE A 963 38.53 7.10 69.69
CA ILE A 963 38.45 7.63 68.35
C ILE A 963 39.83 8.03 67.86
N PHE A 964 40.63 8.65 68.73
CA PHE A 964 41.92 9.24 68.42
C PHE A 964 43.05 8.50 69.12
N PRO A 965 43.42 7.30 68.67
CA PRO A 965 44.58 6.62 69.27
C PRO A 965 45.89 7.37 69.08
N ASP A 966 45.99 8.20 68.03
CA ASP A 966 47.21 8.98 67.83
C ASP A 966 47.41 9.98 68.96
N LEU A 967 46.32 10.55 69.48
CA LEU A 967 46.41 11.44 70.62
C LEU A 967 46.96 10.72 71.84
N GLN A 968 46.50 9.50 72.08
CA GLN A 968 46.97 8.75 73.24
C GLN A 968 48.42 8.34 73.06
N LYS A 969 48.81 8.00 71.82
CA LYS A 969 50.21 7.67 71.55
C LYS A 969 51.10 8.88 71.77
N ARG A 970 50.64 10.06 71.37
CA ARG A 970 51.39 11.29 71.66
C ARG A 970 51.50 11.50 73.16
N LEU A 971 50.40 11.29 73.89
CA LEU A 971 50.41 11.40 75.34
C LEU A 971 50.96 10.15 76.01
N LYS A 972 51.03 9.02 75.30
CA LYS A 972 51.53 7.76 75.84
C LYS A 972 50.74 7.32 77.07
N LEU A 973 49.44 7.08 76.84
CA LEU A 973 48.51 6.65 77.87
C LEU A 973 47.72 5.44 77.38
N SER A 974 47.16 4.71 78.33
CA SER A 974 46.34 3.55 78.01
C SER A 974 44.98 4.00 77.48
N ASN A 975 44.16 3.02 77.09
CA ASN A 975 42.84 3.31 76.54
C ASN A 975 41.93 3.89 77.63
N LEU A 976 40.79 4.40 77.20
CA LEU A 976 39.86 5.03 78.13
C LEU A 976 39.25 3.96 79.04
N PRO A 977 38.69 4.35 80.20
CA PRO A 977 37.97 3.39 81.04
C PRO A 977 36.56 3.21 80.51
N LYS A 978 36.29 2.04 79.95
CA LYS A 978 34.97 1.79 79.37
C LYS A 978 33.91 1.75 80.47
N PRO A 979 32.68 2.16 80.18
CA PRO A 979 31.65 2.13 81.23
C PRO A 979 31.20 0.70 81.48
N SER A 980 31.12 0.33 82.76
CA SER A 980 30.76 -1.04 83.10
C SER A 980 29.29 -1.29 82.80
N PRO A 981 28.89 -2.57 82.59
CA PRO A 981 27.46 -2.86 82.49
C PRO A 981 26.85 -3.06 83.87
N GLU A 982 25.53 -3.24 83.94
CA GLU A 982 24.91 -3.51 85.23
C GLU A 982 25.32 -4.88 85.76
N ILE A 983 25.18 -5.91 84.94
CA ILE A 983 25.61 -7.27 85.24
C ILE A 983 26.36 -7.77 84.01
N SER A 984 27.27 -8.73 84.23
CA SER A 984 28.06 -9.34 83.18
C SER A 984 27.98 -10.85 83.32
N ILE A 985 27.38 -11.51 82.32
CA ILE A 985 27.22 -12.96 82.29
C ILE A 985 27.96 -13.49 81.07
N ASN A 986 28.84 -14.45 81.30
CA ASN A 986 29.62 -15.06 80.23
C ASN A 986 28.85 -16.23 79.61
N LYS A 987 29.33 -16.67 78.45
CA LYS A 987 28.79 -17.85 77.79
C LYS A 987 29.90 -18.55 76.98
N GLY A 1004 13.16 -16.26 89.14
CA GLY A 1004 13.56 -16.40 87.75
C GLY A 1004 14.28 -15.18 87.23
N ASP A 1005 15.58 -15.32 86.99
CA ASP A 1005 16.37 -14.19 86.51
C ASP A 1005 15.93 -13.79 85.10
N GLU A 1006 15.99 -12.48 84.84
CA GLU A 1006 15.62 -11.93 83.54
C GLU A 1006 16.84 -11.86 82.63
N GLU A 1007 17.47 -13.02 82.42
CA GLU A 1007 18.57 -13.08 81.48
C GLU A 1007 18.03 -12.86 80.07
N PRO A 1008 18.77 -12.21 79.17
CA PRO A 1008 18.28 -12.11 77.78
C PRO A 1008 18.27 -13.49 77.13
N THR A 1009 17.07 -13.97 76.80
CA THR A 1009 16.95 -15.25 76.12
C THR A 1009 17.59 -15.19 74.74
N GLU A 1010 17.82 -16.37 74.17
CA GLU A 1010 18.47 -16.47 72.87
C GLU A 1010 17.68 -15.77 71.76
N GLU A 1011 16.37 -15.62 71.93
CA GLU A 1011 15.55 -14.96 70.92
C GLU A 1011 15.77 -13.45 70.92
N GLU A 1012 16.28 -12.87 72.01
CA GLU A 1012 16.44 -11.43 72.12
C GLU A 1012 17.81 -10.92 71.67
N ILE A 1013 18.80 -11.79 71.51
CA ILE A 1013 20.16 -11.32 71.31
C ILE A 1013 20.42 -10.90 69.86
N LYS A 1014 19.68 -11.46 68.90
CA LYS A 1014 20.00 -11.22 67.49
C LYS A 1014 19.82 -9.76 67.10
N SER A 1015 18.92 -9.05 67.77
CA SER A 1015 18.77 -7.62 67.54
C SER A 1015 20.06 -6.88 67.87
N SER A 1016 20.70 -7.24 68.98
CA SER A 1016 21.93 -6.59 69.38
C SER A 1016 23.04 -6.86 68.37
N LYS A 1017 23.15 -8.10 67.88
CA LYS A 1017 24.20 -8.41 66.92
C LYS A 1017 23.97 -7.70 65.59
N LYS A 1018 22.71 -7.63 65.14
CA LYS A 1018 22.42 -6.90 63.91
C LYS A 1018 22.75 -5.43 64.05
N ALA A 1019 22.39 -4.83 65.20
CA ALA A 1019 22.71 -3.43 65.45
C ALA A 1019 24.21 -3.23 65.49
N MET A 1020 24.95 -4.16 66.10
CA MET A 1020 26.40 -4.07 66.17
C MET A 1020 27.01 -4.06 64.78
N GLU A 1021 26.61 -5.03 63.94
CA GLU A 1021 27.20 -5.13 62.60
C GLU A 1021 26.85 -3.91 61.75
N CYS A 1022 25.60 -3.46 61.81
CA CYS A 1022 25.21 -2.32 60.97
C CYS A 1022 25.87 -1.03 61.45
N ILE A 1023 26.01 -0.84 62.77
CA ILE A 1023 26.65 0.36 63.27
C ILE A 1023 28.14 0.35 62.94
N LYS A 1024 28.77 -0.82 63.01
CA LYS A 1024 30.17 -0.92 62.60
C LYS A 1024 30.33 -0.63 61.12
N SER A 1025 29.36 -1.08 60.30
CA SER A 1025 29.40 -0.76 58.88
C SER A 1025 29.17 0.72 58.64
N SER A 1026 28.42 1.39 59.51
CA SER A 1026 28.15 2.82 59.31
C SER A 1026 29.42 3.66 59.45
N ASN A 1027 30.39 3.20 60.25
CA ASN A 1027 31.66 3.90 60.44
C ASN A 1027 31.44 5.28 61.06
N ILE A 1028 30.89 5.27 62.27
CA ILE A 1028 30.63 6.50 63.00
C ILE A 1028 31.93 7.26 63.32
N ALA A 1029 33.04 6.54 63.50
CA ALA A 1029 34.28 7.19 63.93
C ALA A 1029 34.81 8.12 62.85
N ALA A 1030 34.90 7.64 61.62
CA ALA A 1030 35.46 8.43 60.53
C ALA A 1030 34.50 9.47 59.97
N SER A 1031 33.22 9.47 60.38
CA SER A 1031 32.23 10.33 59.77
C SER A 1031 32.20 11.72 60.39
N VAL A 1032 31.89 11.79 61.69
CA VAL A 1032 31.72 13.09 62.33
C VAL A 1032 33.08 13.76 62.54
N PHE A 1033 34.04 13.02 63.11
CA PHE A 1033 35.33 13.55 63.49
C PHE A 1033 36.43 13.23 62.49
N GLY A 1034 36.27 12.21 61.66
CA GLY A 1034 37.32 11.85 60.72
C GLY A 1034 37.58 12.91 59.67
N ASN A 1035 36.51 13.46 59.10
CA ASN A 1035 36.66 14.48 58.07
C ASN A 1035 36.92 15.84 58.72
N GLU A 1036 37.96 16.53 58.23
CA GLU A 1036 38.40 17.76 58.86
C GLU A 1036 37.42 18.91 58.68
N SER A 1037 36.51 18.83 57.71
CA SER A 1037 35.65 19.97 57.41
C SER A 1037 34.57 20.21 58.48
N ASN A 1038 34.30 19.24 59.34
CA ASN A 1038 33.15 19.32 60.26
C ASN A 1038 33.48 19.95 61.60
N ILE A 1039 34.75 20.20 61.90
CA ILE A 1039 35.13 20.76 63.20
C ILE A 1039 35.00 22.27 63.15
N THR A 1040 34.40 22.83 64.19
CA THR A 1040 34.25 24.28 64.34
C THR A 1040 33.91 24.53 65.80
N ALA A 1041 33.84 25.82 66.16
CA ALA A 1041 33.62 26.20 67.56
C ALA A 1041 32.30 25.66 68.10
N ASP A 1042 31.30 25.54 67.23
CA ASP A 1042 30.00 25.00 67.66
C ASP A 1042 30.13 23.57 68.16
N LEU A 1043 31.01 22.78 67.54
CA LEU A 1043 31.15 21.38 67.94
C LEU A 1043 31.69 21.26 69.36
N ILE A 1044 32.79 21.96 69.66
CA ILE A 1044 33.36 21.84 71.00
C ILE A 1044 32.44 22.47 72.03
N LYS A 1045 31.81 23.61 71.68
CA LYS A 1045 30.90 24.25 72.61
C LYS A 1045 29.71 23.35 72.94
N THR A 1046 29.14 22.71 71.92
CA THR A 1046 28.00 21.82 72.14
C THR A 1046 28.43 20.54 72.85
N LEU A 1047 29.66 20.08 72.62
CA LEU A 1047 30.16 18.92 73.35
C LEU A 1047 30.28 19.22 74.83
N LEU A 1048 30.83 20.39 75.18
CA LEU A 1048 30.91 20.76 76.59
C LEU A 1048 29.53 20.98 77.19
N ASP A 1049 28.62 21.58 76.44
CA ASP A 1049 27.29 21.85 76.98
C ASP A 1049 26.52 20.58 77.29
N SER A 1050 26.79 19.50 76.55
CA SER A 1050 26.11 18.23 76.75
C SER A 1050 26.77 17.34 77.80
N ALA A 1051 27.85 17.78 78.44
CA ALA A 1051 28.47 16.98 79.47
C ALA A 1051 27.56 16.91 80.70
N LYS A 1052 27.57 15.75 81.35
CA LYS A 1052 26.76 15.51 82.54
C LYS A 1052 27.54 15.93 83.77
N THR A 1053 27.03 16.92 84.50
CA THR A 1053 27.70 17.46 85.69
C THR A 1053 27.26 16.75 86.97
N GLU A 1054 25.96 16.70 87.23
CA GLU A 1054 25.48 16.07 88.45
C GLU A 1054 25.64 14.56 88.35
N LYS A 1055 25.42 13.88 89.49
CA LYS A 1055 25.54 12.44 89.62
C LYS A 1055 24.31 11.94 90.35
N ASN A 1056 23.27 11.59 89.60
CA ASN A 1056 22.03 11.07 90.17
C ASN A 1056 22.23 9.59 90.50
N ALA A 1057 21.13 8.87 90.76
CA ALA A 1057 21.24 7.49 91.20
C ALA A 1057 21.75 6.58 90.09
N ASP A 1058 21.01 6.46 88.99
CA ASP A 1058 21.30 5.39 88.03
C ASP A 1058 22.55 5.69 87.20
N ASN A 1059 22.87 6.96 86.97
CA ASN A 1059 23.92 7.32 86.02
C ASN A 1059 25.33 7.04 86.52
N SER A 1060 25.50 6.62 87.79
CA SER A 1060 26.83 6.29 88.30
C SER A 1060 27.47 5.12 87.58
N ARG A 1061 26.69 4.31 86.85
CA ARG A 1061 27.26 3.29 85.98
C ARG A 1061 28.24 3.88 84.98
N TYR A 1062 27.94 5.06 84.44
CA TYR A 1062 28.72 5.66 83.35
C TYR A 1062 29.07 7.13 83.58
N PHE A 1063 29.03 7.63 84.82
CA PHE A 1063 29.22 9.06 85.04
C PHE A 1063 30.64 9.48 84.67
N GLU A 1064 31.62 9.03 85.45
CA GLU A 1064 32.98 9.56 85.32
C GLU A 1064 33.58 9.24 83.96
N ALA A 1065 33.24 8.07 83.40
CA ALA A 1065 33.77 7.67 82.10
C ALA A 1065 33.35 8.66 81.03
N GLU A 1066 32.06 9.03 81.01
CA GLU A 1066 31.60 9.98 79.99
C GLU A 1066 32.31 11.30 80.16
N LEU A 1067 32.67 11.64 81.40
CA LEU A 1067 33.38 12.89 81.65
C LEU A 1067 34.67 12.91 80.85
N LEU A 1068 35.49 11.84 81.00
CA LEU A 1068 36.70 11.72 80.19
C LEU A 1068 36.38 11.66 78.72
N PHE A 1069 35.26 10.98 78.36
CA PHE A 1069 34.85 10.87 76.96
C PHE A 1069 34.74 12.25 76.33
N ILE A 1070 33.97 13.14 76.97
CA ILE A 1070 33.77 14.48 76.42
C ILE A 1070 35.10 15.19 76.31
N ILE A 1071 35.91 15.03 77.34
CA ILE A 1071 37.18 15.73 77.45
C ILE A 1071 38.08 15.34 76.29
N GLU A 1072 38.17 14.03 76.00
CA GLU A 1072 39.06 13.58 74.93
C GLU A 1072 38.67 14.17 73.59
N LEU A 1073 37.36 14.16 73.28
CA LEU A 1073 36.92 14.67 71.99
C LEU A 1073 37.27 16.13 71.86
N THR A 1074 37.10 16.89 72.95
CA THR A 1074 37.36 18.31 72.94
C THR A 1074 38.81 18.57 72.58
N ILE A 1075 39.71 17.79 73.19
CA ILE A 1075 41.14 18.02 72.98
C ILE A 1075 41.46 17.78 71.52
N ALA A 1076 40.94 16.67 70.98
CA ALA A 1076 41.25 16.33 69.60
C ALA A 1076 40.67 17.37 68.66
N LEU A 1077 39.45 17.83 68.96
CA LEU A 1077 38.87 18.87 68.14
C LEU A 1077 39.67 20.15 68.28
N PHE A 1078 40.12 20.45 69.50
CA PHE A 1078 40.93 21.63 69.69
C PHE A 1078 42.28 21.48 69.02
N LEU A 1079 42.76 20.23 68.87
CA LEU A 1079 44.02 20.05 68.16
C LEU A 1079 43.83 20.25 66.65
N PHE A 1080 42.61 20.01 66.15
CA PHE A 1080 42.30 20.28 64.75
C PHE A 1080 41.70 21.67 64.52
N CYS A 1081 41.30 22.37 65.58
CA CYS A 1081 40.82 23.74 65.40
C CYS A 1081 41.96 24.64 64.98
N LYS A 1082 41.71 25.48 63.97
CA LYS A 1082 42.75 26.32 63.40
C LYS A 1082 43.12 27.46 64.37
N GLU A 1083 42.15 28.30 64.70
CA GLU A 1083 42.37 29.35 65.69
C GLU A 1083 42.25 28.78 67.09
N GLU A 1084 42.97 29.39 68.04
CA GLU A 1084 42.93 29.00 69.44
C GLU A 1084 42.86 30.16 70.42
N LYS A 1085 43.07 31.41 69.99
CA LYS A 1085 43.16 32.51 70.95
C LYS A 1085 41.81 32.80 71.60
N GLU A 1086 40.74 32.83 70.81
CA GLU A 1086 39.44 33.27 71.28
C GLU A 1086 38.60 32.16 71.92
N LEU A 1087 38.98 30.89 71.73
CA LEU A 1087 38.11 29.77 72.03
C LEU A 1087 38.60 29.01 73.26
N GLY A 1088 39.90 28.74 73.36
CA GLY A 1088 40.44 27.83 74.36
C GLY A 1088 40.24 28.26 75.80
N LYS A 1089 40.03 29.55 76.04
CA LYS A 1089 39.67 29.99 77.38
C LYS A 1089 38.36 29.35 77.81
N PHE A 1090 37.43 29.19 76.86
CA PHE A 1090 36.16 28.51 77.14
C PHE A 1090 36.40 27.07 77.59
N ILE A 1091 37.21 26.32 76.84
CA ILE A 1091 37.44 24.92 77.18
C ILE A 1091 38.17 24.81 78.51
N LEU A 1092 39.18 25.64 78.74
CA LEU A 1092 39.94 25.51 79.97
C LEU A 1092 39.09 25.86 81.19
N GLN A 1093 38.28 26.94 81.09
CA GLN A 1093 37.37 27.28 82.18
C GLN A 1093 36.36 26.17 82.42
N LYS A 1094 35.81 25.60 81.35
CA LYS A 1094 34.81 24.54 81.51
C LYS A 1094 35.42 23.32 82.17
N VAL A 1095 36.53 22.81 81.63
CA VAL A 1095 37.14 21.60 82.20
C VAL A 1095 37.62 21.82 83.61
N PHE A 1096 38.03 23.05 83.96
CA PHE A 1096 38.35 23.29 85.36
C PHE A 1096 37.08 23.32 86.22
N GLN A 1097 35.93 23.66 85.63
CA GLN A 1097 34.66 23.49 86.36
C GLN A 1097 34.35 22.01 86.56
N LEU A 1098 34.43 21.21 85.48
CA LEU A 1098 34.19 19.78 85.58
C LEU A 1098 35.18 19.06 86.50
N SER A 1099 36.37 19.62 86.71
CA SER A 1099 37.33 18.98 87.61
C SER A 1099 36.88 19.05 89.07
N HIS A 1100 36.18 20.11 89.44
CA HIS A 1100 35.77 20.30 90.84
C HIS A 1100 34.58 19.45 91.24
N THR A 1101 34.04 18.62 90.34
CA THR A 1101 32.96 17.70 90.74
C THR A 1101 33.48 16.71 91.77
N LYS A 1102 32.67 16.47 92.79
CA LYS A 1102 33.07 15.65 93.92
C LYS A 1102 32.74 14.18 93.67
N GLY A 1103 33.23 13.33 94.57
CA GLY A 1103 32.91 11.91 94.51
C GLY A 1103 33.45 11.21 93.29
N LEU A 1104 34.73 11.45 92.96
CA LEU A 1104 35.40 10.84 91.83
C LEU A 1104 36.60 10.04 92.30
N THR A 1105 36.81 8.88 91.69
CA THR A 1105 37.97 8.06 92.04
C THR A 1105 39.26 8.78 91.68
N LYS A 1106 40.36 8.34 92.30
CA LYS A 1106 41.65 8.96 92.03
C LYS A 1106 42.12 8.74 90.59
N ARG A 1107 41.66 7.65 89.95
CA ARG A 1107 42.07 7.37 88.57
C ARG A 1107 41.65 8.48 87.62
N THR A 1108 40.40 8.93 87.74
CA THR A 1108 39.94 9.95 86.80
C THR A 1108 40.62 11.29 87.03
N VAL A 1109 40.96 11.62 88.28
CA VAL A 1109 41.64 12.89 88.54
C VAL A 1109 43.06 12.83 88.00
N ARG A 1110 43.75 11.71 88.23
CA ARG A 1110 45.08 11.53 87.65
C ARG A 1110 45.04 11.57 86.13
N ARG A 1111 43.94 11.10 85.54
CA ARG A 1111 43.78 11.18 84.09
C ARG A 1111 43.52 12.61 83.64
N MET A 1112 42.74 13.37 84.40
CA MET A 1112 42.28 14.67 83.96
C MET A 1112 43.34 15.75 84.12
N LEU A 1113 44.25 15.58 85.09
CA LEU A 1113 45.30 16.57 85.28
C LEU A 1113 46.24 16.62 84.07
N THR A 1114 46.39 15.49 83.36
CA THR A 1114 47.19 15.48 82.15
C THR A 1114 46.61 16.40 81.09
N TYR A 1115 45.29 16.35 80.88
CA TYR A 1115 44.72 17.26 79.89
C TYR A 1115 44.63 18.69 80.40
N LYS A 1116 44.57 18.88 81.72
CA LYS A 1116 44.69 20.24 82.26
C LYS A 1116 46.02 20.86 81.85
N ILE A 1117 47.12 20.15 82.08
CA ILE A 1117 48.42 20.69 81.68
C ILE A 1117 48.53 20.75 80.16
N LEU A 1118 47.81 19.88 79.44
CA LEU A 1118 47.82 19.96 77.98
C LEU A 1118 47.21 21.26 77.48
N LEU A 1119 46.04 21.63 78.01
CA LEU A 1119 45.44 22.91 77.65
C LEU A 1119 46.34 24.06 78.05
N ILE A 1120 46.95 23.96 79.23
CA ILE A 1120 47.82 25.05 79.69
C ILE A 1120 49.04 25.17 78.78
N SER A 1121 49.51 24.06 78.22
CA SER A 1121 50.57 24.13 77.23
C SER A 1121 50.07 24.77 75.95
N LEU A 1122 48.83 24.47 75.54
CA LEU A 1122 48.32 24.96 74.27
C LEU A 1122 47.88 26.42 74.37
N CYS A 1123 46.89 26.71 75.19
CA CYS A 1123 46.29 28.03 75.20
C CYS A 1123 47.23 29.03 75.87
N ALA A 1124 46.87 30.32 75.75
CA ALA A 1124 47.78 31.42 76.04
C ALA A 1124 47.42 32.15 77.33
N ASP A 1125 48.46 32.54 78.07
CA ASP A 1125 48.40 33.57 79.13
C ASP A 1125 47.37 33.28 80.22
N GLN A 1126 47.07 32.00 80.46
CA GLN A 1126 46.21 31.59 81.57
C GLN A 1126 47.04 31.39 82.83
N THR A 1127 47.62 32.49 83.31
CA THR A 1127 48.48 32.43 84.49
C THR A 1127 47.68 32.07 85.74
N GLU A 1128 46.45 32.58 85.85
CA GLU A 1128 45.66 32.36 87.06
C GLU A 1128 45.32 30.89 87.24
N TYR A 1129 44.90 30.24 86.15
CA TYR A 1129 44.55 28.82 86.24
C TYR A 1129 45.77 27.96 86.44
N LEU A 1130 46.93 28.36 85.89
CA LEU A 1130 48.16 27.64 86.19
C LEU A 1130 48.51 27.72 87.66
N SER A 1131 48.37 28.91 88.25
CA SER A 1131 48.62 29.05 89.68
C SER A 1131 47.63 28.22 90.50
N LYS A 1132 46.36 28.20 90.07
CA LYS A 1132 45.36 27.41 90.78
C LYS A 1132 45.68 25.91 90.69
N LEU A 1133 46.08 25.45 89.52
CA LEU A 1133 46.45 24.04 89.35
C LEU A 1133 47.66 23.69 90.21
N ILE A 1134 48.65 24.59 90.25
CA ILE A 1134 49.86 24.31 91.01
C ILE A 1134 49.52 24.26 92.50
N ASN A 1135 48.76 25.24 92.99
CA ASN A 1135 48.50 25.33 94.41
C ASN A 1135 47.57 24.22 94.89
N ASP A 1136 46.45 24.00 94.20
CA ASP A 1136 45.42 23.11 94.73
C ASP A 1136 45.73 21.65 94.41
N GLU A 1137 45.83 21.32 93.12
CA GLU A 1137 45.87 19.92 92.72
C GLU A 1137 47.16 19.23 93.16
N LEU A 1138 48.28 19.94 93.14
CA LEU A 1138 49.59 19.30 93.33
C LEU A 1138 50.02 19.28 94.80
N LEU A 1139 50.06 20.44 95.45
CA LEU A 1139 50.54 20.48 96.83
C LEU A 1139 49.49 19.94 97.79
N LYS A 1140 48.25 20.42 97.67
CA LYS A 1140 47.25 20.12 98.68
C LYS A 1140 46.79 18.67 98.61
N LYS A 1141 46.51 18.17 97.41
CA LYS A 1141 46.05 16.79 97.22
C LYS A 1141 47.26 15.86 97.16
N GLY A 1142 47.87 15.68 98.33
CA GLY A 1142 49.03 14.81 98.41
C GLY A 1142 48.68 13.34 98.20
N ASP A 1143 47.53 12.91 98.71
CA ASP A 1143 47.18 11.50 98.68
C ASP A 1143 46.90 11.02 97.25
N ILE A 1144 46.39 11.89 96.38
CA ILE A 1144 46.03 11.46 95.04
C ILE A 1144 47.30 11.19 94.22
N PHE A 1145 48.27 12.09 94.31
CA PHE A 1145 49.52 12.02 93.55
C PHE A 1145 50.66 11.78 94.53
N THR A 1146 51.25 10.58 94.46
CA THR A 1146 52.20 10.10 95.47
C THR A 1146 53.47 9.56 94.83
N GLN A 1147 54.27 8.88 95.64
CA GLN A 1147 55.43 8.15 95.13
C GLN A 1147 55.01 7.16 94.05
N LYS A 1148 53.92 6.43 94.29
CA LYS A 1148 53.53 5.36 93.38
C LYS A 1148 53.09 5.91 92.02
N PHE A 1149 52.32 6.99 92.02
CA PHE A 1149 51.77 7.49 90.76
C PHE A 1149 52.84 8.09 89.88
N PHE A 1150 53.74 8.89 90.45
CA PHE A 1150 54.77 9.51 89.63
C PHE A 1150 55.79 8.52 89.11
N ALA A 1151 55.95 7.37 89.78
CA ALA A 1151 56.85 6.34 89.27
C ALA A 1151 56.35 5.71 87.97
N THR A 1152 55.05 5.80 87.69
CA THR A 1152 54.51 5.18 86.48
C THR A 1152 54.90 6.00 85.26
N ASN A 1153 54.51 5.49 84.08
CA ASN A 1153 54.79 6.19 82.83
C ASN A 1153 54.05 7.53 82.79
N GLN A 1154 52.80 7.55 83.28
CA GLN A 1154 51.94 8.73 83.20
C GLN A 1154 52.58 9.92 83.88
N GLY A 1155 53.16 9.71 85.06
CA GLY A 1155 53.82 10.81 85.76
C GLY A 1155 55.02 11.33 85.02
N LYS A 1156 55.82 10.44 84.42
CA LYS A 1156 56.98 10.88 83.66
C LYS A 1156 56.58 11.70 82.45
N GLU A 1157 55.57 11.25 81.71
CA GLU A 1157 55.08 12.03 80.58
C GLU A 1157 54.46 13.34 81.05
N PHE A 1158 53.79 13.33 82.19
CA PHE A 1158 53.22 14.56 82.74
C PHE A 1158 54.31 15.57 83.06
N LEU A 1159 55.38 15.14 83.70
CA LEU A 1159 56.47 16.05 84.02
C LEU A 1159 57.17 16.54 82.76
N LYS A 1160 57.33 15.66 81.77
CA LYS A 1160 57.96 16.07 80.52
C LYS A 1160 57.13 17.13 79.81
N ARG A 1161 55.80 16.96 79.80
CA ARG A 1161 54.96 18.01 79.24
C ARG A 1161 54.94 19.26 80.11
N LEU A 1162 55.08 19.10 81.43
CA LEU A 1162 55.01 20.25 82.32
C LEU A 1162 56.23 21.16 82.16
N PHE A 1163 57.43 20.58 82.04
CA PHE A 1163 58.62 21.42 81.90
C PHE A 1163 58.67 22.16 80.56
N SER A 1164 57.91 21.71 79.56
CA SER A 1164 57.84 22.45 78.31
C SER A 1164 57.22 23.83 78.51
N LEU A 1165 56.38 24.00 79.53
CA LEU A 1165 55.86 25.32 79.85
C LEU A 1165 56.99 26.27 80.24
N THR A 1166 57.92 25.80 81.08
CA THR A 1166 59.09 26.61 81.40
C THR A 1166 59.93 26.84 80.15
N GLU A 1167 60.06 25.81 79.30
CA GLU A 1167 60.75 26.01 78.04
C GLU A 1167 59.99 27.00 77.15
N SER A 1168 58.67 26.89 77.13
CA SER A 1168 57.86 27.72 76.25
C SER A 1168 57.90 29.18 76.66
N GLU A 1169 57.69 30.07 75.68
CA GLU A 1169 57.81 31.50 75.91
C GLU A 1169 56.60 32.12 76.60
N PHE A 1170 55.48 31.40 76.72
CA PHE A 1170 54.29 32.00 77.28
C PHE A 1170 54.46 32.28 78.78
N TYR A 1171 54.66 31.23 79.56
CA TYR A 1171 54.57 31.29 81.02
C TYR A 1171 55.93 31.25 81.72
N ARG A 1172 57.04 31.37 80.98
CA ARG A 1172 58.36 31.17 81.57
C ARG A 1172 58.66 32.22 82.64
N GLY A 1173 58.50 33.50 82.27
CA GLY A 1173 58.76 34.57 83.23
C GLY A 1173 57.84 34.52 84.43
N PHE A 1174 56.61 34.06 84.23
CA PHE A 1174 55.71 33.85 85.35
C PHE A 1174 56.17 32.68 86.21
N LEU A 1175 56.51 31.55 85.58
CA LEU A 1175 56.64 30.33 86.35
C LEU A 1175 57.94 30.30 87.16
N LEU A 1176 59.03 30.84 86.59
CA LEU A 1176 60.30 30.82 87.33
C LEU A 1176 60.26 31.68 88.59
N GLY A 1177 59.39 32.68 88.65
CA GLY A 1177 59.30 33.53 89.84
C GLY A 1177 58.52 32.94 90.99
N ASN A 1178 57.61 32.01 90.72
CA ASN A 1178 56.69 31.53 91.73
C ASN A 1178 57.36 30.61 92.74
N GLU A 1179 56.92 30.69 93.98
CA GLU A 1179 57.42 29.82 95.04
C GLU A 1179 56.81 28.43 94.95
N ASN A 1180 55.53 28.34 94.56
CA ASN A 1180 54.81 27.07 94.66
C ASN A 1180 55.37 26.04 93.71
N PHE A 1181 55.74 26.46 92.49
CA PHE A 1181 56.29 25.53 91.52
C PHE A 1181 57.60 24.93 92.01
N TRP A 1182 58.51 25.78 92.49
CA TRP A 1182 59.79 25.27 92.97
C TRP A 1182 59.62 24.46 94.24
N LYS A 1183 58.62 24.77 95.06
CA LYS A 1183 58.31 23.90 96.19
C LYS A 1183 57.87 22.53 95.70
N PHE A 1184 57.10 22.48 94.62
CA PHE A 1184 56.69 21.19 94.07
C PHE A 1184 57.89 20.40 93.55
N LEU A 1185 58.82 21.07 92.87
CA LEU A 1185 60.01 20.32 92.42
C LEU A 1185 60.88 19.90 93.60
N ARG A 1186 60.91 20.69 94.67
CA ARG A 1186 61.60 20.26 95.88
C ARG A 1186 60.95 19.00 96.45
N LYS A 1187 59.62 18.92 96.40
CA LYS A 1187 58.95 17.71 96.83
C LYS A 1187 59.31 16.54 95.91
N VAL A 1188 59.26 16.75 94.60
CA VAL A 1188 59.41 15.63 93.67
C VAL A 1188 60.86 15.16 93.57
N THR A 1189 61.83 15.98 93.96
CA THR A 1189 63.22 15.53 93.96
C THR A 1189 63.45 14.40 94.96
N ALA A 1190 62.64 14.31 96.01
CA ALA A 1190 62.72 13.19 96.93
C ALA A 1190 62.37 11.86 96.26
N MET A 1191 61.63 11.89 95.16
CA MET A 1191 61.29 10.66 94.44
C MET A 1191 62.56 10.14 93.78
N LYS A 1192 62.96 8.91 94.14
CA LYS A 1192 64.24 8.40 93.64
C LYS A 1192 64.18 8.13 92.14
N GLU A 1193 63.03 7.75 91.61
CA GLU A 1193 62.92 7.49 90.17
C GLU A 1193 63.08 8.77 89.37
N GLN A 1194 62.53 9.88 89.86
CA GLN A 1194 62.42 11.11 89.09
C GLN A 1194 63.61 12.04 89.23
N SER A 1195 64.61 11.70 90.06
CA SER A 1195 65.73 12.61 90.28
C SER A 1195 66.53 12.84 89.01
N GLU A 1196 66.74 11.78 88.22
CA GLU A 1196 67.49 11.92 86.98
C GLU A 1196 66.76 12.83 85.99
N SER A 1197 65.43 12.76 85.95
CA SER A 1197 64.66 13.61 85.04
C SER A 1197 64.80 15.08 85.41
N ILE A 1198 64.68 15.40 86.70
CA ILE A 1198 64.80 16.78 87.14
C ILE A 1198 66.21 17.29 86.88
N PHE A 1199 67.21 16.43 87.12
CA PHE A 1199 68.59 16.85 86.85
C PHE A 1199 68.83 17.08 85.37
N GLU A 1200 68.24 16.23 84.53
CA GLU A 1200 68.36 16.41 83.08
C GLU A 1200 67.75 17.74 82.66
N TYR A 1201 66.58 18.06 83.21
CA TYR A 1201 65.93 19.32 82.89
C TYR A 1201 66.78 20.51 83.33
N LEU A 1202 67.33 20.45 84.55
CA LEU A 1202 68.13 21.56 85.06
C LEU A 1202 69.40 21.72 84.26
N ASN A 1203 70.06 20.62 83.91
CA ASN A 1203 71.30 20.70 83.14
C ASN A 1203 71.04 21.22 81.73
N GLU A 1204 69.94 20.81 81.11
CA GLU A 1204 69.58 21.36 79.81
C GLU A 1204 69.29 22.85 79.92
N SER A 1205 68.57 23.25 80.96
CA SER A 1205 68.09 24.63 81.04
C SER A 1205 69.22 25.60 81.35
N ILE A 1206 70.11 25.24 82.29
CA ILE A 1206 71.11 26.18 82.75
C ILE A 1206 72.14 26.47 81.66
N LYS A 1207 72.49 25.46 80.86
CA LYS A 1207 73.56 25.62 79.87
C LYS A 1207 73.12 26.55 78.74
N THR A 1208 71.91 26.33 78.21
CA THR A 1208 71.48 27.09 77.03
C THR A 1208 71.27 28.57 77.36
N ASP A 1209 70.60 28.85 78.48
CA ASP A 1209 70.25 30.21 78.88
C ASP A 1209 70.75 30.44 80.31
N SER A 1210 71.63 31.44 80.46
CA SER A 1210 72.10 31.81 81.79
C SER A 1210 71.08 32.65 82.54
N ASN A 1211 70.08 33.22 81.86
CA ASN A 1211 69.09 34.07 82.50
C ASN A 1211 67.99 33.32 83.21
N ILE A 1212 68.01 31.97 83.21
CA ILE A 1212 67.06 31.20 84.00
C ILE A 1212 67.18 31.54 85.47
N LEU A 1213 68.40 31.71 85.98
CA LEU A 1213 68.64 32.07 87.36
C LEU A 1213 68.59 33.58 87.53
N THR A 1214 67.93 34.02 88.60
CA THR A 1214 67.89 35.43 88.97
C THR A 1214 67.78 35.51 90.49
N ASN A 1215 67.89 36.74 91.01
CA ASN A 1215 67.87 36.93 92.45
C ASN A 1215 66.53 36.56 93.08
N GLU A 1216 65.45 36.54 92.30
CA GLU A 1216 64.12 36.20 92.80
C GLU A 1216 63.83 34.70 92.78
N ASN A 1217 64.75 33.86 92.27
CA ASN A 1217 64.51 32.41 92.24
C ASN A 1217 65.76 31.58 92.54
N PHE A 1218 66.88 32.19 92.94
CA PHE A 1218 68.13 31.44 93.03
C PHE A 1218 68.13 30.47 94.21
N MET A 1219 67.64 30.91 95.36
CA MET A 1219 67.79 30.11 96.58
C MET A 1219 67.01 28.82 96.51
N TRP A 1220 65.84 28.83 95.88
CA TRP A 1220 65.08 27.59 95.72
C TRP A 1220 65.80 26.61 94.80
N VAL A 1221 66.42 27.12 93.73
CA VAL A 1221 67.20 26.25 92.85
C VAL A 1221 68.37 25.66 93.61
N LEU A 1222 69.05 26.48 94.42
CA LEU A 1222 70.19 26.01 95.19
C LEU A 1222 69.76 24.94 96.18
N GLY A 1223 68.60 25.12 96.83
CA GLY A 1223 68.07 24.08 97.68
C GLY A 1223 67.75 22.81 96.92
N LEU A 1224 67.28 22.95 95.68
CA LEU A 1224 67.01 21.79 94.84
C LEU A 1224 68.28 20.99 94.59
N LEU A 1225 69.35 21.67 94.17
CA LEU A 1225 70.62 20.97 93.97
C LEU A 1225 71.17 20.41 95.27
N ASP A 1226 70.96 21.10 96.39
CA ASP A 1226 71.38 20.57 97.68
C ASP A 1226 70.67 19.27 98.00
N GLU A 1227 69.36 19.21 97.77
CA GLU A 1227 68.61 17.99 97.99
C GLU A 1227 69.09 16.87 97.08
N ILE A 1228 69.33 17.20 95.80
CA ILE A 1228 69.76 16.17 94.85
C ILE A 1228 71.12 15.62 95.26
N SER A 1229 72.04 16.50 95.66
CA SER A 1229 73.37 16.06 96.06
C SER A 1229 73.31 15.22 97.33
N SER A 1230 72.46 15.62 98.28
CA SER A 1230 72.30 14.84 99.51
C SER A 1230 71.47 13.57 99.32
N MET A 1231 70.86 13.38 98.14
CA MET A 1231 70.06 12.17 97.93
C MET A 1231 70.92 10.91 97.98
N GLY A 1232 72.20 11.01 97.64
CA GLY A 1232 73.06 9.84 97.60
C GLY A 1232 73.43 9.32 98.98
N ALA A 1233 72.45 8.77 99.70
CA ALA A 1233 72.70 8.25 101.05
C ALA A 1233 73.32 6.86 101.02
N VAL A 1234 72.84 6.00 100.13
CA VAL A 1234 73.30 4.61 100.09
C VAL A 1234 74.75 4.55 99.64
N LYS A 1259 74.97 2.97 92.69
CA LYS A 1259 75.90 3.72 91.84
C LYS A 1259 75.18 4.86 91.13
N LYS A 1260 73.91 4.63 90.76
CA LYS A 1260 73.17 5.64 90.01
C LYS A 1260 73.00 6.92 90.82
N SER A 1261 72.65 6.79 92.10
CA SER A 1261 72.58 7.96 92.96
C SER A 1261 73.95 8.59 93.14
N ILE A 1262 74.98 7.75 93.27
CA ILE A 1262 76.35 8.27 93.41
C ILE A 1262 76.75 9.03 92.16
N GLU A 1263 76.43 8.49 90.99
CA GLU A 1263 76.76 9.17 89.74
C GLU A 1263 75.99 10.48 89.62
N LEU A 1264 74.72 10.48 90.05
CA LEU A 1264 73.93 11.69 90.01
C LEU A 1264 74.52 12.76 90.92
N SER A 1265 74.94 12.38 92.13
CA SER A 1265 75.59 13.34 93.02
C SER A 1265 76.91 13.82 92.41
N LEU A 1266 77.64 12.93 91.77
CA LEU A 1266 78.91 13.30 91.14
C LEU A 1266 78.69 14.37 90.07
N LYS A 1267 77.62 14.23 89.29
CA LYS A 1267 77.31 15.23 88.29
C LYS A 1267 76.80 16.51 88.93
N SER A 1268 75.99 16.39 89.99
CA SER A 1268 75.34 17.55 90.57
C SER A 1268 76.31 18.45 91.30
N ILE A 1269 77.34 17.87 91.92
CA ILE A 1269 78.34 18.70 92.61
C ILE A 1269 79.07 19.58 91.63
N GLN A 1270 79.47 19.01 90.49
CA GLN A 1270 80.10 19.80 89.44
C GLN A 1270 79.14 20.82 88.87
N LEU A 1271 77.86 20.46 88.74
CA LEU A 1271 76.88 21.42 88.25
C LEU A 1271 76.75 22.61 89.17
N THR A 1272 76.69 22.38 90.49
CA THR A 1272 76.65 23.47 91.44
C THR A 1272 77.92 24.31 91.36
N SER A 1273 79.06 23.66 91.18
CA SER A 1273 80.30 24.41 90.98
C SER A 1273 80.30 25.22 89.68
N HIS A 1274 79.48 24.85 88.70
CA HIS A 1274 79.52 25.45 87.37
C HIS A 1274 78.65 26.71 87.22
N LEU A 1275 77.92 27.11 88.27
CA LEU A 1275 77.00 28.26 88.16
C LEU A 1275 77.67 29.61 88.43
N LEU A 1276 78.99 29.71 88.23
CA LEU A 1276 79.73 30.94 88.45
C LEU A 1276 80.12 31.66 87.16
N GLU A 1277 80.51 30.92 86.12
CA GLU A 1277 80.89 31.55 84.86
C GLU A 1277 79.68 32.02 84.06
N ASP A 1278 78.52 31.39 84.24
CA ASP A 1278 77.36 31.69 83.41
C ASP A 1278 76.82 33.10 83.64
N ASN A 1279 77.05 33.69 84.80
CA ASN A 1279 76.57 35.05 85.07
C ASN A 1279 77.50 35.67 86.12
N ASN A 1280 78.43 36.52 85.66
CA ASN A 1280 79.38 37.16 86.56
C ASN A 1280 78.76 38.25 87.42
N ASP A 1281 77.56 38.73 87.09
CA ASP A 1281 76.88 39.77 87.85
C ASP A 1281 76.14 39.10 89.00
N LEU A 1282 76.75 39.10 90.18
CA LEU A 1282 76.28 38.33 91.33
C LEU A 1282 76.39 39.19 92.59
N ARG A 1283 75.39 39.08 93.46
CA ARG A 1283 75.42 39.67 94.77
C ARG A 1283 76.25 38.80 95.71
N LYS A 1284 76.66 39.39 96.84
CA LYS A 1284 77.44 38.65 97.83
C LYS A 1284 76.65 37.46 98.39
N ASN A 1285 75.43 37.71 98.86
CA ASN A 1285 74.58 36.61 99.33
C ASN A 1285 74.24 35.66 98.21
N GLU A 1286 74.16 36.17 96.97
CA GLU A 1286 73.90 35.31 95.82
C GLU A 1286 75.02 34.29 95.63
N ILE A 1287 76.27 34.75 95.59
CA ILE A 1287 77.38 33.83 95.38
C ILE A 1287 77.58 32.94 96.60
N PHE A 1288 77.34 33.47 97.80
CA PHE A 1288 77.85 32.82 98.99
C PHE A 1288 77.12 31.51 99.29
N ALA A 1289 75.87 31.38 98.83
CA ALA A 1289 75.10 30.17 99.07
C ALA A 1289 75.71 28.96 98.37
N ILE A 1290 76.31 29.16 97.20
CA ILE A 1290 76.95 28.05 96.49
C ILE A 1290 78.11 27.51 97.32
N ILE A 1291 78.94 28.42 97.84
CA ILE A 1291 80.06 27.99 98.67
C ILE A 1291 79.56 27.35 99.96
N GLN A 1292 78.46 27.88 100.51
CA GLN A 1292 77.88 27.28 101.70
C GLN A 1292 77.42 25.85 101.43
N ALA A 1293 76.76 25.63 100.29
CA ALA A 1293 76.31 24.28 99.94
C ALA A 1293 77.48 23.34 99.73
N LEU A 1294 78.52 23.80 99.03
CA LEU A 1294 79.69 22.96 98.80
C LEU A 1294 80.37 22.61 100.12
N ALA A 1295 80.50 23.58 101.02
CA ALA A 1295 81.11 23.31 102.33
C ALA A 1295 80.25 22.34 103.14
N HIS A 1296 78.93 22.53 103.11
CA HIS A 1296 78.03 21.65 103.84
C HIS A 1296 78.09 20.23 103.30
N GLN A 1297 78.32 20.07 102.00
CA GLN A 1297 78.30 18.74 101.40
C GLN A 1297 79.51 17.91 101.76
N CYS A 1298 80.54 18.49 102.39
CA CYS A 1298 81.63 17.69 102.95
C CYS A 1298 81.17 16.86 104.14
N ILE A 1299 80.06 17.22 104.79
CA ILE A 1299 79.54 16.48 105.94
C ILE A 1299 79.06 15.08 105.55
N ASN A 1300 78.81 14.83 104.26
CA ASN A 1300 78.16 13.59 103.79
C ASN A 1300 78.94 12.35 104.22
N PRO A 1301 78.33 11.39 104.93
CA PRO A 1301 79.17 10.33 105.54
C PRO A 1301 79.79 9.38 104.52
N CYS A 1302 79.19 9.22 103.35
CA CYS A 1302 79.74 8.33 102.35
C CYS A 1302 81.04 8.90 101.81
N LYS A 1303 82.10 8.08 101.86
CA LYS A 1303 83.43 8.58 101.53
C LYS A 1303 83.55 8.97 100.07
N GLN A 1304 82.96 8.17 99.18
CA GLN A 1304 83.16 8.36 97.74
C GLN A 1304 82.55 9.66 97.22
N ILE A 1305 81.58 10.24 97.94
CA ILE A 1305 80.98 11.51 97.56
C ILE A 1305 81.73 12.68 98.19
N SER A 1306 82.07 12.60 99.47
CA SER A 1306 82.75 13.72 100.12
C SER A 1306 84.15 13.92 99.57
N GLU A 1307 84.83 12.80 99.24
CA GLU A 1307 86.18 12.91 98.69
C GLU A 1307 86.18 13.63 97.35
N PHE A 1308 85.11 13.48 96.57
CA PHE A 1308 84.94 14.27 95.34
C PHE A 1308 84.50 15.69 95.65
N ALA A 1309 83.68 15.85 96.68
CA ALA A 1309 83.12 17.16 97.00
C ALA A 1309 84.23 18.14 97.38
N VAL A 1310 85.18 17.69 98.18
CA VAL A 1310 86.24 18.58 98.64
C VAL A 1310 87.11 19.04 97.47
N VAL A 1311 87.47 18.12 96.57
CA VAL A 1311 88.33 18.51 95.45
C VAL A 1311 87.56 19.43 94.51
N THR A 1312 86.26 19.18 94.32
CA THR A 1312 85.47 20.07 93.47
C THR A 1312 85.34 21.46 94.08
N LEU A 1313 85.21 21.55 95.40
CA LEU A 1313 85.14 22.87 96.02
C LEU A 1313 86.48 23.58 95.90
N GLU A 1314 87.57 22.83 96.01
CA GLU A 1314 88.89 23.40 95.75
C GLU A 1314 89.00 23.91 94.31
N GLN A 1315 88.51 23.12 93.35
CA GLN A 1315 88.51 23.54 91.96
C GLN A 1315 87.58 24.71 91.70
N THR A 1316 86.58 24.91 92.56
CA THR A 1316 85.76 26.10 92.50
C THR A 1316 86.51 27.31 93.04
N LEU A 1317 87.22 27.14 94.15
CA LEU A 1317 87.92 28.28 94.74
C LEU A 1317 89.13 28.70 93.94
N ILE A 1318 89.76 27.77 93.21
CA ILE A 1318 91.06 28.04 92.62
C ILE A 1318 90.96 29.08 91.50
N ASN A 1319 89.99 28.93 90.58
CA ASN A 1319 89.99 29.67 89.32
C ASN A 1319 88.58 30.09 88.88
N LYS A 1320 87.71 30.46 89.82
CA LYS A 1320 86.37 30.95 89.50
C LYS A 1320 86.10 32.35 90.06
N ILE A 1321 86.41 32.61 91.33
CA ILE A 1321 86.01 33.84 91.98
C ILE A 1321 87.09 34.89 91.83
N GLU A 1322 86.69 36.09 91.42
CA GLU A 1322 87.57 37.25 91.33
C GLU A 1322 87.45 38.05 92.62
N ILE A 1323 88.59 38.38 93.22
CA ILE A 1323 88.62 39.05 94.52
C ILE A 1323 88.28 40.53 94.34
N PRO A 1324 89.05 41.32 93.56
CA PRO A 1324 88.76 42.75 93.63
C PRO A 1324 87.57 43.17 92.76
N MET A 1328 83.55 41.92 93.44
CA MET A 1328 83.49 43.03 94.39
C MET A 1328 83.35 42.50 95.81
N GLU A 1329 84.32 41.68 96.21
CA GLU A 1329 84.34 41.01 97.51
C GLU A 1329 85.78 41.04 98.01
N SER A 1330 86.06 40.24 99.04
CA SER A 1330 87.41 40.13 99.57
C SER A 1330 87.59 38.75 100.19
N VAL A 1331 88.87 38.39 100.39
CA VAL A 1331 89.20 37.10 100.98
C VAL A 1331 88.69 36.99 102.41
N GLU A 1332 88.55 38.13 103.11
CA GLU A 1332 88.17 38.11 104.51
C GLU A 1332 86.76 37.55 104.68
N GLU A 1333 85.81 38.09 103.90
CA GLU A 1333 84.44 37.59 103.98
C GLU A 1333 84.31 36.21 103.33
N LEU A 1334 85.13 35.92 102.31
CA LEU A 1334 85.14 34.60 101.71
C LEU A 1334 85.56 33.53 102.72
N ILE A 1335 86.40 33.90 103.69
CA ILE A 1335 86.74 32.99 104.77
C ILE A 1335 85.65 33.00 105.84
N GLU A 1336 85.16 34.18 106.20
CA GLU A 1336 84.25 34.32 107.34
C GLU A 1336 82.85 33.82 107.00
N GLY A 1337 82.21 34.41 105.99
CA GLY A 1337 80.83 34.07 105.70
C GLY A 1337 80.62 32.70 105.07
N GLY A 1338 81.70 32.05 104.64
CA GLY A 1338 81.61 30.80 103.89
C GLY A 1338 81.88 29.57 104.72
N LEU A 1339 83.13 29.10 104.67
CA LEU A 1339 83.48 27.84 105.31
C LEU A 1339 83.34 27.89 106.83
N LEU A 1340 83.61 29.04 107.44
CA LEU A 1340 83.62 29.14 108.89
C LEU A 1340 82.27 28.84 109.56
N PRO A 1341 81.12 29.11 108.95
CA PRO A 1341 79.87 28.58 109.52
C PRO A 1341 79.85 27.07 109.75
N LEU A 1342 80.55 26.30 108.92
CA LEU A 1342 80.72 24.88 109.21
C LEU A 1342 81.51 24.70 110.51
N LEU A 1343 82.54 25.51 110.73
CA LEU A 1343 83.40 25.34 111.90
C LEU A 1343 82.64 25.65 113.19
N ASN A 1344 81.97 26.80 113.25
CA ASN A 1344 81.26 27.17 114.46
C ASN A 1344 80.07 26.25 114.72
N SER A 1345 79.46 25.71 113.66
CA SER A 1345 78.33 24.81 113.79
C SER A 1345 78.74 23.36 114.07
N SER A 1346 80.04 23.06 114.17
CA SER A 1346 80.53 21.70 114.38
C SER A 1346 80.79 21.39 115.85
N GLU A 1347 79.99 21.96 116.75
CA GLU A 1347 80.12 21.62 118.17
C GLU A 1347 79.78 20.17 118.44
N THR A 1348 78.96 19.54 117.61
CA THR A 1348 78.64 18.13 117.77
C THR A 1348 79.88 17.29 117.54
N GLN A 1349 80.16 16.37 118.47
CA GLN A 1349 81.34 15.51 118.35
C GLN A 1349 81.20 14.45 117.26
N GLU A 1350 79.97 14.21 116.76
CA GLU A 1350 79.78 13.20 115.73
C GLU A 1350 80.51 13.56 114.44
N ASP A 1351 80.66 14.86 114.16
CA ASP A 1351 81.45 15.26 113.00
C ASP A 1351 82.91 14.84 113.14
N GLN A 1352 83.46 14.98 114.35
CA GLN A 1352 84.75 14.39 114.71
C GLN A 1352 85.90 15.00 113.91
N LYS A 1353 87.12 14.55 114.20
CA LYS A 1353 88.32 15.22 113.69
C LYS A 1353 88.46 15.13 112.16
N ILE A 1354 87.81 14.16 111.51
CA ILE A 1354 88.02 13.99 110.07
C ILE A 1354 87.49 15.19 109.29
N LEU A 1355 86.32 15.71 109.65
CA LEU A 1355 85.72 16.82 108.91
C LEU A 1355 86.51 18.10 109.11
N ILE A 1356 86.87 18.40 110.36
CA ILE A 1356 87.61 19.62 110.63
C ILE A 1356 89.00 19.53 110.02
N SER A 1357 89.62 18.34 110.01
CA SER A 1357 90.92 18.22 109.35
C SER A 1357 90.81 18.45 107.85
N SER A 1358 89.75 17.93 107.22
CA SER A 1358 89.58 18.14 105.78
C SER A 1358 89.37 19.61 105.45
N ILE A 1359 88.52 20.29 106.21
CA ILE A 1359 88.27 21.70 105.90
C ILE A 1359 89.52 22.53 106.20
N LEU A 1360 90.28 22.15 107.24
CA LEU A 1360 91.54 22.83 107.52
C LEU A 1360 92.52 22.66 106.36
N THR A 1361 92.58 21.45 105.80
CA THR A 1361 93.49 21.19 104.69
C THR A 1361 93.15 22.07 103.48
N ILE A 1362 91.86 22.16 103.14
CA ILE A 1362 91.52 22.91 101.93
C ILE A 1362 91.72 24.41 102.15
N ILE A 1363 91.40 24.92 103.35
CA ILE A 1363 91.66 26.35 103.57
C ILE A 1363 93.16 26.62 103.56
N SER A 1364 93.96 25.66 104.05
CA SER A 1364 95.41 25.82 103.92
C SER A 1364 95.84 25.86 102.46
N ASN A 1365 95.24 25.00 101.62
CA ASN A 1365 95.61 24.95 100.21
C ASN A 1365 95.26 26.27 99.51
N VAL A 1366 94.05 26.77 99.73
CA VAL A 1366 93.63 27.98 99.03
C VAL A 1366 94.39 29.19 99.57
N TYR A 1367 94.72 29.19 100.86
CA TYR A 1367 95.58 30.23 101.41
C TYR A 1367 96.95 30.19 100.74
N LEU A 1368 97.50 28.98 100.55
CA LEU A 1368 98.79 28.86 99.89
C LEU A 1368 98.74 29.41 98.47
N HIS A 1369 97.68 29.11 97.73
CA HIS A 1369 97.56 29.60 96.36
C HIS A 1369 97.49 31.13 96.32
N TYR A 1370 96.57 31.71 97.07
CA TYR A 1370 96.38 33.16 96.98
C TYR A 1370 97.51 33.93 97.65
N LEU A 1371 98.27 33.31 98.55
CA LEU A 1371 99.50 33.93 99.04
C LEU A 1371 100.62 33.84 98.02
N LYS A 1372 100.68 32.75 97.24
CA LYS A 1372 101.62 32.69 96.13
C LYS A 1372 101.32 33.79 95.12
N LEU A 1373 100.05 33.95 94.75
CA LEU A 1373 99.67 35.06 93.88
C LEU A 1373 99.86 36.38 94.61
N GLY A 1374 99.30 36.51 95.80
CA GLY A 1374 99.56 37.63 96.69
C GLY A 1374 98.52 38.71 96.61
N LYS A 1375 97.55 38.68 97.55
CA LYS A 1375 96.54 39.75 97.64
C LYS A 1375 96.14 40.05 99.08
N THR A 1376 96.93 39.62 100.07
CA THR A 1376 96.53 39.60 101.47
C THR A 1376 97.24 40.72 102.24
N SER A 1377 96.99 40.74 103.55
CA SER A 1377 97.55 41.75 104.45
C SER A 1377 97.87 41.05 105.78
N ASN A 1378 98.30 41.84 106.78
CA ASN A 1378 98.58 41.27 108.10
C ASN A 1378 97.32 40.69 108.74
N GLU A 1379 96.20 41.41 108.61
CA GLU A 1379 95.00 41.02 109.35
C GLU A 1379 94.43 39.71 108.84
N THR A 1380 94.67 39.35 107.58
CA THR A 1380 94.32 38.02 107.07
C THR A 1380 94.99 36.96 107.94
N PHE A 1381 96.34 36.95 107.90
CA PHE A 1381 97.13 35.95 108.60
C PHE A 1381 96.80 35.92 110.09
N LEU A 1382 96.55 37.09 110.68
CA LEU A 1382 96.08 37.12 112.07
C LEU A 1382 94.72 36.43 112.21
N LYS A 1383 93.84 36.61 111.22
CA LYS A 1383 92.52 36.02 111.33
C LYS A 1383 92.57 34.50 111.22
N ILE A 1384 93.32 33.96 110.25
CA ILE A 1384 93.40 32.50 110.20
C ILE A 1384 94.20 31.97 111.40
N LEU A 1385 95.09 32.77 111.98
CA LEU A 1385 95.72 32.36 113.24
C LEU A 1385 94.67 32.22 114.35
N SER A 1386 93.76 33.17 114.44
CA SER A 1386 92.67 33.08 115.42
C SER A 1386 91.77 31.88 115.13
N ILE A 1387 91.53 31.59 113.85
CA ILE A 1387 90.73 30.42 113.47
C ILE A 1387 91.43 29.15 113.94
N PHE A 1388 92.76 29.09 113.77
CA PHE A 1388 93.51 27.92 114.22
C PHE A 1388 93.41 27.76 115.73
N ASN A 1389 93.58 28.85 116.47
CA ASN A 1389 93.53 28.75 117.93
C ASN A 1389 92.11 28.51 118.45
N LYS A 1390 91.08 28.83 117.66
CA LYS A 1390 89.71 28.57 118.10
C LYS A 1390 89.36 27.09 118.18
N PHE A 1391 90.14 26.22 117.53
CA PHE A 1391 89.89 24.78 117.43
C PHE A 1391 91.15 24.00 117.76
N VAL A 1392 91.75 24.31 118.92
CA VAL A 1392 92.99 23.68 119.34
C VAL A 1392 92.81 22.17 119.45
N GLU A 1393 93.81 21.44 118.95
CA GLU A 1393 93.83 19.99 119.03
C GLU A 1393 95.24 19.54 118.71
N ASP A 1394 95.84 18.78 119.63
CA ASP A 1394 97.26 18.43 119.51
C ASP A 1394 97.54 17.56 118.29
N SER A 1395 96.53 16.84 117.78
CA SER A 1395 96.75 15.99 116.62
C SER A 1395 97.04 16.82 115.37
N ASP A 1396 96.23 17.87 115.13
CA ASP A 1396 96.23 18.59 113.86
C ASP A 1396 96.81 19.99 113.92
N ILE A 1397 96.72 20.68 115.06
CA ILE A 1397 97.14 22.08 115.08
C ILE A 1397 98.66 22.20 114.94
N GLU A 1398 99.42 21.27 115.52
CA GLU A 1398 100.87 21.41 115.56
C GLU A 1398 101.48 21.26 114.17
N LYS A 1399 101.08 20.21 113.46
CA LYS A 1399 101.62 19.95 112.13
C LYS A 1399 101.22 21.07 111.17
N LYS A 1400 99.97 21.50 111.23
CA LYS A 1400 99.50 22.55 110.33
C LYS A 1400 100.18 23.87 110.63
N LEU A 1401 100.38 24.20 111.91
CA LEU A 1401 101.05 25.44 112.25
C LEU A 1401 102.51 25.42 111.79
N GLN A 1402 103.20 24.29 111.94
CA GLN A 1402 104.58 24.22 111.47
C GLN A 1402 104.65 24.34 109.95
N GLN A 1403 103.73 23.67 109.24
CA GLN A 1403 103.69 23.77 107.80
C GLN A 1403 103.41 25.22 107.37
N LEU A 1404 102.48 25.88 108.06
CA LEU A 1404 102.11 27.24 107.69
C LEU A 1404 103.25 28.21 107.94
N ILE A 1405 103.91 28.10 109.09
CA ILE A 1405 104.99 29.04 109.40
C ILE A 1405 106.25 28.73 108.58
N LEU A 1406 106.36 27.54 107.98
CA LEU A 1406 107.41 27.32 106.98
C LEU A 1406 107.02 27.91 105.63
N ASP A 1407 105.80 27.62 105.15
CA ASP A 1407 105.44 28.03 103.81
C ASP A 1407 105.19 29.53 103.69
N LYS A 1408 104.88 30.23 104.78
CA LYS A 1408 104.79 31.68 104.69
C LYS A 1408 106.14 32.29 104.36
N LYS A 1409 107.21 31.78 104.97
CA LYS A 1409 108.55 32.27 104.63
C LYS A 1409 108.95 31.80 103.24
N SER A 1410 108.53 30.61 102.82
CA SER A 1410 108.81 30.19 101.44
C SER A 1410 108.12 31.13 100.44
N ILE A 1411 106.88 31.52 100.71
CA ILE A 1411 106.16 32.43 99.83
C ILE A 1411 106.80 33.82 99.87
N GLU A 1412 107.28 34.23 101.04
CA GLU A 1412 108.01 35.51 101.13
C GLU A 1412 109.29 35.46 100.30
N LYS A 1413 109.99 34.33 100.33
CA LYS A 1413 111.14 34.14 99.46
C LYS A 1413 110.75 34.16 97.99
N GLY A 1414 109.52 33.76 97.67
CA GLY A 1414 109.10 33.72 96.28
C GLY A 1414 109.13 35.07 95.57
N ASN A 1415 108.54 36.09 96.21
CA ASN A 1415 108.38 37.38 95.53
C ASN A 1415 109.68 38.17 95.44
N GLY A 1416 110.49 38.14 96.51
CA GLY A 1416 111.68 38.97 96.55
C GLY A 1416 112.71 38.62 95.49
N SER A 1417 112.80 37.34 95.13
CA SER A 1417 113.70 36.89 94.09
C SER A 1417 113.20 35.61 93.45
N GLU B 17 -42.69 39.52 48.41
CA GLU B 17 -41.59 40.19 47.72
C GLU B 17 -42.08 41.51 47.14
N MET B 18 -42.62 42.38 48.00
CA MET B 18 -43.05 43.69 47.54
C MET B 18 -41.84 44.54 47.16
N ARG B 19 -42.09 45.65 46.46
CA ARG B 19 -41.05 46.50 45.88
C ARG B 19 -40.72 47.66 46.79
N ILE B 20 -39.48 48.15 46.69
CA ILE B 20 -39.10 49.44 47.25
C ILE B 20 -38.07 50.06 46.33
N LEU B 21 -38.09 51.39 46.22
CA LEU B 21 -37.03 52.17 45.61
C LEU B 21 -36.00 52.56 46.67
N MET B 22 -34.75 52.71 46.23
CA MET B 22 -33.68 53.26 47.05
C MET B 22 -32.94 54.33 46.26
N VAL B 23 -32.54 55.40 46.95
CA VAL B 23 -31.70 56.45 46.38
C VAL B 23 -30.74 56.96 47.46
N GLY B 24 -29.52 57.24 47.05
CA GLY B 24 -28.50 57.75 47.95
C GLY B 24 -27.31 58.24 47.16
N LEU B 25 -26.40 58.91 47.87
CA LEU B 25 -25.24 59.55 47.27
C LEU B 25 -23.97 58.71 47.39
N ASP B 26 -23.57 58.39 48.62
CA ASP B 26 -22.38 57.57 48.84
C ASP B 26 -22.71 56.10 48.60
N GLY B 27 -21.66 55.30 48.36
CA GLY B 27 -21.81 53.93 47.94
C GLY B 27 -21.49 52.85 48.95
N ALA B 28 -20.39 53.01 49.70
CA ALA B 28 -19.86 51.90 50.49
C ALA B 28 -20.76 51.56 51.67
N GLY B 29 -21.11 52.56 52.47
CA GLY B 29 -21.98 52.30 53.62
C GLY B 29 -23.34 51.78 53.21
N LYS B 30 -23.88 52.29 52.10
CA LYS B 30 -25.18 51.85 51.61
C LYS B 30 -25.15 50.39 51.21
N THR B 31 -24.15 49.99 50.44
CA THR B 31 -24.06 48.61 49.98
C THR B 31 -23.80 47.67 51.15
N THR B 32 -22.94 48.06 52.09
CA THR B 32 -22.68 47.21 53.24
C THR B 32 -23.94 47.06 54.10
N VAL B 33 -24.71 48.14 54.25
CA VAL B 33 -25.95 48.07 55.01
C VAL B 33 -26.93 47.11 54.31
N LEU B 34 -27.03 47.24 52.99
CA LEU B 34 -27.96 46.39 52.23
C LEU B 34 -27.56 44.92 52.33
N TYR B 35 -26.25 44.63 52.32
CA TYR B 35 -25.81 43.27 52.59
C TYR B 35 -26.16 42.86 54.02
N LYS B 36 -26.13 43.81 54.96
CA LYS B 36 -26.46 43.47 56.35
C LYS B 36 -27.93 43.08 56.48
N LEU B 37 -28.83 43.74 55.75
CA LEU B 37 -30.25 43.39 55.90
C LEU B 37 -30.57 42.01 55.35
N LYS B 38 -29.86 41.57 54.32
CA LYS B 38 -30.19 40.31 53.67
C LYS B 38 -29.95 39.12 54.59
N LEU B 39 -30.91 38.20 54.63
CA LEU B 39 -30.87 37.03 55.50
C LEU B 39 -30.39 35.77 54.79
N GLY B 40 -30.54 35.68 53.48
CA GLY B 40 -30.29 34.44 52.78
C GLY B 40 -28.83 34.04 52.69
N GLU B 41 -28.25 33.68 53.85
CA GLU B 41 -26.90 33.16 53.90
C GLU B 41 -26.84 31.70 53.43
N VAL B 42 -27.89 30.93 53.67
CA VAL B 42 -27.88 29.50 53.41
C VAL B 42 -28.28 29.14 51.98
N ILE B 43 -28.93 30.05 51.25
CA ILE B 43 -29.53 29.71 49.96
C ILE B 43 -28.44 29.38 48.94
N THR B 44 -27.60 30.37 48.62
CA THR B 44 -26.57 30.19 47.60
C THR B 44 -25.63 31.38 47.65
N THR B 45 -24.56 31.28 46.87
CA THR B 45 -23.62 32.38 46.62
C THR B 45 -23.45 32.49 45.11
N ILE B 46 -23.86 33.62 44.54
CA ILE B 46 -23.76 33.86 43.11
C ILE B 46 -23.69 35.38 42.90
N PRO B 47 -22.56 35.96 42.37
CA PRO B 47 -22.53 37.43 42.25
C PRO B 47 -23.19 37.95 40.98
N THR B 48 -24.51 38.10 41.04
CA THR B 48 -25.26 38.63 39.89
C THR B 48 -24.83 40.06 39.58
N ILE B 49 -25.32 40.56 38.44
CA ILE B 49 -24.93 41.86 37.90
C ILE B 49 -26.20 42.61 37.49
N GLY B 50 -26.15 43.93 37.62
CA GLY B 50 -27.28 44.80 37.36
C GLY B 50 -27.22 46.00 38.27
N PHE B 51 -28.28 46.23 39.02
CA PHE B 51 -28.28 47.10 40.21
C PHE B 51 -28.29 46.21 41.44
N ASN B 52 -27.89 46.79 42.58
CA ASN B 52 -27.80 46.03 43.82
C ASN B 52 -29.23 45.74 44.28
N VAL B 53 -29.80 44.67 43.71
CA VAL B 53 -31.14 44.22 44.03
C VAL B 53 -31.03 43.30 45.24
N GLU B 54 -31.88 43.52 46.25
CA GLU B 54 -31.76 42.81 47.52
C GLU B 54 -33.13 42.45 48.06
N THR B 55 -33.13 41.55 49.06
CA THR B 55 -34.33 41.03 49.68
C THR B 55 -34.20 41.07 51.20
N VAL B 56 -35.33 41.19 51.87
CA VAL B 56 -35.42 41.09 53.32
C VAL B 56 -36.70 40.35 53.65
N GLN B 57 -36.56 39.26 54.41
CA GLN B 57 -37.67 38.48 54.92
C GLN B 57 -37.88 38.79 56.39
N TYR B 58 -39.11 38.57 56.85
CA TYR B 58 -39.48 38.71 58.25
C TYR B 58 -40.89 38.13 58.35
N LYS B 59 -41.34 37.84 59.57
CA LYS B 59 -42.66 37.30 59.84
C LYS B 59 -43.74 38.12 59.12
N ASN B 60 -44.58 37.40 58.36
CA ASN B 60 -45.59 37.91 57.43
C ASN B 60 -45.11 39.10 56.61
N ILE B 61 -43.89 39.05 56.09
CA ILE B 61 -43.46 40.03 55.08
C ILE B 61 -42.24 39.50 54.33
N SER B 62 -42.30 39.56 53.01
CA SER B 62 -41.16 39.32 52.13
C SER B 62 -41.05 40.52 51.18
N PHE B 63 -39.88 41.15 51.15
CA PHE B 63 -39.82 42.55 50.77
C PHE B 63 -38.51 42.73 50.04
N THR B 64 -38.46 43.64 49.06
CA THR B 64 -37.33 43.71 48.13
C THR B 64 -36.96 45.16 47.85
N VAL B 65 -35.67 45.39 47.63
CA VAL B 65 -35.09 46.71 47.41
C VAL B 65 -34.48 46.74 46.02
N TRP B 66 -34.85 47.78 45.25
CA TRP B 66 -34.30 48.09 43.94
C TRP B 66 -33.66 49.46 44.01
N ASP B 67 -32.43 49.56 43.51
CA ASP B 67 -31.69 50.82 43.57
C ASP B 67 -32.11 51.73 42.41
N VAL B 68 -32.22 53.02 42.70
CA VAL B 68 -32.73 54.02 41.78
C VAL B 68 -31.79 55.22 41.75
N GLY B 69 -31.51 55.72 40.54
CA GLY B 69 -30.78 56.95 40.36
C GLY B 69 -31.69 58.14 40.31
N GLY B 70 -31.62 59.00 41.32
CA GLY B 70 -32.56 60.10 41.46
C GLY B 70 -32.22 61.33 40.63
N GLN B 71 -32.48 61.27 39.33
CA GLN B 71 -32.39 62.45 38.50
C GLN B 71 -33.43 62.37 37.39
N ASP B 72 -33.78 63.52 36.84
CA ASP B 72 -35.00 63.64 36.03
C ASP B 72 -34.89 62.86 34.73
N ARG B 73 -33.73 62.91 34.07
CA ARG B 73 -33.60 62.33 32.74
C ARG B 73 -33.73 60.82 32.77
N ILE B 74 -33.20 60.17 33.81
CA ILE B 74 -33.29 58.71 33.90
C ILE B 74 -34.68 58.29 34.38
N ARG B 75 -35.42 59.18 35.05
CA ARG B 75 -36.71 58.78 35.62
C ARG B 75 -37.76 58.46 34.57
N SER B 76 -37.54 58.86 33.31
CA SER B 76 -38.40 58.44 32.21
C SER B 76 -38.49 56.92 32.13
N LEU B 77 -37.38 56.23 32.33
CA LEU B 77 -37.39 54.78 32.32
C LEU B 77 -37.96 54.20 33.61
N TRP B 78 -37.77 54.89 34.74
CA TRP B 78 -38.13 54.34 36.05
C TRP B 78 -39.63 54.43 36.32
N ARG B 79 -40.30 55.49 35.83
CA ARG B 79 -41.68 55.73 36.27
C ARG B 79 -42.64 54.64 35.82
N HIS B 80 -42.30 53.88 34.78
CA HIS B 80 -43.16 52.76 34.40
C HIS B 80 -43.18 51.68 35.47
N TYR B 81 -42.06 51.50 36.17
CA TYR B 81 -41.94 50.43 37.17
C TYR B 81 -42.76 50.73 38.42
N TYR B 82 -43.24 51.96 38.59
CA TYR B 82 -43.79 52.43 39.86
C TYR B 82 -45.19 51.90 40.15
N ARG B 83 -45.79 51.13 39.24
CA ARG B 83 -47.16 50.66 39.45
C ARG B 83 -47.27 49.75 40.67
N ASN B 84 -46.31 48.83 40.83
CA ASN B 84 -46.31 47.85 41.91
C ASN B 84 -45.42 48.25 43.08
N THR B 85 -45.02 49.51 43.18
CA THR B 85 -44.09 50.00 44.18
C THR B 85 -44.83 50.71 45.31
N GLU B 86 -44.20 50.69 46.50
CA GLU B 86 -44.86 51.13 47.72
C GLU B 86 -43.99 51.94 48.68
N GLY B 87 -42.75 52.27 48.34
CA GLY B 87 -41.92 52.95 49.31
C GLY B 87 -40.63 53.48 48.74
N VAL B 88 -39.89 54.19 49.61
CA VAL B 88 -38.65 54.88 49.25
C VAL B 88 -37.76 54.88 50.48
N ILE B 89 -36.45 54.79 50.25
CA ILE B 89 -35.44 55.02 51.29
C ILE B 89 -34.54 56.16 50.82
N PHE B 90 -34.34 57.15 51.68
CA PHE B 90 -33.24 58.07 51.58
C PHE B 90 -32.17 57.61 52.57
N VAL B 91 -30.93 57.96 52.29
CA VAL B 91 -29.83 57.78 53.24
C VAL B 91 -28.95 59.01 53.16
N VAL B 92 -28.59 59.56 54.31
CA VAL B 92 -27.75 60.76 54.42
C VAL B 92 -26.59 60.43 55.33
N ASP B 93 -25.37 60.56 54.82
CA ASP B 93 -24.19 60.35 55.64
C ASP B 93 -24.08 61.47 56.67
N SER B 94 -23.54 61.12 57.85
CA SER B 94 -23.55 62.04 58.97
C SER B 94 -22.61 63.22 58.73
N ASN B 95 -21.33 62.94 58.50
CA ASN B 95 -20.31 63.99 58.34
C ASN B 95 -20.15 64.38 56.87
N ASP B 96 -21.27 64.75 56.25
CA ASP B 96 -21.34 65.25 54.88
C ASP B 96 -22.12 66.56 54.87
N ARG B 97 -21.71 67.47 55.76
CA ARG B 97 -22.44 68.73 55.93
C ARG B 97 -22.41 69.58 54.67
N SER B 98 -21.39 69.41 53.83
CA SER B 98 -21.37 70.08 52.53
C SER B 98 -22.35 69.45 51.55
N ARG B 99 -22.60 68.15 51.68
CA ARG B 99 -23.43 67.42 50.71
C ARG B 99 -24.91 67.51 51.01
N ILE B 100 -25.34 68.27 52.03
CA ILE B 100 -26.77 68.41 52.26
C ILE B 100 -27.43 69.16 51.11
N GLY B 101 -26.69 70.03 50.41
CA GLY B 101 -27.24 70.69 49.25
C GLY B 101 -27.61 69.72 48.15
N GLU B 102 -26.70 68.78 47.84
CA GLU B 102 -27.00 67.77 46.83
C GLU B 102 -28.14 66.86 47.27
N ALA B 103 -28.16 66.50 48.56
CA ALA B 103 -29.25 65.65 49.06
C ALA B 103 -30.58 66.36 48.98
N ARG B 104 -30.60 67.66 49.29
CA ARG B 104 -31.84 68.42 49.22
C ARG B 104 -32.28 68.62 47.78
N GLU B 105 -31.35 68.75 46.84
CA GLU B 105 -31.73 68.74 45.43
C GLU B 105 -32.33 67.40 45.05
N VAL B 106 -31.74 66.30 45.52
CA VAL B 106 -32.35 64.98 45.32
C VAL B 106 -33.68 64.92 46.07
N MET B 107 -33.74 65.53 47.25
CA MET B 107 -35.00 65.67 47.96
C MET B 107 -35.96 66.51 47.14
N GLN B 108 -37.26 66.23 47.30
CA GLN B 108 -38.36 66.92 46.64
C GLN B 108 -38.43 66.62 45.13
N ARG B 109 -37.53 65.78 44.61
CA ARG B 109 -37.49 65.54 43.18
C ARG B 109 -38.44 64.42 42.79
N MET B 110 -38.60 63.43 43.68
CA MET B 110 -39.67 62.46 43.50
C MET B 110 -41.03 63.11 43.76
N LEU B 111 -41.07 64.11 44.66
CA LEU B 111 -42.31 64.81 44.95
C LEU B 111 -42.84 65.55 43.73
N ASN B 112 -41.94 65.98 42.84
CA ASN B 112 -42.38 66.58 41.59
C ASN B 112 -43.16 65.58 40.75
N GLU B 113 -42.73 64.33 40.75
CA GLU B 113 -43.48 63.29 40.06
C GLU B 113 -44.76 62.97 40.84
N ASP B 114 -45.89 62.90 40.13
CA ASP B 114 -47.21 62.84 40.74
C ASP B 114 -47.82 61.44 40.78
N GLU B 115 -47.13 60.42 40.28
CA GLU B 115 -47.66 59.06 40.35
C GLU B 115 -47.57 58.44 41.75
N LEU B 116 -46.80 59.03 42.66
CA LEU B 116 -46.42 58.39 43.91
C LEU B 116 -47.23 58.92 45.09
N ARG B 117 -48.53 59.16 44.88
CA ARG B 117 -49.38 59.64 45.96
C ARG B 117 -49.53 58.63 47.09
N ASN B 118 -49.28 57.34 46.84
CA ASN B 118 -49.45 56.26 47.80
C ASN B 118 -48.14 55.54 48.05
N ALA B 119 -47.03 56.29 48.07
CA ALA B 119 -45.69 55.74 48.22
C ALA B 119 -45.12 56.16 49.57
N ALA B 120 -44.62 55.18 50.33
CA ALA B 120 -44.00 55.46 51.61
C ALA B 120 -42.66 56.15 51.42
N TRP B 121 -42.17 56.75 52.49
CA TRP B 121 -40.93 57.52 52.48
C TRP B 121 -40.18 57.32 53.78
N LEU B 122 -38.85 57.20 53.68
CA LEU B 122 -37.99 56.98 54.83
C LEU B 122 -36.66 57.68 54.63
N VAL B 123 -35.96 57.87 55.75
CA VAL B 123 -34.57 58.31 55.76
C VAL B 123 -33.83 57.48 56.80
N PHE B 124 -32.56 57.19 56.51
CA PHE B 124 -31.67 56.44 57.41
C PHE B 124 -30.44 57.29 57.65
N ALA B 125 -30.21 57.67 58.92
CA ALA B 125 -29.06 58.49 59.30
C ALA B 125 -27.89 57.56 59.63
N ASN B 126 -27.29 57.00 58.58
CA ASN B 126 -26.18 56.08 58.76
C ASN B 126 -24.96 56.79 59.32
N LYS B 127 -24.06 56.00 59.90
CA LYS B 127 -22.82 56.48 60.48
C LYS B 127 -23.08 57.49 61.60
N GLN B 128 -24.12 57.21 62.40
CA GLN B 128 -24.46 58.05 63.55
C GLN B 128 -23.63 57.65 64.77
N ASP B 129 -22.32 57.84 64.64
CA ASP B 129 -21.35 57.58 65.71
C ASP B 129 -20.31 58.67 65.89
N LEU B 130 -20.02 59.48 64.89
CA LEU B 130 -18.97 60.48 65.02
C LEU B 130 -19.47 61.69 65.83
N PRO B 131 -18.57 62.43 66.48
CA PRO B 131 -19.05 63.53 67.33
C PRO B 131 -19.64 64.69 66.56
N GLU B 132 -19.23 64.91 65.31
CA GLU B 132 -19.85 65.93 64.47
C GLU B 132 -21.17 65.47 63.84
N ALA B 133 -21.56 64.21 64.04
CA ALA B 133 -22.81 63.71 63.47
C ALA B 133 -23.99 64.47 64.07
N MET B 134 -24.91 64.88 63.20
CA MET B 134 -26.07 65.63 63.62
C MET B 134 -27.12 64.69 64.22
N SER B 135 -27.91 65.22 65.15
CA SER B 135 -28.95 64.42 65.77
C SER B 135 -30.09 64.17 64.80
N ALA B 136 -30.89 63.14 65.10
CA ALA B 136 -32.01 62.79 64.24
C ALA B 136 -33.03 63.91 64.17
N ALA B 137 -33.39 64.48 65.32
CA ALA B 137 -34.31 65.61 65.33
C ALA B 137 -33.71 66.81 64.61
N GLU B 138 -32.42 67.08 64.86
CA GLU B 138 -31.77 68.18 64.15
C GLU B 138 -31.55 67.83 62.69
N ILE B 139 -31.39 66.55 62.36
CA ILE B 139 -31.31 66.13 60.95
C ILE B 139 -32.61 66.47 60.24
N THR B 140 -33.75 66.14 60.87
CA THR B 140 -35.03 66.47 60.26
C THR B 140 -35.24 67.97 60.18
N GLU B 141 -34.84 68.71 61.22
CA GLU B 141 -35.07 70.14 61.24
C GLU B 141 -34.26 70.85 60.17
N LYS B 142 -33.01 70.42 59.93
CA LYS B 142 -32.23 71.01 58.85
C LYS B 142 -32.76 70.55 57.50
N LEU B 143 -33.18 69.28 57.39
CA LEU B 143 -33.86 68.85 56.17
C LEU B 143 -35.18 69.58 55.99
N GLY B 144 -35.85 69.93 57.09
CA GLY B 144 -37.05 70.73 57.03
C GLY B 144 -38.29 69.96 56.63
N LEU B 145 -38.69 68.99 57.45
CA LEU B 145 -39.85 68.16 57.17
C LEU B 145 -41.17 68.82 57.60
N HIS B 146 -41.13 70.04 58.14
CA HIS B 146 -42.36 70.71 58.55
C HIS B 146 -43.29 70.96 57.36
N SER B 147 -42.75 71.54 56.28
CA SER B 147 -43.55 71.97 55.14
C SER B 147 -43.71 70.88 54.09
N ILE B 148 -43.60 69.60 54.48
CA ILE B 148 -43.97 68.46 53.64
C ILE B 148 -45.02 67.66 54.39
N ARG B 149 -46.16 67.43 53.73
CA ARG B 149 -47.31 66.77 54.33
C ARG B 149 -47.92 65.86 53.27
N ASN B 150 -49.10 65.30 53.54
CA ASN B 150 -49.98 64.58 52.62
C ASN B 150 -49.51 63.14 52.35
N ARG B 151 -48.36 62.72 52.86
CA ARG B 151 -47.80 61.38 52.66
C ARG B 151 -47.30 60.87 54.00
N PRO B 152 -47.09 59.56 54.15
CA PRO B 152 -46.52 59.06 55.40
C PRO B 152 -45.04 59.36 55.48
N TRP B 153 -44.52 59.31 56.71
CA TRP B 153 -43.12 59.67 56.94
C TRP B 153 -42.66 59.03 58.25
N PHE B 154 -41.61 58.21 58.17
CA PHE B 154 -40.89 57.69 59.32
C PHE B 154 -39.41 57.94 59.13
N ILE B 155 -38.73 58.26 60.22
CA ILE B 155 -37.27 58.29 60.26
C ILE B 155 -36.84 57.68 61.58
N GLN B 156 -35.80 56.85 61.53
CA GLN B 156 -35.19 56.27 62.72
C GLN B 156 -33.69 56.22 62.51
N ALA B 157 -32.94 56.62 63.54
CA ALA B 157 -31.49 56.57 63.46
C ALA B 157 -31.02 55.13 63.36
N THR B 158 -29.93 54.94 62.61
CA THR B 158 -29.36 53.62 62.41
C THR B 158 -27.85 53.77 62.21
N CYS B 159 -27.11 52.73 62.59
CA CYS B 159 -25.67 52.65 62.39
C CYS B 159 -25.35 51.34 61.70
N ALA B 160 -24.48 51.38 60.69
CA ALA B 160 -24.22 50.20 59.89
C ALA B 160 -23.53 49.12 60.69
N THR B 161 -22.44 49.46 61.39
CA THR B 161 -21.70 48.46 62.15
C THR B 161 -22.52 47.93 63.32
N SER B 162 -23.24 48.80 64.02
CA SER B 162 -24.00 48.38 65.19
C SER B 162 -25.36 47.81 64.80
N GLY B 163 -26.00 48.39 63.78
CA GLY B 163 -27.26 47.86 63.30
C GLY B 163 -28.44 48.07 64.22
N GLU B 164 -28.37 49.05 65.11
CA GLU B 164 -29.45 49.31 66.06
C GLU B 164 -30.56 50.11 65.40
N GLY B 165 -31.80 49.74 65.69
CA GLY B 165 -32.97 50.49 65.26
C GLY B 165 -33.53 50.13 63.90
N LEU B 166 -32.82 49.31 63.12
CA LEU B 166 -33.35 48.91 61.80
C LEU B 166 -34.50 47.94 61.93
N TYR B 167 -34.46 47.04 62.93
CA TYR B 167 -35.54 46.08 63.09
C TYR B 167 -36.83 46.75 63.52
N GLU B 168 -36.73 47.75 64.40
CA GLU B 168 -37.91 48.56 64.71
C GLU B 168 -38.43 49.26 63.47
N GLY B 169 -37.52 49.71 62.59
CA GLY B 169 -37.95 50.35 61.36
C GLY B 169 -38.71 49.41 60.44
N LEU B 170 -38.17 48.21 60.23
CA LEU B 170 -38.85 47.27 59.35
C LEU B 170 -40.16 46.78 59.97
N GLU B 171 -40.23 46.66 61.28
CA GLU B 171 -41.52 46.39 61.91
C GLU B 171 -42.49 47.56 61.71
N TRP B 172 -41.98 48.79 61.66
CA TRP B 172 -42.87 49.92 61.40
C TRP B 172 -43.39 49.91 59.96
N LEU B 173 -42.55 49.59 58.98
CA LEU B 173 -43.11 49.41 57.63
C LEU B 173 -44.07 48.23 57.56
N SER B 174 -43.81 47.16 58.30
CA SER B 174 -44.76 46.04 58.30
C SER B 174 -46.10 46.47 58.86
N ASN B 175 -46.09 47.21 59.96
CA ASN B 175 -47.35 47.72 60.55
C ASN B 175 -48.04 48.68 59.60
N SER B 176 -47.29 49.58 58.97
CA SER B 176 -47.89 50.55 58.06
C SER B 176 -48.51 49.86 56.85
N LEU B 177 -47.81 48.88 56.27
CA LEU B 177 -48.31 48.22 55.08
C LEU B 177 -49.52 47.35 55.40
N LYS B 178 -49.48 46.61 56.52
CA LYS B 178 -50.65 45.84 56.93
C LYS B 178 -51.81 46.73 57.35
N ASN B 179 -51.53 47.97 57.76
CA ASN B 179 -52.61 48.93 57.99
C ASN B 179 -53.20 49.41 56.67
N SER B 180 -52.36 49.57 55.65
CA SER B 180 -52.83 50.10 54.37
C SER B 180 -53.62 49.06 53.60
N THR B 181 -52.97 47.96 53.22
CA THR B 181 -53.62 46.94 52.41
C THR B 181 -54.68 46.20 53.21
N PRO C 11 9.91 10.97 18.93
CA PRO C 11 8.84 10.02 18.64
C PRO C 11 9.00 8.67 19.35
N VAL C 12 9.85 8.61 20.37
CA VAL C 12 9.90 7.45 21.26
C VAL C 12 8.93 7.60 22.43
N THR C 13 8.37 8.80 22.65
CA THR C 13 7.29 8.95 23.61
C THR C 13 6.06 8.12 23.25
N ILE C 14 5.89 7.82 21.96
CA ILE C 14 4.70 7.08 21.53
C ILE C 14 4.71 5.68 22.10
N ILE C 15 5.90 5.10 22.33
CA ILE C 15 5.97 3.74 22.86
C ILE C 15 5.52 3.72 24.32
N ILE C 16 5.95 4.73 25.08
CA ILE C 16 5.49 4.88 26.47
C ILE C 16 3.98 5.03 26.50
N LYS C 17 3.47 5.86 25.59
CA LYS C 17 2.04 6.14 25.48
C LYS C 17 1.25 4.86 25.20
N GLU C 18 1.76 4.06 24.28
CA GLU C 18 1.10 2.85 23.81
C GLU C 18 1.07 1.79 24.90
N CYS C 19 2.23 1.57 25.53
CA CYS C 19 2.28 0.58 26.60
C CYS C 19 1.48 1.04 27.82
N ILE C 20 1.39 2.35 28.06
CA ILE C 20 0.53 2.84 29.13
C ILE C 20 -0.92 2.51 28.83
N ASN C 21 -1.35 2.71 27.58
CA ASN C 21 -2.73 2.39 27.22
C ASN C 21 -3.03 0.90 27.40
N LEU C 22 -2.11 0.05 26.94
CA LEU C 22 -2.35 -1.39 27.07
C LEU C 22 -2.33 -1.82 28.54
N SER C 23 -1.45 -1.23 29.34
CA SER C 23 -1.41 -1.57 30.76
C SER C 23 -2.69 -1.15 31.47
N THR C 24 -3.21 0.03 31.13
CA THR C 24 -4.48 0.46 31.70
C THR C 24 -5.62 -0.48 31.32
N ALA C 25 -5.64 -0.93 30.06
CA ALA C 25 -6.66 -1.87 29.64
C ALA C 25 -6.53 -3.20 30.39
N MET C 26 -5.30 -3.68 30.57
CA MET C 26 -5.07 -4.93 31.29
C MET C 26 -5.52 -4.82 32.74
N ARG C 27 -5.20 -3.69 33.39
CA ARG C 27 -5.63 -3.50 34.77
C ARG C 27 -7.14 -3.42 34.89
N LYS C 28 -7.79 -2.73 33.94
CA LYS C 28 -9.24 -2.65 33.97
C LYS C 28 -9.90 -4.01 33.74
N TYR C 29 -9.31 -4.85 32.90
CA TYR C 29 -9.82 -6.21 32.70
C TYR C 29 -9.45 -7.17 33.83
N SER C 30 -8.45 -6.83 34.66
CA SER C 30 -8.06 -7.74 35.74
C SER C 30 -9.16 -7.88 36.77
N LYS C 31 -9.83 -6.77 37.13
CA LYS C 31 -10.87 -6.80 38.13
C LYS C 31 -12.17 -7.36 37.56
N PRO C 71 2.30 -11.51 34.46
CA PRO C 71 3.63 -11.52 33.84
C PRO C 71 3.78 -10.49 32.75
N PHE C 72 2.70 -10.24 32.00
CA PHE C 72 2.75 -9.29 30.90
C PHE C 72 2.73 -7.85 31.41
N LEU C 73 2.00 -7.60 32.49
CA LEU C 73 2.00 -6.27 33.10
C LEU C 73 3.39 -5.91 33.60
N SER C 74 4.10 -6.88 34.19
CA SER C 74 5.48 -6.64 34.59
C SER C 74 6.36 -6.34 33.39
N GLY C 75 6.10 -7.01 32.26
CA GLY C 75 6.86 -6.71 31.06
C GLY C 75 6.62 -5.29 30.56
N PHE C 76 5.37 -4.84 30.58
CA PHE C 76 5.05 -3.48 30.16
C PHE C 76 5.70 -2.46 31.10
N ILE C 77 5.65 -2.71 32.41
CA ILE C 77 6.27 -1.79 33.35
C ILE C 77 7.79 -1.78 33.17
N GLN C 78 8.38 -2.94 32.87
CA GLN C 78 9.80 -3.00 32.58
C GLN C 78 10.15 -2.20 31.34
N LEU C 79 9.31 -2.29 30.30
CA LEU C 79 9.53 -1.51 29.09
C LEU C 79 9.45 -0.02 29.39
N ARG C 80 8.45 0.39 30.18
CA ARG C 80 8.30 1.80 30.52
C ARG C 80 9.49 2.31 31.33
N LEU C 81 9.97 1.52 32.29
CA LEU C 81 11.13 1.93 33.07
C LEU C 81 12.38 1.98 32.20
N MET C 82 12.52 1.05 31.27
CA MET C 82 13.72 1.00 30.44
C MET C 82 13.78 2.16 29.46
N LEU C 83 12.66 2.46 28.80
CA LEU C 83 12.68 3.50 27.77
C LEU C 83 12.65 4.92 28.32
N ASN C 84 12.35 5.11 29.61
CA ASN C 84 12.23 6.46 30.15
C ASN C 84 13.56 7.20 30.13
N LYS C 85 14.66 6.50 30.41
CA LYS C 85 15.95 7.14 30.53
C LYS C 85 16.42 7.73 29.20
N LEU C 86 16.38 6.92 28.15
CA LEU C 86 16.93 7.35 26.87
C LEU C 86 16.05 8.42 26.22
N LYS C 87 16.69 9.25 25.40
CA LYS C 87 16.04 10.30 24.62
C LYS C 87 15.76 9.90 23.18
N ASN C 88 16.59 9.02 22.61
CA ASN C 88 16.46 8.58 21.23
C ASN C 88 16.62 7.06 21.17
N LEU C 89 15.87 6.45 20.26
CA LEU C 89 15.85 5.00 20.11
C LEU C 89 17.03 4.45 19.33
N ASP C 90 17.87 5.30 18.73
CA ASP C 90 18.95 4.82 17.87
C ASP C 90 20.01 4.03 18.63
N ASN C 91 20.13 4.23 19.94
CA ASN C 91 21.18 3.55 20.69
C ASN C 91 20.88 2.06 20.86
N ILE C 92 19.65 1.71 21.23
CA ILE C 92 19.32 0.39 21.71
C ILE C 92 18.71 -0.45 20.58
N ASP C 93 18.67 -1.76 20.80
CA ASP C 93 18.12 -2.68 19.82
C ASP C 93 16.60 -2.50 19.72
N SER C 94 16.07 -2.84 18.55
CA SER C 94 14.66 -2.63 18.25
C SER C 94 13.76 -3.78 18.70
N LEU C 95 14.30 -4.99 18.84
CA LEU C 95 13.46 -6.13 19.16
C LEU C 95 12.90 -6.05 20.57
N THR C 96 13.62 -5.44 21.51
CA THR C 96 13.19 -5.45 22.90
C THR C 96 11.91 -4.63 23.10
N ILE C 97 11.76 -3.52 22.37
CA ILE C 97 10.59 -2.69 22.58
C ILE C 97 9.34 -3.37 22.05
N LEU C 98 9.47 -4.13 20.95
CA LEU C 98 8.35 -4.89 20.41
C LEU C 98 8.15 -6.23 21.11
N GLN C 99 9.10 -6.67 21.94
CA GLN C 99 9.01 -7.99 22.57
C GLN C 99 7.76 -8.21 23.42
N PRO C 100 7.35 -7.32 24.33
CA PRO C 100 6.13 -7.63 25.09
C PRO C 100 4.85 -7.49 24.29
N PHE C 101 4.83 -6.60 23.29
CA PHE C 101 3.74 -6.60 22.31
C PHE C 101 3.66 -7.95 21.61
N LEU C 102 4.82 -8.48 21.22
CA LEU C 102 4.91 -9.80 20.62
C LEU C 102 4.38 -10.88 21.56
N LEU C 103 4.70 -10.76 22.86
CA LEU C 103 4.24 -11.77 23.81
C LEU C 103 2.73 -11.75 23.95
N ILE C 104 2.13 -10.56 24.02
CA ILE C 104 0.68 -10.51 24.21
C ILE C 104 -0.03 -11.00 22.96
N VAL C 105 0.46 -10.64 21.76
CA VAL C 105 -0.23 -11.08 20.55
C VAL C 105 -0.04 -12.58 20.33
N SER C 106 1.15 -13.12 20.64
CA SER C 106 1.42 -14.52 20.32
C SER C 106 0.65 -15.47 21.23
N THR C 107 0.66 -15.23 22.53
CA THR C 107 0.06 -16.17 23.47
C THR C 107 -1.46 -16.16 23.36
N SER C 108 -2.05 -17.35 23.49
CA SER C 108 -3.49 -17.55 23.32
C SER C 108 -4.28 -17.51 24.61
N SER C 109 -3.64 -17.26 25.76
CA SER C 109 -4.35 -17.32 27.03
C SER C 109 -5.27 -16.12 27.26
N ILE C 110 -5.09 -15.03 26.52
CA ILE C 110 -5.73 -13.75 26.80
C ILE C 110 -7.00 -13.64 25.97
N SER C 111 -8.00 -12.94 26.51
CA SER C 111 -9.28 -12.78 25.85
C SER C 111 -9.14 -11.87 24.63
N GLY C 112 -10.26 -11.67 23.93
CA GLY C 112 -10.24 -10.97 22.67
C GLY C 112 -9.92 -9.49 22.78
N TYR C 113 -10.36 -8.84 23.86
CA TYR C 113 -10.26 -7.39 23.94
C TYR C 113 -8.82 -6.91 24.00
N ILE C 114 -8.00 -7.53 24.86
CA ILE C 114 -6.63 -7.05 25.04
C ILE C 114 -5.80 -7.36 23.80
N THR C 115 -5.99 -8.54 23.21
CA THR C 115 -5.23 -8.87 22.01
C THR C 115 -5.65 -8.00 20.84
N SER C 116 -6.93 -7.65 20.75
CA SER C 116 -7.35 -6.71 19.71
C SER C 116 -6.70 -5.35 19.93
N LEU C 117 -6.62 -4.91 21.19
CA LEU C 117 -5.94 -3.64 21.48
C LEU C 117 -4.46 -3.72 21.10
N ALA C 118 -3.82 -4.86 21.39
CA ALA C 118 -2.41 -5.01 21.05
C ALA C 118 -2.19 -5.02 19.54
N LEU C 119 -3.09 -5.66 18.79
CA LEU C 119 -2.92 -5.68 17.34
C LEU C 119 -3.21 -4.32 16.72
N ASP C 120 -4.18 -3.58 17.26
CA ASP C 120 -4.36 -2.20 16.84
C ASP C 120 -3.13 -1.37 17.17
N SER C 121 -2.51 -1.65 18.32
CA SER C 121 -1.29 -0.96 18.69
C SER C 121 -0.16 -1.25 17.71
N LEU C 122 -0.03 -2.50 17.28
CA LEU C 122 0.98 -2.85 16.29
C LEU C 122 0.67 -2.23 14.92
N GLN C 123 -0.62 -2.13 14.58
CA GLN C 123 -1.01 -1.39 13.38
C GLN C 123 -0.56 0.05 13.47
N LYS C 124 -0.71 0.66 14.64
CA LYS C 124 -0.23 2.03 14.84
C LYS C 124 1.29 2.11 14.73
N PHE C 125 1.99 1.08 15.21
CA PHE C 125 3.44 1.00 15.07
C PHE C 125 3.87 1.09 13.62
N PHE C 126 3.30 0.23 12.77
CA PHE C 126 3.70 0.27 11.36
C PHE C 126 3.10 1.45 10.60
N THR C 127 2.00 2.03 11.08
CA THR C 127 1.48 3.24 10.46
C THR C 127 2.42 4.41 10.67
N LEU C 128 2.93 4.57 11.90
CA LEU C 128 3.82 5.70 12.19
C LEU C 128 5.23 5.49 11.65
N ASN C 129 5.63 4.26 11.32
CA ASN C 129 6.97 3.96 10.82
C ASN C 129 8.04 4.37 11.81
N ILE C 130 7.75 4.18 13.10
CA ILE C 130 8.75 4.47 14.13
C ILE C 130 9.92 3.50 14.03
N ILE C 131 9.65 2.25 13.66
CA ILE C 131 10.71 1.23 13.54
C ILE C 131 11.30 1.41 12.15
N ASN C 132 12.24 2.34 12.05
CA ASN C 132 12.90 2.63 10.79
C ASN C 132 14.02 1.63 10.52
N GLU C 133 14.51 1.64 9.28
CA GLU C 133 15.69 0.85 8.94
C GLU C 133 16.95 1.35 9.64
N SER C 134 16.97 2.63 10.05
CA SER C 134 18.11 3.14 10.79
C SER C 134 18.27 2.42 12.13
N SER C 135 17.17 2.07 12.77
CA SER C 135 17.24 1.34 14.02
C SER C 135 17.83 -0.04 13.80
N GLN C 136 18.76 -0.42 14.68
CA GLN C 136 19.42 -1.71 14.55
C GLN C 136 18.47 -2.87 14.87
N ASN C 137 18.73 -4.00 14.22
CA ASN C 137 17.96 -5.23 14.44
C ASN C 137 16.50 -5.08 14.05
N TYR C 138 16.21 -4.21 13.07
CA TYR C 138 14.84 -4.07 12.61
C TYR C 138 14.39 -5.26 11.78
N ILE C 139 15.32 -5.90 11.07
CA ILE C 139 14.98 -7.06 10.24
C ILE C 139 14.49 -8.19 11.13
N GLY C 140 15.24 -8.49 12.20
CA GLY C 140 14.82 -9.52 13.12
C GLY C 140 13.53 -9.17 13.84
N ALA C 141 13.34 -7.89 14.14
CA ALA C 141 12.11 -7.45 14.80
C ALA C 141 10.88 -7.72 13.92
N HIS C 142 10.96 -7.32 12.65
CA HIS C 142 9.83 -7.57 11.76
C HIS C 142 9.67 -9.06 11.47
N ARG C 143 10.78 -9.81 11.44
CA ARG C 143 10.70 -11.25 11.26
C ARG C 143 9.93 -11.91 12.40
N ALA C 144 10.25 -11.52 13.64
CA ALA C 144 9.53 -12.03 14.79
C ALA C 144 8.07 -11.60 14.76
N THR C 145 7.82 -10.35 14.34
CA THR C 145 6.46 -9.84 14.26
C THR C 145 5.62 -10.68 13.29
N VAL C 146 6.16 -10.95 12.12
CA VAL C 146 5.43 -11.74 11.13
C VAL C 146 5.28 -13.18 11.61
N ASN C 147 6.31 -13.74 12.24
CA ASN C 147 6.23 -15.10 12.74
C ASN C 147 5.20 -15.25 13.84
N ALA C 148 4.92 -14.17 14.58
CA ALA C 148 3.90 -14.22 15.62
C ALA C 148 2.50 -13.93 15.08
N LEU C 149 2.39 -13.07 14.07
CA LEU C 149 1.08 -12.74 13.53
C LEU C 149 0.42 -13.96 12.89
N THR C 150 1.21 -14.80 12.21
CA THR C 150 0.63 -15.97 11.56
C THR C 150 0.09 -16.96 12.58
N HIS C 151 0.69 -17.03 13.77
CA HIS C 151 0.21 -17.88 14.85
C HIS C 151 -0.73 -17.11 15.77
N CYS C 152 -1.74 -16.48 15.17
CA CYS C 152 -2.69 -15.65 15.93
C CYS C 152 -3.71 -16.56 16.60
N ARG C 153 -3.66 -16.63 17.93
CA ARG C 153 -4.56 -17.45 18.72
C ARG C 153 -5.03 -16.64 19.92
N PHE C 154 -6.21 -17.00 20.44
CA PHE C 154 -6.79 -16.32 21.59
C PHE C 154 -7.95 -17.13 22.17
N ASP C 162 -14.71 -10.86 18.21
CA ASP C 162 -14.02 -12.07 17.77
C ASP C 162 -13.45 -11.88 16.37
N ASP C 163 -14.30 -11.46 15.43
CA ASP C 163 -13.86 -11.24 14.07
C ASP C 163 -13.06 -9.96 13.89
N SER C 164 -13.21 -8.99 14.81
CA SER C 164 -12.50 -7.73 14.71
C SER C 164 -10.99 -7.94 14.77
N VAL C 165 -10.53 -8.73 15.74
CA VAL C 165 -9.09 -9.01 15.86
C VAL C 165 -8.60 -9.75 14.61
N LEU C 166 -9.42 -10.66 14.10
CA LEU C 166 -9.02 -11.49 12.97
C LEU C 166 -9.06 -10.73 11.64
N LEU C 167 -9.70 -9.57 11.59
CA LEU C 167 -9.54 -8.64 10.47
C LEU C 167 -8.37 -7.69 10.68
N LYS C 168 -8.13 -7.30 11.94
CA LYS C 168 -6.99 -6.44 12.24
C LYS C 168 -5.68 -7.14 11.87
N VAL C 169 -5.61 -8.45 12.09
CA VAL C 169 -4.37 -9.16 11.81
C VAL C 169 -4.08 -9.20 10.30
N VAL C 170 -5.10 -9.43 9.47
CA VAL C 170 -4.85 -9.48 8.03
C VAL C 170 -4.57 -8.09 7.49
N PHE C 171 -5.21 -7.05 8.05
CA PHE C 171 -4.85 -5.68 7.64
C PHE C 171 -3.41 -5.37 8.00
N LEU C 172 -2.97 -5.81 9.18
CA LEU C 172 -1.58 -5.63 9.58
C LEU C 172 -0.64 -6.35 8.61
N LEU C 173 -1.01 -7.56 8.23
CA LEU C 173 -0.18 -8.32 7.29
C LEU C 173 -0.13 -7.64 5.92
N ARG C 174 -1.24 -7.03 5.51
CA ARG C 174 -1.24 -6.25 4.27
C ARG C 174 -0.26 -5.10 4.36
N SER C 175 -0.29 -4.37 5.48
CA SER C 175 0.67 -3.27 5.64
C SER C 175 2.10 -3.77 5.73
N ILE C 176 2.29 -4.99 6.22
CA ILE C 176 3.62 -5.59 6.24
C ILE C 176 4.11 -5.80 4.81
N VAL C 177 3.38 -6.62 4.05
CA VAL C 177 3.89 -7.08 2.77
C VAL C 177 3.88 -5.98 1.72
N ASP C 178 2.89 -5.08 1.77
CA ASP C 178 2.83 -4.01 0.79
C ASP C 178 4.02 -3.06 0.93
N SER C 179 4.48 -2.83 2.15
CA SER C 179 5.60 -1.93 2.38
C SER C 179 6.88 -2.53 1.79
N PRO C 180 7.90 -1.70 1.52
CA PRO C 180 9.17 -2.26 1.03
C PRO C 180 9.85 -3.21 2.01
N TYR C 181 9.54 -3.10 3.31
CA TYR C 181 10.18 -3.94 4.32
C TYR C 181 9.87 -5.41 4.12
N GLY C 182 8.76 -5.74 3.45
CA GLY C 182 8.48 -7.12 3.08
C GLY C 182 9.54 -7.75 2.19
N ASP C 183 10.32 -6.94 1.48
CA ASP C 183 11.44 -7.48 0.71
C ASP C 183 12.51 -8.09 1.59
N LEU C 184 12.59 -7.71 2.87
CA LEU C 184 13.62 -8.22 3.77
C LEU C 184 13.21 -9.52 4.48
N LEU C 185 12.08 -10.12 4.11
CA LEU C 185 11.50 -11.23 4.85
C LEU C 185 12.05 -12.56 4.34
N SER C 186 11.83 -13.61 5.13
CA SER C 186 12.28 -14.97 4.83
C SER C 186 11.15 -15.80 4.23
N ASN C 187 11.52 -16.94 3.66
CA ASN C 187 10.57 -17.78 2.94
C ASN C 187 9.68 -18.57 3.89
N SER C 188 10.21 -19.03 5.02
CA SER C 188 9.42 -19.85 5.93
C SER C 188 8.29 -19.03 6.55
N ILE C 189 8.61 -17.84 7.05
CA ILE C 189 7.60 -17.02 7.72
C ILE C 189 6.55 -16.52 6.73
N ILE C 190 6.96 -16.13 5.53
CA ILE C 190 5.98 -15.66 4.56
C ILE C 190 5.13 -16.81 4.05
N TYR C 191 5.69 -18.02 3.96
CA TYR C 191 4.88 -19.19 3.63
C TYR C 191 3.85 -19.46 4.73
N ASP C 192 4.25 -19.31 5.99
CA ASP C 192 3.30 -19.47 7.08
C ASP C 192 2.21 -18.40 7.02
N VAL C 193 2.58 -17.18 6.60
CA VAL C 193 1.61 -16.11 6.42
C VAL C 193 0.58 -16.52 5.39
N LEU C 194 1.06 -16.98 4.22
CA LEU C 194 0.17 -17.40 3.15
C LEU C 194 -0.72 -18.55 3.60
N GLN C 195 -0.17 -19.45 4.43
CA GLN C 195 -0.96 -20.54 4.97
C GLN C 195 -2.11 -20.03 5.82
N THR C 196 -1.86 -19.03 6.68
CA THR C 196 -2.96 -18.58 7.54
C THR C 196 -4.00 -17.77 6.77
N ILE C 197 -3.60 -16.98 5.76
CA ILE C 197 -4.65 -16.31 4.97
C ILE C 197 -5.44 -17.35 4.17
N LEU C 198 -4.79 -18.42 3.71
CA LEU C 198 -5.52 -19.49 3.04
C LEU C 198 -6.51 -20.15 3.99
N SER C 199 -6.10 -20.36 5.24
CA SER C 199 -7.02 -20.94 6.22
C SER C 199 -8.20 -20.02 6.47
N LEU C 200 -7.95 -18.70 6.51
CA LEU C 200 -9.05 -17.76 6.68
C LEU C 200 -10.00 -17.79 5.49
N ALA C 201 -9.46 -17.81 4.27
CA ALA C 201 -10.31 -17.78 3.09
C ALA C 201 -11.10 -19.07 2.94
N CYS C 202 -10.49 -20.21 3.21
CA CYS C 202 -11.15 -21.50 3.02
C CYS C 202 -12.31 -21.72 3.98
N ASN C 203 -12.32 -21.05 5.13
CA ASN C 203 -13.33 -21.29 6.14
C ASN C 203 -14.67 -20.76 5.62
N ASN C 204 -15.75 -21.40 6.07
CA ASN C 204 -17.12 -20.98 5.81
C ASN C 204 -17.89 -20.59 7.07
N ARG C 205 -17.43 -21.04 8.25
CA ARG C 205 -18.08 -20.66 9.50
C ARG C 205 -18.00 -19.15 9.73
N ARG C 206 -16.86 -18.55 9.39
CA ARG C 206 -16.67 -17.13 9.60
C ARG C 206 -17.57 -16.34 8.64
N SER C 207 -17.73 -15.04 8.93
CA SER C 207 -18.57 -14.20 8.13
C SER C 207 -17.98 -13.98 6.74
N GLU C 208 -18.87 -13.80 5.75
CA GLU C 208 -18.43 -13.64 4.37
C GLU C 208 -17.61 -12.37 4.17
N VAL C 209 -17.86 -11.34 4.98
CA VAL C 209 -17.11 -10.10 4.87
C VAL C 209 -15.63 -10.32 5.22
N LEU C 210 -15.36 -11.13 6.27
CA LEU C 210 -13.99 -11.45 6.60
C LEU C 210 -13.34 -12.29 5.51
N ARG C 211 -14.10 -13.20 4.90
CA ARG C 211 -13.58 -13.98 3.78
C ARG C 211 -13.23 -13.07 2.61
N ASN C 212 -14.03 -12.04 2.36
CA ASN C 212 -13.71 -11.10 1.29
C ASN C 212 -12.44 -10.32 1.61
N ALA C 213 -12.26 -9.95 2.88
CA ALA C 213 -11.00 -9.33 3.29
C ALA C 213 -9.82 -10.26 3.01
N ALA C 214 -10.00 -11.55 3.31
CA ALA C 214 -8.96 -12.54 3.02
C ALA C 214 -8.69 -12.63 1.53
N GLN C 215 -9.74 -12.56 0.70
CA GLN C 215 -9.55 -12.60 -0.74
C GLN C 215 -8.74 -11.41 -1.22
N SER C 216 -9.06 -10.22 -0.71
CA SER C 216 -8.35 -9.02 -1.14
C SER C 216 -6.88 -9.07 -0.74
N THR C 217 -6.60 -9.46 0.50
CA THR C 217 -5.20 -9.50 0.93
C THR C 217 -4.44 -10.63 0.25
N MET C 218 -5.13 -11.73 -0.13
CA MET C 218 -4.47 -12.75 -0.93
C MET C 218 -4.11 -12.23 -2.31
N ILE C 219 -4.99 -11.46 -2.95
CA ILE C 219 -4.66 -10.91 -4.26
C ILE C 219 -3.45 -9.98 -4.15
N ALA C 220 -3.45 -9.13 -3.11
CA ALA C 220 -2.33 -8.20 -2.92
C ALA C 220 -1.03 -8.94 -2.66
N VAL C 221 -1.05 -9.94 -1.78
CA VAL C 221 0.19 -10.63 -1.44
C VAL C 221 0.67 -11.48 -2.60
N THR C 222 -0.25 -12.04 -3.40
CA THR C 222 0.16 -12.75 -4.62
C THR C 222 0.89 -11.83 -5.57
N VAL C 223 0.35 -10.62 -5.76
CA VAL C 223 0.98 -9.66 -6.65
C VAL C 223 2.36 -9.29 -6.13
N LYS C 224 2.46 -9.05 -4.82
CA LYS C 224 3.75 -8.66 -4.24
C LYS C 224 4.77 -9.79 -4.36
N ILE C 225 4.36 -11.04 -4.14
CA ILE C 225 5.29 -12.16 -4.22
C ILE C 225 5.74 -12.36 -5.66
N PHE C 226 4.80 -12.42 -6.60
CA PHE C 226 5.17 -12.71 -7.98
C PHE C 226 5.83 -11.53 -8.68
N SER C 227 5.75 -10.31 -8.14
CA SER C 227 6.50 -9.22 -8.72
C SER C 227 8.01 -9.44 -8.59
N LYS C 228 8.45 -10.18 -7.57
CA LYS C 228 9.87 -10.40 -7.36
C LYS C 228 10.52 -11.23 -8.48
N LEU C 229 9.73 -11.94 -9.28
CA LEU C 229 10.32 -12.73 -10.36
C LEU C 229 11.00 -11.86 -11.40
N LYS C 230 10.44 -10.68 -11.66
CA LYS C 230 11.05 -9.75 -12.61
C LYS C 230 12.29 -9.11 -12.02
N LEU C 329 12.49 -16.74 -3.43
CA LEU C 329 12.23 -17.43 -4.69
C LEU C 329 11.81 -18.90 -4.51
N PRO C 330 12.41 -19.64 -3.56
CA PRO C 330 11.82 -20.93 -3.20
C PRO C 330 10.40 -20.83 -2.67
N VAL C 331 10.03 -19.70 -2.07
CA VAL C 331 8.67 -19.53 -1.58
C VAL C 331 7.68 -19.55 -2.73
N VAL C 332 8.09 -19.07 -3.91
CA VAL C 332 7.21 -19.18 -5.09
C VAL C 332 6.97 -20.64 -5.43
N ARG C 333 8.01 -21.45 -5.35
CA ARG C 333 7.89 -22.89 -5.62
C ARG C 333 6.95 -23.55 -4.63
N GLN C 334 7.11 -23.23 -3.34
CA GLN C 334 6.24 -23.82 -2.32
C GLN C 334 4.80 -23.33 -2.49
N TYR C 335 4.63 -22.05 -2.86
CA TYR C 335 3.30 -21.50 -3.06
C TYR C 335 2.60 -22.18 -4.22
N LEU C 336 3.31 -22.42 -5.33
CA LEU C 336 2.69 -23.09 -6.46
C LEU C 336 2.45 -24.56 -6.13
N ASN C 337 3.27 -25.17 -5.28
CA ASN C 337 2.95 -26.51 -4.79
C ASN C 337 1.64 -26.52 -4.00
N LEU C 338 1.45 -25.51 -3.15
CA LEU C 338 0.22 -25.43 -2.36
C LEU C 338 -0.98 -25.24 -3.27
N LEU C 339 -0.86 -24.39 -4.30
CA LEU C 339 -1.96 -24.23 -5.24
C LEU C 339 -2.18 -25.48 -6.07
N LEU C 340 -1.12 -26.25 -6.35
CA LEU C 340 -1.31 -27.55 -6.99
C LEU C 340 -2.13 -28.46 -6.11
N SER C 341 -1.85 -28.47 -4.81
CA SER C 341 -2.63 -29.28 -3.88
C SER C 341 -4.07 -28.82 -3.82
N LEU C 342 -4.29 -27.50 -3.90
CA LEU C 342 -5.66 -26.97 -3.90
C LEU C 342 -6.43 -27.42 -5.14
N ILE C 343 -5.83 -27.21 -6.31
CA ILE C 343 -6.54 -27.42 -7.58
C ILE C 343 -6.62 -28.87 -7.99
N ALA C 344 -5.72 -29.74 -7.52
CA ALA C 344 -5.59 -31.06 -8.09
C ALA C 344 -6.84 -31.91 -7.78
N PRO C 345 -7.16 -32.89 -8.64
CA PRO C 345 -8.42 -33.61 -8.46
C PRO C 345 -8.39 -34.63 -7.34
N GLU C 346 -7.21 -35.00 -6.82
CA GLU C 346 -7.13 -35.95 -5.72
C GLU C 346 -7.78 -35.38 -4.46
N ASN C 347 -7.62 -34.09 -4.22
CA ASN C 347 -8.15 -33.42 -3.04
C ASN C 347 -9.55 -32.87 -3.28
N GLU C 348 -10.45 -33.74 -3.75
CA GLU C 348 -11.81 -33.30 -4.08
C GLU C 348 -12.67 -33.23 -2.83
N LEU C 349 -12.65 -34.29 -2.02
CA LEU C 349 -13.54 -34.35 -0.86
C LEU C 349 -13.14 -33.35 0.21
N LYS C 350 -11.84 -33.08 0.37
CA LYS C 350 -11.34 -32.23 1.44
C LYS C 350 -11.29 -30.74 1.05
N HIS C 351 -12.08 -30.32 0.07
CA HIS C 351 -12.15 -28.92 -0.32
C HIS C 351 -13.52 -28.63 -0.91
N SER C 352 -13.95 -27.38 -0.76
CA SER C 352 -15.21 -26.90 -1.31
C SER C 352 -14.99 -26.28 -2.68
N TYR C 353 -16.08 -26.17 -3.44
CA TYR C 353 -15.99 -25.57 -4.77
C TYR C 353 -15.61 -24.09 -4.70
N SER C 354 -16.00 -23.40 -3.62
CA SER C 354 -15.58 -22.02 -3.45
C SER C 354 -14.07 -21.92 -3.32
N THR C 355 -13.47 -22.84 -2.56
CA THR C 355 -12.02 -22.84 -2.40
C THR C 355 -11.32 -23.13 -3.73
N ARG C 356 -11.89 -24.05 -4.53
CA ARG C 356 -11.30 -24.34 -5.83
C ARG C 356 -11.41 -23.16 -6.78
N ILE C 357 -12.55 -22.44 -6.73
CA ILE C 357 -12.71 -21.23 -7.53
C ILE C 357 -11.67 -20.21 -7.12
N PHE C 358 -11.47 -20.06 -5.81
CA PHE C 358 -10.47 -19.12 -5.30
C PHE C 358 -9.07 -19.50 -5.76
N GLY C 359 -8.73 -20.78 -5.69
CA GLY C 359 -7.41 -21.21 -6.16
C GLY C 359 -7.22 -20.96 -7.64
N LEU C 360 -8.26 -21.24 -8.43
CA LEU C 360 -8.22 -20.95 -9.87
C LEU C 360 -7.94 -19.49 -10.12
N GLU C 361 -8.68 -18.60 -9.44
CA GLU C 361 -8.44 -17.17 -9.61
C GLU C 361 -7.06 -16.77 -9.13
N LEU C 362 -6.53 -17.44 -8.10
CA LEU C 362 -5.20 -17.09 -7.61
C LEU C 362 -4.13 -17.38 -8.65
N ILE C 363 -4.11 -18.59 -9.21
CA ILE C 363 -3.09 -18.85 -10.24
C ILE C 363 -3.39 -18.04 -11.50
N GLN C 364 -4.66 -17.74 -11.77
CA GLN C 364 -5.00 -16.94 -12.96
C GLN C 364 -4.43 -15.54 -12.87
N THR C 365 -4.62 -14.86 -11.73
CA THR C 365 -4.08 -13.53 -11.55
C THR C 365 -2.58 -13.54 -11.25
N ALA C 366 -2.03 -14.68 -10.83
CA ALA C 366 -0.58 -14.78 -10.68
C ALA C 366 0.10 -14.90 -12.04
N LEU C 367 -0.53 -15.61 -12.98
CA LEU C 367 0.06 -15.81 -14.30
C LEU C 367 0.20 -14.49 -15.06
N GLU C 368 -0.75 -13.58 -14.87
CA GLU C 368 -0.80 -12.38 -15.70
C GLU C 368 0.36 -11.42 -15.44
N ILE C 369 0.99 -11.50 -14.26
CA ILE C 369 1.94 -10.47 -13.87
C ILE C 369 3.34 -10.78 -14.39
N SER C 370 3.72 -12.06 -14.39
CA SER C 370 5.04 -12.51 -14.82
C SER C 370 4.89 -13.74 -15.71
N GLY C 371 4.01 -13.64 -16.70
CA GLY C 371 3.65 -14.76 -17.53
C GLY C 371 4.79 -15.35 -18.35
N ASP C 372 5.33 -14.56 -19.29
CA ASP C 372 6.39 -15.08 -20.14
C ASP C 372 7.66 -15.39 -19.36
N ARG C 373 7.91 -14.63 -18.29
CA ARG C 373 9.14 -14.84 -17.51
C ARG C 373 9.14 -16.19 -16.79
N LEU C 374 7.99 -16.85 -16.65
CA LEU C 374 7.98 -18.21 -16.12
C LEU C 374 8.64 -19.21 -17.04
N GLN C 375 8.82 -18.87 -18.33
CA GLN C 375 9.52 -19.77 -19.24
C GLN C 375 10.97 -19.97 -18.82
N LEU C 376 11.62 -18.88 -18.36
CA LEU C 376 13.03 -18.95 -18.02
C LEU C 376 13.29 -19.89 -16.85
N TYR C 377 12.46 -19.85 -15.83
CA TYR C 377 12.66 -20.68 -14.65
C TYR C 377 12.16 -22.09 -14.94
N PRO C 378 13.00 -23.14 -14.83
CA PRO C 378 12.57 -24.45 -15.35
C PRO C 378 11.61 -25.18 -14.42
N ARG C 379 11.83 -25.08 -13.11
CA ARG C 379 11.05 -25.87 -12.18
C ARG C 379 9.60 -25.38 -12.15
N LEU C 380 9.41 -24.06 -12.11
CA LEU C 380 8.06 -23.50 -12.12
C LEU C 380 7.34 -23.80 -13.41
N PHE C 381 8.06 -23.74 -14.54
CA PHE C 381 7.44 -24.09 -15.82
C PHE C 381 7.05 -25.56 -15.85
N THR C 382 7.88 -26.43 -15.26
CA THR C 382 7.51 -27.84 -15.17
C THR C 382 6.27 -28.01 -14.30
N LEU C 383 6.17 -27.24 -13.22
CA LEU C 383 5.00 -27.32 -12.35
C LEU C 383 3.74 -26.85 -13.07
N ILE C 384 3.87 -25.83 -13.91
CA ILE C 384 2.73 -25.31 -14.67
C ILE C 384 2.46 -26.14 -15.92
N SER C 385 3.37 -27.02 -16.33
CA SER C 385 3.21 -27.78 -17.55
C SER C 385 2.48 -29.11 -17.32
N ASP C 386 3.07 -30.00 -16.53
CA ASP C 386 2.55 -31.36 -16.42
C ASP C 386 1.36 -31.44 -15.45
N PRO C 387 1.52 -31.15 -14.14
CA PRO C 387 0.45 -31.49 -13.20
C PRO C 387 -0.74 -30.54 -13.20
N ILE C 388 -0.49 -29.24 -13.34
CA ILE C 388 -1.59 -28.28 -13.22
C ILE C 388 -2.52 -28.41 -14.43
N PHE C 389 -1.99 -28.80 -15.60
CA PHE C 389 -2.86 -29.08 -16.73
C PHE C 389 -3.62 -30.38 -16.54
N LYS C 390 -3.04 -31.35 -15.81
CA LYS C 390 -3.83 -32.49 -15.41
C LYS C 390 -5.03 -32.04 -14.58
N SER C 391 -4.79 -31.10 -13.66
CA SER C 391 -5.87 -30.56 -12.86
C SER C 391 -6.89 -29.82 -13.72
N ILE C 392 -6.44 -29.01 -14.67
CA ILE C 392 -7.36 -28.15 -15.40
C ILE C 392 -8.23 -29.02 -16.30
N LEU C 393 -7.63 -30.08 -16.89
CA LEU C 393 -8.37 -30.97 -17.76
C LEU C 393 -9.33 -31.85 -16.97
N PHE C 394 -8.91 -32.31 -15.78
CA PHE C 394 -9.82 -33.07 -14.94
C PHE C 394 -11.01 -32.22 -14.52
N ILE C 395 -10.77 -30.94 -14.22
CA ILE C 395 -11.86 -30.09 -13.74
C ILE C 395 -12.84 -29.80 -14.89
N ILE C 396 -12.33 -29.47 -16.08
CA ILE C 396 -13.27 -29.15 -17.17
C ILE C 396 -14.00 -30.42 -17.59
N GLN C 397 -13.39 -31.60 -17.46
CA GLN C 397 -14.09 -32.83 -17.79
C GLN C 397 -15.31 -33.11 -16.91
N ASN C 398 -15.10 -33.30 -15.61
CA ASN C 398 -16.09 -33.89 -14.71
C ASN C 398 -16.69 -32.87 -13.76
N THR C 399 -16.97 -31.65 -14.25
CA THR C 399 -17.59 -30.59 -13.49
C THR C 399 -19.01 -30.36 -13.97
N THR C 400 -19.92 -30.18 -13.01
CA THR C 400 -21.31 -29.82 -13.27
C THR C 400 -21.65 -28.40 -12.87
N LYS C 401 -20.99 -27.84 -11.85
CA LYS C 401 -21.27 -26.49 -11.42
C LYS C 401 -20.83 -25.48 -12.49
N LEU C 402 -21.65 -24.45 -12.69
CA LEU C 402 -21.38 -23.48 -13.75
C LEU C 402 -20.35 -22.45 -13.32
N SER C 403 -20.41 -21.99 -12.06
CA SER C 403 -19.43 -21.01 -11.59
C SER C 403 -18.04 -21.62 -11.56
N LEU C 404 -17.94 -22.89 -11.18
CA LEU C 404 -16.64 -23.56 -11.16
C LEU C 404 -16.05 -23.62 -12.56
N LEU C 405 -16.84 -24.01 -13.57
CA LEU C 405 -16.33 -24.04 -14.93
C LEU C 405 -16.02 -22.65 -15.45
N GLN C 406 -16.79 -21.64 -15.02
CA GLN C 406 -16.53 -20.27 -15.41
C GLN C 406 -15.15 -19.82 -14.92
N ALA C 407 -14.81 -20.18 -13.67
CA ALA C 407 -13.48 -19.86 -13.18
C ALA C 407 -12.41 -20.71 -13.86
N THR C 408 -12.71 -21.99 -14.13
CA THR C 408 -11.72 -22.89 -14.70
C THR C 408 -11.28 -22.46 -16.10
N LEU C 409 -12.24 -22.16 -16.97
CA LEU C 409 -11.87 -21.87 -18.36
C LEU C 409 -11.06 -20.57 -18.48
N GLN C 410 -11.17 -19.66 -17.51
CA GLN C 410 -10.46 -18.39 -17.61
C GLN C 410 -8.95 -18.60 -17.58
N LEU C 411 -8.50 -19.43 -16.64
CA LEU C 411 -7.07 -19.72 -16.53
C LEU C 411 -6.55 -20.39 -17.79
N PHE C 412 -7.33 -21.33 -18.34
CA PHE C 412 -6.92 -22.02 -19.55
C PHE C 412 -6.79 -21.07 -20.72
N THR C 413 -7.75 -20.15 -20.87
CA THR C 413 -7.67 -19.20 -21.97
C THR C 413 -6.48 -18.27 -21.82
N THR C 414 -6.21 -17.78 -20.60
CA THR C 414 -5.05 -16.92 -20.40
C THR C 414 -3.75 -17.68 -20.65
N LEU C 415 -3.70 -18.96 -20.27
CA LEU C 415 -2.49 -19.74 -20.48
C LEU C 415 -2.24 -19.98 -21.96
N VAL C 416 -3.31 -20.26 -22.72
CA VAL C 416 -3.20 -20.31 -24.18
C VAL C 416 -2.71 -18.98 -24.74
N VAL C 417 -3.20 -17.86 -24.20
CA VAL C 417 -2.85 -16.58 -24.80
C VAL C 417 -1.38 -16.25 -24.55
N ILE C 418 -0.91 -16.45 -23.32
CA ILE C 418 0.45 -16.03 -22.95
C ILE C 418 1.45 -17.14 -23.25
N LEU C 419 1.33 -18.29 -22.56
CA LEU C 419 2.31 -19.37 -22.66
C LEU C 419 1.93 -20.43 -23.68
N GLY C 420 1.24 -20.05 -24.76
CA GLY C 420 0.84 -21.03 -25.75
C GLY C 420 1.97 -21.57 -26.59
N ASN C 421 3.10 -20.87 -26.65
CA ASN C 421 4.18 -21.27 -27.55
C ASN C 421 4.85 -22.55 -27.09
N ASN C 422 5.09 -22.69 -25.79
CA ASN C 422 6.00 -23.72 -25.29
C ASN C 422 5.31 -25.03 -24.97
N LEU C 423 4.17 -24.98 -24.29
CA LEU C 423 3.49 -26.16 -23.75
C LEU C 423 2.38 -26.65 -24.68
N GLN C 424 2.60 -26.54 -25.99
CA GLN C 424 1.53 -26.71 -26.96
C GLN C 424 0.99 -28.14 -27.05
N LEU C 425 1.70 -29.14 -26.54
CA LEU C 425 1.16 -30.51 -26.54
C LEU C 425 -0.11 -30.59 -25.69
N GLN C 426 -0.05 -30.02 -24.49
CA GLN C 426 -1.21 -30.00 -23.61
C GLN C 426 -2.33 -29.19 -24.22
N ILE C 427 -1.99 -28.12 -24.96
CA ILE C 427 -3.01 -27.29 -25.58
C ILE C 427 -3.73 -28.10 -26.65
N GLU C 428 -2.98 -28.88 -27.43
CA GLU C 428 -3.57 -29.72 -28.47
C GLU C 428 -4.49 -30.77 -27.85
N LEU C 429 -4.04 -31.40 -26.76
CA LEU C 429 -4.89 -32.38 -26.08
C LEU C 429 -6.17 -31.73 -25.55
N THR C 430 -6.04 -30.55 -24.94
CA THR C 430 -7.20 -29.84 -24.41
C THR C 430 -8.17 -29.45 -25.52
N LEU C 431 -7.66 -28.96 -26.63
CA LEU C 431 -8.55 -28.51 -27.71
C LEU C 431 -9.25 -29.69 -28.36
N THR C 432 -8.53 -30.79 -28.59
CA THR C 432 -9.17 -31.97 -29.17
C THR C 432 -10.25 -32.51 -28.23
N ARG C 433 -9.96 -32.55 -26.93
CA ARG C 433 -10.90 -33.15 -25.99
C ARG C 433 -12.11 -32.25 -25.76
N ILE C 434 -11.88 -30.93 -25.64
CA ILE C 434 -12.99 -30.00 -25.42
C ILE C 434 -13.87 -29.94 -26.66
N PHE C 435 -13.28 -30.05 -27.86
CA PHE C 435 -14.11 -30.09 -29.06
C PHE C 435 -14.82 -31.44 -29.21
N SER C 436 -14.23 -32.50 -28.66
CA SER C 436 -14.91 -33.80 -28.67
C SER C 436 -16.18 -33.75 -27.81
N ILE C 437 -16.07 -33.22 -26.59
CA ILE C 437 -17.28 -33.13 -25.76
C ILE C 437 -18.23 -32.09 -26.34
N LEU C 438 -17.72 -31.07 -27.04
CA LEU C 438 -18.57 -29.99 -27.55
C LEU C 438 -19.55 -30.50 -28.61
N LEU C 439 -19.13 -31.46 -29.43
CA LEU C 439 -19.92 -31.95 -30.56
C LEU C 439 -20.67 -33.24 -30.23
N ASP C 440 -21.17 -33.37 -29.00
CA ASP C 440 -21.95 -34.54 -28.63
C ASP C 440 -23.27 -34.57 -29.41
N PRO C 455 -25.19 -30.94 -21.13
CA PRO C 455 -26.39 -30.22 -21.53
C PRO C 455 -26.10 -28.86 -22.19
N SER C 456 -27.14 -28.04 -22.36
CA SER C 456 -27.03 -26.86 -23.19
C SER C 456 -26.23 -25.75 -22.51
N ILE C 457 -26.46 -25.52 -21.21
CA ILE C 457 -25.87 -24.37 -20.54
C ILE C 457 -24.35 -24.52 -20.44
N ILE C 458 -23.88 -25.75 -20.19
CA ILE C 458 -22.43 -25.98 -20.10
C ILE C 458 -21.78 -25.75 -21.45
N LYS C 459 -22.42 -26.22 -22.52
CA LYS C 459 -21.90 -25.98 -23.86
C LYS C 459 -21.88 -24.49 -24.19
N GLU C 460 -22.90 -23.75 -23.74
CA GLU C 460 -22.95 -22.32 -23.98
C GLU C 460 -21.80 -21.61 -23.29
N LEU C 461 -21.56 -21.95 -22.02
CA LEU C 461 -20.45 -21.34 -21.29
C LEU C 461 -19.12 -21.70 -21.93
N LEU C 462 -18.99 -22.95 -22.39
CA LEU C 462 -17.75 -23.38 -23.02
C LEU C 462 -17.49 -22.63 -24.30
N ILE C 463 -18.53 -22.43 -25.12
CA ILE C 463 -18.38 -21.68 -26.36
C ILE C 463 -17.99 -20.25 -26.05
N GLU C 464 -18.67 -19.64 -25.08
CA GLU C 464 -18.45 -18.22 -24.78
C GLU C 464 -17.05 -17.99 -24.23
N GLN C 465 -16.52 -18.95 -23.47
CA GLN C 465 -15.17 -18.79 -22.93
C GLN C 465 -14.09 -19.15 -23.95
N ILE C 466 -14.29 -20.21 -24.75
CA ILE C 466 -13.26 -20.58 -25.73
C ILE C 466 -13.24 -19.60 -26.89
N SER C 467 -14.28 -18.77 -27.06
CA SER C 467 -14.22 -17.71 -28.07
C SER C 467 -13.13 -16.67 -27.81
N ILE C 468 -12.61 -16.61 -26.57
CA ILE C 468 -11.50 -15.73 -26.19
C ILE C 468 -10.35 -15.82 -27.18
N LEU C 469 -10.00 -17.04 -27.60
CA LEU C 469 -8.76 -17.25 -28.33
C LEU C 469 -8.77 -16.56 -29.69
N TRP C 470 -9.82 -16.77 -30.49
CA TRP C 470 -9.89 -16.07 -31.77
C TRP C 470 -10.31 -14.62 -31.60
N THR C 471 -11.03 -14.29 -30.53
CA THR C 471 -11.53 -12.93 -30.37
C THR C 471 -10.42 -11.92 -30.06
N ARG C 472 -9.22 -12.36 -29.66
CA ARG C 472 -8.12 -11.41 -29.45
C ARG C 472 -7.77 -10.70 -30.75
N SER C 473 -7.50 -11.46 -31.79
CA SER C 473 -7.24 -10.93 -33.13
C SER C 473 -7.28 -12.10 -34.10
N PRO C 474 -7.42 -11.83 -35.41
CA PRO C 474 -7.41 -12.94 -36.39
C PRO C 474 -6.08 -13.68 -36.46
N SER C 475 -4.98 -13.04 -36.06
CA SER C 475 -3.65 -13.59 -36.32
C SER C 475 -3.43 -14.93 -35.63
N PHE C 476 -4.01 -15.10 -34.43
CA PHE C 476 -3.91 -16.38 -33.73
C PHE C 476 -4.44 -17.52 -34.57
N PHE C 477 -5.50 -17.27 -35.35
CA PHE C 477 -6.07 -18.34 -36.14
C PHE C 477 -5.10 -18.79 -37.23
N THR C 478 -4.24 -17.88 -37.71
CA THR C 478 -3.16 -18.30 -38.58
C THR C 478 -2.02 -18.93 -37.77
N SER C 479 -1.76 -18.40 -36.57
CA SER C 479 -0.61 -18.82 -35.78
C SER C 479 -0.70 -20.30 -35.40
N THR C 480 -1.90 -20.74 -35.02
CA THR C 480 -2.10 -22.14 -34.66
C THR C 480 -1.83 -23.07 -35.86
N PHE C 481 -1.99 -22.56 -37.08
CA PHE C 481 -1.64 -23.38 -38.24
C PHE C 481 -0.14 -23.62 -38.31
N ILE C 482 0.67 -22.61 -37.98
CA ILE C 482 2.12 -22.69 -38.15
C ILE C 482 2.81 -23.20 -36.88
N ASN C 483 2.04 -23.80 -35.95
CA ASN C 483 2.58 -24.41 -34.74
C ASN C 483 2.08 -25.83 -34.53
N PHE C 484 0.82 -26.12 -34.84
CA PHE C 484 0.19 -27.40 -34.54
C PHE C 484 0.10 -28.30 -35.77
N ASP C 485 -0.57 -27.83 -36.81
CA ASP C 485 -0.83 -28.65 -37.98
C ASP C 485 0.35 -28.73 -38.94
N CYS C 486 1.27 -27.74 -38.90
CA CYS C 486 2.39 -27.76 -39.83
C CYS C 486 3.33 -28.93 -39.55
N ASN C 487 3.73 -29.10 -38.29
CA ASN C 487 4.70 -30.12 -37.94
C ASN C 487 4.02 -31.49 -37.86
N LEU C 488 4.73 -32.51 -38.38
CA LEU C 488 4.13 -33.84 -38.52
C LEU C 488 3.93 -34.55 -37.20
N ASP C 489 4.64 -34.14 -36.14
CA ASP C 489 4.60 -34.90 -34.90
C ASP C 489 3.22 -34.85 -34.25
N ARG C 490 2.55 -33.71 -34.30
CA ARG C 490 1.33 -33.46 -33.55
C ARG C 490 0.10 -33.62 -34.44
N ALA C 491 -1.02 -33.97 -33.82
CA ALA C 491 -2.24 -34.20 -34.55
C ALA C 491 -2.81 -32.89 -35.09
N ASP C 492 -3.70 -33.02 -36.06
CA ASP C 492 -4.33 -31.85 -36.66
C ASP C 492 -5.26 -31.17 -35.65
N VAL C 493 -5.25 -29.84 -35.65
CA VAL C 493 -6.03 -29.03 -34.73
C VAL C 493 -6.87 -28.03 -35.50
N SER C 494 -6.20 -27.20 -36.32
CA SER C 494 -6.86 -26.05 -36.92
C SER C 494 -7.96 -26.46 -37.90
N ILE C 495 -7.69 -27.46 -38.74
CA ILE C 495 -8.72 -27.88 -39.70
C ILE C 495 -9.90 -28.48 -38.96
N ASN C 496 -9.64 -29.30 -37.94
CA ASN C 496 -10.70 -29.77 -37.07
C ASN C 496 -11.38 -28.61 -36.36
N PHE C 497 -10.63 -27.55 -36.03
CA PHE C 497 -11.21 -26.38 -35.40
C PHE C 497 -12.27 -25.74 -36.30
N LEU C 498 -11.93 -25.47 -37.55
CA LEU C 498 -12.90 -24.87 -38.47
C LEU C 498 -14.08 -25.81 -38.72
N LYS C 499 -13.80 -27.10 -38.92
CA LYS C 499 -14.89 -28.03 -39.24
C LYS C 499 -15.88 -28.15 -38.09
N ALA C 500 -15.37 -28.29 -36.86
CA ALA C 500 -16.26 -28.35 -35.71
C ALA C 500 -17.00 -27.04 -35.51
N LEU C 501 -16.30 -25.90 -35.65
CA LEU C 501 -16.93 -24.62 -35.36
C LEU C 501 -18.05 -24.32 -36.36
N THR C 502 -17.79 -24.57 -37.65
CA THR C 502 -18.82 -24.34 -38.65
C THR C 502 -19.92 -25.41 -38.61
N LYS C 503 -19.64 -26.60 -38.05
CA LYS C 503 -20.74 -27.49 -37.75
C LYS C 503 -21.63 -26.89 -36.67
N LEU C 504 -21.02 -26.24 -35.67
CA LEU C 504 -21.79 -25.66 -34.58
C LEU C 504 -22.57 -24.41 -34.98
N ALA C 505 -22.10 -23.68 -36.00
CA ALA C 505 -22.73 -22.40 -36.33
C ALA C 505 -24.14 -22.54 -36.90
N LEU C 506 -24.54 -23.73 -37.33
CA LEU C 506 -25.87 -23.90 -37.90
C LEU C 506 -26.94 -23.70 -36.82
N PRO C 507 -28.05 -23.02 -37.14
CA PRO C 507 -29.27 -23.15 -36.33
C PRO C 507 -29.79 -24.55 -36.08
N GLU C 508 -29.33 -25.56 -36.83
CA GLU C 508 -29.68 -26.96 -36.53
C GLU C 508 -29.24 -27.36 -35.13
N SER C 509 -28.16 -26.76 -34.61
CA SER C 509 -27.74 -27.00 -33.24
C SER C 509 -28.66 -26.34 -32.20
N ALA C 510 -29.62 -25.51 -32.63
CA ALA C 510 -30.54 -24.89 -31.69
C ALA C 510 -31.40 -25.91 -30.95
N LEU C 511 -31.67 -27.07 -31.58
CA LEU C 511 -32.37 -28.13 -30.87
C LEU C 511 -31.55 -28.66 -29.70
N THR C 512 -30.25 -28.88 -29.93
CA THR C 512 -29.35 -29.43 -28.92
C THR C 512 -28.51 -28.38 -28.20
N THR C 513 -28.71 -27.08 -28.48
CA THR C 513 -27.94 -26.02 -27.84
C THR C 513 -28.80 -24.77 -27.75
N THR C 514 -28.49 -23.92 -26.79
CA THR C 514 -29.25 -22.69 -26.60
C THR C 514 -28.92 -21.69 -27.71
N GLU C 515 -29.76 -20.65 -27.80
CA GLU C 515 -29.65 -19.70 -28.90
C GLU C 515 -28.42 -18.79 -28.80
N SER C 516 -27.79 -18.70 -27.63
CA SER C 516 -26.64 -17.81 -27.48
C SER C 516 -25.40 -18.31 -28.21
N VAL C 517 -25.36 -19.57 -28.62
CA VAL C 517 -24.16 -20.17 -29.22
C VAL C 517 -24.01 -19.78 -30.69
N PRO C 518 -25.03 -19.87 -31.55
CA PRO C 518 -24.86 -19.58 -33.00
C PRO C 518 -24.27 -18.22 -33.32
N PRO C 519 -24.70 -17.11 -32.69
CA PRO C 519 -24.12 -15.82 -33.12
C PRO C 519 -22.66 -15.65 -32.75
N ILE C 520 -22.29 -15.98 -31.50
CA ILE C 520 -20.89 -15.89 -31.12
C ILE C 520 -20.05 -16.90 -31.89
N CYS C 521 -20.63 -18.04 -32.27
CA CYS C 521 -19.94 -18.98 -33.15
C CYS C 521 -19.68 -18.34 -34.51
N LEU C 522 -20.70 -17.69 -35.08
CA LEU C 522 -20.56 -17.10 -36.40
C LEU C 522 -19.59 -15.93 -36.39
N GLU C 523 -19.42 -15.26 -35.25
CA GLU C 523 -18.55 -14.10 -35.17
C GLU C 523 -17.11 -14.46 -35.51
N GLY C 524 -16.65 -15.63 -35.07
CA GLY C 524 -15.28 -16.03 -35.36
C GLY C 524 -15.01 -16.22 -36.85
N LEU C 525 -15.91 -16.93 -37.53
CA LEU C 525 -15.74 -17.14 -38.96
C LEU C 525 -15.88 -15.82 -39.72
N VAL C 526 -16.81 -14.96 -39.30
CA VAL C 526 -16.99 -13.67 -39.96
C VAL C 526 -15.74 -12.83 -39.79
N SER C 527 -15.16 -12.83 -38.58
CA SER C 527 -13.94 -12.08 -38.34
C SER C 527 -12.79 -12.62 -39.17
N LEU C 528 -12.69 -13.94 -39.30
CA LEU C 528 -11.63 -14.54 -40.11
C LEU C 528 -11.73 -14.12 -41.57
N VAL C 529 -12.91 -14.29 -42.17
CA VAL C 529 -13.06 -13.97 -43.59
C VAL C 529 -12.94 -12.46 -43.82
N ASP C 530 -13.40 -11.64 -42.87
CA ASP C 530 -13.23 -10.20 -43.01
C ASP C 530 -11.76 -9.82 -42.94
N ASP C 531 -11.00 -10.45 -42.04
CA ASP C 531 -9.58 -10.15 -41.92
C ASP C 531 -8.82 -10.57 -43.17
N MET C 532 -9.17 -11.72 -43.75
CA MET C 532 -8.48 -12.18 -44.94
C MET C 532 -8.65 -11.24 -46.13
N PHE C 533 -9.72 -10.46 -46.17
CA PHE C 533 -9.84 -9.43 -47.20
C PHE C 533 -8.82 -8.32 -47.01
N ASP C 534 -8.36 -8.10 -45.77
CA ASP C 534 -7.46 -6.98 -45.49
C ASP C 534 -6.09 -7.17 -46.14
N HIS C 535 -5.64 -8.42 -46.30
CA HIS C 535 -4.32 -8.71 -46.84
C HIS C 535 -4.34 -8.94 -48.35
N MET C 536 -5.24 -8.25 -49.07
CA MET C 536 -5.46 -8.45 -50.50
C MET C 536 -4.94 -7.32 -51.36
N LYS C 537 -5.02 -6.08 -50.87
CA LYS C 537 -4.81 -4.91 -51.73
C LYS C 537 -3.35 -4.80 -52.18
N ASP C 538 -2.41 -5.07 -51.27
CA ASP C 538 -1.01 -4.83 -51.58
C ASP C 538 -0.49 -5.81 -52.63
N ILE C 539 -0.80 -7.09 -52.48
CA ILE C 539 -0.27 -8.12 -53.36
C ILE C 539 -1.07 -8.15 -54.65
N ASP C 540 -0.38 -8.13 -55.78
CA ASP C 540 -1.05 -8.23 -57.07
C ASP C 540 -1.53 -9.65 -57.32
N ARG C 541 -2.59 -9.77 -58.12
CA ARG C 541 -3.14 -11.07 -58.43
C ARG C 541 -2.15 -11.93 -59.22
N GLU C 542 -1.51 -11.34 -60.23
CA GLU C 542 -0.62 -12.12 -61.09
C GLU C 542 0.71 -12.41 -60.43
N GLU C 543 1.17 -11.56 -59.51
CA GLU C 543 2.46 -11.77 -58.87
C GLU C 543 2.47 -13.04 -58.03
N PHE C 544 1.40 -13.27 -57.26
CA PHE C 544 1.28 -14.47 -56.45
C PHE C 544 0.69 -15.60 -57.31
N GLY C 545 1.36 -16.75 -57.30
CA GLY C 545 0.91 -17.89 -58.06
C GLY C 545 2.01 -18.91 -58.31
N GLU C 550 7.97 -22.52 -52.77
CA GLU C 550 7.28 -22.35 -51.50
C GLU C 550 8.28 -22.33 -50.34
N MET C 551 7.86 -21.77 -49.22
CA MET C 551 8.73 -21.66 -48.05
C MET C 551 8.86 -23.02 -47.37
N GLU C 552 9.88 -23.14 -46.52
CA GLU C 552 10.18 -24.40 -45.86
C GLU C 552 9.08 -24.82 -44.90
N ILE C 553 8.30 -23.88 -44.37
CA ILE C 553 7.25 -24.22 -43.41
C ILE C 553 6.18 -25.07 -44.08
N LEU C 554 5.77 -24.69 -45.29
CA LEU C 554 4.72 -25.44 -45.98
C LEU C 554 5.19 -26.79 -46.49
N LYS C 555 6.51 -27.02 -46.56
CA LYS C 555 7.00 -28.33 -46.98
C LYS C 555 6.59 -29.40 -45.98
N LYS C 556 6.54 -29.06 -44.69
CA LYS C 556 6.04 -29.99 -43.70
C LYS C 556 4.57 -30.33 -43.94
N ARG C 557 3.77 -29.33 -44.30
CA ARG C 557 2.36 -29.57 -44.63
C ARG C 557 2.23 -30.47 -45.84
N ASP C 558 3.08 -30.26 -46.85
CA ASP C 558 3.06 -31.15 -48.02
C ASP C 558 3.45 -32.57 -47.64
N ARG C 559 4.44 -32.72 -46.77
CA ARG C 559 4.85 -34.07 -46.35
C ARG C 559 3.78 -34.74 -45.49
N LYS C 560 3.00 -33.96 -44.75
CA LYS C 560 2.10 -34.55 -43.76
C LYS C 560 0.96 -35.32 -44.42
N THR C 561 0.44 -34.83 -45.55
CA THR C 561 -0.82 -35.33 -46.07
C THR C 561 -0.74 -36.80 -46.50
N GLU C 562 0.42 -37.23 -46.99
CA GLU C 562 0.59 -38.65 -47.30
C GLU C 562 0.69 -39.51 -46.05
N PHE C 563 1.05 -38.92 -44.91
CA PHE C 563 1.19 -39.70 -43.68
C PHE C 563 -0.15 -40.28 -43.24
N ILE C 564 -1.22 -39.50 -43.37
CA ILE C 564 -2.55 -39.97 -42.95
C ILE C 564 -2.98 -41.15 -43.80
N GLU C 565 -2.81 -41.02 -45.13
CA GLU C 565 -3.17 -42.11 -46.03
C GLU C 565 -2.30 -43.33 -45.80
N CYS C 566 -1.02 -43.13 -45.50
CA CYS C 566 -0.13 -44.25 -45.21
C CYS C 566 -0.58 -44.99 -43.96
N THR C 567 -0.96 -44.25 -42.92
CA THR C 567 -1.43 -44.89 -41.69
C THR C 567 -2.76 -45.60 -41.93
N ASN C 568 -3.65 -45.01 -42.73
CA ASN C 568 -4.91 -45.68 -43.06
C ASN C 568 -4.66 -46.98 -43.81
N ALA C 569 -3.75 -46.97 -44.78
CA ALA C 569 -3.41 -48.19 -45.49
C ALA C 569 -2.76 -49.21 -44.56
N PHE C 570 -1.96 -48.74 -43.60
CA PHE C 570 -1.25 -49.65 -42.70
C PHE C 570 -2.24 -50.34 -41.78
N ASN C 571 -3.14 -49.59 -41.14
CA ASN C 571 -4.14 -50.22 -40.29
C ASN C 571 -5.19 -50.97 -41.09
N GLU C 572 -5.33 -50.69 -42.39
CA GLU C 572 -6.15 -51.54 -43.24
C GLU C 572 -5.55 -52.93 -43.36
N LYS C 573 -4.25 -53.01 -43.59
CA LYS C 573 -3.53 -54.28 -43.61
C LYS C 573 -2.04 -53.99 -43.48
N PRO C 574 -1.26 -54.91 -42.90
CA PRO C 574 0.11 -54.55 -42.52
C PRO C 574 1.11 -54.54 -43.67
N LYS C 575 0.95 -55.48 -44.62
CA LYS C 575 1.99 -55.67 -45.62
C LYS C 575 2.06 -54.52 -46.62
N LYS C 576 0.94 -53.85 -46.88
CA LYS C 576 0.91 -52.77 -47.85
C LYS C 576 1.42 -51.44 -47.30
N GLY C 577 1.60 -51.32 -45.98
CA GLY C 577 1.95 -50.06 -45.39
C GLY C 577 3.43 -49.72 -45.47
N ILE C 578 4.28 -50.63 -44.97
CA ILE C 578 5.72 -50.34 -44.93
C ILE C 578 6.36 -50.06 -46.29
N PRO C 579 6.01 -50.73 -47.41
CA PRO C 579 6.81 -50.47 -48.62
C PRO C 579 6.57 -49.09 -49.21
N MET C 580 5.31 -48.64 -49.27
CA MET C 580 5.02 -47.29 -49.72
C MET C 580 5.66 -46.27 -48.78
N LEU C 581 5.65 -46.55 -47.49
CA LEU C 581 6.25 -45.63 -46.51
C LEU C 581 7.75 -45.50 -46.75
N ILE C 582 8.44 -46.63 -46.95
CA ILE C 582 9.88 -46.59 -47.21
C ILE C 582 10.15 -45.91 -48.56
N GLU C 583 9.25 -46.09 -49.53
CA GLU C 583 9.40 -45.39 -50.81
C GLU C 583 9.29 -43.88 -50.61
N LYS C 584 8.40 -43.44 -49.73
CA LYS C 584 8.33 -42.02 -49.40
C LYS C 584 9.57 -41.54 -48.65
N GLY C 585 10.29 -42.44 -47.98
CA GLY C 585 11.56 -42.08 -47.39
C GLY C 585 11.51 -41.53 -45.98
N PHE C 586 10.40 -41.73 -45.26
CA PHE C 586 10.37 -41.34 -43.86
C PHE C 586 11.35 -42.17 -43.04
N ILE C 587 11.42 -43.47 -43.30
CA ILE C 587 12.35 -44.37 -42.64
C ILE C 587 13.67 -44.30 -43.40
N ALA C 588 14.78 -44.50 -42.68
CA ALA C 588 16.10 -44.38 -43.31
C ALA C 588 16.32 -45.45 -44.38
N SER C 589 15.93 -46.70 -44.10
CA SER C 589 16.12 -47.79 -45.06
C SER C 589 15.18 -48.92 -44.70
N ASP C 590 15.33 -50.05 -45.39
CA ASP C 590 14.50 -51.23 -45.18
C ASP C 590 15.01 -52.13 -44.06
N SER C 591 16.10 -51.78 -43.39
CA SER C 591 16.61 -52.61 -42.31
C SER C 591 15.65 -52.59 -41.13
N ASP C 592 15.68 -53.68 -40.35
CA ASP C 592 14.80 -53.78 -39.19
C ASP C 592 15.16 -52.76 -38.12
N LYS C 593 16.44 -52.35 -38.06
CA LYS C 593 16.85 -51.34 -37.08
C LYS C 593 16.10 -50.03 -37.31
N ASP C 594 15.99 -49.60 -38.57
CA ASP C 594 15.28 -48.36 -38.85
C ASP C 594 13.78 -48.50 -38.60
N ILE C 595 13.23 -49.69 -38.86
CA ILE C 595 11.81 -49.94 -38.59
C ILE C 595 11.55 -49.82 -37.10
N ALA C 596 12.42 -50.41 -36.28
CA ALA C 596 12.28 -50.27 -34.83
C ALA C 596 12.45 -48.83 -34.39
N GLU C 597 13.37 -48.11 -35.05
CA GLU C 597 13.59 -46.70 -34.72
C GLU C 597 12.34 -45.88 -34.99
N PHE C 598 11.63 -46.19 -36.08
CA PHE C 598 10.34 -45.54 -36.33
C PHE C 598 9.38 -45.93 -35.22
N LEU C 599 9.21 -47.23 -34.98
CA LEU C 599 8.07 -47.69 -34.20
C LEU C 599 8.18 -47.30 -32.74
N PHE C 600 9.41 -47.19 -32.20
CA PHE C 600 9.55 -46.80 -30.81
C PHE C 600 9.19 -45.34 -30.59
N ASN C 601 9.50 -44.48 -31.56
CA ASN C 601 9.45 -43.03 -31.31
C ASN C 601 8.05 -42.47 -31.51
N ASN C 602 7.36 -42.85 -32.58
CA ASN C 602 6.12 -42.20 -33.01
C ASN C 602 4.91 -43.13 -32.87
N ASN C 603 4.80 -43.78 -31.71
CA ASN C 603 3.68 -44.69 -31.47
C ASN C 603 2.34 -43.97 -31.51
N ASN C 604 2.30 -42.70 -31.11
CA ASN C 604 1.04 -41.97 -31.02
C ASN C 604 0.37 -41.80 -32.38
N ARG C 605 1.16 -41.68 -33.44
CA ARG C 605 0.57 -41.53 -34.77
C ARG C 605 -0.13 -42.81 -35.21
N MET C 606 0.45 -43.96 -34.90
CA MET C 606 0.01 -45.23 -35.45
C MET C 606 -1.09 -45.84 -34.58
N ASN C 607 -1.83 -46.79 -35.15
CA ASN C 607 -2.87 -47.50 -34.44
C ASN C 607 -2.26 -48.65 -33.64
N LYS C 608 -2.62 -48.73 -32.36
CA LYS C 608 -1.99 -49.71 -31.47
C LYS C 608 -2.35 -51.14 -31.87
N LYS C 609 -3.60 -51.38 -32.28
CA LYS C 609 -4.00 -52.73 -32.67
C LYS C 609 -3.24 -53.18 -33.91
N THR C 610 -2.92 -52.26 -34.82
CA THR C 610 -2.13 -52.62 -36.00
C THR C 610 -0.75 -53.11 -35.58
N ILE C 611 -0.10 -52.43 -34.63
CA ILE C 611 1.21 -52.87 -34.18
C ILE C 611 1.09 -54.20 -33.46
N GLY C 612 0.02 -54.38 -32.68
CA GLY C 612 -0.17 -55.65 -31.99
C GLY C 612 -0.35 -56.80 -32.95
N LEU C 613 -1.07 -56.58 -34.05
CA LEU C 613 -1.26 -57.65 -35.02
C LEU C 613 0.00 -57.91 -35.83
N LEU C 614 0.68 -56.84 -36.27
CA LEU C 614 1.87 -57.01 -37.11
C LEU C 614 3.00 -57.67 -36.32
N LEU C 615 3.21 -57.24 -35.08
CA LEU C 615 4.46 -57.57 -34.39
C LEU C 615 4.54 -59.05 -34.05
N CYS C 616 3.42 -59.71 -33.84
CA CYS C 616 3.40 -61.12 -33.46
C CYS C 616 3.48 -62.07 -34.66
N HIS C 617 3.71 -61.56 -35.87
CA HIS C 617 3.76 -62.43 -37.04
C HIS C 617 4.96 -63.36 -36.93
N PRO C 618 4.82 -64.67 -37.20
CA PRO C 618 5.95 -65.58 -36.94
C PRO C 618 7.13 -65.38 -37.88
N ASP C 619 6.95 -64.68 -39.00
CA ASP C 619 8.05 -64.48 -39.94
C ASP C 619 9.05 -63.45 -39.42
N LYS C 620 8.55 -62.36 -38.81
CA LYS C 620 9.39 -61.21 -38.46
C LYS C 620 9.95 -61.31 -37.05
N VAL C 621 10.59 -62.44 -36.74
CA VAL C 621 11.20 -62.61 -35.42
C VAL C 621 12.37 -61.65 -35.26
N SER C 622 13.10 -61.41 -36.34
CA SER C 622 14.21 -60.46 -36.28
C SER C 622 13.71 -59.05 -35.95
N LEU C 623 12.56 -58.68 -36.50
CA LEU C 623 11.94 -57.41 -36.13
C LEU C 623 11.57 -57.42 -34.65
N LEU C 624 11.12 -58.57 -34.14
CA LEU C 624 10.83 -58.71 -32.71
C LEU C 624 12.06 -58.41 -31.87
N ASN C 625 13.19 -59.06 -32.20
CA ASN C 625 14.41 -58.86 -31.43
C ASN C 625 14.89 -57.42 -31.53
N GLU C 626 14.88 -56.85 -32.74
CA GLU C 626 15.38 -55.49 -32.93
C GLU C 626 14.52 -54.47 -32.20
N TYR C 627 13.19 -54.62 -32.27
CA TYR C 627 12.31 -53.69 -31.56
C TYR C 627 12.43 -53.84 -30.06
N ILE C 628 12.68 -55.05 -29.57
CA ILE C 628 12.77 -55.26 -28.14
C ILE C 628 14.01 -54.58 -27.56
N ARG C 629 15.09 -54.45 -28.34
CA ARG C 629 16.31 -53.83 -27.82
C ARG C 629 16.11 -52.36 -27.47
N LEU C 630 15.20 -51.67 -28.15
CA LEU C 630 15.09 -50.23 -28.00
C LEU C 630 14.64 -49.84 -26.60
N PHE C 631 13.74 -50.62 -26.00
CA PHE C 631 13.26 -50.31 -24.66
C PHE C 631 14.39 -50.50 -23.65
N ASP C 632 14.27 -49.81 -22.52
CA ASP C 632 15.18 -49.94 -21.38
C ASP C 632 14.43 -50.49 -20.17
N PHE C 633 15.12 -51.34 -19.40
CA PHE C 633 14.59 -51.94 -18.18
C PHE C 633 15.60 -51.86 -17.04
N SER C 634 16.61 -51.01 -17.14
CA SER C 634 17.71 -51.00 -16.18
C SER C 634 17.27 -50.31 -14.89
N GLY C 635 17.46 -51.01 -13.77
CA GLY C 635 17.12 -50.45 -12.47
C GLY C 635 15.63 -50.22 -12.26
N LEU C 636 14.80 -51.13 -12.76
CA LEU C 636 13.35 -51.09 -12.58
C LEU C 636 12.87 -52.45 -12.10
N ARG C 637 11.73 -52.45 -11.44
CA ARG C 637 11.07 -53.69 -11.04
C ARG C 637 10.44 -54.36 -12.25
N VAL C 638 9.98 -55.59 -12.07
CA VAL C 638 9.44 -56.35 -13.20
C VAL C 638 8.12 -55.75 -13.67
N ASP C 639 7.27 -55.31 -12.73
CA ASP C 639 5.97 -54.74 -13.14
C ASP C 639 6.17 -53.46 -13.93
N GLU C 640 7.14 -52.63 -13.53
CA GLU C 640 7.46 -51.46 -14.33
C GLU C 640 7.99 -51.85 -15.70
N ALA C 641 8.70 -52.98 -15.78
CA ALA C 641 9.20 -53.45 -17.07
C ALA C 641 8.04 -53.83 -18.00
N ILE C 642 7.07 -54.60 -17.49
CA ILE C 642 5.93 -54.96 -18.34
C ILE C 642 5.10 -53.73 -18.67
N ARG C 643 5.00 -52.77 -17.73
CA ARG C 643 4.26 -51.54 -18.02
C ARG C 643 4.93 -50.76 -19.14
N ILE C 644 6.26 -50.67 -19.10
CA ILE C 644 6.98 -49.98 -20.17
C ILE C 644 6.84 -50.76 -21.48
N LEU C 645 6.78 -52.09 -21.40
CA LEU C 645 6.61 -52.89 -22.60
C LEU C 645 5.26 -52.62 -23.26
N LEU C 646 4.18 -52.72 -22.49
CA LEU C 646 2.84 -52.71 -23.04
C LEU C 646 2.24 -51.31 -23.18
N THR C 647 2.84 -50.30 -22.57
CA THR C 647 2.32 -48.94 -22.76
C THR C 647 2.53 -48.46 -24.19
N LYS C 648 3.58 -48.94 -24.87
CA LYS C 648 3.89 -48.48 -26.21
C LYS C 648 3.04 -49.15 -27.29
N PHE C 649 2.51 -50.34 -27.02
CA PHE C 649 1.72 -51.06 -28.01
C PHE C 649 0.76 -52.00 -27.32
N ARG C 650 -0.37 -52.26 -27.96
CA ARG C 650 -1.37 -53.17 -27.43
C ARG C 650 -0.91 -54.61 -27.60
N LEU C 651 -1.26 -55.45 -26.63
CA LEU C 651 -0.90 -56.86 -26.66
C LEU C 651 -1.89 -57.60 -27.58
N PRO C 652 -1.48 -58.68 -28.25
CA PRO C 652 -2.45 -59.44 -29.03
C PRO C 652 -3.20 -60.42 -28.15
N GLY C 653 -4.43 -60.71 -28.55
CA GLY C 653 -5.32 -61.48 -27.69
C GLY C 653 -4.88 -62.93 -27.50
N GLU C 654 -4.50 -63.60 -28.58
CA GLU C 654 -4.36 -65.05 -28.54
C GLU C 654 -3.04 -65.46 -27.89
N SER C 655 -3.05 -66.63 -27.27
CA SER C 655 -2.07 -66.98 -26.24
C SER C 655 -0.66 -67.17 -26.80
N GLN C 656 -0.54 -67.91 -27.91
CA GLN C 656 0.79 -68.24 -28.44
C GLN C 656 1.52 -66.98 -28.89
N GLN C 657 0.80 -65.94 -29.28
CA GLN C 657 1.42 -64.66 -29.60
C GLN C 657 1.98 -63.99 -28.35
N ILE C 658 1.28 -64.14 -27.21
CA ILE C 658 1.84 -63.62 -25.97
C ILE C 658 3.08 -64.42 -25.58
N GLU C 659 3.06 -65.73 -25.83
CA GLU C 659 4.23 -66.56 -25.56
C GLU C 659 5.42 -66.08 -26.38
N ARG C 660 5.19 -65.81 -27.67
CA ARG C 660 6.27 -65.33 -28.52
C ARG C 660 6.78 -63.97 -28.05
N ILE C 661 5.87 -63.06 -27.69
CA ILE C 661 6.29 -61.71 -27.33
C ILE C 661 7.08 -61.71 -26.02
N ILE C 662 6.66 -62.53 -25.05
CA ILE C 662 7.38 -62.53 -23.77
C ILE C 662 8.67 -63.32 -23.90
N GLU C 663 8.73 -64.34 -24.78
CA GLU C 663 9.99 -64.99 -25.06
C GLU C 663 10.98 -64.01 -25.69
N ALA C 664 10.48 -63.12 -26.55
CA ALA C 664 11.33 -62.06 -27.08
C ALA C 664 11.77 -61.10 -25.98
N PHE C 665 10.86 -60.81 -25.04
CA PHE C 665 11.19 -59.90 -23.95
C PHE C 665 12.33 -60.45 -23.09
N SER C 666 12.24 -61.73 -22.73
CA SER C 666 13.12 -62.29 -21.71
C SER C 666 14.58 -62.29 -22.15
N SER C 667 14.83 -62.61 -23.43
CA SER C 667 16.20 -62.75 -23.92
C SER C 667 16.96 -61.43 -23.84
N ALA C 668 16.26 -60.30 -23.94
CA ALA C 668 16.87 -58.99 -23.79
C ALA C 668 16.85 -58.49 -22.35
N TYR C 669 15.79 -58.80 -21.59
CA TYR C 669 15.73 -58.28 -20.23
C TYR C 669 16.75 -58.97 -19.33
N CYS C 670 17.06 -60.24 -19.61
CA CYS C 670 18.06 -60.94 -18.80
C CYS C 670 19.43 -60.31 -18.96
N GLU C 671 19.83 -59.99 -20.20
CA GLU C 671 21.13 -59.37 -20.45
C GLU C 671 21.14 -57.87 -20.19
N ASN C 672 19.97 -57.23 -20.10
CA ASN C 672 19.94 -55.80 -19.81
C ASN C 672 20.48 -55.50 -18.41
N GLN C 673 20.12 -56.33 -17.43
CA GLN C 673 20.50 -56.12 -16.04
C GLN C 673 21.79 -56.88 -15.72
N ASP C 674 22.77 -56.18 -15.18
CA ASP C 674 24.02 -56.83 -14.79
C ASP C 674 23.78 -57.79 -13.63
N TYR C 675 24.52 -58.90 -13.64
CA TYR C 675 24.33 -60.00 -12.71
C TYR C 675 25.42 -59.99 -11.64
N ASP C 676 24.99 -60.04 -10.38
CA ASP C 676 25.88 -60.08 -9.21
C ASP C 676 25.40 -61.21 -8.31
N PRO C 677 25.83 -62.46 -8.56
CA PRO C 677 25.39 -63.56 -7.68
C PRO C 677 25.85 -63.42 -6.24
N SER C 678 26.87 -62.61 -5.95
CA SER C 678 27.40 -62.51 -4.59
C SER C 678 26.37 -61.91 -3.63
N LYS C 679 25.63 -60.89 -4.07
CA LYS C 679 24.71 -60.16 -3.21
C LYS C 679 23.29 -60.74 -3.23
N ILE C 680 23.14 -62.03 -3.52
CA ILE C 680 21.83 -62.66 -3.44
C ILE C 680 21.42 -62.74 -1.97
N SER C 681 20.15 -62.45 -1.70
CA SER C 681 19.65 -62.43 -0.32
C SER C 681 18.15 -62.65 -0.33
N ASP C 682 17.62 -63.02 0.83
CA ASP C 682 16.20 -63.28 1.06
C ASP C 682 15.60 -62.33 2.08
N ASN C 683 16.25 -62.14 3.23
CA ASN C 683 15.71 -61.27 4.26
C ASN C 683 15.72 -59.80 3.87
N ALA C 684 16.48 -59.42 2.85
CA ALA C 684 16.48 -58.04 2.40
C ALA C 684 15.10 -57.66 1.85
N GLU C 685 14.77 -56.37 1.93
CA GLU C 685 13.49 -55.83 1.53
C GLU C 685 13.70 -54.59 0.66
N ASP C 686 12.86 -54.45 -0.36
CA ASP C 686 12.88 -53.30 -1.26
C ASP C 686 14.24 -53.14 -1.95
N ASP C 687 14.85 -54.28 -2.30
CA ASP C 687 16.12 -54.32 -3.02
C ASP C 687 15.86 -54.89 -4.41
N ILE C 688 16.26 -54.14 -5.44
CA ILE C 688 16.10 -54.61 -6.81
C ILE C 688 17.15 -55.68 -7.12
N SER C 689 18.38 -55.48 -6.65
CA SER C 689 19.48 -56.36 -7.01
C SER C 689 19.35 -57.76 -6.43
N THR C 690 18.49 -57.95 -5.43
CA THR C 690 18.38 -59.27 -4.80
C THR C 690 17.80 -60.30 -5.77
N VAL C 691 16.98 -59.87 -6.74
CA VAL C 691 16.35 -60.76 -7.70
C VAL C 691 17.17 -60.70 -8.99
N GLN C 692 17.72 -61.85 -9.38
CA GLN C 692 18.52 -61.99 -10.60
C GLN C 692 18.06 -63.25 -11.33
N PRO C 693 16.84 -63.24 -11.90
CA PRO C 693 16.28 -64.49 -12.41
C PRO C 693 16.86 -64.89 -13.76
N ASP C 694 16.97 -66.20 -13.93
CA ASP C 694 17.36 -66.76 -15.22
C ASP C 694 16.27 -66.46 -16.25
N ALA C 695 16.67 -66.40 -17.53
CA ALA C 695 15.77 -66.00 -18.61
C ALA C 695 14.49 -66.82 -18.65
N ASP C 696 14.58 -68.13 -18.39
CA ASP C 696 13.35 -68.92 -18.28
C ASP C 696 12.56 -68.55 -17.04
N SER C 697 13.25 -68.23 -15.94
CA SER C 697 12.57 -67.83 -14.71
C SER C 697 11.79 -66.54 -14.92
N VAL C 698 12.43 -65.54 -15.53
CA VAL C 698 11.73 -64.27 -15.75
C VAL C 698 10.71 -64.40 -16.86
N PHE C 699 10.90 -65.34 -17.80
CA PHE C 699 9.86 -65.64 -18.77
C PHE C 699 8.60 -66.10 -18.05
N ILE C 700 8.77 -67.03 -17.11
CA ILE C 700 7.63 -67.54 -16.34
C ILE C 700 7.00 -66.42 -15.52
N LEU C 701 7.83 -65.59 -14.88
CA LEU C 701 7.30 -64.51 -14.05
C LEU C 701 6.55 -63.48 -14.89
N SER C 702 7.10 -63.11 -16.05
CA SER C 702 6.47 -62.15 -16.95
C SER C 702 5.12 -62.67 -17.42
N TYR C 703 5.04 -63.97 -17.71
CA TYR C 703 3.75 -64.58 -17.99
C TYR C 703 2.85 -64.54 -16.76
N SER C 704 3.44 -64.62 -15.56
CA SER C 704 2.65 -64.67 -14.33
C SER C 704 1.91 -63.37 -14.06
N ILE C 705 2.54 -62.21 -14.29
CA ILE C 705 1.80 -60.96 -14.04
C ILE C 705 0.63 -60.84 -15.03
N ILE C 706 0.82 -61.28 -16.27
CA ILE C 706 -0.27 -61.27 -17.24
C ILE C 706 -1.39 -62.19 -16.77
N MET C 707 -1.02 -63.35 -16.23
CA MET C 707 -1.98 -64.28 -15.64
C MET C 707 -2.79 -63.60 -14.54
N LEU C 708 -2.09 -62.89 -13.65
CA LEU C 708 -2.74 -62.21 -12.53
C LEU C 708 -3.74 -61.18 -13.03
N ASN C 709 -3.32 -60.34 -13.99
CA ASN C 709 -4.17 -59.26 -14.47
C ASN C 709 -5.42 -59.85 -15.11
N THR C 710 -5.22 -60.84 -15.99
CA THR C 710 -6.34 -61.40 -16.73
C THR C 710 -7.31 -62.12 -15.82
N ASP C 711 -6.80 -62.87 -14.83
CA ASP C 711 -7.70 -63.60 -13.93
C ASP C 711 -8.44 -62.65 -13.01
N LEU C 712 -7.73 -61.70 -12.39
CA LEU C 712 -8.37 -60.86 -11.38
C LEU C 712 -9.31 -59.85 -12.03
N HIS C 713 -8.76 -58.96 -12.87
CA HIS C 713 -9.45 -57.75 -13.24
C HIS C 713 -10.24 -57.84 -14.53
N ASN C 714 -10.30 -59.01 -15.17
CA ASN C 714 -11.19 -59.16 -16.31
C ASN C 714 -12.62 -59.07 -15.81
N PRO C 715 -13.47 -58.19 -16.36
CA PRO C 715 -14.86 -58.12 -15.86
C PRO C 715 -15.66 -59.40 -16.04
N GLN C 716 -15.30 -60.24 -17.02
CA GLN C 716 -16.10 -61.43 -17.28
C GLN C 716 -15.90 -62.51 -16.23
N VAL C 717 -14.65 -62.72 -15.79
CA VAL C 717 -14.36 -63.85 -14.91
C VAL C 717 -14.96 -63.58 -13.54
N LYS C 718 -15.86 -64.46 -13.11
CA LYS C 718 -16.49 -64.33 -11.80
C LYS C 718 -15.54 -64.76 -10.69
N GLU C 719 -14.73 -65.79 -10.92
CA GLU C 719 -13.87 -66.37 -9.89
C GLU C 719 -12.56 -65.60 -9.86
N HIS C 720 -12.48 -64.61 -8.97
CA HIS C 720 -11.23 -63.90 -8.76
C HIS C 720 -10.16 -64.84 -8.22
N MET C 721 -8.91 -64.39 -8.31
CA MET C 721 -7.76 -65.15 -7.84
C MET C 721 -7.58 -64.96 -6.33
N SER C 722 -6.71 -65.78 -5.74
CA SER C 722 -6.32 -65.67 -4.35
C SER C 722 -4.80 -65.61 -4.26
N PHE C 723 -4.31 -64.89 -3.25
CA PHE C 723 -2.87 -64.64 -3.15
C PHE C 723 -2.11 -65.93 -2.82
N GLU C 724 -2.67 -66.77 -1.95
CA GLU C 724 -1.94 -67.96 -1.50
C GLU C 724 -1.75 -68.95 -2.64
N ASP C 725 -2.82 -69.26 -3.37
CA ASP C 725 -2.70 -70.19 -4.49
C ASP C 725 -1.84 -69.62 -5.60
N TYR C 726 -1.92 -68.31 -5.83
CA TYR C 726 -1.04 -67.69 -6.82
C TYR C 726 0.42 -67.80 -6.41
N SER C 727 0.71 -67.59 -5.13
CA SER C 727 2.08 -67.73 -4.65
C SER C 727 2.57 -69.16 -4.80
N GLY C 728 1.71 -70.13 -4.50
CA GLY C 728 2.07 -71.53 -4.69
C GLY C 728 2.19 -71.95 -6.14
N ASN C 729 1.57 -71.20 -7.06
CA ASN C 729 1.59 -71.59 -8.47
C ASN C 729 3.00 -71.58 -9.06
N LEU C 730 3.90 -70.73 -8.54
CA LEU C 730 5.27 -70.61 -9.04
C LEU C 730 6.24 -71.44 -8.21
N LYS C 731 5.81 -72.62 -7.75
CA LYS C 731 6.68 -73.52 -7.01
C LYS C 731 7.84 -73.97 -7.89
N GLY C 732 9.05 -73.54 -7.55
CA GLY C 732 10.24 -73.99 -8.24
C GLY C 732 10.35 -73.49 -9.67
N CYS C 733 10.40 -72.16 -9.84
CA CYS C 733 10.56 -71.54 -11.16
C CYS C 733 11.66 -70.48 -11.13
N CYS C 734 12.71 -70.69 -10.34
CA CYS C 734 13.96 -69.94 -10.47
C CYS C 734 15.08 -70.89 -10.09
N ASN C 735 15.72 -71.48 -11.10
CA ASN C 735 16.65 -72.62 -11.00
C ASN C 735 16.17 -73.65 -9.97
N HIS C 736 14.88 -74.00 -10.10
CA HIS C 736 14.21 -74.94 -9.20
C HIS C 736 14.30 -74.47 -7.74
N LYS C 737 13.68 -73.32 -7.48
CA LYS C 737 13.60 -72.78 -6.13
C LYS C 737 12.41 -71.84 -6.05
N ASP C 738 11.97 -71.57 -4.82
CA ASP C 738 10.85 -70.68 -4.60
C ASP C 738 11.29 -69.22 -4.67
N PHE C 739 10.31 -68.32 -4.65
CA PHE C 739 10.47 -66.88 -4.81
C PHE C 739 10.35 -66.19 -3.45
N PRO C 740 10.81 -64.94 -3.32
CA PRO C 740 10.60 -64.23 -2.05
C PRO C 740 9.13 -63.92 -1.82
N PHE C 741 8.72 -64.00 -0.55
CA PHE C 741 7.32 -63.71 -0.21
C PHE C 741 7.00 -62.25 -0.44
N TRP C 742 7.87 -61.35 0.02
CA TRP C 742 7.62 -59.92 -0.14
C TRP C 742 7.59 -59.52 -1.61
N TYR C 743 8.36 -60.19 -2.45
CA TYR C 743 8.41 -59.88 -3.87
C TYR C 743 7.06 -60.10 -4.52
N LEU C 744 6.57 -61.35 -4.51
CA LEU C 744 5.28 -61.66 -5.10
C LEU C 744 4.14 -60.94 -4.38
N ASP C 745 4.30 -60.67 -3.09
CA ASP C 745 3.31 -59.85 -2.38
C ASP C 745 3.23 -58.46 -2.99
N ARG C 746 4.37 -57.85 -3.31
CA ARG C 746 4.35 -56.53 -3.92
C ARG C 746 3.80 -56.59 -5.34
N ILE C 747 4.08 -57.67 -6.08
CA ILE C 747 3.52 -57.79 -7.43
C ILE C 747 2.00 -57.85 -7.35
N TYR C 748 1.48 -58.69 -6.45
CA TYR C 748 0.03 -58.82 -6.30
C TYR C 748 -0.60 -57.51 -5.85
N CYS C 749 0.05 -56.81 -4.91
CA CYS C 749 -0.49 -55.54 -4.45
C CYS C 749 -0.51 -54.50 -5.57
N SER C 750 0.55 -54.46 -6.39
CA SER C 750 0.60 -53.50 -7.48
C SER C 750 -0.48 -53.77 -8.51
N ILE C 751 -0.69 -55.04 -8.86
CA ILE C 751 -1.73 -55.34 -9.86
C ILE C 751 -3.11 -55.14 -9.26
N ARG C 752 -3.29 -55.41 -7.96
CA ARG C 752 -4.59 -55.16 -7.34
C ARG C 752 -4.91 -53.67 -7.32
N ASP C 753 -3.91 -52.83 -7.04
CA ASP C 753 -4.16 -51.40 -6.95
C ASP C 753 -4.44 -50.79 -8.32
N LYS C 754 -3.83 -51.30 -9.38
CA LYS C 754 -3.89 -50.65 -10.68
C LYS C 754 -3.71 -51.71 -11.77
N GLU C 755 -4.40 -51.50 -12.89
CA GLU C 755 -4.45 -52.43 -14.00
C GLU C 755 -3.14 -52.45 -14.77
N ILE C 756 -3.09 -53.32 -15.78
CA ILE C 756 -2.14 -53.25 -16.88
C ILE C 756 -2.99 -53.11 -18.13
N VAL C 757 -3.05 -51.90 -18.68
CA VAL C 757 -3.83 -51.63 -19.89
C VAL C 757 -3.44 -50.26 -20.41
N MET C 758 -3.42 -50.09 -21.72
CA MET C 758 -3.06 -48.80 -22.28
C MET C 758 -4.19 -47.80 -22.02
N PRO C 759 -3.87 -46.51 -21.82
CA PRO C 759 -4.91 -45.57 -21.37
C PRO C 759 -5.71 -44.91 -22.49
N GLU C 760 -5.20 -44.95 -23.72
CA GLU C 760 -5.77 -44.10 -24.77
C GLU C 760 -7.16 -44.58 -25.17
N GLU C 761 -7.37 -45.89 -25.26
CA GLU C 761 -8.69 -46.38 -25.64
C GLU C 761 -9.69 -46.26 -24.50
N HIS C 762 -9.25 -46.58 -23.28
CA HIS C 762 -10.12 -46.59 -22.12
C HIS C 762 -10.18 -45.22 -21.43
N HIS C 763 -10.48 -44.19 -22.22
CA HIS C 763 -10.57 -42.82 -21.72
C HIS C 763 -11.97 -42.53 -21.20
N GLY C 764 -12.11 -41.40 -20.51
CA GLY C 764 -13.38 -40.92 -20.02
C GLY C 764 -13.73 -41.34 -18.60
N ASN C 765 -13.14 -42.43 -18.11
CA ASN C 765 -13.41 -42.84 -16.74
C ASN C 765 -12.73 -41.91 -15.75
N GLU C 766 -13.37 -41.75 -14.59
CA GLU C 766 -12.88 -40.79 -13.60
C GLU C 766 -11.53 -41.22 -13.03
N LYS C 767 -11.35 -42.51 -12.78
CA LYS C 767 -10.16 -43.00 -12.09
C LYS C 767 -8.93 -43.12 -12.98
N TRP C 768 -9.07 -42.99 -14.30
CA TRP C 768 -8.06 -43.44 -15.25
C TRP C 768 -7.24 -42.31 -15.86
N PHE C 769 -7.51 -41.05 -15.53
CA PHE C 769 -6.84 -39.96 -16.24
C PHE C 769 -5.38 -39.81 -15.84
N GLU C 770 -4.95 -40.41 -14.71
CA GLU C 770 -3.58 -40.25 -14.25
C GLU C 770 -2.58 -40.81 -15.25
N ASP C 771 -2.77 -42.08 -15.65
CA ASP C 771 -1.84 -42.70 -16.60
C ASP C 771 -1.98 -42.09 -17.99
N ALA C 772 -3.21 -41.76 -18.39
CA ALA C 772 -3.43 -41.16 -19.70
C ALA C 772 -2.70 -39.83 -19.81
N TRP C 773 -2.70 -39.05 -18.73
CA TRP C 773 -1.95 -37.80 -18.75
C TRP C 773 -0.45 -38.04 -18.67
N ASN C 774 -0.02 -38.97 -17.82
CA ASN C 774 1.42 -39.21 -17.65
C ASN C 774 2.06 -39.78 -18.90
N ASN C 775 1.30 -40.45 -19.77
CA ASN C 775 1.90 -41.04 -20.97
C ASN C 775 2.43 -39.97 -21.92
N LEU C 776 1.73 -38.85 -22.05
CA LEU C 776 2.08 -37.89 -23.10
C LEU C 776 3.39 -37.17 -22.81
N ILE C 777 3.58 -36.72 -21.57
CA ILE C 777 4.72 -35.85 -21.27
C ILE C 777 6.03 -36.63 -21.26
N SER C 778 5.98 -37.96 -21.20
CA SER C 778 7.20 -38.75 -21.34
C SER C 778 7.83 -38.56 -22.72
N SER C 779 7.03 -38.23 -23.73
CA SER C 779 7.56 -38.01 -25.08
C SER C 779 8.49 -36.79 -25.11
N THR C 780 8.04 -35.67 -24.55
CA THR C 780 8.86 -34.46 -24.53
C THR C 780 10.04 -34.63 -23.59
N PRO C 799 4.59 -9.64 -46.16
CA PRO C 799 3.21 -9.75 -46.62
C PRO C 799 3.00 -10.91 -47.59
N LEU C 800 3.92 -11.06 -48.54
CA LEU C 800 3.83 -12.17 -49.48
C LEU C 800 3.97 -13.51 -48.77
N GLU C 801 4.87 -13.60 -47.79
CA GLU C 801 5.05 -14.84 -47.05
C GLU C 801 3.83 -15.19 -46.22
N LEU C 802 3.12 -14.18 -45.71
CA LEU C 802 1.98 -14.43 -44.85
C LEU C 802 0.87 -15.18 -45.57
N LEU C 803 0.59 -14.79 -46.83
CA LEU C 803 -0.50 -15.40 -47.58
C LEU C 803 -0.26 -16.87 -47.88
N ASN C 804 1.00 -17.29 -48.02
CA ASN C 804 1.31 -18.64 -48.47
C ASN C 804 0.79 -19.72 -47.52
N PHE C 805 0.67 -19.40 -46.23
CA PHE C 805 0.15 -20.36 -45.27
C PHE C 805 -1.34 -20.64 -45.48
N ASP C 806 -2.10 -19.71 -46.06
CA ASP C 806 -3.54 -19.77 -45.98
C ASP C 806 -4.20 -20.61 -47.07
N ARG C 807 -3.47 -20.96 -48.13
CA ARG C 807 -4.05 -21.76 -49.22
C ARG C 807 -4.62 -23.07 -48.70
N ALA C 808 -3.78 -23.85 -48.00
CA ALA C 808 -4.24 -25.08 -47.38
C ALA C 808 -5.36 -24.82 -46.38
N ILE C 809 -5.32 -23.68 -45.69
CA ILE C 809 -6.34 -23.37 -44.69
C ILE C 809 -7.70 -23.25 -45.37
N PHE C 810 -7.72 -22.71 -46.59
CA PHE C 810 -8.97 -22.72 -47.35
C PHE C 810 -9.25 -24.09 -47.94
N LYS C 811 -8.21 -24.81 -48.37
CA LYS C 811 -8.41 -25.96 -49.25
C LYS C 811 -9.17 -27.10 -48.57
N GLN C 812 -9.10 -27.18 -47.24
CA GLN C 812 -9.84 -28.18 -46.48
C GLN C 812 -11.21 -27.70 -46.01
N VAL C 813 -11.43 -26.38 -45.93
CA VAL C 813 -12.60 -25.83 -45.24
C VAL C 813 -13.55 -25.08 -46.17
N GLY C 814 -13.10 -24.70 -47.37
CA GLY C 814 -13.79 -23.73 -48.20
C GLY C 814 -15.23 -24.04 -48.55
N PRO C 815 -15.51 -25.28 -48.96
CA PRO C 815 -16.93 -25.65 -49.17
C PRO C 815 -17.76 -25.56 -47.91
N SER C 816 -17.29 -26.19 -46.82
CA SER C 816 -18.11 -26.39 -45.62
C SER C 816 -18.62 -25.07 -45.05
N ILE C 817 -17.69 -24.12 -44.84
CA ILE C 817 -18.03 -22.79 -44.34
C ILE C 817 -19.10 -22.15 -45.22
N VAL C 818 -18.91 -22.22 -46.54
CA VAL C 818 -19.84 -21.63 -47.50
C VAL C 818 -21.21 -22.25 -47.32
N SER C 819 -21.25 -23.59 -47.23
CA SER C 819 -22.52 -24.30 -47.07
C SER C 819 -23.21 -23.86 -45.79
N THR C 820 -22.44 -23.78 -44.70
CA THR C 820 -23.00 -23.35 -43.42
C THR C 820 -23.57 -21.95 -43.53
N LEU C 821 -22.81 -21.04 -44.16
CA LEU C 821 -23.28 -19.67 -44.28
C LEU C 821 -24.55 -19.63 -45.12
N PHE C 822 -24.58 -20.42 -46.20
CA PHE C 822 -25.77 -20.40 -47.04
C PHE C 822 -26.96 -20.98 -46.32
N ASN C 823 -26.72 -21.98 -45.44
CA ASN C 823 -27.83 -22.51 -44.64
C ASN C 823 -28.42 -21.41 -43.78
N ILE C 824 -27.55 -20.61 -43.14
CA ILE C 824 -28.03 -19.50 -42.33
C ILE C 824 -28.74 -18.49 -43.23
N TYR C 825 -28.20 -18.28 -44.45
CA TYR C 825 -28.81 -17.31 -45.35
C TYR C 825 -30.18 -17.78 -45.82
N VAL C 826 -30.41 -19.10 -45.81
CA VAL C 826 -31.74 -19.60 -46.14
C VAL C 826 -32.65 -19.54 -44.92
N VAL C 827 -32.08 -19.68 -43.72
CA VAL C 827 -32.90 -19.79 -42.51
C VAL C 827 -33.19 -18.42 -41.93
N ALA C 828 -32.21 -17.51 -41.98
CA ALA C 828 -32.37 -16.20 -41.36
C ALA C 828 -33.39 -15.36 -42.12
N SER C 829 -33.94 -14.37 -41.41
CA SER C 829 -34.90 -13.42 -41.96
C SER C 829 -34.60 -11.97 -41.61
N ASP C 830 -33.80 -11.69 -40.58
CA ASP C 830 -33.49 -10.32 -40.22
C ASP C 830 -32.62 -9.67 -41.28
N ASP C 831 -32.82 -8.36 -41.46
CA ASP C 831 -32.08 -7.64 -42.50
C ASP C 831 -30.60 -7.55 -42.17
N HIS C 832 -30.25 -7.27 -40.91
CA HIS C 832 -28.87 -7.00 -40.54
C HIS C 832 -28.00 -8.25 -40.70
N ILE C 833 -28.47 -9.38 -40.19
CA ILE C 833 -27.71 -10.61 -40.31
C ILE C 833 -27.59 -11.02 -41.78
N SER C 834 -28.64 -10.78 -42.56
CA SER C 834 -28.60 -11.16 -43.98
C SER C 834 -27.58 -10.32 -44.75
N THR C 835 -27.57 -9.00 -44.54
CA THR C 835 -26.62 -8.17 -45.27
C THR C 835 -25.19 -8.39 -44.77
N ARG C 836 -25.01 -8.68 -43.48
CA ARG C 836 -23.69 -9.07 -43.00
C ARG C 836 -23.22 -10.35 -43.67
N MET C 837 -24.13 -11.32 -43.80
CA MET C 837 -23.82 -12.55 -44.53
C MET C 837 -23.45 -12.26 -45.97
N ILE C 838 -24.17 -11.35 -46.61
CA ILE C 838 -23.94 -11.07 -48.02
C ILE C 838 -22.58 -10.43 -48.23
N THR C 839 -22.22 -9.44 -47.41
CA THR C 839 -20.92 -8.81 -47.59
C THR C 839 -19.77 -9.76 -47.23
N SER C 840 -19.98 -10.60 -46.21
CA SER C 840 -18.95 -11.61 -45.90
C SER C 840 -18.80 -12.60 -47.04
N LEU C 841 -19.90 -12.99 -47.67
CA LEU C 841 -19.82 -13.87 -48.83
C LEU C 841 -19.12 -13.19 -50.00
N ASP C 842 -19.33 -11.88 -50.14
CA ASP C 842 -18.64 -11.13 -51.20
C ASP C 842 -17.15 -11.16 -50.94
N LYS C 843 -16.74 -10.97 -49.68
CA LYS C 843 -15.31 -11.03 -49.38
C LYS C 843 -14.76 -12.45 -49.55
N CYS C 844 -15.56 -13.47 -49.24
CA CYS C 844 -15.14 -14.84 -49.51
C CYS C 844 -14.95 -15.07 -51.00
N SER C 845 -15.83 -14.50 -51.81
CA SER C 845 -15.69 -14.60 -53.26
C SER C 845 -14.41 -13.90 -53.73
N TYR C 846 -14.09 -12.75 -53.13
CA TYR C 846 -12.82 -12.09 -53.43
C TYR C 846 -11.65 -13.00 -53.09
N ILE C 847 -11.70 -13.66 -51.93
CA ILE C 847 -10.60 -14.52 -51.52
C ILE C 847 -10.45 -15.68 -52.51
N SER C 848 -11.57 -16.28 -52.91
CA SER C 848 -11.52 -17.38 -53.87
C SER C 848 -10.98 -16.91 -55.22
N ALA C 849 -11.42 -15.74 -55.68
CA ALA C 849 -10.97 -15.25 -56.98
C ALA C 849 -9.48 -14.95 -56.97
N PHE C 850 -8.98 -14.31 -55.91
CA PHE C 850 -7.57 -13.98 -55.86
C PHE C 850 -6.71 -15.23 -55.71
N PHE C 851 -7.15 -16.19 -54.92
CA PHE C 851 -6.38 -17.40 -54.69
C PHE C 851 -6.44 -18.39 -55.84
N ASP C 852 -7.23 -18.13 -56.89
CA ASP C 852 -7.36 -19.01 -58.06
C ASP C 852 -7.88 -20.39 -57.65
N PHE C 853 -8.95 -20.38 -56.85
CA PHE C 853 -9.73 -21.58 -56.50
C PHE C 853 -11.02 -21.52 -57.30
N LYS C 854 -11.16 -22.42 -58.28
CA LYS C 854 -12.19 -22.31 -59.30
C LYS C 854 -13.53 -22.89 -58.83
N ASP C 855 -13.54 -24.17 -58.44
CA ASP C 855 -14.79 -24.86 -58.14
C ASP C 855 -15.51 -24.22 -56.96
N LEU C 856 -14.74 -23.71 -55.99
CA LEU C 856 -15.35 -23.04 -54.84
C LEU C 856 -16.10 -21.79 -55.28
N PHE C 857 -15.42 -20.92 -56.04
CA PHE C 857 -16.02 -19.69 -56.54
C PHE C 857 -17.25 -19.97 -57.38
N ASN C 858 -17.18 -21.01 -58.21
CA ASN C 858 -18.36 -21.45 -58.95
C ASN C 858 -19.47 -21.87 -57.99
N ASP C 859 -19.11 -22.48 -56.86
CA ASP C 859 -20.14 -22.89 -55.90
C ASP C 859 -20.85 -21.69 -55.29
N ILE C 860 -20.09 -20.66 -54.86
CA ILE C 860 -20.74 -19.44 -54.35
C ILE C 860 -21.64 -18.81 -55.39
N LEU C 861 -21.14 -18.61 -56.62
CA LEU C 861 -21.97 -17.90 -57.58
C LEU C 861 -23.18 -18.72 -58.02
N ASN C 862 -23.04 -20.04 -58.11
CA ASN C 862 -24.19 -20.87 -58.45
C ASN C 862 -25.22 -20.87 -57.34
N SER C 863 -24.78 -20.94 -56.08
CA SER C 863 -25.73 -20.92 -54.98
C SER C 863 -26.43 -19.55 -54.89
N ILE C 864 -25.70 -18.48 -55.18
CA ILE C 864 -26.32 -17.15 -55.23
C ILE C 864 -27.37 -17.11 -56.34
N ALA C 865 -27.02 -17.62 -57.52
CA ALA C 865 -27.94 -17.57 -58.64
C ALA C 865 -29.18 -18.43 -58.39
N LYS C 866 -29.04 -19.51 -57.63
CA LYS C 866 -30.21 -20.25 -57.19
C LYS C 866 -31.00 -19.45 -56.16
N GLY C 867 -30.32 -18.69 -55.31
CA GLY C 867 -30.99 -17.94 -54.26
C GLY C 867 -31.63 -16.64 -54.70
N THR C 868 -31.15 -16.05 -55.81
CA THR C 868 -31.68 -14.77 -56.25
C THR C 868 -33.14 -14.85 -56.71
N THR C 869 -33.61 -16.05 -57.05
CA THR C 869 -35.01 -16.25 -57.44
C THR C 869 -35.35 -15.52 -58.73
N LEU C 870 -34.50 -15.71 -59.74
CA LEU C 870 -34.77 -15.28 -61.11
C LEU C 870 -34.67 -16.41 -62.12
N ILE C 871 -34.01 -17.51 -61.78
CA ILE C 871 -33.86 -18.66 -62.68
C ILE C 871 -34.94 -19.67 -62.31
N ASN C 872 -35.93 -19.80 -63.18
CA ASN C 872 -36.97 -20.82 -63.01
C ASN C 872 -36.35 -22.21 -62.98
N PRO C 888 -50.39 -17.86 -62.64
CA PRO C 888 -49.58 -16.80 -63.22
C PRO C 888 -50.38 -15.55 -63.51
N MET C 889 -49.70 -14.49 -63.98
CA MET C 889 -50.33 -13.22 -64.33
C MET C 889 -49.56 -12.70 -65.55
N PRO C 890 -50.21 -12.34 -66.66
CA PRO C 890 -49.46 -11.85 -67.82
C PRO C 890 -48.96 -10.43 -67.58
N LEU C 891 -48.17 -9.95 -68.53
CA LEU C 891 -47.52 -8.65 -68.38
C LEU C 891 -48.52 -7.53 -68.60
N VAL C 892 -48.31 -6.43 -67.88
CA VAL C 892 -49.19 -5.27 -67.91
C VAL C 892 -48.33 -4.04 -67.67
N GLN C 893 -48.70 -2.93 -68.32
CA GLN C 893 -48.10 -1.63 -68.03
C GLN C 893 -48.31 -1.29 -66.56
N ILE C 903 -43.56 0.80 -66.53
CA ILE C 903 -43.54 0.06 -65.27
C ILE C 903 -44.18 -1.30 -65.48
N PRO C 904 -43.46 -2.25 -66.09
CA PRO C 904 -44.03 -3.59 -66.25
C PRO C 904 -44.26 -4.28 -64.91
N VAL C 905 -45.24 -5.19 -64.89
CA VAL C 905 -45.54 -6.03 -63.74
C VAL C 905 -45.65 -7.47 -64.22
N SER C 906 -45.10 -8.39 -63.45
CA SER C 906 -45.09 -9.80 -63.81
C SER C 906 -44.93 -10.62 -62.55
N THR C 907 -45.08 -11.94 -62.69
CA THR C 907 -44.86 -12.83 -61.56
C THR C 907 -43.42 -12.74 -61.08
N ASP C 908 -42.47 -12.73 -62.00
CA ASP C 908 -41.06 -12.62 -61.62
C ASP C 908 -40.78 -11.25 -61.01
N ALA C 909 -41.35 -10.19 -61.57
CA ALA C 909 -41.11 -8.85 -61.06
C ALA C 909 -41.68 -8.68 -59.65
N VAL C 910 -42.90 -9.16 -59.42
CA VAL C 910 -43.49 -9.05 -58.08
C VAL C 910 -42.74 -9.92 -57.10
N ARG C 911 -42.32 -11.12 -57.51
CA ARG C 911 -41.53 -11.98 -56.65
C ARG C 911 -40.21 -11.32 -56.27
N PHE C 912 -39.60 -10.62 -57.21
CA PHE C 912 -38.38 -9.89 -56.93
C PHE C 912 -38.64 -8.76 -55.94
N GLY C 913 -39.66 -7.93 -56.23
CA GLY C 913 -39.86 -6.72 -55.45
C GLY C 913 -40.29 -7.01 -54.02
N ARG C 914 -41.21 -7.94 -53.83
CA ARG C 914 -41.74 -8.17 -52.49
C ARG C 914 -40.71 -8.82 -51.57
N SER C 915 -39.82 -9.63 -52.11
CA SER C 915 -38.84 -10.37 -51.33
C SER C 915 -37.57 -9.53 -51.14
N PHE C 916 -37.14 -9.39 -49.89
CA PHE C 916 -35.93 -8.64 -49.58
C PHE C 916 -34.67 -9.45 -49.85
N LYS C 917 -34.74 -10.77 -49.71
CA LYS C 917 -33.55 -11.61 -49.83
C LYS C 917 -32.98 -11.55 -51.24
N GLY C 918 -33.78 -11.90 -52.25
CA GLY C 918 -33.32 -11.79 -53.63
C GLY C 918 -33.02 -10.37 -54.05
N GLN C 919 -33.76 -9.41 -53.47
CA GLN C 919 -33.50 -7.99 -53.73
C GLN C 919 -32.07 -7.63 -53.37
N LEU C 920 -31.60 -8.06 -52.20
CA LEU C 920 -30.20 -7.84 -51.83
C LEU C 920 -29.24 -8.83 -52.48
N ASN C 921 -29.75 -9.96 -52.99
CA ASN C 921 -28.88 -10.93 -53.63
C ASN C 921 -28.43 -10.46 -55.02
N THR C 922 -29.34 -9.81 -55.76
CA THR C 922 -29.00 -9.41 -57.13
C THR C 922 -27.88 -8.38 -57.14
N VAL C 923 -27.91 -7.42 -56.20
CA VAL C 923 -26.96 -6.33 -56.25
C VAL C 923 -25.55 -6.84 -55.93
N VAL C 924 -25.41 -7.79 -54.99
CA VAL C 924 -24.09 -8.37 -54.75
C VAL C 924 -23.69 -9.25 -55.93
N PHE C 925 -24.65 -9.97 -56.52
CA PHE C 925 -24.31 -10.88 -57.61
C PHE C 925 -23.80 -10.14 -58.84
N PHE C 926 -24.19 -8.89 -59.01
CA PHE C 926 -23.67 -8.06 -60.10
C PHE C 926 -22.64 -7.03 -59.65
N ARG C 927 -22.40 -6.89 -58.34
CA ARG C 927 -21.21 -6.19 -57.89
C ARG C 927 -19.97 -7.06 -58.03
N ILE C 928 -20.10 -8.36 -57.75
CA ILE C 928 -18.96 -9.26 -57.91
C ILE C 928 -18.57 -9.40 -59.37
N ILE C 929 -19.53 -9.25 -60.29
CA ILE C 929 -19.24 -9.44 -61.71
C ILE C 929 -18.33 -8.34 -62.23
N ARG C 930 -18.51 -7.11 -61.73
CA ARG C 930 -17.75 -5.97 -62.26
C ARG C 930 -16.26 -6.13 -62.01
N ARG C 931 -15.90 -6.57 -60.81
CA ARG C 931 -14.51 -6.52 -60.36
C ARG C 931 -13.67 -7.71 -60.80
N ASN C 932 -14.23 -8.66 -61.55
CA ASN C 932 -13.47 -9.83 -61.93
C ASN C 932 -12.36 -9.44 -62.92
N LYS C 933 -11.14 -9.89 -62.63
CA LYS C 933 -9.98 -9.60 -63.45
C LYS C 933 -9.70 -10.74 -64.44
N ASP C 934 -9.67 -11.98 -63.95
CA ASP C 934 -9.30 -13.13 -64.75
C ASP C 934 -10.61 -13.82 -65.14
N PRO C 935 -11.04 -13.80 -66.40
CA PRO C 935 -12.31 -14.45 -66.75
C PRO C 935 -12.25 -15.97 -66.84
N LYS C 936 -11.06 -16.57 -66.73
CA LYS C 936 -10.96 -18.02 -66.88
C LYS C 936 -11.66 -18.80 -65.77
N ILE C 937 -11.96 -18.17 -64.64
CA ILE C 937 -12.47 -18.89 -63.48
C ILE C 937 -13.88 -19.42 -63.74
N PHE C 938 -14.66 -18.72 -64.56
CA PHE C 938 -16.06 -19.08 -64.74
C PHE C 938 -16.20 -20.43 -65.43
N SER C 939 -17.20 -21.21 -65.00
CA SER C 939 -17.51 -22.50 -65.58
C SER C 939 -18.68 -22.38 -66.55
N LYS C 940 -19.04 -23.52 -67.15
CA LYS C 940 -20.11 -23.54 -68.14
C LYS C 940 -21.46 -23.21 -67.51
N GLU C 941 -21.78 -23.88 -66.40
CA GLU C 941 -23.08 -23.68 -65.78
C GLU C 941 -23.23 -22.27 -65.21
N LEU C 942 -22.13 -21.67 -64.75
CA LEU C 942 -22.17 -20.29 -64.30
C LEU C 942 -22.56 -19.36 -65.43
N TRP C 943 -21.93 -19.53 -66.60
CA TRP C 943 -22.27 -18.69 -67.75
C TRP C 943 -23.71 -18.93 -68.18
N LEU C 944 -24.16 -20.18 -68.10
CA LEU C 944 -25.55 -20.50 -68.43
C LEU C 944 -26.51 -19.77 -67.49
N ASN C 945 -26.18 -19.74 -66.20
CA ASN C 945 -26.99 -19.00 -65.25
C ASN C 945 -26.98 -17.50 -65.56
N ILE C 946 -25.84 -16.98 -66.01
CA ILE C 946 -25.76 -15.55 -66.35
C ILE C 946 -26.69 -15.24 -67.53
N VAL C 947 -26.63 -16.05 -68.59
CA VAL C 947 -27.48 -15.74 -69.75
C VAL C 947 -28.95 -15.95 -69.38
N ASN C 948 -29.24 -16.95 -68.54
CA ASN C 948 -30.62 -17.13 -68.11
C ASN C 948 -31.11 -15.93 -67.31
N ILE C 949 -30.25 -15.36 -66.48
CA ILE C 949 -30.66 -14.21 -65.67
C ILE C 949 -30.88 -13.00 -66.56
N ILE C 950 -29.95 -12.72 -67.47
CA ILE C 950 -30.10 -11.53 -68.32
C ILE C 950 -31.29 -11.69 -69.26
N LEU C 951 -31.53 -12.89 -69.79
CA LEU C 951 -32.69 -13.09 -70.63
C LEU C 951 -33.98 -12.92 -69.85
N THR C 952 -34.08 -13.54 -68.66
CA THR C 952 -35.29 -13.41 -67.88
C THR C 952 -35.51 -11.99 -67.39
N LEU C 953 -34.44 -11.24 -67.16
CA LEU C 953 -34.60 -9.84 -66.82
C LEU C 953 -35.14 -9.05 -68.00
N TYR C 954 -34.65 -9.35 -69.21
CA TYR C 954 -35.13 -8.65 -70.40
C TYR C 954 -36.53 -9.10 -70.80
N GLU C 955 -36.97 -10.29 -70.39
CA GLU C 955 -38.27 -10.83 -70.77
C GLU C 955 -39.41 -9.92 -70.34
N ASP C 956 -39.37 -9.44 -69.10
CA ASP C 956 -40.46 -8.66 -68.53
C ASP C 956 -40.33 -7.16 -68.78
N LEU C 957 -39.52 -6.75 -69.77
CA LEU C 957 -39.30 -5.34 -70.11
C LEU C 957 -38.68 -4.58 -68.93
N ILE C 958 -37.90 -5.26 -68.08
CA ILE C 958 -37.19 -4.57 -67.03
C ILE C 958 -36.03 -3.76 -67.61
N LEU C 959 -35.08 -4.44 -68.22
CA LEU C 959 -33.86 -3.82 -68.74
C LEU C 959 -34.05 -3.47 -70.20
N SER C 960 -33.78 -2.22 -70.54
CA SER C 960 -33.83 -1.82 -71.94
C SER C 960 -32.71 -2.53 -72.70
N PRO C 961 -32.94 -2.94 -73.95
CA PRO C 961 -31.93 -3.76 -74.65
C PRO C 961 -30.76 -2.98 -75.20
N ASP C 962 -30.72 -1.66 -75.06
CA ASP C 962 -29.66 -0.84 -75.66
C ASP C 962 -28.41 -0.88 -74.78
N ILE C 963 -27.80 -2.06 -74.75
CA ILE C 963 -26.54 -2.21 -74.04
C ILE C 963 -25.43 -1.49 -74.79
N PHE C 964 -25.47 -1.52 -76.12
CA PHE C 964 -24.44 -0.97 -76.99
C PHE C 964 -25.08 -0.01 -77.99
N PRO C 965 -25.56 1.15 -77.53
CA PRO C 965 -26.02 2.16 -78.48
C PRO C 965 -24.89 2.75 -79.31
N ASP C 966 -23.64 2.67 -78.84
CA ASP C 966 -22.52 3.14 -79.64
C ASP C 966 -22.37 2.30 -80.90
N LEU C 967 -22.62 1.00 -80.81
CA LEU C 967 -22.59 0.15 -81.99
C LEU C 967 -23.66 0.57 -82.98
N GLN C 968 -24.86 0.89 -82.49
CA GLN C 968 -25.92 1.36 -83.36
C GLN C 968 -25.54 2.69 -84.02
N LYS C 969 -24.96 3.60 -83.25
CA LYS C 969 -24.58 4.90 -83.80
C LYS C 969 -23.49 4.77 -84.86
N ARG C 970 -22.49 3.92 -84.60
CA ARG C 970 -21.47 3.66 -85.61
C ARG C 970 -22.08 3.00 -86.84
N LEU C 971 -22.95 2.02 -86.63
CA LEU C 971 -23.70 1.40 -87.71
C LEU C 971 -24.91 2.23 -88.15
N LYS C 972 -25.25 3.29 -87.42
CA LYS C 972 -26.29 4.25 -87.81
C LYS C 972 -27.65 3.58 -88.03
N LEU C 973 -28.09 2.83 -87.01
CA LEU C 973 -29.36 2.12 -87.01
C LEU C 973 -30.18 2.53 -85.80
N SER C 974 -31.49 2.34 -85.89
CA SER C 974 -32.39 2.71 -84.82
C SER C 974 -32.32 1.70 -83.68
N ASN C 975 -33.02 2.01 -82.60
CA ASN C 975 -33.05 1.14 -81.43
C ASN C 975 -33.77 -0.16 -81.76
N LEU C 976 -33.73 -1.09 -80.81
CA LEU C 976 -34.32 -2.40 -81.03
C LEU C 976 -35.85 -2.29 -81.07
N PRO C 977 -36.55 -3.31 -81.59
CA PRO C 977 -38.00 -3.40 -81.35
C PRO C 977 -38.24 -4.01 -79.98
N LYS C 978 -38.78 -3.22 -79.07
CA LYS C 978 -39.00 -3.70 -77.72
C LYS C 978 -40.05 -4.81 -77.73
N PRO C 979 -39.95 -5.80 -76.84
CA PRO C 979 -40.97 -6.85 -76.85
C PRO C 979 -42.31 -6.32 -76.37
N SER C 980 -43.37 -6.77 -77.01
CA SER C 980 -44.68 -6.28 -76.66
C SER C 980 -45.16 -6.93 -75.35
N PRO C 981 -45.95 -6.24 -74.53
CA PRO C 981 -46.64 -6.92 -73.43
C PRO C 981 -47.98 -7.48 -73.91
N GLU C 982 -48.58 -8.30 -73.05
CA GLU C 982 -49.86 -8.91 -73.40
C GLU C 982 -50.97 -7.86 -73.48
N ILE C 983 -51.09 -7.03 -72.44
CA ILE C 983 -52.10 -5.99 -72.35
C ILE C 983 -51.39 -4.71 -71.89
N SER C 984 -51.87 -3.57 -72.37
CA SER C 984 -51.32 -2.26 -72.03
C SER C 984 -52.46 -1.34 -71.61
N ILE C 985 -52.56 -1.06 -70.31
CA ILE C 985 -53.56 -0.18 -69.74
C ILE C 985 -52.87 1.10 -69.32
N ASN C 986 -53.32 2.23 -69.86
CA ASN C 986 -52.74 3.53 -69.52
C ASN C 986 -53.37 4.05 -68.23
N LYS C 987 -52.67 5.01 -67.62
CA LYS C 987 -53.17 5.72 -66.44
C LYS C 987 -52.61 7.13 -66.40
N GLY C 1004 -65.12 -9.22 -63.97
CA GLY C 1004 -64.20 -8.31 -63.30
C GLY C 1004 -62.81 -8.42 -63.87
N ASP C 1005 -62.34 -7.35 -64.53
CA ASP C 1005 -61.03 -7.38 -65.15
C ASP C 1005 -59.94 -7.43 -64.08
N GLU C 1006 -58.87 -8.15 -64.38
CA GLU C 1006 -57.75 -8.32 -63.47
C GLU C 1006 -56.72 -7.21 -63.66
N GLU C 1007 -57.16 -5.98 -63.44
CA GLU C 1007 -56.23 -4.86 -63.44
C GLU C 1007 -55.27 -5.03 -62.27
N PRO C 1008 -53.95 -4.83 -62.44
CA PRO C 1008 -53.08 -4.83 -61.26
C PRO C 1008 -53.43 -3.71 -60.31
N THR C 1009 -53.93 -4.06 -59.13
CA THR C 1009 -54.41 -3.07 -58.18
C THR C 1009 -53.25 -2.21 -57.68
N GLU C 1010 -53.61 -1.05 -57.12
CA GLU C 1010 -52.62 -0.08 -56.65
C GLU C 1010 -51.73 -0.67 -55.56
N GLU C 1011 -52.24 -1.65 -54.80
CA GLU C 1011 -51.45 -2.33 -53.79
C GLU C 1011 -50.47 -3.35 -54.37
N GLU C 1012 -50.54 -3.66 -55.68
CA GLU C 1012 -49.65 -4.60 -56.33
C GLU C 1012 -48.51 -3.94 -57.09
N ILE C 1013 -48.68 -2.68 -57.52
CA ILE C 1013 -47.71 -2.07 -58.42
C ILE C 1013 -46.43 -1.64 -57.70
N LYS C 1014 -46.48 -1.40 -56.39
CA LYS C 1014 -45.32 -0.86 -55.68
C LYS C 1014 -44.14 -1.82 -55.72
N SER C 1015 -44.41 -3.12 -55.74
CA SER C 1015 -43.34 -4.11 -55.88
C SER C 1015 -42.60 -3.92 -57.20
N SER C 1016 -43.35 -3.67 -58.29
CA SER C 1016 -42.72 -3.46 -59.58
C SER C 1016 -41.85 -2.20 -59.57
N LYS C 1017 -42.32 -1.13 -58.93
CA LYS C 1017 -41.53 0.09 -58.88
C LYS C 1017 -40.25 -0.11 -58.07
N LYS C 1018 -40.34 -0.83 -56.95
CA LYS C 1018 -39.15 -1.11 -56.16
C LYS C 1018 -38.16 -1.96 -56.94
N ALA C 1019 -38.66 -2.97 -57.67
CA ALA C 1019 -37.78 -3.77 -58.51
C ALA C 1019 -37.15 -2.93 -59.61
N MET C 1020 -37.92 -1.98 -60.16
CA MET C 1020 -37.40 -1.06 -61.17
C MET C 1020 -36.22 -0.29 -60.62
N GLU C 1021 -36.40 0.31 -59.44
CA GLU C 1021 -35.32 1.12 -58.88
C GLU C 1021 -34.11 0.27 -58.53
N CYS C 1022 -34.32 -0.94 -58.02
CA CYS C 1022 -33.19 -1.79 -57.66
C CYS C 1022 -32.41 -2.21 -58.90
N ILE C 1023 -33.10 -2.65 -59.95
CA ILE C 1023 -32.38 -3.08 -61.15
C ILE C 1023 -31.70 -1.90 -61.83
N LYS C 1024 -32.32 -0.71 -61.79
CA LYS C 1024 -31.65 0.45 -62.35
C LYS C 1024 -30.40 0.81 -61.55
N SER C 1025 -30.45 0.67 -60.23
CA SER C 1025 -29.27 0.95 -59.42
C SER C 1025 -28.20 -0.12 -59.61
N SER C 1026 -28.58 -1.35 -59.97
CA SER C 1026 -27.60 -2.40 -60.14
C SER C 1026 -26.66 -2.14 -61.32
N ASN C 1027 -27.14 -1.44 -62.34
CA ASN C 1027 -26.34 -1.08 -63.51
C ASN C 1027 -25.86 -2.34 -64.25
N ILE C 1028 -26.84 -3.09 -64.75
CA ILE C 1028 -26.59 -4.43 -65.28
C ILE C 1028 -25.73 -4.35 -66.53
N ALA C 1029 -26.08 -3.44 -67.44
CA ALA C 1029 -25.40 -3.36 -68.73
C ALA C 1029 -23.93 -2.98 -68.55
N ALA C 1030 -23.67 -2.01 -67.69
CA ALA C 1030 -22.28 -1.67 -67.38
C ALA C 1030 -21.59 -2.77 -66.60
N SER C 1031 -22.33 -3.64 -65.91
CA SER C 1031 -21.71 -4.66 -65.08
C SER C 1031 -21.24 -5.85 -65.90
N VAL C 1032 -22.16 -6.56 -66.57
CA VAL C 1032 -21.78 -7.81 -67.21
C VAL C 1032 -20.97 -7.52 -68.47
N PHE C 1033 -21.43 -6.57 -69.29
CA PHE C 1033 -20.85 -6.28 -70.59
C PHE C 1033 -19.95 -5.06 -70.59
N GLY C 1034 -20.16 -4.12 -69.67
CA GLY C 1034 -19.36 -2.89 -69.69
C GLY C 1034 -17.90 -3.13 -69.41
N ASN C 1035 -17.59 -4.01 -68.47
CA ASN C 1035 -16.19 -4.30 -68.16
C ASN C 1035 -15.57 -5.10 -69.29
N GLU C 1036 -14.31 -4.79 -69.60
CA GLU C 1036 -13.65 -5.39 -70.75
C GLU C 1036 -13.28 -6.85 -70.51
N SER C 1037 -13.02 -7.25 -69.28
CA SER C 1037 -12.42 -8.56 -69.03
C SER C 1037 -13.41 -9.68 -69.33
N ASN C 1038 -14.68 -9.53 -68.93
CA ASN C 1038 -15.63 -10.65 -68.98
C ASN C 1038 -15.92 -11.12 -70.40
N ILE C 1039 -15.60 -10.33 -71.42
CA ILE C 1039 -15.84 -10.74 -72.80
C ILE C 1039 -14.90 -11.88 -73.12
N THR C 1040 -15.48 -13.05 -73.42
CA THR C 1040 -14.71 -14.26 -73.70
C THR C 1040 -15.52 -15.11 -74.66
N ALA C 1041 -14.84 -16.05 -75.31
CA ALA C 1041 -15.51 -16.96 -76.24
C ALA C 1041 -16.58 -17.79 -75.55
N ASP C 1042 -16.39 -18.12 -74.26
CA ASP C 1042 -17.38 -18.88 -73.53
C ASP C 1042 -18.70 -18.11 -73.43
N LEU C 1043 -18.62 -16.81 -73.14
CA LEU C 1043 -19.83 -15.99 -73.07
C LEU C 1043 -20.54 -15.95 -74.42
N ILE C 1044 -19.78 -15.81 -75.50
CA ILE C 1044 -20.37 -15.77 -76.84
C ILE C 1044 -21.09 -17.08 -77.14
N LYS C 1045 -20.42 -18.21 -76.90
CA LYS C 1045 -21.00 -19.50 -77.23
C LYS C 1045 -22.23 -19.79 -76.39
N THR C 1046 -22.15 -19.54 -75.08
CA THR C 1046 -23.28 -19.83 -74.21
C THR C 1046 -24.45 -18.89 -74.47
N LEU C 1047 -24.16 -17.62 -74.77
CA LEU C 1047 -25.23 -16.66 -75.05
C LEU C 1047 -25.93 -17.00 -76.35
N LEU C 1048 -25.17 -17.20 -77.42
CA LEU C 1048 -25.76 -17.47 -78.71
C LEU C 1048 -26.40 -18.84 -78.78
N ASP C 1049 -25.97 -19.78 -77.92
CA ASP C 1049 -26.67 -21.05 -77.82
C ASP C 1049 -28.04 -20.90 -77.18
N SER C 1050 -28.18 -19.95 -76.25
CA SER C 1050 -29.40 -19.82 -75.45
C SER C 1050 -30.53 -19.09 -76.17
N ALA C 1051 -30.40 -18.81 -77.46
CA ALA C 1051 -31.51 -18.22 -78.19
C ALA C 1051 -32.63 -19.24 -78.37
N LYS C 1052 -33.86 -18.74 -78.44
CA LYS C 1052 -35.05 -19.59 -78.57
C LYS C 1052 -35.30 -19.83 -80.05
N THR C 1053 -34.98 -21.04 -80.52
CA THR C 1053 -35.12 -21.35 -81.94
C THR C 1053 -36.58 -21.50 -82.33
N GLU C 1054 -37.36 -22.24 -81.54
CA GLU C 1054 -38.75 -22.52 -81.85
C GLU C 1054 -39.67 -21.48 -81.21
N LYS C 1055 -40.85 -21.33 -81.81
CA LYS C 1055 -41.86 -20.35 -81.41
C LYS C 1055 -43.09 -21.10 -80.93
N ASN C 1056 -43.22 -21.30 -79.63
CA ASN C 1056 -44.42 -21.91 -79.07
C ASN C 1056 -45.54 -20.87 -79.04
N ALA C 1057 -46.71 -21.28 -78.52
CA ALA C 1057 -47.82 -20.35 -78.41
C ALA C 1057 -47.52 -19.25 -77.40
N ASP C 1058 -46.87 -19.61 -76.29
CA ASP C 1058 -46.71 -18.65 -75.20
C ASP C 1058 -45.72 -17.54 -75.55
N ASN C 1059 -44.64 -17.87 -76.24
CA ASN C 1059 -43.52 -16.94 -76.44
C ASN C 1059 -43.67 -16.07 -77.68
N SER C 1060 -44.90 -15.84 -78.15
CA SER C 1060 -45.09 -15.06 -79.37
C SER C 1060 -44.72 -13.59 -79.17
N ARG C 1061 -44.86 -13.08 -77.96
CA ARG C 1061 -44.72 -11.64 -77.74
C ARG C 1061 -43.29 -11.15 -77.95
N TYR C 1062 -42.30 -11.97 -77.58
CA TYR C 1062 -40.89 -11.55 -77.53
C TYR C 1062 -39.99 -12.37 -78.46
N PHE C 1063 -40.56 -13.10 -79.42
CA PHE C 1063 -39.74 -14.03 -80.21
C PHE C 1063 -38.75 -13.28 -81.10
N GLU C 1064 -39.27 -12.47 -82.03
CA GLU C 1064 -38.38 -11.70 -82.89
C GLU C 1064 -37.55 -10.70 -82.10
N ALA C 1065 -38.10 -10.18 -81.00
CA ALA C 1065 -37.36 -9.22 -80.19
C ALA C 1065 -36.13 -9.86 -79.55
N GLU C 1066 -36.30 -11.02 -78.90
CA GLU C 1066 -35.15 -11.70 -78.31
C GLU C 1066 -34.19 -12.18 -79.39
N LEU C 1067 -34.74 -12.60 -80.54
CA LEU C 1067 -33.88 -13.04 -81.64
C LEU C 1067 -32.97 -11.93 -82.10
N LEU C 1068 -33.49 -10.71 -82.22
CA LEU C 1068 -32.63 -9.59 -82.58
C LEU C 1068 -31.71 -9.22 -81.44
N PHE C 1069 -32.19 -9.33 -80.19
CA PHE C 1069 -31.41 -8.89 -79.03
C PHE C 1069 -30.14 -9.70 -78.87
N ILE C 1070 -30.23 -11.01 -79.04
CA ILE C 1070 -29.07 -11.88 -78.86
C ILE C 1070 -27.97 -11.52 -79.85
N ILE C 1071 -28.34 -11.34 -81.12
CA ILE C 1071 -27.33 -11.06 -82.13
C ILE C 1071 -26.79 -9.63 -81.96
N GLU C 1072 -27.65 -8.68 -81.58
CA GLU C 1072 -27.17 -7.32 -81.29
C GLU C 1072 -26.14 -7.32 -80.19
N LEU C 1073 -26.31 -8.18 -79.18
CA LEU C 1073 -25.25 -8.34 -78.19
C LEU C 1073 -24.01 -8.93 -78.81
N THR C 1074 -24.18 -10.02 -79.59
CA THR C 1074 -23.02 -10.78 -80.03
C THR C 1074 -22.15 -9.98 -80.99
N ILE C 1075 -22.71 -9.00 -81.70
CA ILE C 1075 -21.85 -8.19 -82.58
C ILE C 1075 -20.86 -7.39 -81.73
N ALA C 1076 -21.35 -6.74 -80.68
CA ALA C 1076 -20.44 -5.93 -79.84
C ALA C 1076 -19.44 -6.81 -79.12
N LEU C 1077 -19.90 -7.94 -78.56
CA LEU C 1077 -18.95 -8.84 -77.90
C LEU C 1077 -17.96 -9.46 -78.88
N PHE C 1078 -18.34 -9.69 -80.13
CA PHE C 1078 -17.35 -10.08 -81.13
C PHE C 1078 -16.36 -8.96 -81.41
N LEU C 1079 -16.86 -7.72 -81.49
CA LEU C 1079 -16.01 -6.60 -81.86
C LEU C 1079 -14.93 -6.35 -80.81
N PHE C 1080 -15.29 -6.37 -79.52
CA PHE C 1080 -14.25 -6.24 -78.50
C PHE C 1080 -13.40 -7.50 -78.36
N CYS C 1081 -13.82 -8.63 -78.94
CA CYS C 1081 -13.02 -9.84 -78.86
C CYS C 1081 -11.71 -9.66 -79.64
N LYS C 1082 -10.61 -10.15 -79.06
CA LYS C 1082 -9.30 -9.94 -79.65
C LYS C 1082 -9.07 -10.88 -80.84
N GLU C 1083 -9.10 -12.18 -80.61
CA GLU C 1083 -8.98 -13.16 -81.68
C GLU C 1083 -10.34 -13.41 -82.31
N GLU C 1084 -10.35 -13.62 -83.63
CA GLU C 1084 -11.59 -13.84 -84.38
C GLU C 1084 -11.46 -14.94 -85.43
N LYS C 1085 -10.34 -15.67 -85.48
CA LYS C 1085 -10.14 -16.62 -86.57
C LYS C 1085 -11.00 -17.87 -86.39
N GLU C 1086 -11.14 -18.35 -85.15
CA GLU C 1086 -11.80 -19.63 -84.89
C GLU C 1086 -13.29 -19.47 -84.60
N LEU C 1087 -13.65 -18.58 -83.68
CA LEU C 1087 -15.04 -18.46 -83.25
C LEU C 1087 -15.93 -17.84 -84.33
N GLY C 1088 -15.33 -17.18 -85.33
CA GLY C 1088 -16.13 -16.53 -86.37
C GLY C 1088 -17.00 -17.51 -87.14
N LYS C 1089 -16.46 -18.68 -87.46
CA LYS C 1089 -17.25 -19.71 -88.14
C LYS C 1089 -18.43 -20.14 -87.28
N PHE C 1090 -18.20 -20.27 -85.97
CA PHE C 1090 -19.27 -20.70 -85.07
C PHE C 1090 -20.40 -19.67 -85.05
N ILE C 1091 -20.06 -18.39 -84.87
CA ILE C 1091 -21.12 -17.39 -84.80
C ILE C 1091 -21.82 -17.25 -86.15
N LEU C 1092 -21.07 -17.40 -87.25
CA LEU C 1092 -21.69 -17.28 -88.56
C LEU C 1092 -22.69 -18.42 -88.79
N GLN C 1093 -22.27 -19.65 -88.47
CA GLN C 1093 -23.15 -20.79 -88.66
C GLN C 1093 -24.41 -20.67 -87.81
N LYS C 1094 -24.26 -20.28 -86.55
CA LYS C 1094 -25.43 -20.18 -85.69
C LYS C 1094 -26.36 -19.05 -86.13
N VAL C 1095 -25.80 -17.89 -86.53
CA VAL C 1095 -26.64 -16.78 -86.93
C VAL C 1095 -27.36 -17.10 -88.24
N PHE C 1096 -26.66 -17.72 -89.20
CA PHE C 1096 -27.31 -18.00 -90.48
C PHE C 1096 -28.35 -19.11 -90.34
N GLN C 1097 -28.08 -20.11 -89.51
CA GLN C 1097 -29.11 -21.11 -89.25
C GLN C 1097 -30.30 -20.48 -88.54
N LEU C 1098 -30.05 -19.51 -87.67
CA LEU C 1098 -31.15 -18.86 -86.97
C LEU C 1098 -31.95 -17.97 -87.90
N SER C 1099 -31.31 -17.41 -88.93
CA SER C 1099 -32.04 -16.56 -89.88
C SER C 1099 -33.06 -17.34 -90.69
N HIS C 1100 -32.83 -18.63 -90.89
CA HIS C 1100 -33.74 -19.45 -91.69
C HIS C 1100 -34.99 -19.88 -90.94
N THR C 1101 -35.17 -19.47 -89.67
CA THR C 1101 -36.42 -19.74 -88.98
C THR C 1101 -37.57 -18.99 -89.65
N LYS C 1102 -38.70 -19.67 -89.77
CA LYS C 1102 -39.82 -19.19 -90.55
C LYS C 1102 -40.75 -18.31 -89.70
N GLY C 1103 -41.68 -17.65 -90.39
CA GLY C 1103 -42.72 -16.89 -89.73
C GLY C 1103 -42.33 -15.51 -89.23
N LEU C 1104 -41.11 -15.06 -89.52
CA LEU C 1104 -40.66 -13.76 -89.02
C LEU C 1104 -41.21 -12.64 -89.90
N THR C 1105 -41.64 -11.56 -89.24
CA THR C 1105 -42.12 -10.40 -89.99
C THR C 1105 -40.97 -9.75 -90.75
N LYS C 1106 -41.32 -9.03 -91.81
CA LYS C 1106 -40.31 -8.51 -92.74
C LYS C 1106 -39.38 -7.50 -92.08
N ARG C 1107 -39.86 -6.79 -91.04
CA ARG C 1107 -39.02 -5.80 -90.36
C ARG C 1107 -37.79 -6.46 -89.75
N THR C 1108 -37.98 -7.57 -89.03
CA THR C 1108 -36.83 -8.20 -88.39
C THR C 1108 -35.91 -8.82 -89.43
N VAL C 1109 -36.42 -9.26 -90.58
CA VAL C 1109 -35.53 -9.82 -91.60
C VAL C 1109 -34.67 -8.72 -92.20
N ARG C 1110 -35.27 -7.55 -92.45
CA ARG C 1110 -34.50 -6.40 -92.90
C ARG C 1110 -33.44 -6.02 -91.88
N ARG C 1111 -33.77 -6.13 -90.60
CA ARG C 1111 -32.77 -5.88 -89.56
C ARG C 1111 -31.69 -6.97 -89.55
N MET C 1112 -32.08 -8.22 -89.80
CA MET C 1112 -31.14 -9.34 -89.70
C MET C 1112 -30.12 -9.30 -90.83
N LEU C 1113 -30.52 -8.86 -92.01
CA LEU C 1113 -29.58 -8.81 -93.12
C LEU C 1113 -28.45 -7.80 -92.86
N THR C 1114 -28.72 -6.76 -92.07
CA THR C 1114 -27.67 -5.77 -91.81
C THR C 1114 -26.51 -6.36 -91.01
N TYR C 1115 -26.78 -7.32 -90.12
CA TYR C 1115 -25.69 -7.89 -89.35
C TYR C 1115 -24.79 -8.77 -90.20
N LYS C 1116 -25.37 -9.47 -91.18
CA LYS C 1116 -24.63 -10.50 -91.91
C LYS C 1116 -23.48 -9.88 -92.69
N ILE C 1117 -23.70 -8.74 -93.33
CA ILE C 1117 -22.64 -8.11 -94.10
C ILE C 1117 -21.51 -7.63 -93.18
N LEU C 1118 -21.87 -7.16 -91.98
CA LEU C 1118 -20.84 -6.74 -91.03
C LEU C 1118 -20.05 -7.94 -90.52
N LEU C 1119 -20.74 -9.06 -90.30
CA LEU C 1119 -20.05 -10.29 -89.93
C LEU C 1119 -19.06 -10.71 -91.01
N ILE C 1120 -19.49 -10.69 -92.26
CA ILE C 1120 -18.62 -11.11 -93.35
C ILE C 1120 -17.49 -10.12 -93.53
N SER C 1121 -17.71 -8.85 -93.19
CA SER C 1121 -16.61 -7.88 -93.15
C SER C 1121 -15.59 -8.27 -92.10
N LEU C 1122 -16.06 -8.60 -90.89
CA LEU C 1122 -15.13 -8.90 -89.80
C LEU C 1122 -14.45 -10.24 -89.99
N CYS C 1123 -15.22 -11.30 -90.19
CA CYS C 1123 -14.65 -12.63 -90.27
C CYS C 1123 -13.96 -12.83 -91.62
N ALA C 1124 -13.22 -13.93 -91.74
CA ALA C 1124 -12.24 -14.13 -92.79
C ALA C 1124 -12.66 -15.24 -93.75
N ASP C 1125 -12.64 -14.92 -95.05
CA ASP C 1125 -12.58 -15.87 -96.16
C ASP C 1125 -13.75 -16.86 -96.22
N GLN C 1126 -14.87 -16.58 -95.56
CA GLN C 1126 -16.07 -17.42 -95.67
C GLN C 1126 -16.83 -17.01 -96.93
N THR C 1127 -16.41 -17.59 -98.05
CA THR C 1127 -17.02 -17.25 -99.33
C THR C 1127 -18.38 -17.93 -99.52
N GLU C 1128 -18.56 -19.13 -98.98
CA GLU C 1128 -19.81 -19.85 -99.22
C GLU C 1128 -20.99 -19.16 -98.56
N TYR C 1129 -20.79 -18.65 -97.35
CA TYR C 1129 -21.89 -17.96 -96.66
C TYR C 1129 -22.25 -16.65 -97.37
N LEU C 1130 -21.24 -15.94 -97.87
CA LEU C 1130 -21.51 -14.73 -98.64
C LEU C 1130 -22.26 -15.05 -99.92
N SER C 1131 -21.88 -16.15 -100.58
CA SER C 1131 -22.60 -16.56 -101.79
C SER C 1131 -24.04 -16.93 -101.47
N LYS C 1132 -24.26 -17.62 -100.34
CA LYS C 1132 -25.61 -17.97 -99.94
C LYS C 1132 -26.44 -16.72 -99.67
N LEU C 1133 -25.85 -15.74 -98.98
CA LEU C 1133 -26.53 -14.48 -98.73
C LEU C 1133 -26.87 -13.77 -100.04
N ILE C 1134 -25.93 -13.73 -100.97
CA ILE C 1134 -26.17 -13.05 -102.24
C ILE C 1134 -27.26 -13.77 -103.02
N ASN C 1135 -27.29 -15.10 -102.96
CA ASN C 1135 -28.22 -15.88 -103.77
C ASN C 1135 -29.64 -15.81 -103.22
N ASP C 1136 -29.86 -16.30 -101.99
CA ASP C 1136 -31.23 -16.47 -101.53
C ASP C 1136 -31.82 -15.19 -100.97
N GLU C 1137 -31.09 -14.50 -100.09
CA GLU C 1137 -31.67 -13.36 -99.39
C GLU C 1137 -31.92 -12.19 -100.35
N LEU C 1138 -30.99 -11.92 -101.25
CA LEU C 1138 -31.08 -10.71 -102.08
C LEU C 1138 -31.95 -10.92 -103.31
N LEU C 1139 -31.58 -11.85 -104.19
CA LEU C 1139 -32.30 -12.00 -105.44
C LEU C 1139 -33.67 -12.63 -105.23
N LYS C 1140 -33.74 -13.72 -104.47
CA LYS C 1140 -34.96 -14.50 -104.42
C LYS C 1140 -36.07 -13.77 -103.66
N LYS C 1141 -35.75 -13.23 -102.49
CA LYS C 1141 -36.74 -12.55 -101.66
C LYS C 1141 -36.86 -11.09 -102.12
N GLY C 1142 -37.46 -10.93 -103.30
CA GLY C 1142 -37.62 -9.60 -103.85
C GLY C 1142 -38.61 -8.76 -103.07
N ASP C 1143 -39.68 -9.39 -102.58
CA ASP C 1143 -40.75 -8.64 -101.91
C ASP C 1143 -40.30 -7.98 -100.61
N ILE C 1144 -39.24 -8.48 -99.98
CA ILE C 1144 -38.79 -7.91 -98.72
C ILE C 1144 -37.96 -6.66 -98.96
N PHE C 1145 -36.94 -6.77 -99.80
CA PHE C 1145 -35.97 -5.70 -100.05
C PHE C 1145 -36.30 -5.07 -101.40
N THR C 1146 -37.23 -4.14 -101.37
CA THR C 1146 -37.78 -3.49 -102.55
C THR C 1146 -37.14 -2.11 -102.74
N GLN C 1147 -37.71 -1.34 -103.67
CA GLN C 1147 -37.32 0.05 -103.82
C GLN C 1147 -37.56 0.83 -102.53
N LYS C 1148 -38.67 0.54 -101.85
CA LYS C 1148 -39.03 1.28 -100.65
C LYS C 1148 -38.02 1.07 -99.54
N PHE C 1149 -37.59 -0.17 -99.33
CA PHE C 1149 -36.64 -0.44 -98.26
C PHE C 1149 -35.27 0.15 -98.58
N PHE C 1150 -34.81 0.02 -99.82
CA PHE C 1150 -33.51 0.55 -100.18
C PHE C 1150 -33.50 2.08 -100.21
N ALA C 1151 -34.65 2.71 -100.42
CA ALA C 1151 -34.71 4.17 -100.36
C ALA C 1151 -34.39 4.70 -98.98
N THR C 1152 -34.66 3.92 -97.93
CA THR C 1152 -34.42 4.39 -96.57
C THR C 1152 -32.93 4.45 -96.29
N ASN C 1153 -32.59 4.88 -95.07
CA ASN C 1153 -31.19 5.02 -94.70
C ASN C 1153 -30.50 3.65 -94.65
N GLN C 1154 -31.15 2.67 -94.01
CA GLN C 1154 -30.55 1.38 -93.73
C GLN C 1154 -30.09 0.68 -94.99
N GLY C 1155 -30.85 0.81 -96.08
CA GLY C 1155 -30.42 0.23 -97.34
C GLY C 1155 -29.16 0.88 -97.87
N LYS C 1156 -29.07 2.21 -97.80
CA LYS C 1156 -27.88 2.90 -98.24
C LYS C 1156 -26.66 2.47 -97.42
N GLU C 1157 -26.85 2.30 -96.12
CA GLU C 1157 -25.70 1.95 -95.28
C GLU C 1157 -25.29 0.50 -95.50
N PHE C 1158 -26.26 -0.40 -95.67
CA PHE C 1158 -25.95 -1.79 -95.98
C PHE C 1158 -25.24 -1.88 -97.32
N LEU C 1159 -25.68 -1.11 -98.31
CA LEU C 1159 -24.99 -1.10 -99.60
C LEU C 1159 -23.57 -0.57 -99.46
N LYS C 1160 -23.37 0.47 -98.64
CA LYS C 1160 -22.03 1.00 -98.42
C LYS C 1160 -21.12 -0.05 -97.80
N ARG C 1161 -21.65 -0.81 -96.83
CA ARG C 1161 -20.86 -1.90 -96.26
C ARG C 1161 -20.57 -2.98 -97.31
N LEU C 1162 -21.55 -3.26 -98.17
CA LEU C 1162 -21.37 -4.26 -99.22
C LEU C 1162 -20.27 -3.84 -100.19
N PHE C 1163 -20.18 -2.56 -100.51
CA PHE C 1163 -19.11 -2.11 -101.40
C PHE C 1163 -17.77 -2.03 -100.68
N SER C 1164 -17.77 -1.78 -99.37
CA SER C 1164 -16.50 -1.84 -98.64
C SER C 1164 -15.96 -3.26 -98.61
N LEU C 1165 -16.85 -4.27 -98.68
CA LEU C 1165 -16.38 -5.65 -98.77
C LEU C 1165 -15.50 -5.85 -100.00
N THR C 1166 -15.80 -5.15 -101.11
CA THR C 1166 -14.98 -5.30 -102.31
C THR C 1166 -13.58 -4.77 -102.09
N GLU C 1167 -13.43 -3.68 -101.35
CA GLU C 1167 -12.10 -3.14 -101.08
C GLU C 1167 -11.31 -4.07 -100.17
N SER C 1168 -11.97 -4.80 -99.28
CA SER C 1168 -11.27 -5.70 -98.37
C SER C 1168 -10.63 -6.84 -99.15
N GLU C 1169 -9.39 -7.15 -98.79
CA GLU C 1169 -8.62 -8.16 -99.52
C GLU C 1169 -9.13 -9.58 -99.29
N PHE C 1170 -9.98 -9.81 -98.28
CA PHE C 1170 -10.48 -11.16 -98.03
C PHE C 1170 -11.32 -11.65 -99.19
N TYR C 1171 -12.31 -10.84 -99.61
CA TYR C 1171 -13.29 -11.22 -100.61
C TYR C 1171 -13.22 -10.37 -101.88
N ARG C 1172 -12.14 -9.62 -102.08
CA ARG C 1172 -12.04 -8.81 -103.29
C ARG C 1172 -11.97 -9.68 -104.54
N GLY C 1173 -11.08 -10.67 -104.54
CA GLY C 1173 -10.92 -11.52 -105.71
C GLY C 1173 -12.13 -12.36 -106.03
N PHE C 1174 -12.89 -12.76 -105.01
CA PHE C 1174 -14.05 -13.60 -105.25
C PHE C 1174 -15.18 -12.82 -105.92
N LEU C 1175 -15.36 -11.55 -105.54
CA LEU C 1175 -16.59 -10.85 -105.88
C LEU C 1175 -16.67 -10.51 -107.37
N LEU C 1176 -15.54 -10.33 -108.05
CA LEU C 1176 -15.60 -9.84 -109.42
C LEU C 1176 -16.20 -10.88 -110.36
N GLY C 1177 -15.88 -12.14 -110.17
CA GLY C 1177 -16.26 -13.19 -111.09
C GLY C 1177 -17.66 -13.74 -110.95
N ASN C 1178 -18.46 -13.24 -110.01
CA ASN C 1178 -19.77 -13.81 -109.74
C ASN C 1178 -20.83 -13.19 -110.62
N GLU C 1179 -21.63 -14.05 -111.26
CA GLU C 1179 -22.82 -13.58 -111.96
C GLU C 1179 -23.79 -12.91 -110.99
N ASN C 1180 -23.96 -13.49 -109.80
CA ASN C 1180 -25.08 -13.12 -108.94
C ASN C 1180 -24.91 -11.71 -108.37
N PHE C 1181 -23.70 -11.38 -107.94
CA PHE C 1181 -23.47 -10.06 -107.33
C PHE C 1181 -23.69 -8.95 -108.34
N TRP C 1182 -23.17 -9.11 -109.56
CA TRP C 1182 -23.35 -8.07 -110.56
C TRP C 1182 -24.78 -8.04 -111.07
N LYS C 1183 -25.49 -9.17 -111.06
CA LYS C 1183 -26.91 -9.13 -111.35
C LYS C 1183 -27.65 -8.31 -110.29
N PHE C 1184 -27.25 -8.47 -109.03
CA PHE C 1184 -27.88 -7.68 -107.97
C PHE C 1184 -27.59 -6.19 -108.15
N LEU C 1185 -26.36 -5.84 -108.53
CA LEU C 1185 -26.06 -4.44 -108.76
C LEU C 1185 -26.82 -3.90 -109.96
N ARG C 1186 -27.02 -4.74 -110.98
CA ARG C 1186 -27.86 -4.34 -112.11
C ARG C 1186 -29.29 -4.08 -111.66
N LYS C 1187 -29.79 -4.90 -110.73
CA LYS C 1187 -31.12 -4.67 -110.20
C LYS C 1187 -31.18 -3.37 -109.40
N VAL C 1188 -30.21 -3.15 -108.50
CA VAL C 1188 -30.25 -1.99 -107.63
C VAL C 1188 -29.91 -0.69 -108.37
N THR C 1189 -29.38 -0.79 -109.58
CA THR C 1189 -29.28 0.39 -110.44
C THR C 1189 -30.65 0.97 -110.75
N ALA C 1190 -31.69 0.13 -110.80
CA ALA C 1190 -33.01 0.60 -111.16
C ALA C 1190 -33.59 1.59 -110.14
N MET C 1191 -33.10 1.58 -108.90
CA MET C 1191 -33.52 2.59 -107.94
C MET C 1191 -32.93 3.94 -108.33
N LYS C 1192 -33.78 4.96 -108.43
CA LYS C 1192 -33.29 6.28 -108.76
C LYS C 1192 -32.46 6.87 -107.62
N GLU C 1193 -32.76 6.49 -106.37
CA GLU C 1193 -32.01 7.02 -105.23
C GLU C 1193 -30.58 6.51 -105.22
N GLN C 1194 -30.38 5.24 -105.57
CA GLN C 1194 -29.08 4.58 -105.40
C GLN C 1194 -28.19 4.68 -106.62
N SER C 1195 -28.58 5.42 -107.66
CA SER C 1195 -27.72 5.54 -108.84
C SER C 1195 -26.44 6.29 -108.50
N GLU C 1196 -26.54 7.37 -107.72
CA GLU C 1196 -25.36 8.18 -107.41
C GLU C 1196 -24.35 7.42 -106.57
N SER C 1197 -24.83 6.62 -105.61
CA SER C 1197 -23.92 5.83 -104.78
C SER C 1197 -23.17 4.80 -105.62
N ILE C 1198 -23.89 4.11 -106.51
CA ILE C 1198 -23.28 3.13 -107.40
C ILE C 1198 -22.22 3.83 -108.25
N PHE C 1199 -22.56 5.01 -108.78
CA PHE C 1199 -21.64 5.72 -109.65
C PHE C 1199 -20.40 6.18 -108.91
N GLU C 1200 -20.57 6.67 -107.68
CA GLU C 1200 -19.42 7.08 -106.88
C GLU C 1200 -18.50 5.90 -106.61
N TYR C 1201 -19.08 4.74 -106.29
CA TYR C 1201 -18.29 3.53 -106.08
C TYR C 1201 -17.53 3.15 -107.33
N LEU C 1202 -18.21 3.17 -108.49
CA LEU C 1202 -17.56 2.78 -109.73
C LEU C 1202 -16.43 3.74 -110.11
N ASN C 1203 -16.67 5.03 -109.96
CA ASN C 1203 -15.66 6.03 -110.30
C ASN C 1203 -14.44 5.88 -109.39
N GLU C 1204 -14.68 5.73 -108.08
CA GLU C 1204 -13.56 5.57 -107.16
C GLU C 1204 -12.77 4.30 -107.46
N SER C 1205 -13.48 3.19 -107.71
CA SER C 1205 -12.79 1.92 -107.93
C SER C 1205 -11.98 1.94 -109.22
N ILE C 1206 -12.56 2.45 -110.30
CA ILE C 1206 -11.87 2.44 -111.58
C ILE C 1206 -10.70 3.42 -111.61
N LYS C 1207 -10.85 4.61 -111.01
CA LYS C 1207 -9.71 5.54 -111.02
C LYS C 1207 -8.61 5.08 -110.06
N THR C 1208 -8.98 4.54 -108.89
CA THR C 1208 -7.95 4.17 -107.92
C THR C 1208 -7.22 2.90 -108.31
N ASP C 1209 -7.85 2.00 -109.08
CA ASP C 1209 -7.28 0.68 -109.34
C ASP C 1209 -7.84 0.16 -110.65
N SER C 1210 -6.96 -0.26 -111.56
CA SER C 1210 -7.37 -0.84 -112.83
C SER C 1210 -7.72 -2.32 -112.74
N ASN C 1211 -7.34 -3.00 -111.66
CA ASN C 1211 -7.54 -4.44 -111.53
C ASN C 1211 -9.00 -4.85 -111.37
N ILE C 1212 -9.92 -3.90 -111.16
CA ILE C 1212 -11.33 -4.25 -111.07
C ILE C 1212 -11.83 -4.86 -112.37
N LEU C 1213 -11.32 -4.40 -113.51
CA LEU C 1213 -11.79 -4.82 -114.82
C LEU C 1213 -10.95 -5.97 -115.33
N THR C 1214 -11.62 -7.04 -115.77
CA THR C 1214 -10.97 -8.15 -116.45
C THR C 1214 -11.95 -8.70 -117.48
N ASN C 1215 -11.46 -9.66 -118.27
CA ASN C 1215 -12.32 -10.26 -119.30
C ASN C 1215 -13.48 -11.06 -118.71
N GLU C 1216 -13.40 -11.46 -117.45
CA GLU C 1216 -14.46 -12.22 -116.81
C GLU C 1216 -15.61 -11.36 -116.29
N ASN C 1217 -15.46 -10.02 -116.26
CA ASN C 1217 -16.46 -9.15 -115.64
C ASN C 1217 -16.67 -7.84 -116.39
N PHE C 1218 -16.20 -7.71 -117.63
CA PHE C 1218 -16.30 -6.43 -118.33
C PHE C 1218 -17.73 -6.16 -118.79
N MET C 1219 -18.40 -7.19 -119.34
CA MET C 1219 -19.75 -7.00 -119.87
C MET C 1219 -20.74 -6.63 -118.77
N TRP C 1220 -20.54 -7.15 -117.57
CA TRP C 1220 -21.44 -6.84 -116.46
C TRP C 1220 -21.38 -5.36 -116.09
N VAL C 1221 -20.16 -4.84 -115.87
CA VAL C 1221 -20.03 -3.43 -115.56
C VAL C 1221 -20.48 -2.57 -116.73
N LEU C 1222 -20.27 -3.04 -117.97
CA LEU C 1222 -20.70 -2.24 -119.10
C LEU C 1222 -22.21 -2.15 -119.19
N GLY C 1223 -22.91 -3.25 -118.89
CA GLY C 1223 -24.36 -3.18 -118.79
C GLY C 1223 -24.81 -2.25 -117.68
N LEU C 1224 -24.09 -2.28 -116.56
CA LEU C 1224 -24.40 -1.38 -115.45
C LEU C 1224 -24.28 0.09 -115.86
N LEU C 1225 -23.15 0.43 -116.50
CA LEU C 1225 -22.92 1.79 -116.95
C LEU C 1225 -23.93 2.19 -118.02
N ASP C 1226 -24.28 1.25 -118.90
CA ASP C 1226 -25.28 1.53 -119.93
C ASP C 1226 -26.63 1.86 -119.31
N GLU C 1227 -27.02 1.10 -118.29
CA GLU C 1227 -28.29 1.37 -117.61
C GLU C 1227 -28.27 2.74 -116.94
N ILE C 1228 -27.18 3.07 -116.24
CA ILE C 1228 -27.12 4.36 -115.55
C ILE C 1228 -27.12 5.50 -116.55
N SER C 1229 -26.37 5.37 -117.64
CA SER C 1229 -26.31 6.43 -118.63
C SER C 1229 -27.66 6.61 -119.31
N SER C 1230 -28.35 5.51 -119.60
CA SER C 1230 -29.67 5.56 -120.22
C SER C 1230 -30.77 5.92 -119.24
N MET C 1231 -30.47 6.06 -117.94
CA MET C 1231 -31.50 6.46 -117.00
C MET C 1231 -32.05 7.87 -117.21
N GLY C 1232 -31.38 8.70 -118.02
CA GLY C 1232 -31.86 10.05 -118.23
C GLY C 1232 -33.10 10.11 -119.11
N ALA C 1233 -34.23 9.62 -118.59
CA ALA C 1233 -35.47 9.60 -119.36
C ALA C 1233 -36.19 10.93 -119.29
N VAL C 1234 -36.37 11.46 -118.09
CA VAL C 1234 -37.12 12.70 -117.90
C VAL C 1234 -36.37 13.87 -118.51
N LYS C 1259 -32.93 17.03 -113.46
CA LYS C 1259 -31.59 17.52 -113.79
C LYS C 1259 -30.52 16.56 -113.28
N LYS C 1260 -30.75 15.97 -112.12
CA LYS C 1260 -29.75 15.10 -111.50
C LYS C 1260 -29.46 13.89 -112.38
N SER C 1261 -30.50 13.31 -112.99
CA SER C 1261 -30.30 12.20 -113.90
C SER C 1261 -29.52 12.65 -115.14
N ILE C 1262 -29.78 13.87 -115.61
CA ILE C 1262 -29.06 14.38 -116.78
C ILE C 1262 -27.58 14.54 -116.43
N GLU C 1263 -27.28 15.09 -115.25
CA GLU C 1263 -25.89 15.25 -114.84
C GLU C 1263 -25.23 13.89 -114.65
N LEU C 1264 -25.96 12.92 -114.12
CA LEU C 1264 -25.40 11.59 -113.93
C LEU C 1264 -25.08 10.94 -115.27
N SER C 1265 -25.96 11.10 -116.26
CA SER C 1265 -25.67 10.57 -117.60
C SER C 1265 -24.48 11.29 -118.21
N LEU C 1266 -24.39 12.61 -117.99
CA LEU C 1266 -23.25 13.38 -118.48
C LEU C 1266 -21.95 12.84 -117.90
N LYS C 1267 -21.95 12.50 -116.61
CA LYS C 1267 -20.75 11.95 -115.99
C LYS C 1267 -20.47 10.54 -116.50
N SER C 1268 -21.52 9.74 -116.68
CA SER C 1268 -21.34 8.33 -117.00
C SER C 1268 -20.91 8.10 -118.44
N ILE C 1269 -21.33 8.96 -119.37
CA ILE C 1269 -20.86 8.84 -120.75
C ILE C 1269 -19.36 9.06 -120.80
N GLN C 1270 -18.88 10.08 -120.10
CA GLN C 1270 -17.45 10.32 -120.03
C GLN C 1270 -16.73 9.19 -119.32
N LEU C 1271 -17.36 8.61 -118.27
CA LEU C 1271 -16.76 7.47 -117.61
C LEU C 1271 -16.60 6.29 -118.55
N THR C 1272 -17.63 6.01 -119.35
CA THR C 1272 -17.56 4.94 -120.33
C THR C 1272 -16.46 5.21 -121.35
N SER C 1273 -16.34 6.46 -121.79
CA SER C 1273 -15.26 6.81 -122.70
C SER C 1273 -13.89 6.64 -122.05
N HIS C 1274 -13.80 6.80 -120.73
CA HIS C 1274 -12.52 6.80 -120.03
C HIS C 1274 -11.97 5.41 -119.76
N LEU C 1275 -12.69 4.33 -120.10
CA LEU C 1275 -12.24 2.97 -119.80
C LEU C 1275 -11.31 2.39 -120.87
N LEU C 1276 -10.65 3.22 -121.67
CA LEU C 1276 -9.72 2.77 -122.69
C LEU C 1276 -8.26 3.02 -122.33
N GLU C 1277 -7.95 4.15 -121.71
CA GLU C 1277 -6.57 4.41 -121.31
C GLU C 1277 -6.16 3.58 -120.11
N ASP C 1278 -7.12 3.06 -119.33
CA ASP C 1278 -6.78 2.41 -118.06
C ASP C 1278 -6.02 1.10 -118.26
N ASN C 1279 -6.28 0.39 -119.36
CA ASN C 1279 -5.58 -0.86 -119.65
C ASN C 1279 -5.56 -1.06 -121.15
N ASN C 1280 -4.37 -0.91 -121.75
CA ASN C 1280 -4.23 -1.05 -123.20
C ASN C 1280 -4.33 -2.49 -123.67
N ASP C 1281 -4.26 -3.47 -122.78
CA ASP C 1281 -4.30 -4.89 -123.16
C ASP C 1281 -5.76 -5.34 -123.17
N LEU C 1282 -6.37 -5.26 -124.36
CA LEU C 1282 -7.79 -5.51 -124.54
C LEU C 1282 -8.02 -6.30 -125.81
N ARG C 1283 -8.95 -7.24 -125.76
CA ARG C 1283 -9.34 -8.05 -126.91
C ARG C 1283 -10.26 -7.26 -127.84
N LYS C 1284 -10.52 -7.82 -129.02
CA LYS C 1284 -11.36 -7.17 -130.02
C LYS C 1284 -12.80 -7.00 -129.53
N ASN C 1285 -13.46 -8.11 -129.20
CA ASN C 1285 -14.80 -8.02 -128.62
C ASN C 1285 -14.78 -7.27 -127.30
N GLU C 1286 -13.67 -7.36 -126.57
CA GLU C 1286 -13.54 -6.64 -125.31
C GLU C 1286 -13.58 -5.13 -125.53
N ILE C 1287 -12.94 -4.63 -126.59
CA ILE C 1287 -12.89 -3.17 -126.80
C ILE C 1287 -14.16 -2.69 -127.49
N PHE C 1288 -14.68 -3.47 -128.45
CA PHE C 1288 -15.75 -2.96 -129.31
C PHE C 1288 -17.06 -2.70 -128.56
N ALA C 1289 -17.25 -3.30 -127.39
CA ALA C 1289 -18.47 -3.05 -126.64
C ALA C 1289 -18.56 -1.61 -126.15
N ILE C 1290 -17.41 -0.96 -125.93
CA ILE C 1290 -17.41 0.46 -125.57
C ILE C 1290 -18.06 1.27 -126.68
N ILE C 1291 -17.59 1.05 -127.92
CA ILE C 1291 -18.10 1.80 -129.05
C ILE C 1291 -19.57 1.46 -129.28
N GLN C 1292 -19.94 0.19 -129.08
CA GLN C 1292 -21.34 -0.19 -129.23
C GLN C 1292 -22.22 0.52 -128.21
N ALA C 1293 -21.76 0.62 -126.96
CA ALA C 1293 -22.54 1.31 -125.95
C ALA C 1293 -22.66 2.80 -126.24
N LEU C 1294 -21.58 3.43 -126.67
CA LEU C 1294 -21.63 4.85 -127.00
C LEU C 1294 -22.55 5.11 -128.19
N ALA C 1295 -22.50 4.24 -129.21
CA ALA C 1295 -23.40 4.38 -130.33
C ALA C 1295 -24.84 4.17 -129.91
N HIS C 1296 -25.09 3.21 -129.02
CA HIS C 1296 -26.44 3.00 -128.51
C HIS C 1296 -26.94 4.21 -127.76
N GLN C 1297 -26.06 4.89 -127.03
CA GLN C 1297 -26.44 6.08 -126.29
C GLN C 1297 -26.58 7.31 -127.16
N CYS C 1298 -26.01 7.30 -128.36
CA CYS C 1298 -26.36 8.36 -129.31
C CYS C 1298 -27.84 8.31 -129.67
N ILE C 1299 -28.47 7.13 -129.62
CA ILE C 1299 -29.88 6.97 -129.91
C ILE C 1299 -30.76 7.64 -128.85
N ASN C 1300 -30.23 7.92 -127.65
CA ASN C 1300 -30.97 8.38 -126.48
C ASN C 1300 -31.82 9.61 -126.80
N PRO C 1301 -33.16 9.53 -126.75
CA PRO C 1301 -33.98 10.52 -127.47
C PRO C 1301 -33.88 11.94 -126.94
N CYS C 1302 -33.55 12.12 -125.67
CA CYS C 1302 -33.45 13.47 -125.13
C CYS C 1302 -32.24 14.19 -125.73
N LYS C 1303 -32.47 15.40 -126.24
CA LYS C 1303 -31.45 16.11 -127.00
C LYS C 1303 -30.24 16.46 -126.14
N GLN C 1304 -30.48 16.89 -124.90
CA GLN C 1304 -29.41 17.37 -124.03
C GLN C 1304 -28.40 16.27 -123.67
N ILE C 1305 -28.79 15.01 -123.75
CA ILE C 1305 -27.87 13.88 -123.53
C ILE C 1305 -27.26 13.41 -124.84
N SER C 1306 -28.03 13.37 -125.92
CA SER C 1306 -27.51 12.84 -127.18
C SER C 1306 -26.45 13.76 -127.79
N GLU C 1307 -26.66 15.07 -127.67
CA GLU C 1307 -25.68 16.00 -128.24
C GLU C 1307 -24.33 15.89 -127.52
N PHE C 1308 -24.36 15.63 -126.22
CA PHE C 1308 -23.13 15.36 -125.48
C PHE C 1308 -22.58 13.98 -125.83
N ALA C 1309 -23.46 13.01 -126.07
CA ALA C 1309 -23.03 11.64 -126.32
C ALA C 1309 -22.23 11.55 -127.63
N VAL C 1310 -22.74 12.17 -128.69
CA VAL C 1310 -22.03 12.11 -129.97
C VAL C 1310 -20.68 12.81 -129.89
N VAL C 1311 -20.62 13.93 -129.18
CA VAL C 1311 -19.37 14.66 -129.03
C VAL C 1311 -18.37 13.83 -128.22
N THR C 1312 -18.84 13.14 -127.17
CA THR C 1312 -17.94 12.30 -126.40
C THR C 1312 -17.48 11.09 -127.19
N LEU C 1313 -18.33 10.54 -128.06
CA LEU C 1313 -17.89 9.44 -128.90
C LEU C 1313 -16.83 9.92 -129.88
N GLU C 1314 -16.99 11.13 -130.43
CA GLU C 1314 -15.95 11.72 -131.26
C GLU C 1314 -14.66 11.91 -130.47
N GLN C 1315 -14.78 12.39 -129.23
CA GLN C 1315 -13.61 12.58 -128.37
C GLN C 1315 -13.01 11.26 -127.90
N THR C 1316 -13.75 10.16 -128.00
CA THR C 1316 -13.19 8.84 -127.72
C THR C 1316 -12.42 8.31 -128.92
N LEU C 1317 -13.05 8.28 -130.10
CA LEU C 1317 -12.40 7.71 -131.27
C LEU C 1317 -11.20 8.53 -131.74
N ILE C 1318 -11.10 9.81 -131.35
CA ILE C 1318 -10.08 10.68 -131.92
C ILE C 1318 -8.68 10.28 -131.46
N ASN C 1319 -8.51 10.08 -130.14
CA ASN C 1319 -7.18 9.91 -129.55
C ASN C 1319 -7.17 8.89 -128.41
N LYS C 1320 -7.82 7.73 -128.62
CA LYS C 1320 -7.81 6.63 -127.66
C LYS C 1320 -7.43 5.29 -128.26
N ILE C 1321 -7.85 5.01 -129.50
CA ILE C 1321 -7.66 3.70 -130.11
C ILE C 1321 -6.40 3.73 -130.95
N GLU C 1322 -5.48 2.82 -130.69
CA GLU C 1322 -4.28 2.65 -131.50
C GLU C 1322 -4.62 1.73 -132.67
N ILE C 1323 -4.24 2.13 -133.87
CA ILE C 1323 -4.66 1.44 -135.07
C ILE C 1323 -3.83 0.17 -135.25
N PRO C 1324 -2.49 0.21 -135.29
CA PRO C 1324 -1.81 -1.06 -135.60
C PRO C 1324 -1.74 -2.00 -134.41
N MET C 1328 -6.40 -5.37 -131.18
CA MET C 1328 -7.11 -4.64 -132.24
C MET C 1328 -6.34 -4.76 -133.54
N GLU C 1329 -6.99 -4.36 -134.64
CA GLU C 1329 -6.40 -4.40 -135.96
C GLU C 1329 -6.72 -3.07 -136.65
N SER C 1330 -6.50 -3.01 -137.96
CA SER C 1330 -6.55 -1.75 -138.71
C SER C 1330 -7.93 -1.11 -138.70
N VAL C 1331 -8.02 0.08 -139.30
CA VAL C 1331 -9.25 0.86 -139.26
C VAL C 1331 -10.39 0.25 -140.06
N GLU C 1332 -10.11 -0.76 -140.90
CA GLU C 1332 -11.16 -1.37 -141.72
C GLU C 1332 -12.25 -1.98 -140.86
N GLU C 1333 -11.87 -2.77 -139.86
CA GLU C 1333 -12.82 -3.43 -138.99
C GLU C 1333 -13.27 -2.56 -137.82
N LEU C 1334 -12.73 -1.34 -137.67
CA LEU C 1334 -13.17 -0.47 -136.58
C LEU C 1334 -14.59 0.08 -136.79
N ILE C 1335 -15.12 0.00 -138.01
CA ILE C 1335 -16.48 0.45 -138.31
C ILE C 1335 -17.45 -0.72 -138.32
N GLU C 1336 -17.06 -1.83 -138.95
CA GLU C 1336 -17.95 -2.99 -139.07
C GLU C 1336 -18.32 -3.55 -137.70
N GLY C 1337 -17.32 -3.78 -136.86
CA GLY C 1337 -17.57 -4.21 -135.50
C GLY C 1337 -17.96 -3.12 -134.53
N GLY C 1338 -17.98 -1.85 -134.98
CA GLY C 1338 -18.25 -0.72 -134.14
C GLY C 1338 -19.67 -0.19 -134.26
N LEU C 1339 -19.84 0.86 -135.07
CA LEU C 1339 -21.11 1.53 -135.22
C LEU C 1339 -22.05 0.86 -136.23
N LEU C 1340 -21.55 -0.07 -137.03
CA LEU C 1340 -22.38 -0.65 -138.10
C LEU C 1340 -23.61 -1.43 -137.63
N PRO C 1341 -23.66 -2.04 -136.45
CA PRO C 1341 -24.93 -2.65 -136.01
C PRO C 1341 -26.12 -1.70 -135.95
N LEU C 1342 -25.91 -0.42 -135.63
CA LEU C 1342 -27.01 0.53 -135.71
C LEU C 1342 -27.51 0.68 -137.13
N LEU C 1343 -26.59 0.74 -138.09
CA LEU C 1343 -26.99 0.95 -139.48
C LEU C 1343 -27.68 -0.29 -140.05
N ASN C 1344 -27.18 -1.48 -139.72
CA ASN C 1344 -27.88 -2.68 -140.14
C ASN C 1344 -29.22 -2.81 -139.43
N SER C 1345 -29.30 -2.36 -138.17
CA SER C 1345 -30.53 -2.36 -137.40
C SER C 1345 -31.30 -1.05 -137.51
N SER C 1346 -31.11 -0.29 -138.59
CA SER C 1346 -31.77 1.00 -138.78
C SER C 1346 -33.12 0.89 -139.48
N GLU C 1347 -33.69 -0.31 -139.61
CA GLU C 1347 -34.96 -0.45 -140.28
C GLU C 1347 -36.12 0.15 -139.50
N THR C 1348 -35.95 0.42 -138.20
CA THR C 1348 -36.97 1.09 -137.41
C THR C 1348 -37.16 2.51 -137.91
N GLN C 1349 -38.31 2.77 -138.55
CA GLN C 1349 -38.57 4.11 -139.09
C GLN C 1349 -38.68 5.17 -138.02
N GLU C 1350 -39.00 4.79 -136.78
CA GLU C 1350 -39.14 5.77 -135.71
C GLU C 1350 -37.83 6.49 -135.41
N ASP C 1351 -36.69 5.85 -135.68
CA ASP C 1351 -35.40 6.49 -135.46
C ASP C 1351 -35.23 7.71 -136.36
N GLN C 1352 -35.69 7.62 -137.61
CA GLN C 1352 -35.77 8.74 -138.56
C GLN C 1352 -34.40 9.37 -138.83
N LYS C 1353 -34.37 10.40 -139.68
CA LYS C 1353 -33.13 10.89 -140.27
C LYS C 1353 -32.17 11.51 -139.26
N ILE C 1354 -32.63 11.88 -138.07
CA ILE C 1354 -31.74 12.55 -137.11
C ILE C 1354 -30.61 11.60 -136.68
N LEU C 1355 -30.94 10.34 -136.39
CA LEU C 1355 -29.94 9.38 -135.92
C LEU C 1355 -28.93 9.08 -137.03
N ILE C 1356 -29.43 8.80 -138.23
CA ILE C 1356 -28.52 8.44 -139.31
C ILE C 1356 -27.68 9.65 -139.73
N SER C 1357 -28.23 10.86 -139.65
CA SER C 1357 -27.43 12.04 -139.95
C SER C 1357 -26.30 12.20 -138.94
N SER C 1358 -26.60 11.97 -137.65
CA SER C 1358 -25.56 12.08 -136.62
C SER C 1358 -24.46 11.04 -136.84
N ILE C 1359 -24.85 9.80 -137.11
CA ILE C 1359 -23.84 8.75 -137.26
C ILE C 1359 -23.02 8.99 -138.52
N LEU C 1360 -23.67 9.50 -139.59
CA LEU C 1360 -22.94 9.80 -140.82
C LEU C 1360 -21.94 10.92 -140.59
N THR C 1361 -22.35 11.94 -139.82
CA THR C 1361 -21.45 13.06 -139.55
C THR C 1361 -20.23 12.61 -138.77
N ILE C 1362 -20.41 11.76 -137.75
CA ILE C 1362 -19.25 11.36 -136.95
C ILE C 1362 -18.32 10.46 -137.74
N ILE C 1363 -18.86 9.53 -138.55
CA ILE C 1363 -17.95 8.69 -139.33
C ILE C 1363 -17.23 9.54 -140.37
N SER C 1364 -17.90 10.55 -140.93
CA SER C 1364 -17.22 11.46 -141.85
C SER C 1364 -16.09 12.21 -141.15
N ASN C 1365 -16.33 12.69 -139.94
CA ASN C 1365 -15.30 13.45 -139.23
C ASN C 1365 -14.10 12.57 -138.87
N VAL C 1366 -14.35 11.36 -138.38
CA VAL C 1366 -13.24 10.51 -137.98
C VAL C 1366 -12.48 10.05 -139.23
N TYR C 1367 -13.18 9.84 -140.35
CA TYR C 1367 -12.47 9.59 -141.61
C TYR C 1367 -11.60 10.77 -141.98
N LEU C 1368 -12.11 11.99 -141.82
CA LEU C 1368 -11.32 13.17 -142.21
C LEU C 1368 -10.05 13.26 -141.36
N HIS C 1369 -10.17 13.00 -140.06
CA HIS C 1369 -8.99 13.02 -139.20
C HIS C 1369 -7.98 11.95 -139.61
N TYR C 1370 -8.43 10.69 -139.71
CA TYR C 1370 -7.48 9.61 -139.95
C TYR C 1370 -6.94 9.62 -141.37
N LEU C 1371 -7.61 10.29 -142.31
CA LEU C 1371 -7.01 10.51 -143.63
C LEU C 1371 -6.06 11.69 -143.61
N LYS C 1372 -6.27 12.67 -142.73
CA LYS C 1372 -5.25 13.69 -142.52
C LYS C 1372 -3.98 13.05 -141.96
N LEU C 1373 -4.12 12.15 -140.99
CA LEU C 1373 -2.97 11.37 -140.55
C LEU C 1373 -2.54 10.40 -141.65
N GLY C 1374 -3.41 9.46 -142.00
CA GLY C 1374 -3.22 8.57 -143.13
C GLY C 1374 -2.71 7.20 -142.72
N LYS C 1375 -3.63 6.24 -142.60
CA LYS C 1375 -3.29 4.83 -142.40
C LYS C 1375 -4.25 3.93 -143.16
N THR C 1376 -4.87 4.44 -144.22
CA THR C 1376 -6.00 3.80 -144.88
C THR C 1376 -5.54 3.09 -146.16
N SER C 1377 -6.51 2.60 -146.94
CA SER C 1377 -6.24 1.92 -148.18
C SER C 1377 -7.42 2.15 -149.11
N ASN C 1378 -7.36 1.53 -150.30
CA ASN C 1378 -8.47 1.62 -151.25
C ASN C 1378 -9.75 1.02 -150.67
N GLU C 1379 -9.63 -0.11 -149.98
CA GLU C 1379 -10.81 -0.83 -149.53
C GLU C 1379 -11.54 -0.10 -148.41
N THR C 1380 -10.85 0.72 -147.62
CA THR C 1380 -11.55 1.59 -146.67
C THR C 1380 -12.53 2.51 -147.41
N PHE C 1381 -12.03 3.18 -148.45
CA PHE C 1381 -12.86 4.09 -149.23
C PHE C 1381 -13.99 3.33 -149.93
N LEU C 1382 -13.70 2.15 -150.46
CA LEU C 1382 -14.74 1.37 -151.14
C LEU C 1382 -15.80 0.89 -150.16
N LYS C 1383 -15.40 0.47 -148.96
CA LYS C 1383 -16.35 0.04 -147.94
C LYS C 1383 -17.25 1.20 -147.52
N ILE C 1384 -16.66 2.39 -147.34
CA ILE C 1384 -17.46 3.53 -146.95
C ILE C 1384 -18.40 3.95 -148.08
N LEU C 1385 -17.96 3.83 -149.32
CA LEU C 1385 -18.85 4.03 -150.46
C LEU C 1385 -20.02 3.05 -150.43
N SER C 1386 -19.74 1.79 -150.08
CA SER C 1386 -20.79 0.78 -150.06
C SER C 1386 -21.83 1.08 -148.99
N ILE C 1387 -21.38 1.39 -147.77
CA ILE C 1387 -22.38 1.70 -146.73
C ILE C 1387 -23.08 3.01 -147.03
N PHE C 1388 -22.42 3.92 -147.77
CA PHE C 1388 -23.11 5.13 -148.21
C PHE C 1388 -24.26 4.79 -149.15
N ASN C 1389 -23.99 3.98 -150.17
CA ASN C 1389 -25.06 3.62 -151.11
C ASN C 1389 -26.08 2.67 -150.49
N LYS C 1390 -25.78 2.05 -149.35
CA LYS C 1390 -26.79 1.27 -148.63
C LYS C 1390 -27.86 2.13 -147.97
N PHE C 1391 -27.70 3.46 -147.95
CA PHE C 1391 -28.64 4.41 -147.34
C PHE C 1391 -28.99 5.50 -148.35
N VAL C 1392 -29.44 5.06 -149.53
CA VAL C 1392 -29.85 5.99 -150.59
C VAL C 1392 -30.94 6.91 -150.08
N GLU C 1393 -30.64 8.21 -150.05
CA GLU C 1393 -31.58 9.23 -149.61
C GLU C 1393 -31.03 10.56 -150.11
N ASP C 1394 -31.81 11.26 -150.93
CA ASP C 1394 -31.27 12.37 -151.69
C ASP C 1394 -30.80 13.51 -150.79
N SER C 1395 -31.58 13.82 -149.76
CA SER C 1395 -31.33 15.00 -148.93
C SER C 1395 -30.00 14.91 -148.21
N ASP C 1396 -29.63 13.72 -147.74
CA ASP C 1396 -28.37 13.52 -147.04
C ASP C 1396 -27.25 13.07 -147.97
N ILE C 1397 -27.55 12.17 -148.92
CA ILE C 1397 -26.49 11.61 -149.74
C ILE C 1397 -25.94 12.66 -150.71
N GLU C 1398 -26.80 13.52 -151.26
CA GLU C 1398 -26.33 14.47 -152.27
C GLU C 1398 -25.40 15.51 -151.66
N LYS C 1399 -25.55 15.80 -150.37
CA LYS C 1399 -24.63 16.69 -149.67
C LYS C 1399 -23.39 15.93 -149.22
N LYS C 1400 -23.58 14.74 -148.64
CA LYS C 1400 -22.47 14.08 -147.96
C LYS C 1400 -21.48 13.48 -148.95
N LEU C 1401 -21.96 12.93 -150.07
CA LEU C 1401 -21.03 12.42 -151.07
C LEU C 1401 -20.20 13.54 -151.68
N GLN C 1402 -20.83 14.69 -151.94
CA GLN C 1402 -20.08 15.84 -152.46
C GLN C 1402 -19.04 16.31 -151.46
N GLN C 1403 -19.42 16.39 -150.18
CA GLN C 1403 -18.46 16.79 -149.15
C GLN C 1403 -17.33 15.78 -149.05
N LEU C 1404 -17.65 14.49 -149.17
CA LEU C 1404 -16.64 13.46 -149.03
C LEU C 1404 -15.64 13.51 -150.17
N ILE C 1405 -16.10 13.71 -151.41
CA ILE C 1405 -15.14 13.83 -152.50
C ILE C 1405 -14.35 15.13 -152.38
N LEU C 1406 -14.97 16.19 -151.83
CA LEU C 1406 -14.22 17.42 -151.56
C LEU C 1406 -13.08 17.16 -150.58
N ASP C 1407 -13.37 16.43 -149.50
CA ASP C 1407 -12.31 16.11 -148.54
C ASP C 1407 -11.30 15.15 -149.13
N LYS C 1408 -11.74 14.28 -150.05
CA LYS C 1408 -10.82 13.37 -150.73
C LYS C 1408 -9.79 14.18 -151.53
N LYS C 1409 -10.26 15.16 -152.31
CA LYS C 1409 -9.30 15.96 -153.07
C LYS C 1409 -8.45 16.85 -152.16
N SER C 1410 -9.02 17.30 -151.03
CA SER C 1410 -8.23 18.09 -150.09
C SER C 1410 -7.08 17.27 -149.51
N ILE C 1411 -7.37 16.05 -149.05
CA ILE C 1411 -6.32 15.19 -148.52
C ILE C 1411 -5.37 14.74 -149.64
N GLU C 1412 -5.88 14.63 -150.87
CA GLU C 1412 -5.01 14.36 -152.00
C GLU C 1412 -4.00 15.48 -152.18
N LYS C 1413 -4.44 16.73 -152.08
CA LYS C 1413 -3.53 17.86 -152.14
C LYS C 1413 -2.59 17.88 -150.93
N GLY C 1414 -3.03 17.35 -149.79
CA GLY C 1414 -2.27 17.42 -148.56
C GLY C 1414 -0.85 16.90 -148.56
N ASN C 1415 -0.66 15.59 -148.71
CA ASN C 1415 0.65 14.98 -148.46
C ASN C 1415 1.66 15.26 -149.57
N GLY C 1416 1.19 15.37 -150.82
CA GLY C 1416 2.11 15.52 -151.94
C GLY C 1416 2.93 16.80 -151.89
N SER C 1417 2.34 17.87 -151.36
CA SER C 1417 3.05 19.12 -151.23
C SER C 1417 2.40 20.00 -150.16
N GLU D 17 -21.86 -71.34 -16.18
CA GLU D 17 -20.67 -70.69 -15.61
C GLU D 17 -19.44 -71.58 -15.71
N MET D 18 -19.43 -72.49 -16.69
CA MET D 18 -18.35 -73.44 -16.82
C MET D 18 -17.24 -72.87 -17.73
N ARG D 19 -16.07 -73.50 -17.66
CA ARG D 19 -14.87 -73.07 -18.35
C ARG D 19 -14.52 -74.06 -19.45
N ILE D 20 -14.05 -73.53 -20.58
CA ILE D 20 -13.50 -74.35 -21.67
C ILE D 20 -12.23 -73.69 -22.19
N LEU D 21 -11.21 -74.50 -22.43
CA LEU D 21 -9.97 -74.06 -23.04
C LEU D 21 -10.05 -74.22 -24.55
N MET D 22 -9.10 -73.60 -25.25
CA MET D 22 -9.02 -73.71 -26.71
C MET D 22 -7.56 -73.55 -27.12
N VAL D 23 -7.13 -74.38 -28.09
CA VAL D 23 -5.72 -74.48 -28.48
C VAL D 23 -5.64 -74.48 -30.00
N GLY D 24 -4.62 -73.82 -30.53
CA GLY D 24 -4.40 -73.83 -31.96
C GLY D 24 -3.10 -73.16 -32.33
N LEU D 25 -2.98 -72.79 -33.62
CA LEU D 25 -1.79 -72.17 -34.18
C LEU D 25 -2.06 -70.85 -34.89
N ASP D 26 -3.16 -70.76 -35.65
CA ASP D 26 -3.43 -69.58 -36.48
C ASP D 26 -4.29 -68.60 -35.70
N GLY D 27 -3.72 -67.43 -35.38
CA GLY D 27 -4.41 -66.48 -34.53
C GLY D 27 -5.65 -65.89 -35.16
N ALA D 28 -5.58 -65.56 -36.46
CA ALA D 28 -6.67 -64.86 -37.12
C ALA D 28 -7.94 -65.70 -37.18
N GLY D 29 -7.80 -66.98 -37.56
CA GLY D 29 -8.95 -67.85 -37.63
C GLY D 29 -9.61 -68.07 -36.28
N LYS D 30 -8.79 -68.29 -35.25
CA LYS D 30 -9.32 -68.49 -33.91
C LYS D 30 -10.04 -67.24 -33.41
N THR D 31 -9.44 -66.07 -33.62
CA THR D 31 -10.06 -64.83 -33.18
C THR D 31 -11.37 -64.56 -33.90
N THR D 32 -11.39 -64.79 -35.22
CA THR D 32 -12.62 -64.58 -35.99
C THR D 32 -13.72 -65.55 -35.54
N VAL D 33 -13.35 -66.80 -35.29
CA VAL D 33 -14.34 -67.78 -34.82
C VAL D 33 -14.89 -67.36 -33.46
N LEU D 34 -13.99 -66.94 -32.56
CA LEU D 34 -14.41 -66.54 -31.22
C LEU D 34 -15.33 -65.32 -31.27
N TYR D 35 -15.04 -64.35 -32.12
CA TYR D 35 -15.96 -63.25 -32.31
C TYR D 35 -17.28 -63.72 -32.91
N LYS D 36 -17.23 -64.78 -33.74
CA LYS D 36 -18.46 -65.28 -34.34
C LYS D 36 -19.38 -65.93 -33.33
N LEU D 37 -18.82 -66.61 -32.32
CA LEU D 37 -19.69 -67.32 -31.37
C LEU D 37 -20.52 -66.35 -30.53
N LYS D 38 -19.89 -65.31 -29.99
CA LYS D 38 -20.54 -64.44 -29.02
C LYS D 38 -21.43 -63.44 -29.76
N LEU D 39 -22.69 -63.82 -29.96
CA LEU D 39 -23.72 -62.87 -30.40
C LEU D 39 -25.05 -63.32 -29.81
N GLY D 40 -25.34 -62.85 -28.60
CA GLY D 40 -26.69 -62.86 -28.06
C GLY D 40 -27.22 -61.44 -28.04
N GLU D 41 -26.34 -60.53 -27.63
CA GLU D 41 -26.49 -59.09 -27.78
C GLU D 41 -25.17 -58.47 -27.34
N VAL D 42 -24.68 -57.51 -28.12
CA VAL D 42 -23.35 -56.94 -27.94
C VAL D 42 -23.52 -55.51 -27.46
N ILE D 43 -23.28 -55.31 -26.18
CA ILE D 43 -23.28 -53.98 -25.55
C ILE D 43 -22.05 -53.95 -24.65
N THR D 44 -20.94 -53.43 -25.17
CA THR D 44 -19.68 -53.41 -24.45
C THR D 44 -18.83 -52.27 -24.98
N THR D 45 -17.68 -52.07 -24.34
CA THR D 45 -16.75 -50.98 -24.67
C THR D 45 -15.43 -51.50 -25.20
N ILE D 46 -14.74 -52.38 -24.48
CA ILE D 46 -13.42 -52.85 -24.88
C ILE D 46 -13.07 -54.01 -23.96
N PRO D 47 -12.42 -55.09 -24.43
CA PRO D 47 -11.94 -56.12 -23.49
C PRO D 47 -10.56 -55.79 -22.95
N THR D 48 -10.25 -56.41 -21.82
CA THR D 48 -8.94 -56.23 -21.20
C THR D 48 -7.87 -56.94 -22.00
N ILE D 49 -6.62 -56.50 -21.81
CA ILE D 49 -5.49 -57.06 -22.53
C ILE D 49 -5.20 -58.46 -22.00
N GLY D 50 -4.35 -59.19 -22.72
CA GLY D 50 -3.95 -60.53 -22.32
C GLY D 50 -4.63 -61.60 -23.16
N PHE D 51 -5.30 -62.53 -22.50
CA PHE D 51 -5.92 -63.67 -23.17
C PHE D 51 -7.36 -63.33 -23.55
N ASN D 52 -7.82 -63.94 -24.63
CA ASN D 52 -9.22 -63.78 -25.01
C ASN D 52 -10.09 -64.54 -24.01
N VAL D 53 -11.06 -63.85 -23.44
CA VAL D 53 -12.03 -64.43 -22.52
C VAL D 53 -13.40 -64.06 -23.06
N GLU D 54 -14.18 -65.06 -23.46
CA GLU D 54 -15.43 -64.83 -24.17
C GLU D 54 -16.55 -65.65 -23.54
N THR D 55 -17.78 -65.22 -23.78
CA THR D 55 -18.99 -65.88 -23.30
C THR D 55 -19.79 -66.39 -24.48
N VAL D 56 -20.52 -67.49 -24.27
CA VAL D 56 -21.43 -68.01 -25.28
C VAL D 56 -22.65 -68.58 -24.56
N GLN D 57 -23.84 -68.15 -24.98
CA GLN D 57 -25.10 -68.60 -24.43
C GLN D 57 -25.75 -69.63 -25.36
N TYR D 58 -26.68 -70.38 -24.80
CA TYR D 58 -27.38 -71.46 -25.48
C TYR D 58 -28.57 -71.75 -24.56
N LYS D 59 -29.62 -72.36 -25.13
CA LYS D 59 -30.84 -72.59 -24.36
C LYS D 59 -30.56 -73.48 -23.15
N ASN D 60 -30.62 -72.87 -21.97
CA ASN D 60 -30.42 -73.44 -20.63
C ASN D 60 -28.93 -73.58 -20.28
N ILE D 61 -27.98 -73.15 -21.14
CA ILE D 61 -26.56 -73.24 -20.84
C ILE D 61 -25.88 -71.91 -21.14
N SER D 62 -24.88 -71.57 -20.32
CA SER D 62 -23.95 -70.48 -20.58
C SER D 62 -22.54 -70.99 -20.30
N PHE D 63 -21.59 -70.57 -21.15
CA PHE D 63 -20.22 -71.04 -21.09
C PHE D 63 -19.26 -69.88 -21.22
N THR D 64 -18.06 -70.06 -20.64
CA THR D 64 -16.96 -69.11 -20.72
C THR D 64 -15.77 -69.83 -21.32
N VAL D 65 -15.14 -69.20 -22.31
CA VAL D 65 -14.02 -69.77 -23.06
C VAL D 65 -12.79 -68.92 -22.77
N TRP D 66 -11.73 -69.59 -22.31
CA TRP D 66 -10.39 -69.06 -22.15
C TRP D 66 -9.50 -69.62 -23.24
N ASP D 67 -8.31 -69.03 -23.39
CA ASP D 67 -7.28 -69.49 -24.31
C ASP D 67 -6.11 -70.08 -23.54
N VAL D 68 -5.34 -70.91 -24.23
CA VAL D 68 -4.19 -71.60 -23.65
C VAL D 68 -3.10 -71.70 -24.69
N GLY D 69 -1.85 -71.44 -24.25
CA GLY D 69 -0.68 -71.74 -25.05
C GLY D 69 -0.03 -73.05 -24.63
N GLY D 70 0.55 -73.73 -25.62
CA GLY D 70 1.14 -75.05 -25.42
C GLY D 70 2.66 -75.07 -25.46
N GLN D 71 3.29 -75.29 -24.32
CA GLN D 71 4.73 -75.53 -24.25
C GLN D 71 4.96 -76.03 -22.83
N ASP D 72 6.09 -76.70 -22.60
CA ASP D 72 6.33 -77.42 -21.34
C ASP D 72 6.30 -76.50 -20.13
N ARG D 73 7.01 -75.38 -20.19
CA ARG D 73 7.24 -74.58 -18.98
C ARG D 73 5.96 -73.93 -18.46
N ILE D 74 5.15 -73.31 -19.33
CA ILE D 74 4.01 -72.55 -18.83
C ILE D 74 2.80 -73.42 -18.52
N ARG D 75 2.71 -74.63 -19.07
CA ARG D 75 1.51 -75.44 -18.82
C ARG D 75 1.38 -75.87 -17.37
N SER D 76 2.46 -75.80 -16.58
CA SER D 76 2.34 -75.93 -15.14
C SER D 76 1.48 -74.81 -14.56
N LEU D 77 1.59 -73.61 -15.12
CA LEU D 77 0.81 -72.48 -14.61
C LEU D 77 -0.67 -72.65 -14.88
N TRP D 78 -1.02 -73.35 -15.96
CA TRP D 78 -2.42 -73.60 -16.31
C TRP D 78 -3.07 -74.70 -15.46
N ARG D 79 -2.32 -75.34 -14.56
CA ARG D 79 -2.79 -76.57 -13.93
C ARG D 79 -3.97 -76.32 -13.01
N HIS D 80 -3.89 -75.30 -12.15
CA HIS D 80 -4.92 -75.15 -11.12
C HIS D 80 -6.26 -74.75 -11.72
N TYR D 81 -6.25 -73.99 -12.83
CA TYR D 81 -7.49 -73.65 -13.52
C TYR D 81 -8.21 -74.87 -14.07
N TYR D 82 -7.48 -75.97 -14.30
CA TYR D 82 -8.10 -77.22 -14.73
C TYR D 82 -8.96 -77.87 -13.65
N ARG D 83 -8.87 -77.41 -12.39
CA ARG D 83 -9.66 -78.03 -11.33
C ARG D 83 -11.15 -77.87 -11.58
N ASN D 84 -11.57 -76.70 -12.09
CA ASN D 84 -12.96 -76.44 -12.45
C ASN D 84 -13.27 -76.67 -13.92
N THR D 85 -12.25 -76.73 -14.79
CA THR D 85 -12.49 -76.90 -16.21
C THR D 85 -12.89 -78.33 -16.54
N GLU D 86 -13.65 -78.48 -17.64
CA GLU D 86 -14.10 -79.79 -18.11
C GLU D 86 -14.09 -79.94 -19.64
N GLY D 87 -13.60 -78.95 -20.39
CA GLY D 87 -13.69 -79.00 -21.84
C GLY D 87 -12.49 -78.37 -22.53
N VAL D 88 -12.33 -78.72 -23.81
CA VAL D 88 -11.22 -78.27 -24.64
C VAL D 88 -11.71 -78.18 -26.08
N ILE D 89 -11.17 -77.21 -26.83
CA ILE D 89 -11.52 -76.98 -28.23
C ILE D 89 -10.22 -76.84 -29.02
N PHE D 90 -10.32 -77.13 -30.33
CA PHE D 90 -9.23 -76.92 -31.26
C PHE D 90 -9.72 -76.22 -32.52
N VAL D 91 -8.76 -75.62 -33.23
CA VAL D 91 -8.94 -75.08 -34.56
C VAL D 91 -7.80 -75.56 -35.42
N VAL D 92 -8.12 -76.17 -36.57
CA VAL D 92 -7.14 -76.71 -37.50
C VAL D 92 -7.50 -76.22 -38.90
N ASP D 93 -6.51 -75.70 -39.60
CA ASP D 93 -6.72 -75.13 -40.92
C ASP D 93 -6.66 -76.22 -41.99
N SER D 94 -7.24 -75.90 -43.15
CA SER D 94 -7.38 -76.88 -44.22
C SER D 94 -6.10 -77.01 -45.04
N ASN D 95 -5.70 -75.92 -45.70
CA ASN D 95 -4.52 -75.92 -46.57
C ASN D 95 -3.26 -75.50 -45.81
N ASP D 96 -3.01 -76.16 -44.68
CA ASP D 96 -1.84 -75.96 -43.82
C ASP D 96 -1.15 -77.29 -43.58
N ARG D 97 -0.90 -78.01 -44.67
CA ARG D 97 -0.34 -79.36 -44.57
C ARG D 97 1.05 -79.37 -43.97
N SER D 98 1.79 -78.25 -44.09
CA SER D 98 3.16 -78.22 -43.57
C SER D 98 3.18 -78.30 -42.05
N ARG D 99 2.28 -77.57 -41.38
CA ARG D 99 2.34 -77.36 -39.94
C ARG D 99 1.39 -78.30 -39.17
N ILE D 100 0.95 -79.40 -39.77
CA ILE D 100 0.25 -80.41 -38.98
C ILE D 100 1.23 -81.13 -38.07
N GLY D 101 2.49 -81.29 -38.52
CA GLY D 101 3.50 -81.91 -37.68
C GLY D 101 3.74 -81.15 -36.39
N GLU D 102 3.67 -79.81 -36.45
CA GLU D 102 3.74 -79.01 -35.23
C GLU D 102 2.46 -79.12 -34.41
N ALA D 103 1.30 -79.22 -35.07
CA ALA D 103 0.03 -79.23 -34.36
C ALA D 103 -0.16 -80.53 -33.57
N ARG D 104 0.07 -81.67 -34.20
CA ARG D 104 -0.19 -82.95 -33.55
C ARG D 104 0.72 -83.18 -32.36
N GLU D 105 1.92 -82.58 -32.35
CA GLU D 105 2.76 -82.61 -31.17
C GLU D 105 2.06 -81.95 -29.98
N VAL D 106 1.44 -80.79 -30.22
CA VAL D 106 0.71 -80.11 -29.15
C VAL D 106 -0.51 -80.94 -28.74
N MET D 107 -1.16 -81.58 -29.72
CA MET D 107 -2.32 -82.43 -29.40
C MET D 107 -1.92 -83.56 -28.48
N GLN D 108 -0.81 -84.23 -28.78
CA GLN D 108 -0.32 -85.29 -27.91
C GLN D 108 0.14 -84.75 -26.57
N ARG D 109 0.72 -83.53 -26.57
CA ARG D 109 1.20 -82.94 -25.32
C ARG D 109 0.04 -82.64 -24.37
N MET D 110 -1.10 -82.22 -24.91
CA MET D 110 -2.24 -81.92 -24.05
C MET D 110 -2.75 -83.17 -23.33
N LEU D 111 -2.68 -84.33 -23.99
CA LEU D 111 -3.02 -85.60 -23.35
C LEU D 111 -2.03 -86.02 -22.26
N ASN D 112 -0.87 -85.39 -22.16
CA ASN D 112 0.17 -85.88 -21.28
C ASN D 112 -0.24 -85.84 -19.81
N GLU D 113 -0.87 -84.75 -19.38
CA GLU D 113 -1.26 -84.63 -17.99
C GLU D 113 -2.42 -85.57 -17.68
N ASP D 114 -2.31 -86.27 -16.56
CA ASP D 114 -3.23 -87.35 -16.19
C ASP D 114 -4.41 -86.89 -15.33
N GLU D 115 -4.45 -85.63 -14.92
CA GLU D 115 -5.57 -85.11 -14.14
C GLU D 115 -6.77 -84.71 -15.00
N LEU D 116 -6.70 -84.88 -16.33
CA LEU D 116 -7.71 -84.40 -17.27
C LEU D 116 -8.67 -85.51 -17.68
N ARG D 117 -9.05 -86.37 -16.72
CA ARG D 117 -9.94 -87.49 -17.03
C ARG D 117 -11.30 -87.03 -17.54
N ASN D 118 -11.75 -85.84 -17.14
CA ASN D 118 -13.07 -85.31 -17.48
C ASN D 118 -12.97 -84.16 -18.47
N ALA D 119 -12.05 -84.27 -19.44
CA ALA D 119 -11.75 -83.21 -20.40
C ALA D 119 -12.45 -83.52 -21.72
N ALA D 120 -13.51 -82.76 -22.02
CA ALA D 120 -14.21 -82.90 -23.29
C ALA D 120 -13.40 -82.23 -24.39
N TRP D 121 -13.20 -82.94 -25.49
CA TRP D 121 -12.31 -82.54 -26.57
C TRP D 121 -13.07 -82.38 -27.87
N LEU D 122 -12.81 -81.28 -28.58
CA LEU D 122 -13.48 -80.92 -29.82
C LEU D 122 -12.46 -80.54 -30.87
N VAL D 123 -12.94 -80.40 -32.11
CA VAL D 123 -12.16 -79.88 -33.22
C VAL D 123 -13.09 -79.04 -34.09
N PHE D 124 -12.56 -77.92 -34.62
CA PHE D 124 -13.26 -77.05 -35.55
C PHE D 124 -12.36 -76.86 -36.77
N ALA D 125 -12.55 -77.70 -37.79
CA ALA D 125 -11.73 -77.65 -38.99
C ALA D 125 -12.13 -76.44 -39.82
N ASN D 126 -11.57 -75.29 -39.45
CA ASN D 126 -11.94 -74.03 -40.07
C ASN D 126 -11.51 -73.98 -41.52
N LYS D 127 -12.21 -73.15 -42.30
CA LYS D 127 -11.90 -72.89 -43.70
C LYS D 127 -12.10 -74.15 -44.55
N GLN D 128 -13.25 -74.79 -44.38
CA GLN D 128 -13.64 -75.96 -45.19
C GLN D 128 -14.36 -75.49 -46.46
N ASP D 129 -13.63 -74.70 -47.26
CA ASP D 129 -14.15 -74.14 -48.50
C ASP D 129 -13.20 -74.37 -49.67
N LEU D 130 -11.88 -74.39 -49.41
CA LEU D 130 -10.93 -74.49 -50.50
C LEU D 130 -10.88 -75.92 -51.05
N PRO D 131 -10.54 -76.10 -52.33
CA PRO D 131 -10.64 -77.45 -52.91
C PRO D 131 -9.60 -78.44 -52.40
N GLU D 132 -8.48 -77.96 -51.85
CA GLU D 132 -7.44 -78.83 -51.31
C GLU D 132 -7.65 -79.19 -49.84
N ALA D 133 -8.78 -78.79 -49.25
CA ALA D 133 -9.05 -79.13 -47.85
C ALA D 133 -9.18 -80.63 -47.69
N MET D 134 -8.40 -81.18 -46.76
CA MET D 134 -8.41 -82.62 -46.55
C MET D 134 -9.73 -83.07 -45.94
N SER D 135 -10.10 -84.30 -46.25
CA SER D 135 -11.38 -84.85 -45.81
C SER D 135 -11.41 -84.97 -44.30
N ALA D 136 -12.63 -84.98 -43.74
CA ALA D 136 -12.81 -85.15 -42.30
C ALA D 136 -12.24 -86.49 -41.85
N ALA D 137 -12.52 -87.54 -42.62
CA ALA D 137 -11.91 -88.84 -42.33
C ALA D 137 -10.40 -88.76 -42.45
N GLU D 138 -9.90 -88.08 -43.48
CA GLU D 138 -8.47 -87.91 -43.61
C GLU D 138 -7.92 -86.98 -42.52
N ILE D 139 -8.75 -86.04 -42.04
CA ILE D 139 -8.33 -85.22 -40.91
C ILE D 139 -8.15 -86.10 -39.66
N THR D 140 -9.06 -87.05 -39.46
CA THR D 140 -8.90 -87.98 -38.34
C THR D 140 -7.66 -88.82 -38.50
N GLU D 141 -7.42 -89.33 -39.72
CA GLU D 141 -6.26 -90.19 -39.95
C GLU D 141 -4.96 -89.44 -39.72
N LYS D 142 -4.88 -88.19 -40.17
CA LYS D 142 -3.65 -87.42 -39.97
C LYS D 142 -3.48 -87.02 -38.52
N LEU D 143 -4.54 -86.56 -37.86
CA LEU D 143 -4.43 -86.15 -36.47
C LEU D 143 -4.14 -87.34 -35.56
N GLY D 144 -4.61 -88.52 -35.93
CA GLY D 144 -4.32 -89.72 -35.15
C GLY D 144 -5.19 -89.89 -33.93
N LEU D 145 -6.51 -89.97 -34.14
CA LEU D 145 -7.49 -90.16 -33.09
C LEU D 145 -7.92 -91.60 -32.90
N HIS D 146 -7.38 -92.53 -33.70
CA HIS D 146 -7.85 -93.92 -33.66
C HIS D 146 -7.19 -94.71 -32.55
N SER D 147 -5.90 -94.49 -32.30
CA SER D 147 -5.10 -95.34 -31.43
C SER D 147 -5.09 -94.87 -29.98
N ILE D 148 -6.18 -94.24 -29.52
CA ILE D 148 -6.33 -93.81 -28.14
C ILE D 148 -7.71 -94.20 -27.66
N ARG D 149 -7.82 -94.48 -26.37
CA ARG D 149 -9.05 -94.93 -25.74
C ARG D 149 -9.18 -94.25 -24.38
N ASN D 150 -10.27 -94.57 -23.68
CA ASN D 150 -10.51 -94.24 -22.27
C ASN D 150 -10.85 -92.77 -22.03
N ARG D 151 -11.29 -92.03 -23.04
CA ARG D 151 -11.73 -90.65 -22.86
C ARG D 151 -12.76 -90.32 -23.93
N PRO D 152 -13.56 -89.27 -23.73
CA PRO D 152 -14.50 -88.86 -24.77
C PRO D 152 -13.88 -87.83 -25.71
N TRP D 153 -14.16 -88.01 -27.01
CA TRP D 153 -13.70 -87.11 -28.05
C TRP D 153 -14.81 -86.88 -29.06
N PHE D 154 -14.70 -85.76 -29.77
CA PHE D 154 -15.60 -85.48 -30.87
C PHE D 154 -14.86 -84.58 -31.85
N ILE D 155 -15.24 -84.69 -33.13
CA ILE D 155 -14.60 -83.99 -34.23
C ILE D 155 -15.70 -83.41 -35.10
N GLN D 156 -15.48 -82.21 -35.61
CA GLN D 156 -16.51 -81.49 -36.35
C GLN D 156 -15.85 -80.52 -37.32
N ALA D 157 -16.60 -80.17 -38.37
CA ALA D 157 -16.15 -79.29 -39.44
C ALA D 157 -16.98 -78.00 -39.44
N THR D 158 -16.30 -76.87 -39.58
CA THR D 158 -16.93 -75.56 -39.54
C THR D 158 -16.21 -74.64 -40.52
N CYS D 159 -16.90 -73.56 -40.90
CA CYS D 159 -16.36 -72.53 -41.79
C CYS D 159 -16.48 -71.18 -41.11
N ALA D 160 -15.46 -70.33 -41.31
CA ALA D 160 -15.42 -69.04 -40.62
C ALA D 160 -16.55 -68.13 -41.09
N THR D 161 -16.70 -67.96 -42.41
CA THR D 161 -17.67 -67.02 -42.94
C THR D 161 -19.07 -67.65 -43.01
N SER D 162 -19.20 -68.74 -43.77
CA SER D 162 -20.52 -69.32 -43.99
C SER D 162 -21.06 -70.00 -42.73
N GLY D 163 -20.18 -70.69 -41.99
CA GLY D 163 -20.61 -71.42 -40.81
C GLY D 163 -21.21 -72.77 -41.16
N GLU D 164 -20.95 -73.79 -40.35
CA GLU D 164 -21.49 -75.12 -40.60
C GLU D 164 -21.49 -75.91 -39.30
N GLY D 165 -22.68 -76.12 -38.73
CA GLY D 165 -22.85 -77.06 -37.64
C GLY D 165 -22.09 -76.74 -36.37
N LEU D 166 -21.70 -75.48 -36.17
CA LEU D 166 -21.07 -75.10 -34.91
C LEU D 166 -22.04 -75.26 -33.75
N TYR D 167 -23.29 -74.84 -33.93
CA TYR D 167 -24.29 -74.98 -32.88
C TYR D 167 -24.55 -76.45 -32.57
N GLU D 168 -24.43 -77.33 -33.56
CA GLU D 168 -24.52 -78.76 -33.29
C GLU D 168 -23.37 -79.20 -32.40
N GLY D 169 -22.19 -78.63 -32.59
CA GLY D 169 -21.07 -78.94 -31.70
C GLY D 169 -21.33 -78.48 -30.27
N LEU D 170 -21.88 -77.27 -30.12
CA LEU D 170 -22.22 -76.82 -28.77
C LEU D 170 -23.32 -77.68 -28.17
N GLU D 171 -24.26 -78.15 -28.98
CA GLU D 171 -25.29 -79.06 -28.48
C GLU D 171 -24.67 -80.37 -28.03
N TRP D 172 -23.67 -80.86 -28.77
CA TRP D 172 -22.96 -82.06 -28.34
C TRP D 172 -22.26 -81.82 -27.00
N LEU D 173 -21.64 -80.65 -26.83
CA LEU D 173 -20.99 -80.32 -25.56
C LEU D 173 -22.01 -80.31 -24.43
N SER D 174 -23.17 -79.68 -24.66
CA SER D 174 -24.20 -79.60 -23.64
C SER D 174 -24.74 -80.98 -23.28
N ASN D 175 -24.97 -81.83 -24.29
CA ASN D 175 -25.48 -83.17 -24.02
C ASN D 175 -24.45 -84.00 -23.28
N SER D 176 -23.17 -83.84 -23.62
CA SER D 176 -22.12 -84.52 -22.87
C SER D 176 -22.08 -84.06 -21.43
N LEU D 177 -22.23 -82.75 -21.21
CA LEU D 177 -22.19 -82.22 -19.85
C LEU D 177 -23.38 -82.73 -19.03
N LYS D 178 -24.57 -82.77 -19.64
CA LYS D 178 -25.73 -83.29 -18.93
C LYS D 178 -25.64 -84.79 -18.70
N ASN D 179 -24.97 -85.51 -19.61
CA ASN D 179 -24.65 -86.90 -19.34
C ASN D 179 -23.72 -87.03 -18.13
N SER D 180 -22.74 -86.13 -18.02
CA SER D 180 -21.81 -86.18 -16.90
C SER D 180 -22.49 -85.73 -15.61
N THR D 181 -22.95 -84.48 -15.56
CA THR D 181 -23.55 -83.93 -14.35
C THR D 181 -24.89 -84.61 -14.07
#